data_9I35
#
_entry.id   9I35
#
_cell.length_a   276.305
_cell.length_b   276.305
_cell.length_c   390.677
_cell.angle_alpha   90
_cell.angle_beta   90
_cell.angle_gamma   90
#
_symmetry.space_group_name_H-M   'I 4 2 2'
#
loop_
_entity.id
_entity.type
_entity.pdbx_description
1 polymer 'Alpha-methylacyl-CoA racemase'
2 non-polymer 'OCTANOYL-COENZYME A'
3 water water
#
_entity_poly.entity_id   1
_entity_poly.type   'polypeptide(L)'
_entity_poly.pdbx_seq_one_letter_code
;MAGPLSGLRVVELAGIGPGPHAAMILGDLGADVVRIDRPSSVDGISRDAMLRNRRIVTADLKSDQGLELALKLIAKADVL
IEGYRPGVTERLGLGPEECAKVNDRLIYARMTGWGQTGPRSQQAGHDINYISLNGILHAIGRGDERPVPPLNLVGDFGGG
SMFLLVGILAALWERQSSGKGQVVDAAMVDGSSVLIQMMWAMRATGMWTDTRGANMLDGGAPYYDTYECADGRYVAVGAI
EPQFYAAMLAGLGLDAAELPPQNDRARWPELRALLTEAFASHDRDHWGAVFANSDACVTPVLAFGEVHNEPHIIERNTFY
EANGGWQPMPAPRFSRTASSQPRPPAATIDIEAVLTDWDGGSGC
;
_entity_poly.pdbx_strand_id   A,B,C,D,E,F,G,H,I,J,K,L
#
loop_
_chem_comp.id
_chem_comp.type
_chem_comp.name
_chem_comp.formula
CO8 non-polymer 'OCTANOYL-COENZYME A' 'C29 H50 N7 O17 P3 S'
#
# COMPACT_ATOMS: atom_id res chain seq x y z
N MET A 1 27.74 11.25 -63.16
CA MET A 1 26.82 12.39 -62.83
C MET A 1 27.60 13.71 -62.75
N ALA A 2 27.14 14.73 -63.47
CA ALA A 2 27.86 15.99 -63.58
C ALA A 2 27.69 16.83 -62.33
N GLY A 3 28.77 17.49 -61.88
CA GLY A 3 28.67 18.57 -60.92
C GLY A 3 29.62 18.33 -59.76
N PRO A 4 29.81 19.32 -58.88
CA PRO A 4 30.84 19.21 -57.86
C PRO A 4 30.57 18.14 -56.81
N LEU A 5 29.30 17.70 -56.71
CA LEU A 5 28.88 16.79 -55.66
C LEU A 5 28.74 15.38 -56.24
N SER A 6 29.31 15.18 -57.43
CA SER A 6 29.42 13.85 -58.00
C SER A 6 30.03 12.90 -56.97
N GLY A 7 29.38 11.75 -56.78
CA GLY A 7 29.85 10.73 -55.84
C GLY A 7 29.20 10.85 -54.46
N LEU A 8 28.59 12.00 -54.13
CA LEU A 8 27.92 12.11 -52.84
C LEU A 8 26.64 11.26 -52.86
N ARG A 9 26.44 10.44 -51.81
CA ARG A 9 25.27 9.56 -51.74
C ARG A 9 24.34 10.05 -50.64
N VAL A 10 23.05 10.16 -50.96
CA VAL A 10 22.15 10.89 -50.08
C VAL A 10 20.87 10.08 -49.92
N VAL A 11 20.46 9.91 -48.66
CA VAL A 11 19.19 9.24 -48.41
C VAL A 11 18.26 10.27 -47.81
N GLU A 12 17.08 10.34 -48.43
CA GLU A 12 16.08 11.35 -48.13
C GLU A 12 14.81 10.64 -47.68
N LEU A 13 14.47 10.81 -46.42
CA LEU A 13 13.18 10.35 -45.94
C LEU A 13 12.13 11.39 -46.32
N ALA A 14 11.29 11.00 -47.30
CA ALA A 14 10.34 11.89 -47.96
C ALA A 14 9.53 12.67 -46.95
N GLY A 15 9.49 13.99 -47.20
CA GLY A 15 8.73 14.94 -46.40
C GLY A 15 8.18 16.06 -47.27
N ILE A 16 7.97 17.22 -46.67
CA ILE A 16 7.48 18.38 -47.40
C ILE A 16 8.30 19.61 -47.06
N GLY A 17 8.41 20.52 -48.05
CA GLY A 17 8.96 21.85 -47.84
C GLY A 17 10.48 21.84 -47.94
N PRO A 18 11.21 22.16 -46.85
CA PRO A 18 12.66 22.33 -46.94
C PRO A 18 13.42 21.06 -47.30
N GLY A 19 13.07 19.93 -46.66
CA GLY A 19 13.85 18.71 -46.85
C GLY A 19 13.91 18.29 -48.32
N PRO A 20 12.79 18.25 -49.05
CA PRO A 20 12.87 18.00 -50.47
C PRO A 20 13.64 19.04 -51.28
N HIS A 21 13.64 20.30 -50.84
CA HIS A 21 14.28 21.34 -51.63
C HIS A 21 15.79 21.19 -51.48
N ALA A 22 16.25 21.01 -50.25
CA ALA A 22 17.64 20.69 -50.00
C ALA A 22 18.08 19.47 -50.78
N ALA A 23 17.28 18.41 -50.74
CA ALA A 23 17.64 17.20 -51.45
C ALA A 23 17.73 17.48 -52.95
N MET A 24 16.83 18.32 -53.48
CA MET A 24 16.82 18.63 -54.90
C MET A 24 18.15 19.26 -55.31
N ILE A 25 18.60 20.22 -54.51
CA ILE A 25 19.78 20.98 -54.82
C ILE A 25 20.99 20.03 -54.81
N LEU A 26 21.11 19.16 -53.80
CA LEU A 26 22.21 18.20 -53.76
C LEU A 26 22.21 17.40 -55.06
N GLY A 27 21.05 16.93 -55.48
CA GLY A 27 20.95 16.21 -56.75
C GLY A 27 21.31 17.08 -57.94
N ASP A 28 20.91 18.36 -57.87
CA ASP A 28 21.15 19.34 -58.93
C ASP A 28 22.66 19.46 -59.18
N LEU A 29 23.48 19.40 -58.12
CA LEU A 29 24.91 19.61 -58.16
C LEU A 29 25.68 18.29 -58.29
N GLY A 30 24.98 17.16 -58.59
CA GLY A 30 25.64 15.90 -58.92
C GLY A 30 25.46 14.76 -57.91
N ALA A 31 24.98 15.05 -56.71
CA ALA A 31 24.76 14.01 -55.71
C ALA A 31 23.78 12.95 -56.20
N ASP A 32 24.04 11.73 -55.72
CA ASP A 32 23.23 10.54 -55.95
C ASP A 32 22.21 10.45 -54.83
N VAL A 33 20.98 10.82 -55.16
CA VAL A 33 20.00 11.08 -54.13
C VAL A 33 18.92 10.02 -54.24
N VAL A 34 18.67 9.37 -53.10
CA VAL A 34 17.68 8.30 -53.05
C VAL A 34 16.62 8.65 -52.02
N ARG A 35 15.38 8.67 -52.51
CA ARG A 35 14.27 9.17 -51.72
C ARG A 35 13.38 7.99 -51.31
N ILE A 36 13.27 7.76 -49.99
CA ILE A 36 12.39 6.73 -49.48
C ILE A 36 11.03 7.35 -49.14
N ASP A 37 10.00 7.05 -49.94
CA ASP A 37 8.64 7.45 -49.62
C ASP A 37 7.91 6.26 -48.98
N ARG A 38 6.71 6.49 -48.45
CA ARG A 38 5.87 5.39 -48.01
C ARG A 38 5.10 4.91 -49.25
N PRO A 39 4.82 3.59 -49.38
CA PRO A 39 4.05 3.09 -50.52
C PRO A 39 2.63 3.65 -50.56
N SER A 40 2.08 3.85 -49.36
CA SER A 40 0.79 4.50 -49.12
C SER A 40 0.58 5.69 -50.07
N SER A 41 1.61 6.53 -50.28
CA SER A 41 1.47 7.77 -51.02
C SER A 41 2.31 7.82 -52.31
N VAL A 42 2.29 6.77 -53.16
CA VAL A 42 2.94 6.80 -54.48
C VAL A 42 2.01 6.20 -55.54
N ASP A 43 2.07 6.78 -56.76
CA ASP A 43 1.24 6.42 -57.91
C ASP A 43 1.89 6.90 -59.20
N GLY A 44 2.62 6.02 -59.90
CA GLY A 44 3.15 6.30 -61.24
C GLY A 44 4.32 7.28 -61.20
N ILE A 45 4.44 8.13 -62.25
CA ILE A 45 5.52 9.10 -62.38
C ILE A 45 5.05 10.45 -61.82
N SER A 46 5.77 10.97 -60.80
CA SER A 46 5.40 12.19 -60.10
C SER A 46 5.39 13.40 -61.05
N ARG A 47 4.55 14.39 -60.73
CA ARG A 47 4.45 15.60 -61.53
C ARG A 47 5.16 16.76 -60.81
N ASP A 48 5.67 16.50 -59.61
CA ASP A 48 6.26 17.54 -58.77
C ASP A 48 7.74 17.71 -59.17
N ALA A 49 8.02 18.76 -59.95
CA ALA A 49 9.36 18.99 -60.49
C ALA A 49 10.39 19.33 -59.41
N MET A 50 9.99 19.53 -58.13
CA MET A 50 10.94 19.59 -57.02
C MET A 50 11.60 18.21 -56.73
N LEU A 51 11.01 17.14 -57.28
CA LEU A 51 11.54 15.79 -57.10
C LEU A 51 12.41 15.40 -58.29
N ARG A 52 12.98 16.38 -59.00
CA ARG A 52 13.94 16.08 -60.05
C ARG A 52 15.22 15.60 -59.38
N ASN A 53 16.11 14.99 -60.21
CA ASN A 53 17.43 14.49 -59.81
C ASN A 53 17.35 13.51 -58.64
N ARG A 54 16.53 12.47 -58.79
CA ARG A 54 16.07 11.67 -57.67
C ARG A 54 15.96 10.21 -58.13
N ARG A 55 16.32 9.25 -57.27
CA ARG A 55 15.67 7.94 -57.36
C ARG A 55 14.64 7.81 -56.23
N ILE A 56 13.40 7.40 -56.59
CA ILE A 56 12.33 7.15 -55.62
C ILE A 56 12.20 5.66 -55.32
N VAL A 57 12.16 5.31 -54.03
CA VAL A 57 11.86 3.96 -53.58
C VAL A 57 10.82 4.05 -52.46
N THR A 58 9.97 3.02 -52.35
CA THR A 58 8.93 2.98 -51.32
C THR A 58 9.26 1.94 -50.25
N ALA A 59 8.81 2.15 -49.01
CA ALA A 59 9.18 1.27 -47.92
C ALA A 59 8.42 1.62 -46.65
N ASP A 60 7.63 0.65 -46.18
CA ASP A 60 6.95 0.77 -44.91
C ASP A 60 7.99 0.66 -43.81
N LEU A 61 8.40 1.80 -43.25
CA LEU A 61 9.43 1.84 -42.22
C LEU A 61 8.90 1.30 -40.89
N LYS A 62 7.57 1.13 -40.80
CA LYS A 62 6.97 0.56 -39.61
C LYS A 62 7.19 -0.96 -39.56
N SER A 63 7.30 -1.59 -40.74
CA SER A 63 7.54 -3.02 -40.86
C SER A 63 9.00 -3.35 -40.55
N ASP A 64 9.28 -4.63 -40.30
CA ASP A 64 10.65 -5.06 -40.04
C ASP A 64 11.49 -5.05 -41.32
N GLN A 65 10.91 -5.44 -42.47
CA GLN A 65 11.67 -5.51 -43.70
C GLN A 65 12.05 -4.10 -44.15
N GLY A 66 11.06 -3.19 -44.23
CA GLY A 66 11.29 -1.80 -44.56
C GLY A 66 12.43 -1.20 -43.73
N LEU A 67 12.31 -1.28 -42.41
CA LEU A 67 13.30 -0.73 -41.50
C LEU A 67 14.68 -1.25 -41.87
N GLU A 68 14.78 -2.55 -42.18
CA GLU A 68 16.08 -3.16 -42.41
C GLU A 68 16.62 -2.72 -43.77
N LEU A 69 15.77 -2.64 -44.80
CA LEU A 69 16.24 -2.18 -46.09
C LEU A 69 16.67 -0.72 -46.02
N ALA A 70 15.95 0.10 -45.25
CA ALA A 70 16.32 1.48 -45.08
C ALA A 70 17.69 1.54 -44.43
N LEU A 71 17.89 0.73 -43.39
CA LEU A 71 19.14 0.79 -42.63
C LEU A 71 20.32 0.32 -43.49
N LYS A 72 20.05 -0.55 -44.46
CA LYS A 72 21.07 -0.96 -45.41
C LYS A 72 21.51 0.22 -46.29
N LEU A 73 20.55 0.94 -46.91
CA LEU A 73 20.88 2.11 -47.73
C LEU A 73 21.66 3.11 -46.90
N ILE A 74 21.17 3.41 -45.70
CA ILE A 74 21.82 4.42 -44.88
C ILE A 74 23.27 4.01 -44.60
N ALA A 75 23.52 2.69 -44.48
CA ALA A 75 24.85 2.17 -44.17
C ALA A 75 25.82 2.56 -45.28
N LYS A 76 25.30 2.61 -46.51
CA LYS A 76 26.08 2.83 -47.72
C LYS A 76 26.03 4.28 -48.23
N ALA A 77 25.65 5.25 -47.39
CA ALA A 77 25.38 6.61 -47.86
C ALA A 77 26.21 7.60 -47.07
N ASP A 78 26.36 8.82 -47.61
CA ASP A 78 27.08 9.88 -46.91
C ASP A 78 26.15 10.69 -46.02
N VAL A 79 24.91 10.84 -46.49
CA VAL A 79 24.00 11.79 -45.88
C VAL A 79 22.59 11.20 -45.79
N LEU A 80 21.98 11.48 -44.63
CA LEU A 80 20.55 11.28 -44.39
C LEU A 80 19.86 12.61 -44.06
N ILE A 81 18.77 12.86 -44.80
CA ILE A 81 17.86 13.99 -44.57
C ILE A 81 16.51 13.46 -44.09
N GLU A 82 16.09 13.96 -42.92
CA GLU A 82 14.73 13.74 -42.47
C GLU A 82 14.13 15.05 -41.98
N GLY A 83 12.82 15.23 -42.22
CA GLY A 83 12.10 16.43 -41.86
C GLY A 83 10.80 16.17 -41.10
N TYR A 84 10.82 15.17 -40.20
CA TYR A 84 9.67 14.79 -39.40
C TYR A 84 9.81 15.49 -38.07
N ARG A 85 8.73 15.48 -37.28
CA ARG A 85 8.82 16.04 -35.95
C ARG A 85 9.91 15.28 -35.20
N PRO A 86 10.54 15.93 -34.22
CA PRO A 86 11.47 15.25 -33.33
C PRO A 86 10.81 14.02 -32.67
N GLY A 87 11.60 12.94 -32.65
CA GLY A 87 11.21 11.70 -32.01
C GLY A 87 10.74 10.70 -33.06
N VAL A 88 10.34 11.17 -34.22
CA VAL A 88 9.77 10.25 -35.19
C VAL A 88 10.79 9.21 -35.63
N THR A 89 11.98 9.63 -36.08
CA THR A 89 12.96 8.65 -36.56
C THR A 89 13.42 7.75 -35.39
N GLU A 90 13.63 8.31 -34.20
CA GLU A 90 13.95 7.51 -33.03
C GLU A 90 12.96 6.36 -32.92
N ARG A 91 11.68 6.69 -32.67
CA ARG A 91 10.57 5.73 -32.59
C ARG A 91 10.60 4.72 -33.71
N LEU A 92 11.00 5.11 -34.92
CA LEU A 92 11.01 4.19 -36.08
C LEU A 92 12.27 3.32 -36.16
N GLY A 93 13.24 3.55 -35.26
CA GLY A 93 14.52 2.83 -35.28
C GLY A 93 15.50 3.33 -36.36
N LEU A 94 15.31 4.58 -36.84
CA LEU A 94 16.18 5.23 -37.80
C LEU A 94 16.75 6.52 -37.19
N GLY A 95 16.77 6.61 -35.87
CA GLY A 95 17.34 7.78 -35.20
C GLY A 95 18.85 7.86 -35.38
N PRO A 96 19.46 8.99 -34.97
CA PRO A 96 20.90 9.16 -35.13
C PRO A 96 21.70 8.02 -34.49
N GLU A 97 21.39 7.63 -33.25
CA GLU A 97 22.11 6.59 -32.52
C GLU A 97 22.04 5.24 -33.25
N GLU A 98 20.89 4.93 -33.85
CA GLU A 98 20.73 3.68 -34.58
C GLU A 98 21.51 3.71 -35.89
N CYS A 99 21.55 4.87 -36.55
CA CYS A 99 22.28 4.98 -37.80
C CYS A 99 23.79 4.94 -37.54
N ALA A 100 24.23 5.56 -36.43
CA ALA A 100 25.64 5.66 -36.05
C ALA A 100 26.26 4.28 -35.87
N LYS A 101 25.47 3.34 -35.34
CA LYS A 101 25.90 1.96 -35.19
C LYS A 101 26.01 1.23 -36.53
N VAL A 102 25.46 1.74 -37.63
CA VAL A 102 25.70 1.04 -38.88
C VAL A 102 26.54 1.88 -39.85
N ASN A 103 27.00 3.07 -39.43
CA ASN A 103 27.68 3.97 -40.34
C ASN A 103 28.06 5.23 -39.59
N ASP A 104 29.26 5.26 -39.03
CA ASP A 104 29.65 6.38 -38.19
C ASP A 104 30.23 7.53 -39.01
N ARG A 105 30.17 7.42 -40.35
CA ARG A 105 30.57 8.50 -41.25
C ARG A 105 29.36 9.35 -41.70
N LEU A 106 28.13 8.90 -41.32
CA LEU A 106 26.88 9.48 -41.81
C LEU A 106 26.71 10.92 -41.34
N ILE A 107 26.30 11.77 -42.28
CA ILE A 107 25.82 13.08 -41.84
C ILE A 107 24.31 12.99 -41.66
N TYR A 108 23.86 13.25 -40.44
CA TYR A 108 22.48 13.03 -40.04
C TYR A 108 21.80 14.40 -39.95
N ALA A 109 21.05 14.74 -41.01
CA ALA A 109 20.56 16.12 -41.21
C ALA A 109 19.08 16.21 -40.84
N ARG A 110 18.82 16.95 -39.76
CA ARG A 110 17.47 17.07 -39.22
C ARG A 110 16.84 18.44 -39.54
N MET A 111 15.81 18.41 -40.38
CA MET A 111 15.16 19.61 -40.89
C MET A 111 13.81 19.80 -40.19
N THR A 112 13.76 20.75 -39.24
CA THR A 112 12.49 21.12 -38.62
C THR A 112 12.26 22.64 -38.67
N GLY A 113 11.10 23.04 -38.18
CA GLY A 113 10.82 24.45 -37.97
C GLY A 113 11.27 24.92 -36.60
N TRP A 114 10.86 24.18 -35.57
CA TRP A 114 10.93 24.73 -34.23
C TRP A 114 12.21 24.28 -33.52
N GLY A 115 12.83 23.23 -34.05
CA GLY A 115 13.99 22.66 -33.38
C GLY A 115 13.71 21.27 -32.80
N GLN A 116 14.77 20.65 -32.26
CA GLN A 116 14.66 19.30 -31.71
C GLN A 116 14.12 19.34 -30.28
N THR A 117 14.15 20.48 -29.60
CA THR A 117 13.62 20.57 -28.24
C THR A 117 12.93 21.92 -28.05
N GLY A 118 12.41 22.15 -26.82
CA GLY A 118 11.74 23.38 -26.39
C GLY A 118 10.20 23.23 -26.50
N PRO A 119 9.45 24.17 -25.91
CA PRO A 119 7.99 24.09 -25.79
C PRO A 119 7.17 23.96 -27.08
N ARG A 120 7.73 24.36 -28.23
CA ARG A 120 6.98 24.32 -29.48
C ARG A 120 7.43 23.17 -30.35
N SER A 121 8.35 22.34 -29.85
CA SER A 121 9.04 21.35 -30.68
C SER A 121 8.12 20.29 -31.24
N GLN A 122 6.90 20.15 -30.70
CA GLN A 122 5.98 19.13 -31.22
C GLN A 122 4.79 19.74 -31.97
N GLN A 123 4.64 21.07 -31.93
CA GLN A 123 3.57 21.72 -32.68
C GLN A 123 3.82 21.64 -34.20
N ALA A 124 2.77 21.29 -34.94
CA ALA A 124 2.75 21.48 -36.39
C ALA A 124 2.91 22.96 -36.76
N GLY A 125 3.39 23.16 -37.97
CA GLY A 125 3.61 24.51 -38.46
C GLY A 125 3.91 24.47 -39.94
N HIS A 126 3.90 25.67 -40.52
CA HIS A 126 4.46 25.93 -41.83
C HIS A 126 5.26 27.23 -41.77
N ASP A 127 5.84 27.62 -42.93
CA ASP A 127 6.75 28.76 -43.03
C ASP A 127 6.21 29.94 -42.24
N ILE A 128 4.94 30.32 -42.49
CA ILE A 128 4.39 31.52 -41.88
C ILE A 128 4.45 31.47 -40.35
N ASN A 129 4.36 30.26 -39.77
CA ASN A 129 4.43 30.11 -38.32
C ASN A 129 5.85 30.36 -37.82
N TYR A 130 6.83 29.75 -38.49
CA TYR A 130 8.20 29.87 -38.00
C TYR A 130 8.71 31.32 -38.12
N ILE A 131 8.35 32.02 -39.19
CA ILE A 131 8.82 33.40 -39.33
C ILE A 131 7.98 34.36 -38.50
N SER A 132 6.84 33.91 -37.96
CA SER A 132 6.04 34.78 -37.11
C SER A 132 6.67 34.96 -35.72
N LEU A 133 7.42 33.98 -35.26
CA LEU A 133 7.90 34.00 -33.88
C LEU A 133 9.22 34.78 -33.70
N ASN A 134 9.96 34.99 -34.80
CA ASN A 134 11.30 35.55 -34.68
C ASN A 134 11.38 36.96 -35.26
N GLY A 135 10.21 37.58 -35.45
CA GLY A 135 10.15 39.00 -35.76
C GLY A 135 10.09 39.28 -37.27
N ILE A 136 10.29 38.27 -38.11
CA ILE A 136 10.43 38.49 -39.53
C ILE A 136 9.10 38.90 -40.16
N LEU A 137 8.06 38.09 -39.97
CA LEU A 137 6.77 38.33 -40.62
C LEU A 137 6.26 39.71 -40.26
N HIS A 138 6.39 40.10 -38.99
CA HIS A 138 5.89 41.39 -38.57
C HIS A 138 6.51 42.52 -39.39
N ALA A 139 7.68 42.29 -39.97
CA ALA A 139 8.43 43.33 -40.65
C ALA A 139 8.07 43.43 -42.13
N ILE A 140 7.27 42.48 -42.67
CA ILE A 140 6.98 42.40 -44.11
C ILE A 140 5.58 42.96 -44.39
N GLY A 141 5.52 43.97 -45.26
CA GLY A 141 4.29 44.53 -45.79
C GLY A 141 4.18 46.03 -45.55
N ARG A 142 3.07 46.61 -45.97
CA ARG A 142 2.82 48.03 -45.81
C ARG A 142 2.47 48.37 -44.38
N GLY A 143 2.72 49.61 -43.98
CA GLY A 143 2.52 50.07 -42.62
C GLY A 143 1.05 50.14 -42.22
N ASP A 144 0.17 50.30 -43.20
CA ASP A 144 -1.23 50.53 -42.89
C ASP A 144 -2.03 49.22 -43.00
N GLU A 145 -1.34 48.07 -43.05
CA GLU A 145 -2.02 46.80 -43.25
C GLU A 145 -1.37 45.69 -42.41
N ARG A 146 -2.05 44.55 -42.31
CA ARG A 146 -1.47 43.43 -41.60
C ARG A 146 -0.30 42.84 -42.38
N PRO A 147 0.61 42.14 -41.69
CA PRO A 147 1.78 41.58 -42.35
C PRO A 147 1.41 40.67 -43.51
N VAL A 148 2.28 40.61 -44.52
CA VAL A 148 1.98 39.75 -45.65
C VAL A 148 3.12 38.73 -45.76
N PRO A 149 2.79 37.44 -45.92
CA PRO A 149 3.80 36.43 -46.06
C PRO A 149 4.53 36.58 -47.38
N PRO A 150 5.87 36.55 -47.28
CA PRO A 150 6.75 36.52 -48.43
C PRO A 150 6.81 35.15 -49.07
N LEU A 151 5.65 34.70 -49.55
CA LEU A 151 5.44 33.32 -49.94
C LEU A 151 6.01 32.43 -48.84
N ASN A 152 6.58 31.29 -49.22
CA ASN A 152 7.26 30.41 -48.28
C ASN A 152 8.76 30.49 -48.51
N LEU A 153 9.26 31.67 -48.92
CA LEU A 153 10.64 31.81 -49.38
C LEU A 153 11.58 31.93 -48.19
N VAL A 154 11.14 32.52 -47.08
CA VAL A 154 12.10 32.95 -46.08
C VAL A 154 12.34 31.87 -45.03
N GLY A 155 11.28 31.16 -44.65
CA GLY A 155 11.39 30.13 -43.62
C GLY A 155 11.72 28.76 -44.23
N ASP A 156 10.95 28.31 -45.21
CA ASP A 156 11.20 27.01 -45.79
C ASP A 156 12.57 26.94 -46.45
N PHE A 157 12.87 27.90 -47.32
CA PHE A 157 13.94 27.72 -48.29
C PHE A 157 15.15 28.50 -47.79
N GLY A 158 15.05 29.83 -47.77
CA GLY A 158 16.21 30.65 -47.42
C GLY A 158 16.72 30.38 -46.01
N GLY A 159 15.79 30.20 -45.06
CA GLY A 159 16.15 30.01 -43.68
C GLY A 159 16.06 28.54 -43.27
N GLY A 160 15.72 27.68 -44.23
CA GLY A 160 15.43 26.27 -43.98
C GLY A 160 16.37 25.35 -44.75
N SER A 161 15.93 24.90 -45.93
CA SER A 161 16.72 24.05 -46.79
C SER A 161 18.16 24.57 -46.95
N MET A 162 18.33 25.89 -47.13
CA MET A 162 19.66 26.39 -47.45
C MET A 162 20.58 26.22 -46.25
N PHE A 163 20.09 26.46 -45.04
CA PHE A 163 20.92 26.19 -43.88
C PHE A 163 21.17 24.69 -43.70
N LEU A 164 20.19 23.88 -44.12
CA LEU A 164 20.36 22.45 -44.03
C LEU A 164 21.57 22.09 -44.90
N LEU A 165 21.60 22.63 -46.12
CA LEU A 165 22.65 22.36 -47.09
C LEU A 165 24.01 22.81 -46.57
N VAL A 166 24.10 24.02 -46.04
CA VAL A 166 25.35 24.50 -45.50
C VAL A 166 25.84 23.60 -44.36
N GLY A 167 24.92 23.13 -43.49
CA GLY A 167 25.28 22.21 -42.41
C GLY A 167 25.76 20.85 -42.93
N ILE A 168 25.08 20.30 -43.91
CA ILE A 168 25.50 19.06 -44.53
C ILE A 168 26.92 19.22 -45.07
N LEU A 169 27.14 20.30 -45.84
CA LEU A 169 28.38 20.47 -46.57
C LEU A 169 29.48 20.88 -45.60
N ALA A 170 29.13 21.64 -44.56
CA ALA A 170 30.14 21.99 -43.58
C ALA A 170 30.59 20.74 -42.81
N ALA A 171 29.63 19.88 -42.47
CA ALA A 171 29.93 18.66 -41.74
C ALA A 171 30.75 17.68 -42.59
N LEU A 172 30.48 17.60 -43.90
CA LEU A 172 31.26 16.80 -44.82
C LEU A 172 32.71 17.28 -44.87
N TRP A 173 32.90 18.60 -44.84
CA TRP A 173 34.23 19.17 -44.76
C TRP A 173 34.91 18.67 -43.48
N GLU A 174 34.19 18.77 -42.36
CA GLU A 174 34.77 18.40 -41.08
C GLU A 174 35.14 16.92 -41.07
N ARG A 175 34.33 16.10 -41.74
CA ARG A 175 34.55 14.66 -41.77
C ARG A 175 35.86 14.30 -42.48
N GLN A 176 36.40 15.24 -43.26
CA GLN A 176 37.67 15.04 -43.94
C GLN A 176 38.81 14.96 -42.94
N SER A 177 38.72 15.68 -41.82
CA SER A 177 39.69 15.57 -40.73
C SER A 177 39.37 14.39 -39.81
N SER A 178 38.15 14.33 -39.30
CA SER A 178 37.78 13.52 -38.14
C SER A 178 37.61 12.04 -38.53
N GLY A 179 37.21 11.79 -39.78
CA GLY A 179 36.78 10.49 -40.26
C GLY A 179 35.38 10.12 -39.76
N LYS A 180 34.70 11.09 -39.10
CA LYS A 180 33.41 10.89 -38.42
C LYS A 180 32.29 11.81 -38.92
N GLY A 181 31.08 11.25 -39.05
CA GLY A 181 29.85 12.00 -39.26
C GLY A 181 29.38 12.71 -37.99
N GLN A 182 28.15 13.26 -38.04
CA GLN A 182 27.54 13.95 -36.90
C GLN A 182 26.09 14.34 -37.25
N VAL A 183 25.41 14.94 -36.29
CA VAL A 183 24.03 15.38 -36.45
C VAL A 183 24.02 16.87 -36.81
N VAL A 184 23.30 17.19 -37.89
CA VAL A 184 22.97 18.58 -38.22
C VAL A 184 21.52 18.86 -37.84
N ASP A 185 21.35 19.86 -36.96
CA ASP A 185 20.05 20.30 -36.47
C ASP A 185 19.68 21.64 -37.11
N ALA A 186 19.00 21.59 -38.26
CA ALA A 186 18.60 22.82 -38.94
C ALA A 186 17.15 23.16 -38.62
N ALA A 187 16.96 24.24 -37.87
CA ALA A 187 15.62 24.71 -37.55
C ALA A 187 15.31 26.05 -38.24
N MET A 188 14.17 26.11 -38.94
CA MET A 188 13.77 27.29 -39.71
C MET A 188 13.73 28.54 -38.85
N VAL A 189 13.42 28.43 -37.57
CA VAL A 189 13.36 29.61 -36.74
C VAL A 189 14.76 30.18 -36.48
N ASP A 190 15.79 29.32 -36.57
CA ASP A 190 17.16 29.75 -36.36
C ASP A 190 17.76 30.22 -37.68
N GLY A 191 17.70 29.38 -38.72
CA GLY A 191 18.16 29.72 -40.05
C GLY A 191 17.62 31.10 -40.49
N SER A 192 16.30 31.30 -40.41
CA SER A 192 15.72 32.53 -40.89
C SER A 192 16.19 33.72 -40.05
N SER A 193 16.49 33.49 -38.75
CA SER A 193 16.98 34.55 -37.89
C SER A 193 18.38 35.04 -38.33
N VAL A 194 19.21 34.13 -38.85
CA VAL A 194 20.53 34.46 -39.34
C VAL A 194 20.42 35.11 -40.71
N LEU A 195 19.42 34.64 -41.48
CA LEU A 195 19.12 35.24 -42.77
C LEU A 195 18.82 36.72 -42.58
N ILE A 196 18.23 37.09 -41.45
CA ILE A 196 17.89 38.48 -41.22
C ILE A 196 18.85 39.13 -40.23
N GLN A 197 20.08 38.60 -40.11
CA GLN A 197 21.03 39.17 -39.16
C GLN A 197 21.26 40.67 -39.40
N MET A 198 21.27 41.08 -40.68
CA MET A 198 21.42 42.49 -41.00
C MET A 198 20.48 43.37 -40.19
N MET A 199 19.21 42.98 -40.10
CA MET A 199 18.23 43.85 -39.47
C MET A 199 18.48 43.91 -37.97
N TRP A 200 18.94 42.77 -37.41
CA TRP A 200 19.24 42.73 -36.00
C TRP A 200 20.43 43.63 -35.67
N ALA A 201 21.39 43.70 -36.59
CA ALA A 201 22.56 44.58 -36.43
C ALA A 201 22.13 46.04 -36.47
N MET A 202 21.40 46.40 -37.53
CA MET A 202 20.90 47.74 -37.76
C MET A 202 19.94 48.18 -36.65
N ARG A 203 19.18 47.24 -36.05
CA ARG A 203 18.32 47.65 -34.94
C ARG A 203 19.18 48.12 -33.79
N ALA A 204 20.30 47.42 -33.56
CA ALA A 204 21.15 47.70 -32.41
C ALA A 204 21.76 49.10 -32.51
N THR A 205 22.06 49.52 -33.75
CA THR A 205 22.67 50.81 -34.02
C THR A 205 21.61 51.83 -34.43
N GLY A 206 20.34 51.63 -34.06
CA GLY A 206 19.28 52.61 -34.28
C GLY A 206 18.89 52.83 -35.75
N MET A 207 19.41 52.01 -36.67
CA MET A 207 19.15 52.22 -38.09
C MET A 207 18.03 51.32 -38.63
N TRP A 208 17.32 50.59 -37.75
CA TRP A 208 16.12 49.85 -38.15
C TRP A 208 15.08 49.91 -37.05
N THR A 209 13.83 50.26 -37.33
CA THR A 209 12.79 50.25 -36.31
C THR A 209 11.83 49.09 -36.53
N ASP A 210 11.05 48.82 -35.48
CA ASP A 210 10.04 47.76 -35.47
C ASP A 210 8.77 48.18 -36.18
N THR A 211 8.66 49.45 -36.58
CA THR A 211 7.50 49.93 -37.32
C THR A 211 7.58 49.37 -38.75
N ARG A 212 6.56 48.61 -39.13
CA ARG A 212 6.49 48.05 -40.48
C ARG A 212 6.31 49.18 -41.50
N GLY A 213 7.02 49.14 -42.62
CA GLY A 213 6.83 50.06 -43.73
C GLY A 213 7.49 51.43 -43.49
N ALA A 214 8.40 51.53 -42.49
CA ALA A 214 9.08 52.77 -42.18
C ALA A 214 10.61 52.59 -42.10
N ASN A 215 11.20 51.76 -42.94
CA ASN A 215 12.64 51.57 -42.96
C ASN A 215 13.18 51.65 -44.39
N MET A 216 14.50 51.51 -44.52
CA MET A 216 15.14 51.75 -45.80
C MET A 216 14.82 50.65 -46.80
N LEU A 217 14.65 49.42 -46.31
CA LEU A 217 14.56 48.25 -47.18
C LEU A 217 13.20 47.55 -47.11
N ASP A 218 12.20 48.16 -46.49
CA ASP A 218 10.93 47.46 -46.35
C ASP A 218 9.82 48.09 -47.18
N GLY A 219 10.19 49.09 -47.98
CA GLY A 219 9.20 49.81 -48.77
C GLY A 219 8.99 51.23 -48.26
N GLY A 220 9.48 51.54 -47.08
CA GLY A 220 9.34 52.88 -46.52
C GLY A 220 10.14 53.98 -47.23
N ALA A 221 11.24 53.62 -47.88
CA ALA A 221 12.04 54.60 -48.61
C ALA A 221 11.50 54.76 -50.01
N PRO A 222 11.20 56.00 -50.45
CA PRO A 222 10.79 56.26 -51.82
C PRO A 222 11.73 55.76 -52.90
N TYR A 223 13.03 55.59 -52.59
CA TYR A 223 14.00 55.11 -53.55
C TYR A 223 14.27 53.61 -53.40
N TYR A 224 13.56 52.91 -52.49
CA TYR A 224 13.62 51.47 -52.49
C TYR A 224 12.20 50.91 -52.41
N ASP A 225 11.55 50.72 -53.55
CA ASP A 225 10.15 50.34 -53.53
C ASP A 225 9.69 50.07 -54.96
N THR A 226 8.45 49.61 -55.11
CA THR A 226 7.92 49.50 -56.44
C THR A 226 7.03 50.71 -56.72
N TYR A 227 6.82 50.95 -58.02
CA TYR A 227 6.00 52.06 -58.51
C TYR A 227 5.10 51.59 -59.63
N GLU A 228 3.85 52.06 -59.57
CA GLU A 228 2.87 51.76 -60.58
C GLU A 228 3.06 52.69 -61.79
N CYS A 229 2.99 52.12 -62.98
CA CYS A 229 3.21 52.82 -64.23
C CYS A 229 1.87 53.10 -64.92
N ALA A 230 1.96 53.75 -66.08
CA ALA A 230 0.79 54.25 -66.80
C ALA A 230 -0.10 53.07 -67.17
N ASP A 231 0.49 51.92 -67.49
CA ASP A 231 -0.22 50.75 -67.94
C ASP A 231 -0.69 49.88 -66.77
N GLY A 232 -0.50 50.31 -65.52
CA GLY A 232 -0.88 49.47 -64.40
C GLY A 232 0.12 48.34 -64.08
N ARG A 233 1.26 48.28 -64.79
CA ARG A 233 2.32 47.35 -64.43
C ARG A 233 3.31 48.09 -63.53
N TYR A 234 4.39 47.42 -63.13
CA TYR A 234 5.23 48.03 -62.12
C TYR A 234 6.71 47.99 -62.49
N VAL A 235 7.43 48.99 -61.94
CA VAL A 235 8.89 48.97 -61.88
C VAL A 235 9.33 48.88 -60.43
N ALA A 236 10.58 48.41 -60.28
CA ALA A 236 11.30 48.40 -59.03
C ALA A 236 12.40 49.44 -59.05
N VAL A 237 12.48 50.18 -57.94
CA VAL A 237 13.49 51.16 -57.72
C VAL A 237 14.29 50.72 -56.50
N GLY A 238 15.61 50.70 -56.65
CA GLY A 238 16.53 50.27 -55.62
C GLY A 238 17.73 51.23 -55.55
N ALA A 239 17.48 52.52 -55.77
CA ALA A 239 18.54 53.50 -55.99
C ALA A 239 19.07 53.99 -54.64
N ILE A 240 19.76 53.12 -53.91
CA ILE A 240 20.17 53.48 -52.58
C ILE A 240 21.30 54.52 -52.63
N GLU A 241 22.32 54.26 -53.42
CA GLU A 241 23.52 55.09 -53.39
C GLU A 241 23.21 56.40 -54.13
N PRO A 242 23.69 57.55 -53.60
CA PRO A 242 23.29 58.85 -54.16
C PRO A 242 23.58 59.00 -55.66
N GLN A 243 24.62 58.35 -56.15
CA GLN A 243 25.02 58.47 -57.56
C GLN A 243 24.02 57.76 -58.45
N PHE A 244 23.44 56.64 -57.98
CA PHE A 244 22.43 55.88 -58.72
C PHE A 244 21.08 56.62 -58.65
N TYR A 245 20.75 57.14 -57.48
CA TYR A 245 19.55 57.94 -57.28
C TYR A 245 19.58 59.12 -58.28
N ALA A 246 20.73 59.77 -58.37
CA ALA A 246 20.88 60.90 -59.27
C ALA A 246 20.58 60.48 -60.68
N ALA A 247 21.09 59.29 -61.10
CA ALA A 247 20.86 58.81 -62.46
C ALA A 247 19.38 58.53 -62.71
N MET A 248 18.68 58.09 -61.67
CA MET A 248 17.26 57.78 -61.78
C MET A 248 16.47 59.07 -62.02
N LEU A 249 16.75 60.08 -61.18
CA LEU A 249 16.08 61.38 -61.27
C LEU A 249 16.21 61.99 -62.66
N ALA A 250 17.40 61.90 -63.24
CA ALA A 250 17.68 62.43 -64.57
C ALA A 250 16.82 61.71 -65.59
N GLY A 251 16.73 60.37 -65.43
CA GLY A 251 15.91 59.57 -66.33
C GLY A 251 14.42 59.88 -66.19
N LEU A 252 13.99 60.33 -65.01
CA LEU A 252 12.57 60.59 -64.77
C LEU A 252 12.21 61.97 -65.28
N GLY A 253 13.21 62.83 -65.46
CA GLY A 253 12.95 64.21 -65.85
C GLY A 253 12.70 65.10 -64.65
N LEU A 254 13.18 64.73 -63.46
CA LEU A 254 12.99 65.56 -62.29
C LEU A 254 14.32 66.23 -61.98
N ASP A 255 14.29 67.53 -61.70
CA ASP A 255 15.51 68.21 -61.30
C ASP A 255 15.61 68.06 -59.80
N ALA A 256 16.81 67.68 -59.35
CA ALA A 256 17.14 67.50 -57.94
C ALA A 256 16.72 68.73 -57.13
N ALA A 257 16.89 69.92 -57.71
CA ALA A 257 16.63 71.16 -57.01
C ALA A 257 15.16 71.36 -56.66
N GLU A 258 14.22 70.67 -57.33
CA GLU A 258 12.80 70.79 -57.00
C GLU A 258 12.38 69.72 -55.99
N LEU A 259 13.23 68.77 -55.63
CA LEU A 259 12.79 67.66 -54.80
C LEU A 259 13.33 67.91 -53.41
N PRO A 260 12.75 67.29 -52.37
CA PRO A 260 13.43 67.23 -51.09
C PRO A 260 14.67 66.35 -51.16
N PRO A 261 15.57 66.42 -50.15
CA PRO A 261 16.74 65.55 -50.14
C PRO A 261 16.35 64.07 -50.08
N GLN A 262 17.15 63.23 -50.75
CA GLN A 262 16.89 61.82 -50.88
C GLN A 262 16.65 61.17 -49.52
N ASN A 263 17.40 61.57 -48.48
CA ASN A 263 17.28 60.94 -47.17
C ASN A 263 16.75 61.87 -46.10
N ASP A 264 16.03 62.93 -46.48
CA ASP A 264 15.25 63.68 -45.49
C ASP A 264 13.91 62.98 -45.24
N ARG A 265 13.89 62.09 -44.25
CA ARG A 265 12.78 61.19 -44.01
C ARG A 265 11.50 61.92 -43.66
N ALA A 266 11.62 63.12 -43.07
CA ALA A 266 10.44 63.89 -42.71
C ALA A 266 9.70 64.34 -43.99
N ARG A 267 10.43 64.44 -45.11
CA ARG A 267 9.82 64.86 -46.36
C ARG A 267 9.69 63.72 -47.37
N TRP A 268 9.80 62.47 -46.92
CA TRP A 268 9.51 61.33 -47.78
C TRP A 268 8.09 61.33 -48.38
N PRO A 269 7.04 61.80 -47.67
CA PRO A 269 5.72 61.89 -48.28
C PRO A 269 5.71 62.74 -49.56
N GLU A 270 6.36 63.90 -49.50
CA GLU A 270 6.47 64.77 -50.66
C GLU A 270 7.24 64.05 -51.76
N LEU A 271 8.38 63.46 -51.39
CA LEU A 271 9.25 62.87 -52.39
C LEU A 271 8.53 61.70 -53.06
N ARG A 272 7.89 60.84 -52.27
CA ARG A 272 7.09 59.75 -52.82
C ARG A 272 6.04 60.26 -53.81
N ALA A 273 5.33 61.34 -53.43
CA ALA A 273 4.31 61.90 -54.30
C ALA A 273 4.92 62.29 -55.64
N LEU A 274 6.11 62.90 -55.61
CA LEU A 274 6.79 63.34 -56.83
C LEU A 274 7.21 62.17 -57.71
N LEU A 275 7.78 61.13 -57.10
CA LEU A 275 8.26 60.00 -57.87
C LEU A 275 7.07 59.23 -58.44
N THR A 276 6.03 59.08 -57.60
CA THR A 276 4.80 58.40 -57.99
C THR A 276 4.25 59.01 -59.26
N GLU A 277 4.10 60.35 -59.30
CA GLU A 277 3.51 61.04 -60.45
C GLU A 277 4.39 60.82 -61.67
N ALA A 278 5.70 60.93 -61.48
CA ALA A 278 6.62 60.77 -62.59
C ALA A 278 6.56 59.35 -63.15
N PHE A 279 6.67 58.33 -62.29
CA PHE A 279 6.63 56.96 -62.83
C PHE A 279 5.27 56.67 -63.49
N ALA A 280 4.20 57.27 -62.97
CA ALA A 280 2.85 56.99 -63.47
C ALA A 280 2.63 57.53 -64.90
N SER A 281 3.56 58.34 -65.43
CA SER A 281 3.36 59.07 -66.67
C SER A 281 3.78 58.25 -67.91
N HIS A 282 4.45 57.12 -67.73
CA HIS A 282 4.77 56.26 -68.86
C HIS A 282 4.62 54.82 -68.42
N ASP A 283 4.63 53.90 -69.39
CA ASP A 283 4.36 52.52 -69.09
C ASP A 283 5.65 51.82 -68.66
N ARG A 284 5.52 50.63 -68.10
CA ARG A 284 6.66 49.89 -67.60
C ARG A 284 7.75 49.79 -68.67
N ASP A 285 7.36 49.36 -69.88
CA ASP A 285 8.33 49.00 -70.90
C ASP A 285 9.06 50.26 -71.35
N HIS A 286 8.42 51.43 -71.33
CA HIS A 286 9.15 52.69 -71.48
C HIS A 286 10.31 52.83 -70.46
N TRP A 287 10.02 52.64 -69.17
CA TRP A 287 11.03 52.83 -68.15
C TRP A 287 12.14 51.81 -68.35
N GLY A 288 11.80 50.60 -68.81
CA GLY A 288 12.75 49.51 -68.92
C GLY A 288 13.82 49.84 -69.97
N ALA A 289 13.39 50.58 -71.00
CA ALA A 289 14.19 51.03 -72.12
C ALA A 289 15.10 52.18 -71.69
N VAL A 290 14.53 53.33 -71.33
CA VAL A 290 15.23 54.42 -70.69
C VAL A 290 16.39 53.95 -69.80
N PHE A 291 16.15 52.94 -68.93
CA PHE A 291 17.11 52.67 -67.86
C PHE A 291 17.95 51.42 -68.11
N ALA A 292 17.73 50.72 -69.23
CA ALA A 292 18.65 49.65 -69.59
C ALA A 292 20.06 50.22 -69.76
N ASN A 293 21.04 49.44 -69.28
CA ASN A 293 22.45 49.81 -69.28
C ASN A 293 22.74 50.96 -68.33
N SER A 294 21.78 51.33 -67.46
CA SER A 294 22.01 52.38 -66.49
C SER A 294 22.25 51.84 -65.08
N ASP A 295 22.87 52.68 -64.26
CA ASP A 295 23.04 52.42 -62.86
C ASP A 295 21.89 53.01 -62.04
N ALA A 296 20.78 53.37 -62.69
CA ALA A 296 19.67 53.99 -61.99
C ALA A 296 18.94 53.03 -61.04
N CYS A 297 19.15 51.72 -61.14
CA CYS A 297 18.55 50.73 -60.24
C CYS A 297 17.04 50.71 -60.41
N VAL A 298 16.60 50.74 -61.69
CA VAL A 298 15.19 50.72 -62.04
C VAL A 298 14.98 49.52 -62.96
N THR A 299 14.10 48.58 -62.62
CA THR A 299 13.94 47.41 -63.47
C THR A 299 12.46 47.07 -63.54
N PRO A 300 12.04 46.46 -64.65
CA PRO A 300 10.65 46.06 -64.79
C PRO A 300 10.34 44.92 -63.82
N VAL A 301 9.14 44.99 -63.23
CA VAL A 301 8.63 43.94 -62.38
C VAL A 301 7.87 42.97 -63.26
N LEU A 302 8.56 41.87 -63.59
CA LEU A 302 8.01 40.88 -64.51
C LEU A 302 7.22 39.80 -63.74
N ALA A 303 6.15 39.35 -64.39
CA ALA A 303 5.38 38.21 -63.93
C ALA A 303 6.06 36.93 -64.40
N PHE A 304 5.85 35.80 -63.68
CA PHE A 304 6.45 34.53 -64.06
C PHE A 304 6.37 34.35 -65.58
N GLY A 305 5.18 34.60 -66.14
CA GLY A 305 4.88 34.22 -67.51
C GLY A 305 5.65 35.02 -68.55
N GLU A 306 6.23 36.15 -68.13
CA GLU A 306 6.95 37.06 -68.99
C GLU A 306 8.46 36.84 -68.87
N VAL A 307 8.90 36.09 -67.86
CA VAL A 307 10.32 36.00 -67.58
C VAL A 307 11.08 35.43 -68.76
N HIS A 308 10.48 34.49 -69.46
CA HIS A 308 11.20 33.74 -70.48
C HIS A 308 11.49 34.61 -71.71
N ASN A 309 10.94 35.83 -71.78
CA ASN A 309 11.21 36.75 -72.90
C ASN A 309 12.22 37.82 -72.54
N GLU A 310 12.71 37.84 -71.29
CA GLU A 310 13.69 38.83 -70.90
C GLU A 310 15.07 38.43 -71.43
N PRO A 311 15.71 39.28 -72.28
CA PRO A 311 17.01 38.95 -72.86
C PRO A 311 18.05 38.39 -71.89
N HIS A 312 18.26 39.07 -70.75
CA HIS A 312 19.30 38.67 -69.82
C HIS A 312 19.04 37.29 -69.22
N ILE A 313 17.77 36.92 -69.07
CA ILE A 313 17.41 35.62 -68.52
C ILE A 313 17.68 34.53 -69.56
N ILE A 314 17.29 34.79 -70.84
CA ILE A 314 17.53 33.87 -71.94
C ILE A 314 19.02 33.59 -72.07
N GLU A 315 19.82 34.65 -72.18
CA GLU A 315 21.22 34.46 -72.53
C GLU A 315 21.99 33.72 -71.47
N ARG A 316 21.70 33.91 -70.18
CA ARG A 316 22.45 33.21 -69.16
C ARG A 316 21.93 31.78 -68.92
N ASN A 317 20.90 31.40 -69.67
CA ASN A 317 20.14 30.18 -69.45
C ASN A 317 19.78 30.00 -68.00
N THR A 318 19.10 30.98 -67.39
CA THR A 318 18.70 30.84 -66.01
C THR A 318 17.63 29.75 -65.87
N PHE A 319 16.91 29.47 -66.98
CA PHE A 319 15.80 28.54 -67.02
C PHE A 319 16.00 27.51 -68.14
N TYR A 320 15.35 26.35 -68.00
CA TYR A 320 15.25 25.36 -69.07
C TYR A 320 13.79 24.96 -69.17
N GLU A 321 13.37 24.43 -70.33
CA GLU A 321 11.99 23.97 -70.55
C GLU A 321 11.84 22.51 -70.10
N ALA A 322 10.68 22.18 -69.55
CA ALA A 322 10.39 20.83 -69.07
C ALA A 322 8.91 20.73 -68.77
N ASN A 323 8.17 19.88 -69.50
CA ASN A 323 6.79 19.58 -69.16
C ASN A 323 5.96 20.86 -69.06
N GLY A 324 5.54 21.38 -70.23
CA GLY A 324 4.71 22.57 -70.32
C GLY A 324 5.00 23.58 -69.20
N GLY A 325 6.29 23.91 -69.02
CA GLY A 325 6.70 24.92 -68.07
C GLY A 325 8.22 25.03 -67.95
N TRP A 326 8.69 26.27 -67.81
CA TRP A 326 10.08 26.54 -67.50
C TRP A 326 10.38 26.17 -66.07
N GLN A 327 11.66 25.88 -65.82
CA GLN A 327 12.15 25.55 -64.51
C GLN A 327 13.55 26.12 -64.36
N PRO A 328 13.96 26.55 -63.16
CA PRO A 328 15.31 27.06 -62.98
C PRO A 328 16.41 26.02 -63.10
N MET A 329 17.48 26.44 -63.77
CA MET A 329 18.69 25.65 -63.84
C MET A 329 19.39 25.69 -62.49
N PRO A 330 20.25 24.70 -62.21
CA PRO A 330 20.94 24.66 -60.92
C PRO A 330 21.70 25.94 -60.62
N ALA A 331 21.83 26.25 -59.34
CA ALA A 331 22.66 27.33 -58.89
C ALA A 331 23.47 26.86 -57.69
N PRO A 332 24.66 27.45 -57.39
CA PRO A 332 25.33 28.37 -58.30
C PRO A 332 25.98 27.64 -59.45
N ARG A 333 26.90 28.32 -60.16
CA ARG A 333 27.57 27.76 -61.33
C ARG A 333 29.04 27.49 -61.02
N PHE A 334 29.59 26.44 -61.66
CA PHE A 334 30.94 25.95 -61.38
C PHE A 334 31.75 25.96 -62.68
N SER A 335 32.95 26.55 -62.65
CA SER A 335 33.79 26.68 -63.86
C SER A 335 34.26 25.31 -64.40
N ARG A 336 34.85 24.46 -63.56
CA ARG A 336 35.35 23.16 -64.00
C ARG A 336 34.31 22.04 -63.94
N THR A 337 33.59 21.86 -62.82
CA THR A 337 32.67 20.73 -62.73
C THR A 337 31.23 21.20 -62.76
N ALA A 338 30.80 21.58 -63.97
CA ALA A 338 29.51 22.20 -64.20
C ALA A 338 28.40 21.18 -63.98
N SER A 339 27.24 21.67 -63.48
CA SER A 339 26.05 20.85 -63.31
C SER A 339 25.48 20.59 -64.69
N SER A 340 24.66 19.55 -64.79
CA SER A 340 23.93 19.33 -66.01
C SER A 340 22.47 19.71 -65.79
N GLN A 341 21.75 19.82 -66.91
CA GLN A 341 20.31 19.93 -66.89
C GLN A 341 19.73 18.86 -65.97
N PRO A 342 18.82 19.20 -65.04
CA PRO A 342 18.19 18.20 -64.20
C PRO A 342 17.48 17.12 -65.01
N ARG A 343 17.48 15.90 -64.46
CA ARG A 343 16.72 14.77 -64.96
C ARG A 343 15.32 14.83 -64.33
N PRO A 344 14.25 14.62 -65.11
CA PRO A 344 12.91 14.79 -64.55
C PRO A 344 12.61 13.71 -63.52
N PRO A 345 11.48 13.79 -62.79
CA PRO A 345 11.08 12.65 -61.95
C PRO A 345 10.98 11.37 -62.79
N ALA A 346 11.43 10.25 -62.23
CA ALA A 346 11.33 8.95 -62.88
C ALA A 346 10.36 8.05 -62.11
N ALA A 347 9.92 6.96 -62.76
CA ALA A 347 9.16 5.94 -62.05
C ALA A 347 9.98 5.40 -60.87
N THR A 348 9.26 4.94 -59.83
CA THR A 348 9.87 4.29 -58.68
C THR A 348 10.78 3.17 -59.16
N ILE A 349 11.79 2.89 -58.33
CA ILE A 349 12.77 1.88 -58.58
C ILE A 349 12.74 0.92 -57.37
N ASP A 350 13.25 -0.29 -57.56
CA ASP A 350 13.27 -1.25 -56.49
C ASP A 350 14.42 -0.93 -55.52
N ILE A 351 14.16 -1.04 -54.22
CA ILE A 351 15.15 -0.69 -53.20
C ILE A 351 16.34 -1.65 -53.20
N GLU A 352 16.09 -2.91 -53.64
CA GLU A 352 17.14 -3.90 -53.85
C GLU A 352 18.09 -3.46 -54.95
N ALA A 353 17.53 -3.09 -56.11
CA ALA A 353 18.31 -2.64 -57.25
C ALA A 353 19.21 -1.46 -56.88
N VAL A 354 18.80 -0.64 -55.90
CA VAL A 354 19.64 0.48 -55.48
C VAL A 354 20.81 -0.05 -54.65
N LEU A 355 20.51 -1.02 -53.76
CA LEU A 355 21.53 -1.61 -52.90
C LEU A 355 22.58 -2.32 -53.75
N THR A 356 22.11 -2.95 -54.84
CA THR A 356 22.92 -3.67 -55.82
C THR A 356 23.83 -2.66 -56.53
N ASP A 357 23.21 -1.68 -57.20
CA ASP A 357 23.93 -0.57 -57.80
C ASP A 357 24.98 0.01 -56.85
N TRP A 358 24.68 0.23 -55.57
CA TRP A 358 25.62 0.88 -54.65
C TRP A 358 26.67 -0.09 -54.12
N ASP A 359 26.61 -1.36 -54.56
CA ASP A 359 27.07 -2.51 -53.77
C ASP A 359 26.28 -2.51 -52.46
N MET B 1 39.49 27.49 -32.87
CA MET B 1 38.15 28.03 -33.27
C MET B 1 37.12 26.89 -33.31
N ALA B 2 35.98 27.09 -32.64
CA ALA B 2 34.94 26.08 -32.57
C ALA B 2 34.13 26.02 -33.87
N GLY B 3 33.74 24.82 -34.31
CA GLY B 3 32.75 24.66 -35.36
C GLY B 3 33.22 23.71 -36.44
N PRO B 4 32.35 23.22 -37.33
CA PRO B 4 32.77 22.24 -38.32
C PRO B 4 33.78 22.74 -39.35
N LEU B 5 33.92 24.06 -39.46
CA LEU B 5 34.77 24.61 -40.51
C LEU B 5 36.11 25.08 -39.92
N SER B 6 36.46 24.57 -38.74
CA SER B 6 37.72 24.88 -38.12
C SER B 6 38.85 24.67 -39.11
N GLY B 7 39.69 25.71 -39.27
CA GLY B 7 40.86 25.63 -40.11
C GLY B 7 40.59 25.91 -41.60
N LEU B 8 39.33 26.13 -41.98
CA LEU B 8 39.08 26.68 -43.30
C LEU B 8 39.59 28.12 -43.30
N ARG B 9 40.26 28.49 -44.40
CA ARG B 9 40.82 29.82 -44.55
C ARG B 9 40.18 30.54 -45.74
N VAL B 10 39.71 31.75 -45.42
CA VAL B 10 38.81 32.50 -46.28
C VAL B 10 39.31 33.94 -46.32
N VAL B 11 39.56 34.45 -47.54
CA VAL B 11 39.83 35.86 -47.69
C VAL B 11 38.61 36.52 -48.33
N GLU B 12 38.12 37.58 -47.68
CA GLU B 12 36.98 38.32 -48.16
C GLU B 12 37.41 39.72 -48.62
N LEU B 13 37.20 40.03 -49.90
CA LEU B 13 37.31 41.40 -50.39
C LEU B 13 36.01 42.14 -50.05
N ALA B 14 36.11 43.21 -49.24
CA ALA B 14 34.95 43.82 -48.63
C ALA B 14 34.00 44.40 -49.69
N GLY B 15 32.75 43.96 -49.64
CA GLY B 15 31.66 44.50 -50.46
C GLY B 15 30.42 44.73 -49.59
N ILE B 16 29.25 44.60 -50.18
CA ILE B 16 28.03 44.83 -49.41
C ILE B 16 27.03 43.73 -49.73
N GLY B 17 26.15 43.49 -48.76
CA GLY B 17 25.03 42.56 -48.95
C GLY B 17 25.47 41.10 -48.87
N PRO B 18 25.39 40.34 -49.96
CA PRO B 18 25.56 38.90 -49.86
C PRO B 18 26.96 38.45 -49.42
N GLY B 19 28.03 38.97 -50.06
CA GLY B 19 29.39 38.58 -49.74
C GLY B 19 29.67 38.62 -48.24
N PRO B 20 29.43 39.77 -47.58
CA PRO B 20 29.65 39.84 -46.14
C PRO B 20 28.83 38.82 -45.35
N HIS B 21 27.62 38.53 -45.82
CA HIS B 21 26.75 37.60 -45.14
C HIS B 21 27.32 36.18 -45.22
N ALA B 22 27.71 35.76 -46.42
CA ALA B 22 28.34 34.47 -46.64
C ALA B 22 29.60 34.33 -45.77
N ALA B 23 30.40 35.40 -45.76
CA ALA B 23 31.64 35.41 -45.02
C ALA B 23 31.35 35.23 -43.54
N MET B 24 30.31 35.92 -43.06
CA MET B 24 29.84 35.81 -41.69
C MET B 24 29.51 34.37 -41.32
N ILE B 25 28.74 33.67 -42.14
CA ILE B 25 28.28 32.35 -41.75
C ILE B 25 29.49 31.41 -41.70
N LEU B 26 30.45 31.62 -42.61
CA LEU B 26 31.67 30.83 -42.60
C LEU B 26 32.40 31.01 -41.29
N GLY B 27 32.62 32.28 -40.92
CA GLY B 27 33.15 32.65 -39.63
C GLY B 27 32.39 31.99 -38.48
N ASP B 28 31.06 32.04 -38.55
CA ASP B 28 30.20 31.59 -37.48
C ASP B 28 30.49 30.11 -37.19
N LEU B 29 30.67 29.35 -38.26
CA LEU B 29 30.93 27.92 -38.24
C LEU B 29 32.43 27.60 -38.06
N GLY B 30 33.20 28.62 -37.64
CA GLY B 30 34.54 28.47 -37.11
C GLY B 30 35.64 28.65 -38.16
N ALA B 31 35.31 29.13 -39.35
CA ALA B 31 36.32 29.40 -40.34
C ALA B 31 37.10 30.65 -39.97
N ASP B 32 38.34 30.67 -40.50
CA ASP B 32 39.28 31.75 -40.32
C ASP B 32 39.06 32.72 -41.49
N VAL B 33 38.47 33.87 -41.16
CA VAL B 33 37.99 34.79 -42.17
C VAL B 33 38.80 36.08 -42.07
N VAL B 34 39.48 36.40 -43.18
CA VAL B 34 40.23 37.64 -43.20
C VAL B 34 39.62 38.57 -44.24
N ARG B 35 39.21 39.74 -43.74
CA ARG B 35 38.48 40.68 -44.58
C ARG B 35 39.41 41.83 -44.95
N ILE B 36 39.70 41.94 -46.27
CA ILE B 36 40.44 43.06 -46.83
C ILE B 36 39.46 44.19 -47.19
N ASP B 37 39.58 45.29 -46.47
CA ASP B 37 38.88 46.52 -46.77
C ASP B 37 39.87 47.55 -47.32
N ARG B 38 39.34 48.73 -47.67
CA ARG B 38 40.17 49.81 -48.16
C ARG B 38 40.38 50.78 -47.00
N PRO B 39 41.58 51.41 -46.88
CA PRO B 39 41.90 52.20 -45.70
C PRO B 39 40.95 53.37 -45.50
N SER B 40 40.36 53.87 -46.60
CA SER B 40 39.51 55.05 -46.55
C SER B 40 38.26 54.80 -45.69
N SER B 41 37.60 53.65 -45.84
CA SER B 41 36.49 53.29 -44.97
C SER B 41 36.97 52.30 -43.90
N VAL B 42 37.47 52.86 -42.77
CA VAL B 42 37.85 52.11 -41.57
C VAL B 42 38.31 53.15 -40.53
N ASP B 43 37.54 53.30 -39.44
CA ASP B 43 37.58 54.47 -38.56
C ASP B 43 37.65 54.14 -37.06
N GLY B 44 37.66 52.85 -36.69
CA GLY B 44 37.48 52.41 -35.31
C GLY B 44 36.97 50.97 -35.27
N ILE B 45 36.59 50.48 -34.09
CA ILE B 45 35.93 49.18 -34.00
C ILE B 45 34.61 49.27 -34.78
N SER B 46 34.58 48.68 -35.99
CA SER B 46 33.42 48.70 -36.87
C SER B 46 32.20 48.16 -36.12
N ARG B 47 31.05 48.86 -36.22
CA ARG B 47 29.90 48.57 -35.37
C ARG B 47 28.75 47.94 -36.17
N ASP B 48 29.10 47.32 -37.32
CA ASP B 48 28.19 46.46 -38.06
C ASP B 48 28.41 45.01 -37.63
N ALA B 49 27.47 44.46 -36.84
CA ALA B 49 27.59 43.10 -36.30
C ALA B 49 27.60 42.02 -37.39
N MET B 50 27.31 42.35 -38.68
CA MET B 50 27.48 41.40 -39.78
C MET B 50 28.97 41.09 -40.04
N LEU B 51 29.87 41.87 -39.40
CA LEU B 51 31.31 41.73 -39.53
C LEU B 51 31.88 41.01 -38.31
N ARG B 52 31.02 40.30 -37.57
CA ARG B 52 31.46 39.40 -36.51
C ARG B 52 32.31 38.27 -37.10
N ASN B 53 33.13 37.63 -36.25
CA ASN B 53 33.92 36.47 -36.61
C ASN B 53 34.84 36.71 -37.81
N ARG B 54 35.52 37.86 -37.77
CA ARG B 54 36.42 38.29 -38.84
C ARG B 54 37.71 38.86 -38.25
N ARG B 55 38.82 38.80 -39.01
CA ARG B 55 39.89 39.77 -38.80
C ARG B 55 39.82 40.76 -39.96
N ILE B 56 39.77 42.05 -39.60
CA ILE B 56 39.73 43.15 -40.57
C ILE B 56 41.14 43.67 -40.81
N VAL B 57 41.58 43.65 -42.07
CA VAL B 57 42.82 44.32 -42.48
C VAL B 57 42.49 45.36 -43.53
N THR B 58 43.25 46.47 -43.56
CA THR B 58 43.16 47.43 -44.65
C THR B 58 44.31 47.19 -45.63
N ALA B 59 44.11 47.67 -46.86
CA ALA B 59 45.07 47.53 -47.94
C ALA B 59 44.52 48.19 -49.20
N ASP B 60 45.17 49.29 -49.65
CA ASP B 60 44.93 49.84 -50.98
C ASP B 60 45.28 48.78 -52.02
N LEU B 61 44.28 48.12 -52.61
CA LEU B 61 44.52 47.09 -53.60
C LEU B 61 44.93 47.70 -54.93
N LYS B 62 44.89 49.02 -55.06
CA LYS B 62 45.39 49.66 -56.27
C LYS B 62 46.91 49.88 -56.19
N SER B 63 47.50 49.89 -54.98
CA SER B 63 48.94 50.03 -54.83
C SER B 63 49.62 48.71 -55.20
N ASP B 64 50.93 48.76 -55.47
CA ASP B 64 51.67 47.56 -55.87
C ASP B 64 51.82 46.63 -54.67
N GLN B 65 52.01 47.26 -53.50
CA GLN B 65 52.30 46.56 -52.27
C GLN B 65 51.04 45.95 -51.65
N GLY B 66 49.92 46.69 -51.70
CA GLY B 66 48.62 46.17 -51.29
C GLY B 66 48.21 44.96 -52.14
N LEU B 67 48.41 45.03 -53.46
CA LEU B 67 48.16 43.89 -54.31
C LEU B 67 49.02 42.72 -53.82
N GLU B 68 50.33 42.97 -53.69
CA GLU B 68 51.27 41.90 -53.38
C GLU B 68 50.89 41.22 -52.06
N LEU B 69 50.66 42.05 -51.02
CA LEU B 69 50.24 41.59 -49.71
C LEU B 69 48.97 40.73 -49.80
N ALA B 70 48.04 41.06 -50.72
CA ALA B 70 46.78 40.37 -50.87
C ALA B 70 47.00 39.02 -51.54
N LEU B 71 47.83 38.99 -52.58
CA LEU B 71 48.13 37.73 -53.26
C LEU B 71 48.84 36.77 -52.31
N LYS B 72 49.55 37.28 -51.30
CA LYS B 72 50.19 36.43 -50.31
C LYS B 72 49.16 35.79 -49.38
N LEU B 73 48.18 36.58 -48.89
CA LEU B 73 47.01 36.02 -48.20
C LEU B 73 46.34 34.92 -49.04
N ILE B 74 46.06 35.21 -50.30
CA ILE B 74 45.25 34.31 -51.09
C ILE B 74 45.98 33.00 -51.32
N ALA B 75 47.31 33.10 -51.43
CA ALA B 75 48.16 31.93 -51.58
C ALA B 75 48.07 31.02 -50.36
N LYS B 76 47.83 31.60 -49.16
CA LYS B 76 47.75 30.85 -47.93
C LYS B 76 46.33 30.36 -47.59
N ALA B 77 45.35 30.47 -48.52
CA ALA B 77 43.92 30.40 -48.16
C ALA B 77 43.19 29.33 -48.94
N ASP B 78 41.98 28.99 -48.50
CA ASP B 78 41.16 28.01 -49.20
C ASP B 78 40.15 28.66 -50.15
N VAL B 79 39.61 29.78 -49.68
CA VAL B 79 38.48 30.41 -50.36
C VAL B 79 38.71 31.91 -50.46
N LEU B 80 38.42 32.43 -51.66
CA LEU B 80 38.34 33.87 -51.86
C LEU B 80 36.89 34.21 -52.19
N ILE B 81 36.37 35.21 -51.47
CA ILE B 81 35.07 35.78 -51.80
C ILE B 81 35.23 37.17 -52.38
N GLU B 82 34.62 37.44 -53.54
CA GLU B 82 34.50 38.82 -54.02
C GLU B 82 33.08 39.12 -54.49
N GLY B 83 32.64 40.34 -54.20
CA GLY B 83 31.29 40.77 -54.56
C GLY B 83 31.25 42.09 -55.35
N TYR B 84 32.16 42.23 -56.32
CA TYR B 84 32.22 43.43 -57.14
C TYR B 84 31.61 43.09 -58.50
N ARG B 85 31.42 44.12 -59.33
CA ARG B 85 30.97 43.88 -60.68
C ARG B 85 32.04 43.06 -61.36
N PRO B 86 31.66 42.26 -62.37
CA PRO B 86 32.63 41.55 -63.19
C PRO B 86 33.71 42.49 -63.73
N GLY B 87 34.93 41.97 -63.86
CA GLY B 87 36.04 42.73 -64.40
C GLY B 87 36.83 43.39 -63.28
N VAL B 88 36.16 43.65 -62.15
CA VAL B 88 36.80 44.46 -61.14
C VAL B 88 38.03 43.75 -60.57
N THR B 89 37.88 42.47 -60.15
CA THR B 89 39.02 41.82 -59.51
C THR B 89 40.11 41.63 -60.57
N GLU B 90 39.71 41.36 -61.82
CA GLU B 90 40.66 41.13 -62.90
C GLU B 90 41.60 42.34 -63.03
N ARG B 91 41.04 43.56 -63.05
CA ARG B 91 41.81 44.77 -63.21
C ARG B 91 42.65 45.03 -61.97
N LEU B 92 42.20 44.61 -60.79
CA LEU B 92 43.08 44.76 -59.65
C LEU B 92 44.29 43.83 -59.74
N GLY B 93 44.29 42.91 -60.71
CA GLY B 93 45.27 41.82 -60.74
C GLY B 93 44.95 40.74 -59.69
N LEU B 94 43.67 40.59 -59.32
CA LEU B 94 43.22 39.63 -58.33
C LEU B 94 42.20 38.68 -58.95
N GLY B 95 42.16 38.60 -60.27
CA GLY B 95 41.20 37.80 -61.00
C GLY B 95 41.45 36.31 -60.80
N PRO B 96 40.53 35.43 -61.26
CA PRO B 96 40.70 34.00 -61.06
C PRO B 96 42.03 33.48 -61.61
N GLU B 97 42.46 33.95 -62.78
CA GLU B 97 43.68 33.42 -63.35
C GLU B 97 44.91 33.88 -62.57
N GLU B 98 44.93 35.14 -62.12
CA GLU B 98 46.07 35.57 -61.32
C GLU B 98 46.17 34.74 -60.04
N CYS B 99 45.01 34.33 -59.50
CA CYS B 99 44.98 33.68 -58.20
C CYS B 99 45.43 32.23 -58.34
N ALA B 100 45.07 31.61 -59.45
CA ALA B 100 45.40 30.24 -59.79
C ALA B 100 46.92 30.06 -59.98
N LYS B 101 47.61 31.14 -60.31
CA LYS B 101 49.05 31.08 -60.44
C LYS B 101 49.65 30.86 -59.06
N VAL B 102 49.13 31.56 -58.03
CA VAL B 102 49.73 31.49 -56.71
C VAL B 102 49.06 30.42 -55.84
N ASN B 103 48.05 29.69 -56.36
CA ASN B 103 47.26 28.77 -55.54
C ASN B 103 46.19 28.10 -56.40
N ASP B 104 46.52 26.94 -56.96
CA ASP B 104 45.66 26.21 -57.88
C ASP B 104 44.54 25.47 -57.13
N ARG B 105 44.50 25.63 -55.80
CA ARG B 105 43.54 24.93 -54.96
C ARG B 105 42.43 25.86 -54.48
N LEU B 106 42.52 27.15 -54.81
CA LEU B 106 41.62 28.18 -54.31
C LEU B 106 40.19 27.95 -54.82
N ILE B 107 39.23 28.01 -53.91
CA ILE B 107 37.84 28.20 -54.31
C ILE B 107 37.62 29.70 -54.49
N TYR B 108 37.36 30.06 -55.76
CA TYR B 108 37.24 31.45 -56.18
C TYR B 108 35.76 31.80 -56.31
N ALA B 109 35.26 32.60 -55.35
CA ALA B 109 33.81 32.72 -55.16
C ALA B 109 33.33 34.13 -55.53
N ARG B 110 32.58 34.17 -56.63
CA ARG B 110 32.09 35.42 -57.21
C ARG B 110 30.60 35.62 -56.95
N MET B 111 30.28 36.68 -56.19
CA MET B 111 28.94 36.97 -55.74
C MET B 111 28.43 38.21 -56.49
N THR B 112 27.57 37.98 -57.47
CA THR B 112 26.91 39.08 -58.13
C THR B 112 25.39 38.95 -58.06
N GLY B 113 24.72 40.02 -58.53
CA GLY B 113 23.30 40.00 -58.75
C GLY B 113 22.96 39.41 -60.12
N TRP B 114 23.58 39.90 -61.19
CA TRP B 114 23.11 39.59 -62.53
C TRP B 114 23.92 38.47 -63.18
N GLY B 115 25.05 38.10 -62.57
CA GLY B 115 25.92 37.11 -63.17
C GLY B 115 27.18 37.74 -63.77
N GLN B 116 27.99 36.87 -64.40
CA GLN B 116 29.35 37.22 -64.80
C GLN B 116 29.37 37.86 -66.17
N THR B 117 28.38 37.50 -66.98
CA THR B 117 28.25 38.03 -68.32
C THR B 117 26.78 38.31 -68.58
N GLY B 118 26.51 38.85 -69.78
CA GLY B 118 25.15 39.11 -70.24
C GLY B 118 24.81 40.59 -70.16
N PRO B 119 23.70 41.00 -70.82
CA PRO B 119 23.42 42.41 -71.07
C PRO B 119 23.30 43.28 -69.82
N ARG B 120 23.04 42.66 -68.67
CA ARG B 120 22.81 43.44 -67.46
C ARG B 120 24.00 43.32 -66.54
N SER B 121 25.06 42.63 -66.97
CA SER B 121 26.14 42.26 -66.06
C SER B 121 26.90 43.46 -65.53
N GLN B 122 26.80 44.64 -66.16
CA GLN B 122 27.48 45.79 -65.58
C GLN B 122 26.50 46.77 -64.91
N GLN B 123 25.20 46.44 -64.89
CA GLN B 123 24.24 47.31 -64.25
C GLN B 123 24.37 47.21 -62.73
N ALA B 124 24.45 48.36 -62.07
CA ALA B 124 24.22 48.42 -60.63
C ALA B 124 22.82 47.89 -60.31
N GLY B 125 22.65 47.50 -59.04
CA GLY B 125 21.45 46.82 -58.61
C GLY B 125 21.46 46.57 -57.10
N HIS B 126 20.26 46.39 -56.56
CA HIS B 126 20.07 45.84 -55.25
C HIS B 126 19.07 44.68 -55.34
N ASP B 127 18.87 44.04 -54.18
CA ASP B 127 17.95 42.92 -54.00
C ASP B 127 16.70 43.17 -54.82
N ILE B 128 16.04 44.30 -54.57
CA ILE B 128 14.73 44.53 -55.19
C ILE B 128 14.82 44.39 -56.71
N ASN B 129 15.97 44.72 -57.30
CA ASN B 129 16.06 44.67 -58.76
C ASN B 129 16.23 43.23 -59.26
N TYR B 130 17.07 42.43 -58.57
CA TYR B 130 17.34 41.07 -59.03
C TYR B 130 16.05 40.26 -59.00
N ILE B 131 15.21 40.50 -57.98
CA ILE B 131 13.97 39.73 -57.84
C ILE B 131 12.84 40.32 -58.68
N SER B 132 13.01 41.51 -59.26
CA SER B 132 11.98 42.03 -60.15
C SER B 132 12.02 41.31 -61.49
N LEU B 133 13.19 40.80 -61.86
CA LEU B 133 13.35 40.35 -63.23
C LEU B 133 12.90 38.91 -63.41
N ASN B 134 12.77 38.13 -62.31
CA ASN B 134 12.61 36.70 -62.43
C ASN B 134 11.28 36.23 -61.84
N GLY B 135 10.33 37.15 -61.70
CA GLY B 135 8.97 36.77 -61.36
C GLY B 135 8.69 36.87 -59.86
N ILE B 136 9.73 36.91 -59.04
CA ILE B 136 9.55 36.75 -57.62
C ILE B 136 8.83 37.95 -57.02
N LEU B 137 9.29 39.17 -57.34
CA LEU B 137 8.76 40.34 -56.66
C LEU B 137 7.28 40.54 -57.03
N HIS B 138 6.92 40.24 -58.26
CA HIS B 138 5.57 40.44 -58.74
C HIS B 138 4.58 39.61 -57.91
N ALA B 139 5.08 38.50 -57.36
CA ALA B 139 4.22 37.56 -56.68
C ALA B 139 4.00 37.89 -55.21
N ILE B 140 4.64 38.97 -54.70
CA ILE B 140 4.61 39.21 -53.28
C ILE B 140 3.78 40.46 -52.93
N GLY B 141 2.76 40.28 -52.09
CA GLY B 141 1.93 41.37 -51.58
C GLY B 141 0.44 41.13 -51.82
N ARG B 142 -0.41 42.07 -51.44
CA ARG B 142 -1.84 41.95 -51.69
C ARG B 142 -2.18 42.25 -53.14
N GLY B 143 -3.29 41.67 -53.62
CA GLY B 143 -3.72 41.70 -55.00
C GLY B 143 -4.13 43.10 -55.47
N ASP B 144 -4.61 43.92 -54.55
CA ASP B 144 -5.18 45.20 -54.93
C ASP B 144 -4.11 46.29 -54.83
N GLU B 145 -2.83 45.93 -54.88
CA GLU B 145 -1.80 46.86 -54.45
C GLU B 145 -0.50 46.54 -55.14
N ARG B 146 0.43 47.47 -55.09
CA ARG B 146 1.67 47.23 -55.78
C ARG B 146 2.51 46.24 -54.98
N PRO B 147 3.39 45.49 -55.64
CA PRO B 147 4.21 44.51 -54.95
C PRO B 147 5.04 45.13 -53.84
N VAL B 148 5.29 44.33 -52.82
CA VAL B 148 5.99 44.82 -51.65
C VAL B 148 7.31 44.04 -51.55
N PRO B 149 8.44 44.72 -51.31
CA PRO B 149 9.70 44.01 -51.16
C PRO B 149 9.72 43.23 -49.86
N PRO B 150 10.07 41.93 -49.91
CA PRO B 150 10.27 41.14 -48.70
C PRO B 150 11.63 41.42 -48.10
N LEU B 151 11.75 42.62 -47.55
CA LEU B 151 13.04 43.19 -47.19
C LEU B 151 14.02 42.81 -48.28
N ASN B 152 15.29 42.57 -47.90
CA ASN B 152 16.28 42.04 -48.82
C ASN B 152 16.61 40.59 -48.50
N LEU B 153 15.61 39.84 -48.05
CA LEU B 153 15.84 38.48 -47.57
C LEU B 153 15.98 37.50 -48.71
N VAL B 154 15.37 37.80 -49.86
CA VAL B 154 15.22 36.79 -50.89
C VAL B 154 16.33 36.83 -51.94
N GLY B 155 16.76 38.02 -52.36
CA GLY B 155 17.79 38.12 -53.38
C GLY B 155 19.19 38.09 -52.76
N ASP B 156 19.42 38.93 -51.74
CA ASP B 156 20.75 39.03 -51.13
C ASP B 156 21.07 37.75 -50.38
N PHE B 157 20.19 37.34 -49.47
CA PHE B 157 20.56 36.31 -48.50
C PHE B 157 20.11 34.93 -48.97
N GLY B 158 18.79 34.71 -49.03
CA GLY B 158 18.23 33.43 -49.41
C GLY B 158 18.71 32.93 -50.78
N GLY B 159 18.63 33.80 -51.79
CA GLY B 159 18.99 33.41 -53.15
C GLY B 159 20.41 33.87 -53.54
N GLY B 160 21.15 34.39 -52.56
CA GLY B 160 22.39 35.09 -52.81
C GLY B 160 23.51 34.52 -51.94
N SER B 161 23.68 35.02 -50.71
CA SER B 161 24.75 34.52 -49.85
C SER B 161 24.62 33.00 -49.71
N MET B 162 23.40 32.48 -49.64
CA MET B 162 23.25 31.08 -49.26
C MET B 162 23.71 30.16 -50.39
N PHE B 163 23.48 30.57 -51.65
CA PHE B 163 23.97 29.80 -52.78
C PHE B 163 25.49 29.99 -52.92
N LEU B 164 26.00 31.18 -52.61
CA LEU B 164 27.44 31.32 -52.59
C LEU B 164 28.02 30.26 -51.62
N LEU B 165 27.44 30.11 -50.41
CA LEU B 165 27.89 29.15 -49.40
C LEU B 165 27.77 27.71 -49.90
N VAL B 166 26.62 27.35 -50.46
CA VAL B 166 26.46 26.02 -51.00
C VAL B 166 27.51 25.75 -52.07
N GLY B 167 27.87 26.77 -52.86
CA GLY B 167 28.89 26.60 -53.91
C GLY B 167 30.31 26.51 -53.31
N ILE B 168 30.63 27.35 -52.36
CA ILE B 168 31.95 27.28 -51.75
C ILE B 168 32.16 25.88 -51.15
N LEU B 169 31.11 25.33 -50.49
CA LEU B 169 31.32 24.11 -49.71
C LEU B 169 31.22 22.89 -50.61
N ALA B 170 30.39 22.93 -51.65
CA ALA B 170 30.38 21.86 -52.62
C ALA B 170 31.69 21.80 -53.40
N ALA B 171 32.30 22.97 -53.65
CA ALA B 171 33.54 22.98 -54.40
C ALA B 171 34.66 22.40 -53.54
N LEU B 172 34.64 22.67 -52.23
CA LEU B 172 35.61 22.11 -51.29
C LEU B 172 35.52 20.58 -51.25
N TRP B 173 34.30 20.04 -51.33
CA TRP B 173 34.09 18.61 -51.40
C TRP B 173 34.66 18.04 -52.70
N GLU B 174 34.37 18.68 -53.85
CA GLU B 174 34.89 18.23 -55.13
C GLU B 174 36.43 18.24 -55.12
N ARG B 175 37.04 19.22 -54.44
CA ARG B 175 38.48 19.43 -54.37
C ARG B 175 39.17 18.31 -53.62
N GLN B 176 38.46 17.76 -52.63
CA GLN B 176 38.93 16.64 -51.83
C GLN B 176 39.33 15.47 -52.73
N SER B 177 38.70 15.36 -53.89
CA SER B 177 38.96 14.24 -54.77
C SER B 177 39.69 14.67 -56.05
N SER B 178 39.81 15.97 -56.33
CA SER B 178 40.40 16.37 -57.60
C SER B 178 41.74 17.08 -57.38
N GLY B 179 41.99 17.50 -56.13
CA GLY B 179 43.19 18.23 -55.77
C GLY B 179 43.15 19.71 -56.13
N LYS B 180 42.04 20.16 -56.74
CA LYS B 180 41.96 21.43 -57.45
C LYS B 180 40.79 22.31 -56.98
N GLY B 181 41.03 23.64 -56.94
CA GLY B 181 39.98 24.62 -56.77
C GLY B 181 39.21 24.85 -58.08
N GLN B 182 38.36 25.90 -58.11
CA GLN B 182 37.62 26.30 -59.30
C GLN B 182 36.80 27.56 -58.96
N VAL B 183 36.00 28.03 -59.94
CA VAL B 183 35.29 29.29 -59.76
C VAL B 183 33.80 29.00 -59.53
N VAL B 184 33.27 29.66 -58.50
CA VAL B 184 31.85 29.62 -58.19
C VAL B 184 31.23 30.96 -58.59
N ASP B 185 30.34 30.90 -59.59
CA ASP B 185 29.59 32.06 -60.06
C ASP B 185 28.18 31.98 -59.47
N ALA B 186 27.99 32.74 -58.39
CA ALA B 186 26.71 32.83 -57.68
C ALA B 186 26.05 34.16 -58.02
N ALA B 187 25.00 34.04 -58.84
CA ALA B 187 24.18 35.17 -59.24
C ALA B 187 22.83 35.14 -58.52
N MET B 188 22.47 36.27 -57.90
CA MET B 188 21.24 36.39 -57.13
C MET B 188 20.03 36.09 -58.00
N VAL B 189 20.11 36.45 -59.29
CA VAL B 189 18.96 36.22 -60.13
C VAL B 189 18.74 34.72 -60.36
N ASP B 190 19.81 33.93 -60.29
CA ASP B 190 19.77 32.48 -60.42
C ASP B 190 19.38 31.79 -59.09
N GLY B 191 20.11 32.08 -58.03
CA GLY B 191 19.86 31.51 -56.71
C GLY B 191 18.40 31.73 -56.28
N SER B 192 17.91 32.97 -56.45
CA SER B 192 16.56 33.25 -55.99
C SER B 192 15.58 32.46 -56.85
N SER B 193 15.91 32.18 -58.13
CA SER B 193 14.99 31.39 -58.95
C SER B 193 14.92 29.93 -58.47
N VAL B 194 16.03 29.41 -57.97
CA VAL B 194 16.05 28.05 -57.46
C VAL B 194 15.32 28.06 -56.14
N LEU B 195 15.49 29.14 -55.40
CA LEU B 195 14.87 29.29 -54.09
C LEU B 195 13.35 29.18 -54.23
N ILE B 196 12.82 29.65 -55.38
CA ILE B 196 11.39 29.68 -55.64
C ILE B 196 11.00 28.58 -56.63
N GLN B 197 11.80 27.51 -56.69
CA GLN B 197 11.49 26.43 -57.63
C GLN B 197 10.09 25.83 -57.41
N MET B 198 9.65 25.75 -56.15
CA MET B 198 8.33 25.19 -55.83
C MET B 198 7.20 25.92 -56.59
N MET B 199 7.28 27.25 -56.72
CA MET B 199 6.28 27.97 -57.48
C MET B 199 6.37 27.62 -58.96
N TRP B 200 7.57 27.49 -59.51
CA TRP B 200 7.66 27.16 -60.92
C TRP B 200 7.07 25.77 -61.17
N ALA B 201 7.23 24.84 -60.21
CA ALA B 201 6.69 23.48 -60.31
C ALA B 201 5.16 23.54 -60.30
N MET B 202 4.63 24.18 -59.25
CA MET B 202 3.21 24.39 -59.11
C MET B 202 2.61 25.10 -60.31
N ARG B 203 3.33 26.02 -60.98
CA ARG B 203 2.73 26.72 -62.12
C ARG B 203 2.57 25.73 -63.25
N ALA B 204 3.53 24.82 -63.42
CA ALA B 204 3.48 23.83 -64.50
C ALA B 204 2.30 22.87 -64.33
N THR B 205 1.97 22.49 -63.10
CA THR B 205 0.81 21.63 -62.85
C THR B 205 -0.46 22.45 -62.61
N GLY B 206 -0.54 23.69 -63.11
CA GLY B 206 -1.71 24.54 -62.94
C GLY B 206 -2.08 24.85 -61.49
N MET B 207 -1.17 24.75 -60.51
CA MET B 207 -1.50 24.96 -59.10
C MET B 207 -1.01 26.31 -58.57
N TRP B 208 -0.47 27.15 -59.44
CA TRP B 208 -0.07 28.48 -59.03
C TRP B 208 -0.45 29.41 -60.18
N THR B 209 -1.03 30.59 -59.92
CA THR B 209 -1.22 31.59 -60.98
C THR B 209 -0.34 32.83 -60.74
N ASP B 210 -0.19 33.59 -61.83
CA ASP B 210 0.53 34.84 -61.82
C ASP B 210 -0.26 35.99 -61.20
N THR B 211 -1.55 35.78 -60.86
CA THR B 211 -2.32 36.77 -60.11
C THR B 211 -1.77 36.87 -58.68
N ARG B 212 -1.39 38.08 -58.27
CA ARG B 212 -0.90 38.31 -56.92
C ARG B 212 -2.07 38.20 -55.96
N GLY B 213 -1.85 37.54 -54.82
CA GLY B 213 -2.85 37.49 -53.77
C GLY B 213 -3.93 36.43 -54.02
N ALA B 214 -3.74 35.54 -55.00
CA ALA B 214 -4.75 34.55 -55.35
C ALA B 214 -4.23 33.10 -55.23
N ASN B 215 -3.31 32.84 -54.29
CA ASN B 215 -2.61 31.55 -54.26
C ASN B 215 -2.60 30.99 -52.84
N MET B 216 -2.19 29.73 -52.74
CA MET B 216 -2.19 29.05 -51.44
C MET B 216 -1.23 29.71 -50.44
N LEU B 217 -0.07 30.19 -50.92
CA LEU B 217 1.00 30.56 -50.02
C LEU B 217 1.33 32.06 -50.11
N ASP B 218 0.51 32.86 -50.78
CA ASP B 218 0.84 34.26 -51.03
C ASP B 218 -0.02 35.20 -50.20
N GLY B 219 -0.95 34.63 -49.42
CA GLY B 219 -1.77 35.41 -48.53
C GLY B 219 -3.22 35.35 -48.98
N GLY B 220 -3.41 34.84 -50.20
CA GLY B 220 -4.74 34.65 -50.76
C GLY B 220 -5.57 33.58 -50.07
N ALA B 221 -4.96 32.58 -49.43
CA ALA B 221 -5.73 31.54 -48.80
C ALA B 221 -6.07 31.97 -47.39
N PRO B 222 -7.36 31.88 -46.97
CA PRO B 222 -7.76 32.32 -45.65
C PRO B 222 -7.10 31.55 -44.50
N TYR B 223 -6.64 30.34 -44.83
CA TYR B 223 -5.98 29.51 -43.85
C TYR B 223 -4.45 29.63 -43.93
N TYR B 224 -3.92 30.51 -44.78
CA TYR B 224 -2.48 30.80 -44.78
C TYR B 224 -2.28 32.31 -44.94
N ASP B 225 -2.39 33.03 -43.81
CA ASP B 225 -2.37 34.49 -43.85
C ASP B 225 -2.26 34.96 -42.42
N THR B 226 -2.09 36.27 -42.23
CA THR B 226 -2.18 36.86 -40.92
C THR B 226 -3.59 37.42 -40.70
N TYR B 227 -3.94 37.58 -39.42
CA TYR B 227 -5.25 38.07 -39.01
C TYR B 227 -4.99 39.07 -37.91
N GLU B 228 -5.74 40.15 -37.94
CA GLU B 228 -5.64 41.16 -36.89
C GLU B 228 -6.56 40.77 -35.73
N CYS B 229 -6.09 40.98 -34.50
CA CYS B 229 -6.76 40.53 -33.31
C CYS B 229 -7.34 41.76 -32.63
N ALA B 230 -7.98 41.57 -31.46
CA ALA B 230 -8.75 42.61 -30.81
C ALA B 230 -7.85 43.74 -30.34
N ASP B 231 -6.59 43.46 -30.05
CA ASP B 231 -5.67 44.46 -29.56
C ASP B 231 -4.89 45.11 -30.71
N GLY B 232 -5.20 44.79 -31.95
CA GLY B 232 -4.52 45.41 -33.08
C GLY B 232 -3.21 44.69 -33.42
N ARG B 233 -2.85 43.64 -32.65
CA ARG B 233 -1.68 42.83 -32.96
C ARG B 233 -2.17 41.69 -33.85
N TYR B 234 -1.27 40.80 -34.25
CA TYR B 234 -1.60 39.84 -35.30
C TYR B 234 -1.27 38.41 -34.87
N VAL B 235 -2.00 37.47 -35.47
CA VAL B 235 -1.59 36.08 -35.49
C VAL B 235 -1.36 35.64 -36.93
N ALA B 236 -0.58 34.57 -37.04
CA ALA B 236 -0.39 33.91 -38.31
C ALA B 236 -1.07 32.54 -38.28
N VAL B 237 -1.79 32.25 -39.35
CA VAL B 237 -2.45 30.99 -39.57
C VAL B 237 -1.82 30.34 -40.78
N GLY B 238 -1.43 29.05 -40.61
CA GLY B 238 -0.78 28.27 -41.66
C GLY B 238 -1.29 26.84 -41.69
N ALA B 239 -2.62 26.71 -41.49
CA ALA B 239 -3.27 25.41 -41.35
C ALA B 239 -3.67 24.85 -42.70
N ILE B 240 -2.66 24.47 -43.47
CA ILE B 240 -2.87 23.93 -44.81
C ILE B 240 -3.57 22.56 -44.72
N GLU B 241 -3.02 21.66 -43.88
CA GLU B 241 -3.55 20.30 -43.75
C GLU B 241 -4.95 20.37 -43.15
N PRO B 242 -5.92 19.65 -43.75
CA PRO B 242 -7.32 19.69 -43.29
C PRO B 242 -7.51 19.41 -41.80
N GLN B 243 -6.70 18.47 -41.27
CA GLN B 243 -6.77 18.12 -39.86
C GLN B 243 -6.33 19.32 -39.02
N PHE B 244 -5.25 20.00 -39.42
CA PHE B 244 -4.81 21.15 -38.65
C PHE B 244 -5.87 22.24 -38.77
N TYR B 245 -6.45 22.40 -39.98
CA TYR B 245 -7.49 23.41 -40.24
C TYR B 245 -8.70 23.18 -39.33
N ALA B 246 -9.17 21.94 -39.24
CA ALA B 246 -10.29 21.61 -38.37
C ALA B 246 -10.03 22.01 -36.92
N ALA B 247 -8.76 21.87 -36.48
CA ALA B 247 -8.48 22.09 -35.07
C ALA B 247 -8.54 23.58 -34.80
N MET B 248 -8.11 24.33 -35.80
CA MET B 248 -8.14 25.78 -35.76
C MET B 248 -9.60 26.27 -35.63
N LEU B 249 -10.49 25.76 -36.51
CA LEU B 249 -11.89 26.17 -36.46
C LEU B 249 -12.51 25.91 -35.08
N ALA B 250 -12.31 24.71 -34.53
CA ALA B 250 -12.83 24.37 -33.20
C ALA B 250 -12.32 25.36 -32.18
N GLY B 251 -11.03 25.68 -32.27
CA GLY B 251 -10.45 26.61 -31.32
C GLY B 251 -10.97 28.04 -31.49
N LEU B 252 -11.36 28.40 -32.71
CA LEU B 252 -11.99 29.69 -32.95
C LEU B 252 -13.43 29.69 -32.46
N GLY B 253 -14.00 28.51 -32.30
CA GLY B 253 -15.37 28.42 -31.85
C GLY B 253 -16.33 28.36 -33.01
N LEU B 254 -15.85 27.87 -34.16
CA LEU B 254 -16.60 27.93 -35.39
C LEU B 254 -16.98 26.52 -35.79
N ASP B 255 -18.24 26.38 -36.15
CA ASP B 255 -18.74 25.08 -36.51
C ASP B 255 -18.45 24.92 -38.00
N ALA B 256 -17.60 23.94 -38.34
CA ALA B 256 -17.21 23.70 -39.72
C ALA B 256 -18.42 23.60 -40.65
N ALA B 257 -19.59 23.14 -40.15
CA ALA B 257 -20.78 22.96 -40.98
C ALA B 257 -21.34 24.27 -41.57
N GLU B 258 -21.26 25.39 -40.84
CA GLU B 258 -21.70 26.71 -41.29
C GLU B 258 -20.68 27.43 -42.19
N LEU B 259 -19.57 26.79 -42.55
CA LEU B 259 -18.55 27.48 -43.31
C LEU B 259 -18.51 26.95 -44.73
N PRO B 260 -18.03 27.73 -45.70
CA PRO B 260 -17.67 27.17 -46.98
C PRO B 260 -16.53 26.14 -46.85
N PRO B 261 -16.32 25.24 -47.82
CA PRO B 261 -15.19 24.33 -47.79
C PRO B 261 -13.84 25.06 -47.83
N GLN B 262 -12.85 24.41 -47.17
CA GLN B 262 -11.55 25.03 -46.91
C GLN B 262 -10.92 25.52 -48.22
N ASN B 263 -11.09 24.73 -49.27
CA ASN B 263 -10.42 24.95 -50.53
C ASN B 263 -11.41 25.28 -51.64
N ASP B 264 -12.60 25.79 -51.32
CA ASP B 264 -13.46 26.33 -52.37
C ASP B 264 -13.10 27.80 -52.57
N ARG B 265 -12.26 28.06 -53.57
CA ARG B 265 -11.58 29.34 -53.73
C ARG B 265 -12.57 30.44 -54.07
N ALA B 266 -13.64 30.10 -54.77
CA ALA B 266 -14.68 31.06 -55.06
C ALA B 266 -15.30 31.59 -53.77
N ARG B 267 -15.30 30.80 -52.69
CA ARG B 267 -15.91 31.24 -51.46
C ARG B 267 -14.87 31.71 -50.44
N TRP B 268 -13.62 31.86 -50.88
CA TRP B 268 -12.57 32.30 -49.98
C TRP B 268 -12.90 33.65 -49.34
N PRO B 269 -13.38 34.66 -50.10
CA PRO B 269 -13.74 35.94 -49.48
C PRO B 269 -14.71 35.77 -48.31
N GLU B 270 -15.68 34.88 -48.49
CA GLU B 270 -16.68 34.59 -47.47
C GLU B 270 -16.06 33.92 -46.24
N LEU B 271 -15.25 32.88 -46.48
CA LEU B 271 -14.54 32.21 -45.39
C LEU B 271 -13.66 33.19 -44.61
N ARG B 272 -12.91 34.02 -45.33
CA ARG B 272 -12.02 34.97 -44.70
C ARG B 272 -12.80 35.94 -43.82
N ALA B 273 -13.98 36.40 -44.27
CA ALA B 273 -14.76 37.33 -43.46
C ALA B 273 -15.16 36.69 -42.13
N LEU B 274 -15.48 35.40 -42.19
CA LEU B 274 -15.86 34.67 -40.97
C LEU B 274 -14.67 34.45 -40.04
N LEU B 275 -13.51 34.10 -40.60
CA LEU B 275 -12.31 33.96 -39.77
C LEU B 275 -11.85 35.32 -39.23
N THR B 276 -11.97 36.37 -40.05
CA THR B 276 -11.58 37.70 -39.60
C THR B 276 -12.37 38.11 -38.36
N GLU B 277 -13.68 37.88 -38.39
CA GLU B 277 -14.53 38.25 -37.26
C GLU B 277 -14.18 37.43 -36.01
N ALA B 278 -13.91 36.13 -36.19
CA ALA B 278 -13.53 35.29 -35.06
C ALA B 278 -12.20 35.75 -34.44
N PHE B 279 -11.15 35.95 -35.24
CA PHE B 279 -9.86 36.32 -34.65
C PHE B 279 -9.92 37.69 -34.01
N ALA B 280 -10.84 38.55 -34.48
CA ALA B 280 -10.84 39.94 -34.02
C ALA B 280 -11.46 40.05 -32.64
N SER B 281 -12.10 38.97 -32.18
CA SER B 281 -12.90 38.99 -30.97
C SER B 281 -12.05 38.76 -29.71
N HIS B 282 -10.80 38.28 -29.84
CA HIS B 282 -9.85 38.27 -28.72
C HIS B 282 -8.47 38.77 -29.16
N ASP B 283 -7.62 39.05 -28.18
CA ASP B 283 -6.32 39.61 -28.42
C ASP B 283 -5.31 38.52 -28.79
N ARG B 284 -4.14 38.97 -29.23
CA ARG B 284 -3.13 38.06 -29.78
C ARG B 284 -2.70 37.03 -28.74
N ASP B 285 -2.50 37.47 -27.51
CA ASP B 285 -1.90 36.61 -26.50
C ASP B 285 -2.89 35.53 -26.08
N HIS B 286 -4.18 35.89 -26.04
CA HIS B 286 -5.26 34.92 -25.91
C HIS B 286 -5.13 33.79 -26.92
N TRP B 287 -4.95 34.11 -28.22
CA TRP B 287 -4.89 33.05 -29.21
C TRP B 287 -3.63 32.22 -29.01
N GLY B 288 -2.53 32.87 -28.56
CA GLY B 288 -1.27 32.19 -28.32
C GLY B 288 -1.42 31.10 -27.25
N ALA B 289 -2.13 31.47 -26.18
CA ALA B 289 -2.47 30.56 -25.11
C ALA B 289 -3.41 29.44 -25.54
N VAL B 290 -4.60 29.78 -26.07
CA VAL B 290 -5.54 28.82 -26.65
C VAL B 290 -4.89 27.78 -27.55
N PHE B 291 -3.96 28.18 -28.44
CA PHE B 291 -3.42 27.23 -29.41
C PHE B 291 -2.04 26.69 -29.00
N ALA B 292 -1.57 26.99 -27.79
CA ALA B 292 -0.36 26.33 -27.32
C ALA B 292 -0.57 24.82 -27.28
N ASN B 293 0.43 24.10 -27.83
CA ASN B 293 0.49 22.65 -27.84
C ASN B 293 -0.47 22.07 -28.87
N SER B 294 -1.04 22.89 -29.76
CA SER B 294 -1.90 22.36 -30.81
C SER B 294 -1.23 22.30 -32.17
N ASP B 295 -1.84 21.52 -33.03
CA ASP B 295 -1.51 21.45 -34.43
C ASP B 295 -2.36 22.40 -35.28
N ALA B 296 -2.96 23.42 -34.68
CA ALA B 296 -3.83 24.33 -35.41
C ALA B 296 -3.06 25.31 -36.33
N CYS B 297 -1.73 25.42 -36.14
CA CYS B 297 -0.84 26.26 -36.92
C CYS B 297 -1.23 27.73 -36.81
N VAL B 298 -1.36 28.18 -35.57
CA VAL B 298 -1.71 29.56 -35.27
C VAL B 298 -0.64 30.04 -34.29
N THR B 299 0.08 31.12 -34.62
CA THR B 299 1.17 31.57 -33.77
C THR B 299 1.11 33.08 -33.69
N PRO B 300 1.51 33.66 -32.54
CA PRO B 300 1.56 35.10 -32.44
C PRO B 300 2.63 35.66 -33.38
N VAL B 301 2.34 36.83 -33.97
CA VAL B 301 3.28 37.49 -34.84
C VAL B 301 4.01 38.52 -34.00
N LEU B 302 5.25 38.22 -33.61
CA LEU B 302 6.01 39.05 -32.68
C LEU B 302 6.83 40.07 -33.45
N ALA B 303 6.88 41.29 -32.93
CA ALA B 303 7.83 42.28 -33.37
C ALA B 303 9.23 41.95 -32.85
N PHE B 304 10.27 42.42 -33.52
CA PHE B 304 11.64 42.15 -33.10
C PHE B 304 11.81 42.32 -31.59
N GLY B 305 11.29 43.43 -31.05
CA GLY B 305 11.51 43.79 -29.66
C GLY B 305 10.86 42.84 -28.63
N GLU B 306 9.99 41.92 -29.08
CA GLU B 306 9.29 40.99 -28.19
C GLU B 306 9.90 39.60 -28.25
N VAL B 307 10.81 39.37 -29.21
CA VAL B 307 11.26 38.02 -29.46
C VAL B 307 12.05 37.47 -28.27
N HIS B 308 12.79 38.34 -27.57
CA HIS B 308 13.57 37.93 -26.42
C HIS B 308 12.68 37.50 -25.24
N ASN B 309 11.37 37.76 -25.27
CA ASN B 309 10.48 37.32 -24.22
C ASN B 309 9.71 36.04 -24.56
N GLU B 310 10.00 35.39 -25.69
CA GLU B 310 9.21 34.24 -26.10
C GLU B 310 9.85 32.97 -25.57
N PRO B 311 9.15 32.15 -24.74
CA PRO B 311 9.77 30.96 -24.15
C PRO B 311 10.56 30.12 -25.16
N HIS B 312 9.97 29.81 -26.31
CA HIS B 312 10.65 28.87 -27.20
C HIS B 312 11.96 29.43 -27.76
N ILE B 313 12.05 30.75 -27.85
CA ILE B 313 13.25 31.43 -28.30
C ILE B 313 14.31 31.43 -27.19
N ILE B 314 13.90 31.77 -25.96
CA ILE B 314 14.80 31.85 -24.84
C ILE B 314 15.44 30.47 -24.63
N GLU B 315 14.63 29.42 -24.61
CA GLU B 315 15.10 28.12 -24.16
C GLU B 315 15.99 27.43 -25.17
N ARG B 316 15.95 27.81 -26.45
CA ARG B 316 16.85 27.20 -27.41
C ARG B 316 18.06 28.10 -27.66
N ASN B 317 18.15 29.23 -26.95
CA ASN B 317 19.23 30.16 -27.20
C ASN B 317 19.37 30.49 -28.68
N THR B 318 18.29 30.91 -29.36
CA THR B 318 18.38 31.20 -30.78
C THR B 318 19.20 32.48 -30.96
N PHE B 319 19.18 33.31 -29.90
CA PHE B 319 19.86 34.61 -29.83
C PHE B 319 20.88 34.61 -28.70
N TYR B 320 21.84 35.54 -28.76
CA TYR B 320 22.73 35.88 -27.66
C TYR B 320 22.67 37.39 -27.50
N GLU B 321 22.92 37.91 -26.30
CA GLU B 321 22.99 39.34 -26.08
C GLU B 321 24.32 39.86 -26.62
N ALA B 322 24.34 41.09 -27.12
CA ALA B 322 25.61 41.73 -27.49
C ALA B 322 25.47 43.23 -27.23
N ASN B 323 26.52 44.00 -27.59
CA ASN B 323 26.41 45.36 -28.09
C ASN B 323 25.13 46.07 -27.63
N GLY B 324 24.31 46.54 -28.58
CA GLY B 324 23.04 47.19 -28.27
C GLY B 324 22.00 46.19 -27.79
N GLY B 325 21.87 45.05 -28.51
CA GLY B 325 20.98 44.00 -28.08
C GLY B 325 21.28 42.67 -28.77
N TRP B 326 20.18 41.96 -29.04
CA TRP B 326 20.23 40.56 -29.44
C TRP B 326 20.68 40.40 -30.89
N GLN B 327 21.36 39.28 -31.14
CA GLN B 327 21.79 38.87 -32.46
C GLN B 327 21.56 37.38 -32.52
N PRO B 328 21.30 36.82 -33.72
CA PRO B 328 21.10 35.39 -33.88
C PRO B 328 22.38 34.60 -33.68
N MET B 329 22.27 33.49 -32.93
CA MET B 329 23.35 32.54 -32.79
C MET B 329 23.53 31.85 -34.12
N PRO B 330 24.75 31.31 -34.39
CA PRO B 330 25.01 30.59 -35.63
C PRO B 330 23.95 29.55 -35.92
N ALA B 331 23.76 29.30 -37.21
CA ALA B 331 22.93 28.21 -37.68
C ALA B 331 23.60 27.57 -38.88
N PRO B 332 23.34 26.27 -39.16
CA PRO B 332 22.57 25.41 -38.28
C PRO B 332 23.42 24.97 -37.07
N ARG B 333 22.95 23.98 -36.31
CA ARG B 333 23.67 23.48 -35.15
C ARG B 333 24.26 22.08 -35.42
N PHE B 334 25.39 21.78 -34.74
CA PHE B 334 26.16 20.56 -34.99
C PHE B 334 26.32 19.76 -33.68
N SER B 335 26.16 18.42 -33.73
CA SER B 335 26.18 17.67 -32.48
C SER B 335 27.59 17.60 -31.90
N ARG B 336 28.59 17.24 -32.74
CA ARG B 336 29.96 17.02 -32.28
C ARG B 336 30.76 18.34 -32.28
N THR B 337 30.86 19.03 -33.43
CA THR B 337 31.69 20.23 -33.52
C THR B 337 30.83 21.47 -33.55
N ALA B 338 30.43 21.91 -32.36
CA ALA B 338 29.44 22.95 -32.20
C ALA B 338 30.09 24.30 -32.39
N SER B 339 29.40 25.18 -33.10
CA SER B 339 29.79 26.57 -33.17
C SER B 339 29.79 27.16 -31.76
N SER B 340 30.48 28.29 -31.59
CA SER B 340 30.46 29.01 -30.34
C SER B 340 29.90 30.39 -30.62
N GLN B 341 29.65 31.12 -29.55
CA GLN B 341 29.18 32.47 -29.65
C GLN B 341 30.11 33.31 -30.52
N PRO B 342 29.58 34.09 -31.49
CA PRO B 342 30.41 34.95 -32.32
C PRO B 342 31.28 35.94 -31.55
N ARG B 343 32.49 36.14 -32.07
CA ARG B 343 33.37 37.19 -31.61
C ARG B 343 32.96 38.51 -32.26
N PRO B 344 32.78 39.62 -31.50
CA PRO B 344 32.52 40.92 -32.10
C PRO B 344 33.61 41.31 -33.09
N PRO B 345 33.36 42.31 -33.96
CA PRO B 345 34.39 42.77 -34.87
C PRO B 345 35.44 43.57 -34.08
N ALA B 346 36.70 43.13 -34.20
CA ALA B 346 37.80 43.66 -33.41
C ALA B 346 38.45 44.83 -34.15
N ALA B 347 39.40 45.50 -33.51
CA ALA B 347 40.15 46.57 -34.18
C ALA B 347 40.88 46.00 -35.40
N THR B 348 41.10 46.90 -36.38
CA THR B 348 41.89 46.60 -37.57
C THR B 348 43.20 45.97 -37.11
N ILE B 349 43.59 44.85 -37.72
CA ILE B 349 44.89 44.29 -37.48
C ILE B 349 45.71 44.42 -38.76
N ASP B 350 47.04 44.31 -38.63
CA ASP B 350 47.95 44.59 -39.72
C ASP B 350 48.17 43.29 -40.51
N ILE B 351 48.24 43.41 -41.83
CA ILE B 351 48.12 42.29 -42.74
C ILE B 351 49.35 41.38 -42.67
N GLU B 352 50.47 41.96 -42.24
CA GLU B 352 51.70 41.21 -41.97
C GLU B 352 51.48 40.22 -40.82
N ALA B 353 50.84 40.69 -39.73
CA ALA B 353 50.56 39.86 -38.56
C ALA B 353 49.88 38.58 -39.00
N VAL B 354 48.87 38.75 -39.87
CA VAL B 354 48.07 37.64 -40.36
C VAL B 354 48.96 36.68 -41.15
N LEU B 355 49.82 37.23 -42.01
CA LEU B 355 50.72 36.40 -42.77
C LEU B 355 51.65 35.60 -41.85
N THR B 356 52.09 36.20 -40.73
CA THR B 356 52.93 35.48 -39.77
C THR B 356 52.17 34.26 -39.26
N ASP B 357 51.00 34.52 -38.69
CA ASP B 357 50.04 33.51 -38.24
C ASP B 357 49.81 32.37 -39.25
N TRP B 358 49.66 32.66 -40.54
CA TRP B 358 49.43 31.62 -41.53
C TRP B 358 50.75 31.10 -42.13
N ASP B 359 51.88 31.71 -41.71
CA ASP B 359 53.14 31.72 -42.45
C ASP B 359 52.89 31.52 -43.95
N MET C 1 -26.57 1.32 66.44
CA MET C 1 -26.07 2.58 65.82
C MET C 1 -27.20 3.60 65.74
N ALA C 2 -26.96 4.77 66.34
CA ALA C 2 -27.99 5.80 66.44
C ALA C 2 -28.12 6.56 65.12
N GLY C 3 -29.35 6.86 64.71
CA GLY C 3 -29.59 7.91 63.76
C GLY C 3 -30.51 7.44 62.64
N PRO C 4 -30.93 8.33 61.75
CA PRO C 4 -31.91 7.94 60.76
C PRO C 4 -31.44 6.88 59.75
N LEU C 5 -30.12 6.68 59.66
CA LEU C 5 -29.57 5.73 58.69
C LEU C 5 -28.99 4.50 59.40
N SER C 6 -29.44 4.21 60.62
CA SER C 6 -29.21 2.89 61.19
C SER C 6 -29.66 1.85 60.18
N GLY C 7 -28.77 0.90 59.87
CA GLY C 7 -29.09 -0.18 58.96
C GLY C 7 -28.51 -0.01 57.56
N LEU C 8 -28.28 1.22 57.09
CA LEU C 8 -27.66 1.42 55.78
C LEU C 8 -26.20 0.96 55.82
N ARG C 9 -25.81 0.21 54.79
CA ARG C 9 -24.47 -0.35 54.72
C ARG C 9 -23.71 0.29 53.56
N VAL C 10 -22.50 0.80 53.89
CA VAL C 10 -21.75 1.58 52.90
C VAL C 10 -20.33 1.04 52.73
N VAL C 11 -19.96 0.86 51.46
CA VAL C 11 -18.57 0.54 51.16
C VAL C 11 -17.89 1.75 50.51
N GLU C 12 -16.85 2.24 51.20
CA GLU C 12 -16.05 3.39 50.78
C GLU C 12 -14.68 2.97 50.25
N LEU C 13 -14.41 3.20 48.96
CA LEU C 13 -13.07 3.06 48.42
C LEU C 13 -12.27 4.33 48.69
N ALA C 14 -11.31 4.23 49.62
CA ALA C 14 -10.57 5.38 50.11
C ALA C 14 -10.06 6.26 48.97
N GLY C 15 -10.47 7.54 49.03
CA GLY C 15 -9.94 8.61 48.22
C GLY C 15 -9.67 9.82 49.11
N ILE C 16 -9.74 11.03 48.52
CA ILE C 16 -9.50 12.24 49.29
C ILE C 16 -10.61 13.24 48.97
N GLY C 17 -10.88 14.15 49.91
CA GLY C 17 -11.79 15.25 49.61
C GLY C 17 -13.25 14.86 49.77
N PRO C 18 -14.09 14.93 48.73
CA PRO C 18 -15.53 14.78 48.92
C PRO C 18 -15.97 13.39 49.36
N GLY C 19 -15.45 12.34 48.69
CA GLY C 19 -15.78 10.96 49.01
C GLY C 19 -15.74 10.72 50.50
N PRO C 20 -14.60 10.91 51.18
CA PRO C 20 -14.56 10.68 52.61
C PRO C 20 -15.45 11.57 53.47
N HIS C 21 -15.83 12.73 52.94
CA HIS C 21 -16.64 13.65 53.69
C HIS C 21 -18.05 13.11 53.66
N ALA C 22 -18.48 12.68 52.47
CA ALA C 22 -19.79 12.08 52.28
C ALA C 22 -19.96 10.82 53.13
N ALA C 23 -18.90 10.02 53.23
CA ALA C 23 -18.93 8.79 53.98
C ALA C 23 -19.03 9.11 55.46
N MET C 24 -18.31 10.13 55.89
CA MET C 24 -18.34 10.56 57.29
C MET C 24 -19.78 10.92 57.67
N ILE C 25 -20.49 11.62 56.79
CA ILE C 25 -21.80 12.13 57.11
C ILE C 25 -22.80 10.96 57.16
N LEU C 26 -22.64 10.00 56.26
CA LEU C 26 -23.47 8.80 56.30
C LEU C 26 -23.27 8.11 57.62
N GLY C 27 -22.02 7.95 58.03
CA GLY C 27 -21.70 7.29 59.29
C GLY C 27 -22.11 8.12 60.50
N ASP C 28 -22.06 9.45 60.35
CA ASP C 28 -22.45 10.38 61.42
C ASP C 28 -23.91 10.11 61.79
N LEU C 29 -24.74 9.84 60.76
CA LEU C 29 -26.18 9.70 60.90
C LEU C 29 -26.60 8.22 61.06
N GLY C 30 -25.63 7.33 61.32
CA GLY C 30 -25.90 5.98 61.78
C GLY C 30 -25.56 4.88 60.77
N ALA C 31 -25.16 5.24 59.55
CA ALA C 31 -24.85 4.25 58.54
C ALA C 31 -23.61 3.45 58.93
N ASP C 32 -23.56 2.22 58.39
CA ASP C 32 -22.51 1.27 58.69
C ASP C 32 -21.47 1.40 57.58
N VAL C 33 -20.33 1.99 57.94
CA VAL C 33 -19.43 2.48 56.91
C VAL C 33 -18.12 1.73 57.03
N VAL C 34 -17.86 0.97 55.95
CA VAL C 34 -16.61 0.23 55.85
C VAL C 34 -15.79 0.81 54.70
N ARG C 35 -14.57 1.21 55.09
CA ARG C 35 -13.64 1.89 54.20
C ARG C 35 -12.47 0.96 53.91
N ILE C 36 -12.33 0.64 52.63
CA ILE C 36 -11.23 -0.17 52.12
C ILE C 36 -10.09 0.76 51.70
N ASP C 37 -9.00 0.72 52.46
CA ASP C 37 -7.77 1.41 52.13
C ASP C 37 -6.69 0.42 51.69
N ARG C 38 -5.68 0.92 50.94
CA ARG C 38 -4.49 0.14 50.58
C ARG C 38 -3.66 -0.17 51.82
N PRO C 39 -2.94 -1.33 51.87
CA PRO C 39 -2.11 -1.64 53.02
C PRO C 39 -0.96 -0.63 53.21
N SER C 40 -0.45 -0.12 52.08
CA SER C 40 0.70 0.79 52.05
C SER C 40 0.48 2.01 52.93
N SER C 41 -0.79 2.45 53.07
CA SER C 41 -1.17 3.50 54.00
C SER C 41 -2.06 2.94 55.10
N VAL C 42 -1.64 3.02 56.38
CA VAL C 42 -2.57 3.12 57.50
C VAL C 42 -1.76 3.45 58.78
N ASP C 43 -0.89 2.54 59.24
CA ASP C 43 0.04 2.77 60.35
C ASP C 43 -0.66 3.14 61.66
N GLY C 44 -1.59 2.29 62.09
CA GLY C 44 -2.31 2.46 63.35
C GLY C 44 -3.64 3.18 63.17
N ILE C 45 -4.13 3.76 64.26
CA ILE C 45 -5.32 4.59 64.28
C ILE C 45 -4.98 5.88 63.50
N SER C 46 -5.71 6.15 62.41
CA SER C 46 -5.59 7.40 61.67
C SER C 46 -5.91 8.58 62.59
N ARG C 47 -5.24 9.71 62.35
CA ARG C 47 -5.49 10.89 63.15
C ARG C 47 -6.31 11.89 62.34
N ASP C 48 -6.80 11.47 61.16
CA ASP C 48 -7.77 12.28 60.42
C ASP C 48 -9.16 12.03 61.02
N ALA C 49 -9.67 13.04 61.76
CA ALA C 49 -11.00 12.97 62.36
C ALA C 49 -12.10 12.95 61.29
N MET C 50 -11.76 13.19 60.00
CA MET C 50 -12.69 12.97 58.89
C MET C 50 -13.03 11.48 58.73
N LEU C 51 -12.30 10.59 59.44
CA LEU C 51 -12.47 9.16 59.30
C LEU C 51 -13.13 8.59 60.56
N ARG C 52 -13.94 9.44 61.20
CA ARG C 52 -14.74 9.04 62.34
C ARG C 52 -15.91 8.22 61.79
N ASN C 53 -16.51 7.40 62.67
CA ASN C 53 -17.68 6.59 62.34
C ASN C 53 -17.38 5.67 61.17
N ARG C 54 -16.29 4.90 61.30
CA ARG C 54 -15.76 4.08 60.21
C ARG C 54 -15.34 2.70 60.73
N ARG C 55 -15.46 1.68 59.87
CA ARG C 55 -14.51 0.58 60.01
C ARG C 55 -13.53 0.66 58.84
N ILE C 56 -12.23 0.65 59.19
CA ILE C 56 -11.14 0.73 58.22
C ILE C 56 -10.63 -0.68 57.92
N VAL C 57 -10.70 -1.13 56.66
CA VAL C 57 -10.06 -2.38 56.31
C VAL C 57 -9.03 -2.17 55.20
N THR C 58 -7.91 -2.90 55.35
CA THR C 58 -6.80 -2.93 54.40
C THR C 58 -7.03 -3.99 53.33
N ALA C 59 -6.66 -3.69 52.08
CA ALA C 59 -6.83 -4.64 50.99
C ALA C 59 -6.22 -4.12 49.70
N ASP C 60 -5.33 -4.92 49.10
CA ASP C 60 -4.80 -4.71 47.76
C ASP C 60 -5.83 -5.11 46.71
N LEU C 61 -6.49 -4.13 46.09
CA LEU C 61 -7.53 -4.39 45.09
C LEU C 61 -6.94 -4.79 43.74
N LYS C 62 -5.61 -4.81 43.68
CA LYS C 62 -4.97 -5.27 42.45
C LYS C 62 -4.81 -6.79 42.51
N SER C 63 -4.67 -7.35 43.73
CA SER C 63 -4.57 -8.80 43.93
C SER C 63 -5.92 -9.47 43.63
N ASP C 64 -5.90 -10.80 43.44
CA ASP C 64 -7.11 -11.53 43.10
C ASP C 64 -7.94 -11.74 44.37
N GLN C 65 -7.24 -11.90 45.49
CA GLN C 65 -7.88 -12.09 46.77
C GLN C 65 -8.64 -10.82 47.14
N GLY C 66 -7.85 -9.77 47.43
CA GLY C 66 -8.33 -8.42 47.66
C GLY C 66 -9.50 -8.03 46.76
N LEU C 67 -9.46 -8.31 45.45
CA LEU C 67 -10.57 -7.97 44.54
C LEU C 67 -11.85 -8.65 45.01
N GLU C 68 -11.69 -9.84 45.61
CA GLU C 68 -12.82 -10.72 45.77
C GLU C 68 -13.33 -10.65 47.21
N LEU C 69 -12.45 -10.42 48.20
CA LEU C 69 -12.83 -9.94 49.53
C LEU C 69 -13.69 -8.66 49.42
N ALA C 70 -13.32 -7.76 48.50
CA ALA C 70 -14.03 -6.51 48.27
C ALA C 70 -15.34 -6.74 47.54
N LEU C 71 -15.36 -7.67 46.58
CA LEU C 71 -16.61 -7.95 45.87
C LEU C 71 -17.63 -8.61 46.79
N LYS C 72 -17.16 -9.21 47.90
CA LYS C 72 -18.05 -9.87 48.84
C LYS C 72 -18.76 -8.85 49.73
N LEU C 73 -18.01 -7.85 50.26
CA LEU C 73 -18.59 -6.70 50.94
C LEU C 73 -19.64 -6.02 50.07
N ILE C 74 -19.28 -5.69 48.83
CA ILE C 74 -20.17 -4.92 47.98
C ILE C 74 -21.48 -5.68 47.78
N ALA C 75 -21.42 -7.01 47.87
CA ALA C 75 -22.60 -7.86 47.63
C ALA C 75 -23.58 -7.80 48.82
N LYS C 76 -23.02 -7.65 50.03
CA LYS C 76 -23.74 -7.53 51.28
C LYS C 76 -24.07 -6.08 51.69
N ALA C 77 -24.11 -5.12 50.73
CA ALA C 77 -24.12 -3.70 51.05
C ALA C 77 -25.01 -2.87 50.11
N ASP C 78 -25.36 -1.67 50.56
CA ASP C 78 -26.34 -0.83 49.85
C ASP C 78 -25.71 0.20 48.92
N VAL C 79 -24.57 0.74 49.37
CA VAL C 79 -23.99 1.89 48.71
C VAL C 79 -22.49 1.64 48.60
N LEU C 80 -22.00 1.89 47.39
CA LEU C 80 -20.57 1.99 47.16
C LEU C 80 -20.21 3.43 46.78
N ILE C 81 -19.17 3.94 47.47
CA ILE C 81 -18.57 5.24 47.16
C ILE C 81 -17.15 5.06 46.62
N GLU C 82 -16.90 5.61 45.42
CA GLU C 82 -15.55 5.75 44.89
C GLU C 82 -15.31 7.16 44.31
N GLY C 83 -14.11 7.71 44.58
CA GLY C 83 -13.74 9.02 44.05
C GLY C 83 -12.37 9.03 43.39
N TYR C 84 -12.16 8.05 42.49
CA TYR C 84 -10.99 7.94 41.64
C TYR C 84 -11.39 8.47 40.28
N ARG C 85 -10.43 8.60 39.35
CA ARG C 85 -10.74 9.10 38.02
C ARG C 85 -11.62 8.08 37.32
N PRO C 86 -12.45 8.46 36.32
CA PRO C 86 -13.18 7.47 35.54
C PRO C 86 -12.23 6.41 34.95
N GLY C 87 -12.59 5.14 35.12
CA GLY C 87 -11.87 3.99 34.58
C GLY C 87 -11.25 3.17 35.70
N VAL C 88 -10.97 3.81 36.82
CA VAL C 88 -10.13 3.14 37.80
C VAL C 88 -10.86 1.96 38.45
N THR C 89 -12.19 2.06 38.58
CA THR C 89 -12.89 0.98 39.24
C THR C 89 -13.11 -0.12 38.21
N GLU C 90 -13.51 0.27 36.98
CA GLU C 90 -13.66 -0.71 35.92
C GLU C 90 -12.43 -1.62 35.97
N ARG C 91 -11.25 -0.99 35.78
CA ARG C 91 -10.00 -1.70 35.56
C ARG C 91 -9.63 -2.52 36.79
N LEU C 92 -10.03 -2.12 37.99
CA LEU C 92 -9.79 -3.00 39.13
C LEU C 92 -10.75 -4.20 39.10
N GLY C 93 -11.81 -4.12 38.30
CA GLY C 93 -12.88 -5.13 38.30
C GLY C 93 -14.03 -4.80 39.25
N LEU C 94 -13.99 -3.60 39.84
CA LEU C 94 -14.99 -3.10 40.77
C LEU C 94 -15.85 -2.04 40.10
N GLY C 95 -16.04 -2.10 38.79
CA GLY C 95 -16.85 -1.12 38.06
C GLY C 95 -18.34 -1.31 38.30
N PRO C 96 -19.24 -0.46 37.74
CA PRO C 96 -20.67 -0.62 37.95
C PRO C 96 -21.13 -2.02 37.54
N GLU C 97 -20.89 -2.36 36.28
CA GLU C 97 -21.40 -3.57 35.66
C GLU C 97 -20.90 -4.83 36.37
N GLU C 98 -19.68 -4.78 36.89
CA GLU C 98 -19.19 -5.88 37.69
C GLU C 98 -19.86 -5.92 39.06
N CYS C 99 -20.18 -4.74 39.61
CA CYS C 99 -20.74 -4.66 40.95
C CYS C 99 -22.22 -5.08 40.87
N ALA C 100 -22.86 -4.73 39.74
CA ALA C 100 -24.22 -5.09 39.40
C ALA C 100 -24.44 -6.61 39.39
N LYS C 101 -23.42 -7.35 38.94
CA LYS C 101 -23.49 -8.80 38.88
C LYS C 101 -23.61 -9.41 40.28
N VAL C 102 -22.95 -8.85 41.30
CA VAL C 102 -23.06 -9.41 42.64
C VAL C 102 -24.19 -8.73 43.44
N ASN C 103 -24.90 -7.74 42.88
CA ASN C 103 -25.81 -6.91 43.66
C ASN C 103 -26.46 -5.86 42.76
N ASP C 104 -27.65 -6.16 42.23
CA ASP C 104 -28.34 -5.23 41.35
C ASP C 104 -29.16 -4.22 42.16
N ARG C 105 -29.05 -4.30 43.49
CA ARG C 105 -29.72 -3.34 44.35
C ARG C 105 -28.81 -2.14 44.62
N LEU C 106 -27.50 -2.25 44.28
CA LEU C 106 -26.45 -1.35 44.74
C LEU C 106 -26.67 0.10 44.27
N ILE C 107 -26.48 1.03 45.23
CA ILE C 107 -26.24 2.41 44.86
C ILE C 107 -24.74 2.62 44.62
N TYR C 108 -24.41 2.88 43.35
CA TYR C 108 -23.05 3.05 42.87
C TYR C 108 -22.76 4.56 42.73
N ALA C 109 -22.00 5.06 43.70
CA ALA C 109 -21.77 6.49 43.83
C ALA C 109 -20.36 6.87 43.38
N ARG C 110 -20.32 7.69 42.32
CA ARG C 110 -19.10 8.09 41.65
C ARG C 110 -18.83 9.59 41.86
N MET C 111 -17.79 9.87 42.65
CA MET C 111 -17.42 11.22 43.08
C MET C 111 -16.21 11.76 42.30
N THR C 112 -16.45 12.67 41.36
CA THR C 112 -15.35 13.27 40.61
C THR C 112 -15.51 14.79 40.61
N GLY C 113 -14.49 15.45 40.05
CA GLY C 113 -14.57 16.87 39.79
C GLY C 113 -15.18 17.14 38.43
N TRP C 114 -14.66 16.47 37.39
CA TRP C 114 -14.96 16.91 36.04
C TRP C 114 -16.12 16.13 35.43
N GLY C 115 -16.57 15.05 36.10
CA GLY C 115 -17.57 14.18 35.51
C GLY C 115 -16.94 12.93 34.86
N GLN C 116 -17.81 12.07 34.31
CA GLN C 116 -17.41 10.72 33.92
C GLN C 116 -16.84 10.72 32.50
N THR C 117 -17.22 11.70 31.71
CA THR C 117 -16.72 11.84 30.35
C THR C 117 -16.42 13.30 30.08
N GLY C 118 -15.82 13.55 28.91
CA GLY C 118 -15.63 14.88 28.33
C GLY C 118 -14.15 15.22 28.34
N PRO C 119 -13.73 16.35 27.76
CA PRO C 119 -12.30 16.63 27.56
C PRO C 119 -11.42 16.68 28.82
N ARG C 120 -12.01 17.08 29.98
CA ARG C 120 -11.27 17.25 31.23
C ARG C 120 -11.37 16.04 32.14
N SER C 121 -12.05 15.00 31.65
CA SER C 121 -12.44 13.89 32.50
C SER C 121 -11.23 13.19 33.09
N GLN C 122 -10.02 13.35 32.54
CA GLN C 122 -8.88 12.62 33.13
C GLN C 122 -7.85 13.55 33.78
N GLN C 123 -8.03 14.87 33.65
CA GLN C 123 -7.23 15.84 34.38
C GLN C 123 -7.38 15.74 35.90
N ALA C 124 -6.24 15.63 36.58
CA ALA C 124 -6.15 15.89 38.00
C ALA C 124 -6.66 17.30 38.25
N GLY C 125 -7.04 17.51 39.51
CA GLY C 125 -7.67 18.75 39.91
C GLY C 125 -7.94 18.72 41.39
N HIS C 126 -8.06 19.92 41.94
CA HIS C 126 -8.59 20.13 43.27
C HIS C 126 -9.71 21.16 43.19
N ASP C 127 -10.36 21.37 44.35
CA ASP C 127 -11.47 22.30 44.51
C ASP C 127 -11.27 23.55 43.67
N ILE C 128 -10.12 24.23 43.82
CA ILE C 128 -9.92 25.53 43.18
C ILE C 128 -10.08 25.43 41.66
N ASN C 129 -9.76 24.26 41.08
CA ASN C 129 -9.86 24.06 39.66
C ASN C 129 -11.31 23.89 39.23
N TYR C 130 -12.07 23.09 39.99
CA TYR C 130 -13.43 22.77 39.58
C TYR C 130 -14.29 24.04 39.62
N ILE C 131 -14.02 24.92 40.61
CA ILE C 131 -14.78 26.16 40.72
C ILE C 131 -14.25 27.28 39.82
N SER C 132 -13.09 27.07 39.19
CA SER C 132 -12.58 28.10 38.31
C SER C 132 -13.32 28.07 36.98
N LEU C 133 -13.81 26.91 36.56
CA LEU C 133 -14.33 26.72 35.21
C LEU C 133 -15.79 27.16 35.07
N ASN C 134 -16.51 27.28 36.19
CA ASN C 134 -17.95 27.48 36.12
C ASN C 134 -18.34 28.85 36.65
N GLY C 135 -17.35 29.75 36.82
CA GLY C 135 -17.62 31.16 37.13
C GLY C 135 -17.58 31.49 38.62
N ILE C 136 -17.58 30.47 39.47
CA ILE C 136 -17.66 30.69 40.91
C ILE C 136 -16.44 31.43 41.44
N LEU C 137 -15.25 30.87 41.19
CA LEU C 137 -14.03 31.43 41.72
C LEU C 137 -13.90 32.88 41.30
N HIS C 138 -14.29 33.21 40.08
CA HIS C 138 -14.10 34.55 39.58
C HIS C 138 -14.88 35.59 40.39
N ALA C 139 -15.95 35.14 41.05
CA ALA C 139 -16.91 36.00 41.72
C ALA C 139 -16.52 36.27 43.17
N ILE C 140 -15.46 35.64 43.67
CA ILE C 140 -15.15 35.67 45.08
C ILE C 140 -13.89 36.50 45.32
N GLY C 141 -14.01 37.52 46.20
CA GLY C 141 -12.89 38.35 46.60
C GLY C 141 -13.21 39.83 46.39
N ARG C 142 -12.26 40.69 46.74
CA ARG C 142 -12.39 42.12 46.47
C ARG C 142 -12.13 42.40 44.98
N GLY C 143 -12.61 43.54 44.50
CA GLY C 143 -12.61 43.81 43.07
C GLY C 143 -11.23 44.25 42.59
N ASP C 144 -10.41 44.74 43.50
CA ASP C 144 -9.14 45.34 43.09
C ASP C 144 -8.01 44.33 43.24
N GLU C 145 -8.35 43.05 43.34
CA GLU C 145 -7.37 42.01 43.62
C GLU C 145 -7.79 40.72 42.94
N ARG C 146 -6.89 39.75 42.93
CA ARG C 146 -7.15 38.49 42.27
C ARG C 146 -8.10 37.63 43.11
N PRO C 147 -8.85 36.70 42.47
CA PRO C 147 -9.86 35.95 43.20
C PRO C 147 -9.25 35.14 44.33
N VAL C 148 -10.02 34.96 45.39
CA VAL C 148 -9.49 34.26 46.54
C VAL C 148 -10.30 32.97 46.71
N PRO C 149 -9.62 31.82 46.92
CA PRO C 149 -10.33 30.58 47.13
C PRO C 149 -11.07 30.60 48.46
N PRO C 150 -12.36 30.20 48.45
CA PRO C 150 -13.13 30.05 49.68
C PRO C 150 -12.86 28.72 50.36
N LEU C 151 -11.62 28.58 50.83
CA LEU C 151 -11.05 27.30 51.19
C LEU C 151 -11.45 26.26 50.12
N ASN C 152 -11.73 25.04 50.52
CA ASN C 152 -12.26 24.02 49.64
C ASN C 152 -13.73 23.72 49.97
N LEU C 153 -14.49 24.74 50.38
CA LEU C 153 -15.84 24.52 50.89
C LEU C 153 -16.83 24.37 49.75
N VAL C 154 -16.58 25.02 48.61
CA VAL C 154 -17.60 25.15 47.61
C VAL C 154 -17.52 24.01 46.59
N GLY C 155 -16.32 23.53 46.27
CA GLY C 155 -16.19 22.47 45.25
C GLY C 155 -16.25 21.09 45.89
N ASP C 156 -15.33 20.83 46.80
CA ASP C 156 -15.26 19.57 47.50
C ASP C 156 -16.56 19.29 48.24
N PHE C 157 -17.01 20.23 49.09
CA PHE C 157 -17.94 19.87 50.14
C PHE C 157 -19.33 20.29 49.70
N GLY C 158 -19.55 21.59 49.59
CA GLY C 158 -20.89 22.06 49.33
C GLY C 158 -21.40 21.58 47.98
N GLY C 159 -20.52 21.57 47.00
CA GLY C 159 -20.90 21.26 45.63
C GLY C 159 -20.45 19.86 45.28
N GLY C 160 -19.90 19.15 46.26
CA GLY C 160 -19.25 17.89 46.00
C GLY C 160 -19.87 16.76 46.78
N SER C 161 -19.36 16.54 48.00
CA SER C 161 -19.86 15.51 48.90
C SER C 161 -21.37 15.65 49.10
N MET C 162 -21.86 16.89 49.20
CA MET C 162 -23.25 17.08 49.59
C MET C 162 -24.15 16.67 48.44
N PHE C 163 -23.74 16.92 47.18
CA PHE C 163 -24.52 16.43 46.05
C PHE C 163 -24.39 14.91 45.89
N LEU C 164 -23.23 14.34 46.24
CA LEU C 164 -23.11 12.90 46.28
C LEU C 164 -24.16 12.32 47.23
N LEU C 165 -24.24 12.90 48.44
CA LEU C 165 -25.16 12.50 49.50
C LEU C 165 -26.62 12.61 49.01
N VAL C 166 -26.98 13.70 48.37
CA VAL C 166 -28.33 13.82 47.86
C VAL C 166 -28.61 12.77 46.79
N GLY C 167 -27.60 12.39 45.99
CA GLY C 167 -27.77 11.37 44.96
C GLY C 167 -27.96 9.98 45.58
N ILE C 168 -27.10 9.61 46.50
CA ILE C 168 -27.23 8.35 47.19
C ILE C 168 -28.65 8.23 47.77
N LEU C 169 -29.00 9.16 48.67
CA LEU C 169 -30.21 9.06 49.46
C LEU C 169 -31.43 9.12 48.52
N ALA C 170 -31.36 9.91 47.44
CA ALA C 170 -32.50 10.02 46.54
C ALA C 170 -32.71 8.75 45.72
N ALA C 171 -31.60 8.07 45.37
CA ALA C 171 -31.69 6.85 44.58
C ALA C 171 -32.18 5.71 45.47
N LEU C 172 -31.78 5.72 46.76
CA LEU C 172 -32.32 4.87 47.82
C LEU C 172 -33.84 5.00 47.98
N TRP C 173 -34.37 6.21 47.88
CA TRP C 173 -35.82 6.39 47.85
C TRP C 173 -36.39 5.72 46.61
N GLU C 174 -35.79 5.99 45.45
CA GLU C 174 -36.22 5.43 44.17
C GLU C 174 -36.25 3.91 44.24
N ARG C 175 -35.22 3.33 44.88
CA ARG C 175 -35.04 1.90 45.02
C ARG C 175 -36.16 1.24 45.84
N GLN C 176 -36.83 2.00 46.72
CA GLN C 176 -37.96 1.47 47.48
C GLN C 176 -39.08 1.17 46.49
N SER C 177 -39.38 2.07 45.53
CA SER C 177 -40.28 1.78 44.43
C SER C 177 -39.84 0.57 43.61
N SER C 178 -38.60 0.57 43.12
CA SER C 178 -38.22 -0.22 41.95
C SER C 178 -37.43 -1.49 42.30
N GLY C 179 -36.93 -1.64 43.54
CA GLY C 179 -36.11 -2.78 43.92
C GLY C 179 -34.70 -2.79 43.30
N LYS C 180 -34.42 -1.78 42.45
CA LYS C 180 -33.20 -1.68 41.66
C LYS C 180 -32.31 -0.50 42.05
N GLY C 181 -30.99 -0.77 42.16
CA GLY C 181 -29.97 0.26 42.31
C GLY C 181 -29.77 1.08 41.03
N GLN C 182 -28.69 1.88 41.02
CA GLN C 182 -28.27 2.64 39.85
C GLN C 182 -26.96 3.35 40.18
N VAL C 183 -26.49 4.15 39.20
CA VAL C 183 -25.24 4.88 39.33
C VAL C 183 -25.56 6.35 39.58
N VAL C 184 -24.89 6.91 40.59
CA VAL C 184 -24.90 8.34 40.83
C VAL C 184 -23.59 8.94 40.33
N ASP C 185 -23.69 9.86 39.36
CA ASP C 185 -22.57 10.63 38.83
C ASP C 185 -22.60 12.05 39.43
N ALA C 186 -21.83 12.26 40.51
CA ALA C 186 -21.67 13.52 41.17
C ALA C 186 -20.34 14.16 40.77
N ALA C 187 -20.40 15.13 39.87
CA ALA C 187 -19.25 15.96 39.53
C ALA C 187 -19.33 17.33 40.22
N MET C 188 -18.21 17.74 40.83
CA MET C 188 -18.09 18.98 41.59
C MET C 188 -18.42 20.19 40.71
N VAL C 189 -18.12 20.09 39.43
CA VAL C 189 -18.38 21.23 38.56
C VAL C 189 -19.88 21.38 38.33
N ASP C 190 -20.65 20.29 38.46
CA ASP C 190 -22.10 20.33 38.29
C ASP C 190 -22.74 20.82 39.59
N GLY C 191 -22.38 20.15 40.70
CA GLY C 191 -22.98 20.40 41.99
C GLY C 191 -22.76 21.85 42.43
N SER C 192 -21.52 22.35 42.22
CA SER C 192 -21.15 23.67 42.66
C SER C 192 -21.94 24.66 41.81
N SER C 193 -22.24 24.30 40.56
CA SER C 193 -23.05 25.17 39.71
C SER C 193 -24.50 25.24 40.22
N VAL C 194 -25.04 24.16 40.80
CA VAL C 194 -26.41 24.17 41.29
C VAL C 194 -26.43 24.92 42.63
N LEU C 195 -25.36 24.74 43.40
CA LEU C 195 -25.14 25.47 44.64
C LEU C 195 -25.25 26.98 44.42
N ILE C 196 -24.72 27.47 43.28
CA ILE C 196 -24.70 28.89 43.00
C ILE C 196 -25.84 29.26 42.05
N GLN C 197 -26.91 28.45 41.99
CA GLN C 197 -28.03 28.73 41.08
C GLN C 197 -28.60 30.15 41.30
N MET C 198 -28.59 30.62 42.55
CA MET C 198 -29.17 31.94 42.83
C MET C 198 -28.52 33.03 41.98
N MET C 199 -27.20 32.94 41.80
CA MET C 199 -26.49 33.98 41.07
C MET C 199 -26.81 33.88 39.58
N TRP C 200 -26.93 32.66 39.07
CA TRP C 200 -27.34 32.48 37.69
C TRP C 200 -28.72 33.07 37.46
N ALA C 201 -29.61 32.90 38.43
CA ALA C 201 -30.93 33.51 38.34
C ALA C 201 -30.83 35.03 38.41
N MET C 202 -30.04 35.54 39.35
CA MET C 202 -29.94 36.97 39.51
C MET C 202 -29.29 37.62 38.29
N ARG C 203 -28.46 36.88 37.53
CA ARG C 203 -27.80 37.47 36.38
C ARG C 203 -28.82 37.66 35.27
N ALA C 204 -29.75 36.71 35.13
CA ALA C 204 -30.77 36.75 34.10
C ALA C 204 -31.66 37.99 34.27
N THR C 205 -31.96 38.37 35.51
CA THR C 205 -32.85 39.48 35.76
C THR C 205 -32.05 40.75 35.97
N GLY C 206 -30.80 40.84 35.48
CA GLY C 206 -29.98 42.03 35.64
C GLY C 206 -29.60 42.33 37.09
N MET C 207 -29.84 41.40 38.04
CA MET C 207 -29.60 41.65 39.45
C MET C 207 -28.20 41.19 39.92
N TRP C 208 -27.33 40.71 39.03
CA TRP C 208 -26.01 40.24 39.45
C TRP C 208 -25.07 40.45 38.28
N THR C 209 -23.89 41.07 38.51
CA THR C 209 -22.93 41.40 37.45
C THR C 209 -21.66 40.57 37.62
N ASP C 210 -20.96 40.38 36.51
CA ASP C 210 -19.75 39.61 36.48
C ASP C 210 -18.60 40.38 37.12
N THR C 211 -18.78 41.66 37.46
CA THR C 211 -17.77 42.42 38.16
C THR C 211 -17.65 41.92 39.60
N ARG C 212 -16.43 41.57 39.98
CA ARG C 212 -16.17 41.12 41.33
C ARG C 212 -16.28 42.30 42.29
N GLY C 213 -16.88 42.07 43.45
CA GLY C 213 -16.88 43.06 44.52
C GLY C 213 -17.89 44.18 44.26
N ALA C 214 -18.88 43.94 43.41
CA ALA C 214 -19.85 44.98 43.06
C ALA C 214 -21.29 44.48 43.13
N ASN C 215 -21.59 43.52 43.98
CA ASN C 215 -22.92 42.95 44.03
C ASN C 215 -23.38 42.95 45.49
N MET C 216 -24.60 42.46 45.72
CA MET C 216 -25.24 42.58 47.00
C MET C 216 -24.59 41.62 47.98
N LEU C 217 -24.10 40.48 47.47
CA LEU C 217 -23.71 39.41 48.35
C LEU C 217 -22.22 39.06 48.26
N ASP C 218 -21.39 39.88 47.58
CA ASP C 218 -20.01 39.50 47.35
C ASP C 218 -19.06 40.34 48.19
N GLY C 219 -19.64 41.26 48.98
CA GLY C 219 -18.86 42.18 49.78
C GLY C 219 -18.95 43.60 49.22
N GLY C 220 -19.52 43.76 48.02
CA GLY C 220 -19.77 45.06 47.43
C GLY C 220 -20.76 45.94 48.20
N ALA C 221 -21.83 45.37 48.79
CA ALA C 221 -22.81 46.14 49.52
C ALA C 221 -22.24 46.52 50.88
N PRO C 222 -22.32 47.81 51.29
CA PRO C 222 -21.87 48.19 52.61
C PRO C 222 -22.59 47.51 53.77
N TYR C 223 -23.82 47.07 53.51
CA TYR C 223 -24.65 46.45 54.52
C TYR C 223 -24.54 44.92 54.49
N TYR C 224 -23.69 44.37 53.61
CA TYR C 224 -23.40 42.93 53.58
C TYR C 224 -21.89 42.73 53.41
N ASP C 225 -21.15 42.79 54.54
CA ASP C 225 -19.70 42.82 54.50
C ASP C 225 -19.14 42.76 55.91
N THR C 226 -17.80 42.59 56.04
CA THR C 226 -17.17 42.67 57.34
C THR C 226 -16.65 44.10 57.55
N TYR C 227 -16.51 44.49 58.81
CA TYR C 227 -15.94 45.76 59.22
C TYR C 227 -14.95 45.54 60.35
N GLU C 228 -13.85 46.30 60.29
CA GLU C 228 -12.86 46.24 61.34
C GLU C 228 -13.26 47.16 62.48
N CYS C 229 -13.03 46.68 63.70
CA CYS C 229 -13.40 47.34 64.95
C CYS C 229 -12.17 47.97 65.61
N ALA C 230 -12.36 48.68 66.72
CA ALA C 230 -11.31 49.49 67.34
C ALA C 230 -10.14 48.60 67.70
N ASP C 231 -10.44 47.34 67.96
CA ASP C 231 -9.47 46.42 68.51
C ASP C 231 -8.79 45.61 67.42
N GLY C 232 -9.05 45.90 66.13
CA GLY C 232 -8.47 45.12 65.05
C GLY C 232 -9.24 43.81 64.75
N ARG C 233 -10.29 43.47 65.53
CA ARG C 233 -11.16 42.33 65.27
C ARG C 233 -12.32 42.81 64.40
N TYR C 234 -13.15 41.88 63.91
CA TYR C 234 -14.15 42.21 62.90
C TYR C 234 -15.57 41.87 63.38
N VAL C 235 -16.55 42.61 62.86
CA VAL C 235 -17.93 42.16 62.86
C VAL C 235 -18.39 41.89 61.44
N ALA C 236 -19.50 41.16 61.32
CA ALA C 236 -20.17 40.97 60.05
C ALA C 236 -21.52 41.66 60.08
N VAL C 237 -21.85 42.32 58.96
CA VAL C 237 -23.12 42.94 58.78
C VAL C 237 -23.80 42.28 57.62
N GLY C 238 -25.07 41.89 57.81
CA GLY C 238 -25.88 41.22 56.81
C GLY C 238 -27.30 41.76 56.76
N ALA C 239 -27.42 43.07 57.01
CA ALA C 239 -28.71 43.75 57.10
C ALA C 239 -29.22 44.11 55.72
N ILE C 240 -29.72 43.10 55.01
CA ILE C 240 -30.28 43.31 53.67
C ILE C 240 -31.68 43.96 53.74
N GLU C 241 -32.53 43.47 54.64
CA GLU C 241 -33.88 44.00 54.73
C GLU C 241 -33.84 45.42 55.30
N PRO C 242 -34.60 46.37 54.72
CA PRO C 242 -34.55 47.77 55.17
C PRO C 242 -34.81 47.99 56.66
N GLN C 243 -35.70 47.20 57.26
CA GLN C 243 -35.97 47.38 58.69
C GLN C 243 -34.73 47.00 59.51
N PHE C 244 -34.08 45.89 59.14
CA PHE C 244 -32.91 45.45 59.86
C PHE C 244 -31.79 46.47 59.70
N TYR C 245 -31.60 46.95 58.48
CA TYR C 245 -30.58 47.94 58.18
C TYR C 245 -30.79 49.18 59.06
N ALA C 246 -32.06 49.59 59.17
CA ALA C 246 -32.39 50.81 59.90
C ALA C 246 -32.02 50.63 61.37
N ALA C 247 -32.24 49.40 61.90
CA ALA C 247 -31.89 49.13 63.29
C ALA C 247 -30.39 49.15 63.46
N MET C 248 -29.71 48.64 62.43
CA MET C 248 -28.26 48.66 62.42
C MET C 248 -27.74 50.10 62.56
N LEU C 249 -28.21 51.02 61.71
CA LEU C 249 -27.73 52.39 61.73
C LEU C 249 -27.96 53.02 63.12
N ALA C 250 -29.13 52.80 63.73
CA ALA C 250 -29.43 53.44 65.02
C ALA C 250 -28.46 52.93 66.06
N GLY C 251 -28.17 51.63 66.03
CA GLY C 251 -27.23 51.09 66.99
C GLY C 251 -25.82 51.64 66.82
N LEU C 252 -25.45 52.03 65.60
CA LEU C 252 -24.17 52.67 65.34
C LEU C 252 -24.18 54.14 65.76
N GLY C 253 -25.36 54.72 66.00
CA GLY C 253 -25.44 56.11 66.42
C GLY C 253 -25.56 57.03 65.22
N LEU C 254 -25.93 56.48 64.07
CA LEU C 254 -26.06 57.24 62.84
C LEU C 254 -27.52 57.55 62.58
N ASP C 255 -27.71 58.75 62.03
CA ASP C 255 -29.01 59.24 61.65
C ASP C 255 -29.18 58.97 60.15
N ALA C 256 -30.05 58.01 59.83
CA ALA C 256 -30.37 57.67 58.46
C ALA C 256 -30.56 58.90 57.57
N ALA C 257 -31.12 59.97 58.13
CA ALA C 257 -31.44 61.14 57.34
C ALA C 257 -30.18 61.84 56.82
N GLU C 258 -28.99 61.55 57.38
CA GLU C 258 -27.74 62.14 56.95
C GLU C 258 -26.94 61.20 56.03
N LEU C 259 -27.55 60.13 55.55
CA LEU C 259 -26.78 59.12 54.86
C LEU C 259 -27.37 58.94 53.46
N PRO C 260 -26.60 58.43 52.48
CA PRO C 260 -27.18 58.03 51.22
C PRO C 260 -28.15 56.88 51.40
N PRO C 261 -29.03 56.67 50.41
CA PRO C 261 -29.94 55.53 50.46
C PRO C 261 -29.16 54.21 50.51
N GLN C 262 -29.76 53.22 51.17
CA GLN C 262 -29.15 51.92 51.39
C GLN C 262 -28.73 51.29 50.06
N ASN C 263 -29.56 51.45 49.01
CA ASN C 263 -29.35 50.78 47.75
C ASN C 263 -29.16 51.79 46.62
N ASP C 264 -28.63 52.98 46.92
CA ASP C 264 -28.01 53.80 45.87
C ASP C 264 -26.56 53.36 45.64
N ARG C 265 -26.31 52.53 44.62
CA ARG C 265 -25.00 51.90 44.42
C ARG C 265 -23.94 52.95 44.08
N ALA C 266 -24.33 53.98 43.32
CA ALA C 266 -23.42 55.08 43.00
C ALA C 266 -22.76 55.62 44.27
N ARG C 267 -23.44 55.56 45.42
CA ARG C 267 -22.95 56.22 46.64
C ARG C 267 -22.57 55.23 47.72
N TRP C 268 -22.48 53.94 47.36
CA TRP C 268 -21.98 52.93 48.27
C TRP C 268 -20.60 53.26 48.85
N PRO C 269 -19.61 53.79 48.09
CA PRO C 269 -18.32 54.11 48.68
C PRO C 269 -18.44 55.13 49.81
N GLU C 270 -19.29 56.14 49.58
CA GLU C 270 -19.58 57.18 50.57
C GLU C 270 -20.21 56.55 51.81
N LEU C 271 -21.21 55.68 51.57
CA LEU C 271 -21.92 55.02 52.65
C LEU C 271 -20.95 54.14 53.43
N ARG C 272 -20.10 53.39 52.73
CA ARG C 272 -19.15 52.50 53.39
C ARG C 272 -18.19 53.29 54.26
N ALA C 273 -17.77 54.46 53.78
CA ALA C 273 -16.87 55.30 54.57
C ALA C 273 -17.51 55.65 55.92
N LEU C 274 -18.80 55.94 55.94
CA LEU C 274 -19.41 56.35 57.21
C LEU C 274 -19.56 55.16 58.16
N LEU C 275 -19.97 53.99 57.63
CA LEU C 275 -20.10 52.78 58.42
C LEU C 275 -18.73 52.34 58.92
N THR C 276 -17.71 52.47 58.07
CA THR C 276 -16.36 52.11 58.46
C THR C 276 -15.94 52.91 59.69
N GLU C 277 -16.17 54.23 59.65
CA GLU C 277 -15.76 55.07 60.77
C GLU C 277 -16.58 54.72 62.01
N ALA C 278 -17.87 54.43 61.87
CA ALA C 278 -18.66 54.13 63.05
C ALA C 278 -18.21 52.81 63.69
N PHE C 279 -18.08 51.71 62.90
CA PHE C 279 -17.64 50.44 63.48
C PHE C 279 -16.26 50.54 64.09
N ALA C 280 -15.37 51.34 63.47
CA ALA C 280 -14.01 51.41 64.00
C ALA C 280 -13.95 52.13 65.35
N SER C 281 -15.04 52.78 65.79
CA SER C 281 -14.99 53.57 67.01
C SER C 281 -15.12 52.71 68.27
N HIS C 282 -15.52 51.44 68.17
CA HIS C 282 -15.56 50.58 69.34
C HIS C 282 -15.11 49.18 68.95
N ASP C 283 -14.81 48.37 69.98
CA ASP C 283 -14.26 47.05 69.77
C ASP C 283 -15.38 46.05 69.49
N ARG C 284 -15.01 44.84 69.08
CA ARG C 284 -15.95 43.89 68.51
C ARG C 284 -16.98 43.51 69.56
N ASP C 285 -16.52 43.26 70.78
CA ASP C 285 -17.35 42.76 71.86
C ASP C 285 -18.38 43.80 72.24
N HIS C 286 -18.02 45.07 72.07
CA HIS C 286 -18.96 46.15 72.28
C HIS C 286 -20.13 46.03 71.31
N TRP C 287 -19.82 45.88 70.01
CA TRP C 287 -20.86 45.68 69.02
C TRP C 287 -21.66 44.41 69.32
N GLY C 288 -20.97 43.35 69.74
CA GLY C 288 -21.63 42.11 70.14
C GLY C 288 -22.74 42.35 71.17
N ALA C 289 -22.41 43.08 72.24
CA ALA C 289 -23.37 43.40 73.29
C ALA C 289 -24.47 44.31 72.76
N VAL C 290 -24.11 45.48 72.25
CA VAL C 290 -25.08 46.42 71.70
C VAL C 290 -26.15 45.75 70.85
N PHE C 291 -25.80 44.72 70.05
CA PHE C 291 -26.75 44.23 69.05
C PHE C 291 -27.31 42.85 69.41
N ALA C 292 -27.01 42.34 70.63
CA ALA C 292 -27.61 41.12 71.13
C ALA C 292 -29.12 41.34 71.25
N ASN C 293 -29.86 40.32 70.82
CA ASN C 293 -31.31 40.30 70.80
C ASN C 293 -31.89 41.23 69.75
N SER C 294 -31.06 41.80 68.87
CA SER C 294 -31.58 42.68 67.84
C SER C 294 -31.65 41.99 66.49
N ASP C 295 -32.42 42.60 65.60
CA ASP C 295 -32.55 42.24 64.20
C ASP C 295 -31.58 43.00 63.29
N ALA C 296 -30.49 43.55 63.85
CA ALA C 296 -29.63 44.43 63.09
C ALA C 296 -28.68 43.66 62.16
N CYS C 297 -28.61 42.32 62.32
CA CYS C 297 -27.80 41.41 61.51
C CYS C 297 -26.32 41.76 61.63
N VAL C 298 -25.87 41.95 62.87
CA VAL C 298 -24.50 42.26 63.19
C VAL C 298 -24.04 41.21 64.17
N THR C 299 -22.90 40.57 63.85
CA THR C 299 -22.40 39.47 64.66
C THR C 299 -20.89 39.57 64.73
N PRO C 300 -20.30 39.13 65.86
CA PRO C 300 -18.85 39.00 65.93
C PRO C 300 -18.32 37.96 64.95
N VAL C 301 -17.24 38.28 64.26
CA VAL C 301 -16.56 37.33 63.41
C VAL C 301 -15.53 36.63 64.28
N LEU C 302 -15.88 35.43 64.74
CA LEU C 302 -15.00 34.70 65.65
C LEU C 302 -14.02 33.83 64.87
N ALA C 303 -12.82 33.74 65.39
CA ALA C 303 -11.81 32.79 64.97
C ALA C 303 -12.08 31.40 65.57
N PHE C 304 -11.58 30.37 64.88
CA PHE C 304 -11.84 29.00 65.28
C PHE C 304 -11.61 28.85 66.79
N GLY C 305 -10.44 29.26 67.27
CA GLY C 305 -10.05 29.07 68.67
C GLY C 305 -10.94 29.78 69.70
N GLU C 306 -11.82 30.70 69.26
CA GLU C 306 -12.72 31.44 70.14
C GLU C 306 -14.14 30.87 70.15
N VAL C 307 -14.44 29.94 69.25
CA VAL C 307 -15.82 29.53 69.01
C VAL C 307 -16.43 28.80 70.20
N HIS C 308 -15.58 28.07 70.94
CA HIS C 308 -15.97 27.27 72.10
C HIS C 308 -16.39 28.14 73.28
N ASN C 309 -16.05 29.44 73.23
CA ASN C 309 -16.43 30.39 74.25
C ASN C 309 -17.73 31.11 73.92
N GLU C 310 -18.39 30.79 72.80
CA GLU C 310 -19.57 31.55 72.42
C GLU C 310 -20.81 30.85 72.99
N PRO C 311 -21.66 31.56 73.80
CA PRO C 311 -22.86 30.98 74.40
C PRO C 311 -23.78 30.23 73.45
N HIS C 312 -24.08 30.80 72.27
CA HIS C 312 -25.01 30.12 71.38
C HIS C 312 -24.46 28.79 70.83
N ILE C 313 -23.13 28.71 70.72
CA ILE C 313 -22.45 27.49 70.27
C ILE C 313 -22.44 26.46 71.40
N ILE C 314 -22.06 26.89 72.62
CA ILE C 314 -22.02 26.00 73.76
C ILE C 314 -23.40 25.40 74.02
N GLU C 315 -24.38 26.27 74.12
CA GLU C 315 -25.67 25.86 74.62
C GLU C 315 -26.37 24.93 73.65
N ARG C 316 -26.10 25.02 72.34
CA ARG C 316 -26.71 24.07 71.42
C ARG C 316 -25.86 22.83 71.12
N ASN C 317 -24.69 22.68 71.74
CA ASN C 317 -23.83 21.52 71.54
C ASN C 317 -23.48 21.33 70.05
N THR C 318 -23.08 22.41 69.38
CA THR C 318 -22.74 22.30 67.98
C THR C 318 -21.44 21.50 67.82
N PHE C 319 -20.57 21.54 68.86
CA PHE C 319 -19.26 20.91 68.88
C PHE C 319 -19.16 19.92 70.04
N TYR C 320 -18.24 18.96 69.94
CA TYR C 320 -17.87 18.04 71.02
C TYR C 320 -16.35 18.01 71.09
N GLU C 321 -15.78 17.74 72.27
CA GLU C 321 -14.33 17.60 72.41
C GLU C 321 -13.87 16.22 71.98
N ALA C 322 -12.71 16.15 71.35
CA ALA C 322 -12.12 14.89 70.95
C ALA C 322 -10.63 15.12 70.73
N ASN C 323 -9.81 14.15 71.12
CA ASN C 323 -8.45 14.06 70.60
C ASN C 323 -7.87 15.47 70.45
N GLY C 324 -7.82 16.21 71.57
CA GLY C 324 -7.16 17.51 71.65
C GLY C 324 -7.69 18.52 70.63
N GLY C 325 -9.01 18.73 70.64
CA GLY C 325 -9.64 19.71 69.77
C GLY C 325 -11.13 19.46 69.63
N TRP C 326 -11.87 20.55 69.45
CA TRP C 326 -13.30 20.48 69.18
C TRP C 326 -13.53 19.99 67.76
N GLN C 327 -14.64 19.27 67.57
CA GLN C 327 -15.09 18.76 66.29
C GLN C 327 -16.60 18.99 66.23
N PRO C 328 -17.17 19.25 65.05
CA PRO C 328 -18.59 19.47 64.97
C PRO C 328 -19.42 18.21 65.12
N MET C 329 -20.54 18.35 65.83
CA MET C 329 -21.49 17.27 65.97
C MET C 329 -22.18 17.08 64.65
N PRO C 330 -22.73 15.87 64.42
CA PRO C 330 -23.54 15.58 63.25
C PRO C 330 -24.60 16.63 62.99
N ALA C 331 -24.88 16.84 61.71
CA ALA C 331 -25.91 17.73 61.25
C ALA C 331 -26.58 17.06 60.05
N PRO C 332 -27.88 17.29 59.78
CA PRO C 332 -28.76 18.07 60.64
C PRO C 332 -29.19 17.25 61.85
N ARG C 333 -30.19 17.74 62.60
CA ARG C 333 -30.65 17.04 63.80
C ARG C 333 -32.02 16.43 63.54
N PHE C 334 -32.30 15.35 64.28
CA PHE C 334 -33.51 14.55 64.11
C PHE C 334 -34.24 14.45 65.44
N SER C 335 -35.58 14.64 65.41
CA SER C 335 -36.41 14.56 66.62
C SER C 335 -36.49 13.14 67.20
N ARG C 336 -36.82 12.14 66.36
CA ARG C 336 -37.01 10.78 66.86
C ARG C 336 -35.71 9.96 66.84
N THR C 337 -35.13 9.73 65.66
CA THR C 337 -33.91 8.91 65.59
C THR C 337 -32.68 9.80 65.62
N ALA C 338 -32.25 10.17 66.83
CA ALA C 338 -31.19 11.15 66.99
C ALA C 338 -29.83 10.50 66.74
N SER C 339 -28.91 11.28 66.18
CA SER C 339 -27.52 10.87 66.04
C SER C 339 -26.83 10.87 67.39
N SER C 340 -25.74 10.10 67.48
CA SER C 340 -24.90 10.09 68.68
C SER C 340 -23.57 10.76 68.38
N GLN C 341 -22.84 11.03 69.45
CA GLN C 341 -21.48 11.53 69.33
C GLN C 341 -20.70 10.63 68.38
N PRO C 342 -19.92 11.16 67.42
CA PRO C 342 -19.14 10.31 66.53
C PRO C 342 -18.12 9.42 67.25
N ARG C 343 -17.88 8.22 66.70
CA ARG C 343 -16.86 7.30 67.21
C ARG C 343 -15.54 7.73 66.60
N PRO C 344 -14.46 7.89 67.39
CA PRO C 344 -13.14 8.20 66.83
C PRO C 344 -12.69 7.16 65.81
N PRO C 345 -11.77 7.48 64.87
CA PRO C 345 -11.29 6.48 63.93
C PRO C 345 -10.72 5.27 64.67
N ALA C 346 -11.18 4.07 64.28
CA ALA C 346 -10.81 2.83 64.94
C ALA C 346 -9.51 2.32 64.35
N ALA C 347 -8.88 1.35 65.03
CA ALA C 347 -7.76 0.60 64.48
C ALA C 347 -8.24 -0.24 63.29
N THR C 348 -7.29 -0.66 62.45
CA THR C 348 -7.63 -1.45 61.28
C THR C 348 -8.30 -2.73 61.75
N ILE C 349 -9.22 -3.20 60.92
CA ILE C 349 -10.00 -4.39 61.18
C ILE C 349 -9.64 -5.34 60.04
N ASP C 350 -9.80 -6.65 60.28
CA ASP C 350 -9.68 -7.65 59.24
C ASP C 350 -10.97 -7.70 58.42
N ILE C 351 -10.83 -7.66 57.09
CA ILE C 351 -11.99 -7.59 56.22
C ILE C 351 -12.86 -8.84 56.34
N GLU C 352 -12.27 -9.95 56.82
CA GLU C 352 -13.02 -11.17 57.08
C GLU C 352 -14.00 -10.97 58.23
N ALA C 353 -13.53 -10.31 59.30
CA ALA C 353 -14.33 -10.08 60.50
C ALA C 353 -15.58 -9.27 60.19
N VAL C 354 -15.46 -8.34 59.25
CA VAL C 354 -16.59 -7.54 58.79
C VAL C 354 -17.58 -8.47 58.10
N LEU C 355 -17.09 -9.37 57.23
CA LEU C 355 -17.93 -10.28 56.47
C LEU C 355 -18.69 -11.26 57.38
N THR C 356 -18.10 -11.59 58.53
CA THR C 356 -18.80 -12.38 59.55
C THR C 356 -19.98 -11.53 60.02
N ASP C 357 -19.66 -10.40 60.67
CA ASP C 357 -20.65 -9.50 61.25
C ASP C 357 -21.80 -9.27 60.26
N TRP C 358 -21.50 -9.04 58.98
CA TRP C 358 -22.55 -8.76 58.00
C TRP C 358 -23.23 -10.02 57.48
N ASP C 359 -22.78 -11.20 57.92
CA ASP C 359 -23.36 -12.48 57.50
C ASP C 359 -23.15 -12.68 55.99
N MET D 1 -43.34 12.67 35.98
CA MET D 1 -42.18 13.56 36.29
C MET D 1 -40.88 12.74 36.37
N ALA D 2 -39.84 13.18 35.63
CA ALA D 2 -38.59 12.43 35.53
C ALA D 2 -37.74 12.57 36.80
N GLY D 3 -37.09 11.47 37.18
CA GLY D 3 -35.96 11.51 38.06
C GLY D 3 -36.25 10.62 39.25
N PRO D 4 -35.28 10.41 40.16
CA PRO D 4 -35.45 9.41 41.21
C PRO D 4 -36.40 9.81 42.31
N LEU D 5 -36.86 11.07 42.33
CA LEU D 5 -37.74 11.50 43.41
C LEU D 5 -39.17 11.62 42.89
N SER D 6 -39.43 11.07 41.69
CA SER D 6 -40.79 10.83 41.21
C SER D 6 -41.65 10.24 42.33
N GLY D 7 -42.81 10.87 42.55
CA GLY D 7 -43.78 10.37 43.52
C GLY D 7 -43.66 11.04 44.89
N LEU D 8 -42.56 11.78 45.13
CA LEU D 8 -42.38 12.51 46.38
C LEU D 8 -43.21 13.79 46.33
N ARG D 9 -43.96 14.02 47.42
CA ARG D 9 -44.81 15.20 47.55
C ARG D 9 -44.28 16.13 48.63
N VAL D 10 -44.13 17.39 48.23
CA VAL D 10 -43.41 18.34 49.05
C VAL D 10 -44.25 19.61 49.14
N VAL D 11 -44.50 20.01 50.38
CA VAL D 11 -45.09 21.31 50.65
C VAL D 11 -44.03 22.22 51.26
N GLU D 12 -43.82 23.36 50.58
CA GLU D 12 -42.82 24.35 50.95
C GLU D 12 -43.55 25.63 51.37
N LEU D 13 -43.31 26.10 52.59
CA LEU D 13 -43.80 27.43 52.99
C LEU D 13 -42.79 28.49 52.57
N ALA D 14 -43.21 29.36 51.65
CA ALA D 14 -42.32 30.28 50.97
C ALA D 14 -41.47 31.08 51.96
N GLY D 15 -40.15 30.86 51.88
CA GLY D 15 -39.19 31.68 52.59
C GLY D 15 -38.16 32.24 51.63
N ILE D 16 -36.94 32.47 52.15
CA ILE D 16 -35.84 32.97 51.35
C ILE D 16 -34.60 32.16 51.69
N GLY D 17 -33.70 32.07 50.69
CA GLY D 17 -32.39 31.45 50.88
C GLY D 17 -32.47 29.94 50.78
N PRO D 18 -32.12 29.23 51.86
CA PRO D 18 -31.92 27.81 51.80
C PRO D 18 -33.19 27.04 51.49
N GLY D 19 -34.28 27.45 52.12
CA GLY D 19 -35.53 26.71 52.00
C GLY D 19 -35.92 26.54 50.54
N PRO D 20 -35.99 27.63 49.76
CA PRO D 20 -36.31 27.49 48.35
C PRO D 20 -35.27 26.74 47.50
N HIS D 21 -34.00 26.77 47.90
CA HIS D 21 -32.97 26.07 47.14
C HIS D 21 -33.20 24.58 47.37
N ALA D 22 -33.41 24.18 48.64
CA ALA D 22 -33.72 22.79 48.97
C ALA D 22 -34.93 22.30 48.18
N ALA D 23 -35.99 23.09 48.17
CA ALA D 23 -37.21 22.72 47.47
C ALA D 23 -36.93 22.61 45.98
N MET D 24 -36.01 23.43 45.48
CA MET D 24 -35.72 23.48 44.06
C MET D 24 -35.06 22.17 43.64
N ILE D 25 -34.15 21.70 44.47
CA ILE D 25 -33.40 20.51 44.12
C ILE D 25 -34.33 19.30 44.17
N LEU D 26 -35.24 19.24 45.15
CA LEU D 26 -36.22 18.16 45.22
C LEU D 26 -37.04 18.11 43.93
N GLY D 27 -37.58 19.24 43.50
CA GLY D 27 -38.28 19.30 42.22
C GLY D 27 -37.40 18.87 41.05
N ASP D 28 -36.16 19.39 41.03
CA ASP D 28 -35.17 19.08 40.01
C ASP D 28 -35.09 17.56 39.80
N LEU D 29 -35.01 16.81 40.91
CA LEU D 29 -34.88 15.36 40.90
C LEU D 29 -36.24 14.62 40.84
N GLY D 30 -37.30 15.32 40.41
CA GLY D 30 -38.56 14.67 40.09
C GLY D 30 -39.71 14.90 41.08
N ALA D 31 -39.43 15.44 42.29
CA ALA D 31 -40.45 15.62 43.31
C ALA D 31 -41.50 16.61 42.86
N ASP D 32 -42.71 16.39 43.38
CA ASP D 32 -43.86 17.27 43.20
C ASP D 32 -43.88 18.26 44.37
N VAL D 33 -43.60 19.52 44.02
CA VAL D 33 -43.33 20.54 45.00
C VAL D 33 -44.40 21.59 44.80
N VAL D 34 -45.13 21.78 45.91
CA VAL D 34 -46.15 22.80 46.00
C VAL D 34 -45.69 23.79 47.05
N ARG D 35 -45.53 25.03 46.58
CA ARG D 35 -45.07 26.14 47.40
C ARG D 35 -46.26 27.01 47.80
N ILE D 36 -46.52 27.09 49.10
CA ILE D 36 -47.53 28.02 49.59
C ILE D 36 -46.89 29.38 49.84
N ASP D 37 -47.18 30.36 48.99
CA ASP D 37 -46.77 31.74 49.22
C ASP D 37 -47.96 32.53 49.78
N ARG D 38 -47.74 33.79 50.19
CA ARG D 38 -48.86 34.60 50.65
C ARG D 38 -49.38 35.43 49.48
N PRO D 39 -50.65 35.86 49.47
CA PRO D 39 -51.21 36.56 48.33
C PRO D 39 -50.53 37.89 48.02
N SER D 40 -49.99 38.53 49.08
CA SER D 40 -49.22 39.76 48.99
C SER D 40 -48.07 39.64 47.97
N SER D 41 -47.58 38.43 47.68
CA SER D 41 -46.56 38.22 46.66
C SER D 41 -47.14 37.50 45.44
N VAL D 42 -47.92 38.20 44.60
CA VAL D 42 -48.58 37.60 43.44
C VAL D 42 -48.60 38.63 42.31
N ASP D 43 -47.85 38.33 41.26
CA ASP D 43 -47.62 39.27 40.17
C ASP D 43 -47.11 38.51 38.95
N GLY D 44 -48.03 38.04 38.10
CA GLY D 44 -47.68 37.29 36.90
C GLY D 44 -46.85 36.05 37.23
N ILE D 45 -46.06 35.59 36.25
CA ILE D 45 -45.17 34.47 36.45
C ILE D 45 -43.91 35.01 37.15
N SER D 46 -43.37 34.26 38.14
CA SER D 46 -42.16 34.68 38.85
C SER D 46 -40.93 34.66 37.93
N ARG D 47 -40.05 35.66 38.09
CA ARG D 47 -38.87 35.82 37.25
C ARG D 47 -37.63 35.29 37.98
N ASP D 48 -37.85 34.53 39.07
CA ASP D 48 -36.78 33.91 39.84
C ASP D 48 -36.66 32.44 39.42
N ALA D 49 -35.60 32.13 38.65
CA ALA D 49 -35.40 30.78 38.14
C ALA D 49 -35.10 29.80 39.29
N MET D 50 -34.94 30.26 40.54
CA MET D 50 -34.87 29.35 41.68
C MET D 50 -36.22 28.71 42.02
N LEU D 51 -37.32 29.28 41.48
CA LEU D 51 -38.66 28.78 41.73
C LEU D 51 -39.08 27.84 40.60
N ARG D 52 -38.10 27.28 39.90
CA ARG D 52 -38.37 26.31 38.84
C ARG D 52 -38.81 24.99 39.48
N ASN D 53 -39.45 24.13 38.68
CA ASN D 53 -39.96 22.84 39.13
C ASN D 53 -40.93 22.93 40.30
N ARG D 54 -41.90 23.85 40.24
CA ARG D 54 -42.88 24.02 41.31
C ARG D 54 -44.27 24.26 40.71
N ARG D 55 -45.28 23.97 41.53
CA ARG D 55 -46.54 24.69 41.40
C ARG D 55 -46.67 25.65 42.58
N ILE D 56 -46.94 26.93 42.29
CA ILE D 56 -47.09 27.97 43.29
C ILE D 56 -48.58 28.13 43.64
N VAL D 57 -48.91 28.04 44.93
CA VAL D 57 -50.22 28.50 45.41
C VAL D 57 -50.05 29.64 46.41
N THR D 58 -51.11 30.44 46.59
CA THR D 58 -51.18 31.40 47.67
C THR D 58 -52.27 30.99 48.67
N ALA D 59 -52.13 31.47 49.91
CA ALA D 59 -53.01 31.17 51.01
C ALA D 59 -52.67 32.13 52.16
N ASP D 60 -53.68 32.73 52.78
CA ASP D 60 -53.43 33.51 53.97
C ASP D 60 -53.48 32.58 55.18
N LEU D 61 -52.32 32.21 55.73
CA LEU D 61 -52.28 31.21 56.78
C LEU D 61 -52.81 31.77 58.08
N LYS D 62 -53.05 33.08 58.11
CA LYS D 62 -53.60 33.70 59.30
C LYS D 62 -55.13 33.59 59.30
N SER D 63 -55.73 33.40 58.12
CA SER D 63 -57.15 33.14 58.06
C SER D 63 -57.45 31.69 58.46
N ASP D 64 -58.74 31.35 58.62
CA ASP D 64 -59.12 30.00 59.02
C ASP D 64 -59.17 29.12 57.77
N GLN D 65 -59.63 29.69 56.66
CA GLN D 65 -59.72 28.91 55.44
C GLN D 65 -58.32 28.57 54.91
N GLY D 66 -57.43 29.58 54.87
CA GLY D 66 -56.03 29.42 54.51
C GLY D 66 -55.35 28.29 55.27
N LEU D 67 -55.49 28.29 56.61
CA LEU D 67 -54.93 27.27 57.48
C LEU D 67 -55.50 25.90 57.17
N GLU D 68 -56.78 25.85 56.82
CA GLU D 68 -57.45 24.58 56.63
C GLU D 68 -56.93 23.94 55.33
N LEU D 69 -56.90 24.72 54.24
CA LEU D 69 -56.40 24.26 52.96
C LEU D 69 -54.94 23.85 53.07
N ALA D 70 -54.17 24.55 53.89
CA ALA D 70 -52.76 24.22 54.06
C ALA D 70 -52.60 22.88 54.76
N LEU D 71 -53.44 22.62 55.78
CA LEU D 71 -53.35 21.38 56.54
C LEU D 71 -53.86 20.18 55.71
N LYS D 72 -54.72 20.45 54.73
CA LYS D 72 -55.18 19.40 53.84
C LYS D 72 -54.04 18.96 52.93
N LEU D 73 -53.40 19.95 52.26
CA LEU D 73 -52.18 19.74 51.48
C LEU D 73 -51.15 18.93 52.26
N ILE D 74 -50.81 19.39 53.47
CA ILE D 74 -49.83 18.71 54.28
C ILE D 74 -50.22 17.26 54.58
N ALA D 75 -51.53 16.97 54.65
CA ALA D 75 -52.01 15.62 55.01
C ALA D 75 -51.69 14.61 53.89
N LYS D 76 -51.70 15.09 52.64
CA LYS D 76 -51.44 14.28 51.46
C LYS D 76 -49.96 14.23 51.09
N ALA D 77 -49.05 14.82 51.90
CA ALA D 77 -47.68 15.07 51.44
C ALA D 77 -46.69 14.21 52.21
N ASP D 78 -45.47 14.14 51.66
CA ASP D 78 -44.39 13.43 52.34
C ASP D 78 -43.55 14.36 53.19
N VAL D 79 -43.35 15.58 52.67
CA VAL D 79 -42.40 16.51 53.26
C VAL D 79 -43.01 17.90 53.42
N LEU D 80 -42.67 18.53 54.54
CA LEU D 80 -42.95 19.94 54.74
C LEU D 80 -41.63 20.67 54.95
N ILE D 81 -41.44 21.76 54.20
CA ILE D 81 -40.32 22.67 54.40
C ILE D 81 -40.81 24.04 54.89
N GLU D 82 -40.19 24.51 55.98
CA GLU D 82 -40.34 25.89 56.40
C GLU D 82 -39.00 26.48 56.85
N GLY D 83 -38.86 27.80 56.62
CA GLY D 83 -37.67 28.50 57.03
C GLY D 83 -37.96 29.85 57.69
N TYR D 84 -38.88 29.84 58.65
CA TYR D 84 -39.27 31.01 59.41
C TYR D 84 -38.55 30.91 60.76
N ARG D 85 -38.62 31.95 61.57
CA ARG D 85 -38.07 31.88 62.92
C ARG D 85 -38.75 30.73 63.66
N PRO D 86 -38.04 30.09 64.61
CA PRO D 86 -38.71 29.16 65.50
C PRO D 86 -39.92 29.83 66.19
N GLY D 87 -40.98 29.03 66.36
CA GLY D 87 -42.20 29.49 67.00
C GLY D 87 -43.22 29.95 65.97
N VAL D 88 -42.80 30.28 64.75
CA VAL D 88 -43.73 30.85 63.79
C VAL D 88 -44.78 29.84 63.35
N THR D 89 -44.36 28.60 63.02
CA THR D 89 -45.34 27.69 62.44
C THR D 89 -46.31 27.25 63.54
N GLU D 90 -45.77 27.11 64.75
CA GLU D 90 -46.54 26.78 65.94
C GLU D 90 -47.71 27.76 66.09
N ARG D 91 -47.41 29.06 66.18
CA ARG D 91 -48.43 30.08 66.41
C ARG D 91 -49.38 30.18 65.23
N LEU D 92 -48.98 29.75 64.03
CA LEU D 92 -49.91 29.71 62.90
C LEU D 92 -50.83 28.46 62.92
N GLY D 93 -50.55 27.48 63.80
CA GLY D 93 -51.25 26.19 63.79
C GLY D 93 -50.71 25.18 62.77
N LEU D 94 -49.49 25.41 62.25
CA LEU D 94 -48.81 24.53 61.29
C LEU D 94 -47.54 23.96 61.91
N GLY D 95 -47.44 23.98 63.24
CA GLY D 95 -46.28 23.44 63.92
C GLY D 95 -46.19 21.93 63.72
N PRO D 96 -45.06 21.31 64.13
CA PRO D 96 -44.91 19.87 64.03
C PRO D 96 -46.04 19.09 64.69
N GLU D 97 -46.49 19.51 65.88
CA GLU D 97 -47.50 18.74 66.61
C GLU D 97 -48.85 18.80 65.89
N GLU D 98 -49.23 19.98 65.42
CA GLU D 98 -50.48 20.08 64.68
C GLU D 98 -50.44 19.24 63.40
N CYS D 99 -49.27 19.16 62.77
CA CYS D 99 -49.09 18.43 61.52
C CYS D 99 -49.07 16.92 61.77
N ALA D 100 -48.54 16.50 62.93
CA ALA D 100 -48.45 15.09 63.29
C ALA D 100 -49.84 14.50 63.52
N LYS D 101 -50.82 15.35 63.83
CA LYS D 101 -52.20 14.93 63.97
C LYS D 101 -52.86 14.69 62.61
N VAL D 102 -52.39 15.31 61.53
CA VAL D 102 -53.07 15.07 60.27
C VAL D 102 -52.22 14.14 59.40
N ASN D 103 -51.01 13.76 59.83
CA ASN D 103 -50.10 13.04 58.94
C ASN D 103 -48.86 12.66 59.72
N ASP D 104 -48.88 11.47 60.32
CA ASP D 104 -47.77 11.01 61.13
C ASP D 104 -46.63 10.46 60.27
N ARG D 105 -46.77 10.50 58.94
CA ARG D 105 -45.69 10.07 58.06
C ARG D 105 -44.87 11.26 57.54
N LEU D 106 -45.20 12.47 58.02
CA LEU D 106 -44.66 13.72 57.50
C LEU D 106 -43.19 13.86 57.87
N ILE D 107 -42.37 14.22 56.89
CA ILE D 107 -41.05 14.74 57.21
C ILE D 107 -41.17 16.25 57.38
N TYR D 108 -40.89 16.70 58.62
CA TYR D 108 -41.07 18.09 58.99
C TYR D 108 -39.70 18.74 59.06
N ALA D 109 -39.41 19.50 58.00
CA ALA D 109 -38.07 20.03 57.74
C ALA D 109 -38.02 21.51 58.10
N ARG D 110 -37.24 21.84 59.15
CA ARG D 110 -37.11 23.18 59.67
C ARG D 110 -35.74 23.80 59.31
N MET D 111 -35.78 24.79 58.44
CA MET D 111 -34.58 25.44 57.94
C MET D 111 -34.34 26.78 58.63
N THR D 112 -33.30 26.86 59.49
CA THR D 112 -32.94 28.12 60.12
C THR D 112 -31.42 28.28 60.08
N GLY D 113 -30.98 29.45 60.59
CA GLY D 113 -29.58 29.79 60.68
C GLY D 113 -29.03 29.40 62.04
N TRP D 114 -29.74 29.81 63.11
CA TRP D 114 -29.25 29.69 64.47
C TRP D 114 -29.74 28.42 65.15
N GLY D 115 -30.75 27.77 64.61
CA GLY D 115 -31.32 26.61 65.28
C GLY D 115 -32.64 26.95 65.94
N GLN D 116 -33.23 25.92 66.55
CA GLN D 116 -34.56 26.03 67.12
C GLN D 116 -34.48 26.61 68.54
N THR D 117 -33.37 26.39 69.26
CA THR D 117 -33.24 26.95 70.59
C THR D 117 -31.99 27.80 70.69
N GLY D 118 -31.84 28.47 71.84
CA GLY D 118 -30.60 29.11 72.22
C GLY D 118 -30.66 30.63 72.08
N PRO D 119 -29.64 31.32 72.61
CA PRO D 119 -29.73 32.76 72.80
C PRO D 119 -29.87 33.57 71.54
N ARG D 120 -29.48 33.02 70.38
CA ARG D 120 -29.55 33.82 69.15
C ARG D 120 -30.71 33.36 68.32
N SER D 121 -31.51 32.45 68.88
CA SER D 121 -32.43 31.68 68.05
C SER D 121 -33.55 32.54 67.50
N GLN D 122 -33.73 33.77 68.04
CA GLN D 122 -34.75 34.65 67.47
C GLN D 122 -34.17 35.83 66.70
N GLN D 123 -32.84 35.98 66.66
CA GLN D 123 -32.24 37.08 65.90
C GLN D 123 -32.39 36.84 64.39
N ALA D 124 -32.82 37.86 63.63
CA ALA D 124 -32.71 37.82 62.17
C ALA D 124 -31.24 37.65 61.77
N GLY D 125 -31.04 37.10 60.57
CA GLY D 125 -29.71 37.02 60.02
C GLY D 125 -29.72 36.56 58.57
N HIS D 126 -28.51 36.64 58.00
CA HIS D 126 -28.19 36.10 56.68
C HIS D 126 -26.91 35.26 56.75
N ASP D 127 -26.63 34.60 55.63
CA ASP D 127 -25.46 33.72 55.51
C ASP D 127 -24.26 34.25 56.28
N ILE D 128 -23.90 35.52 55.99
CA ILE D 128 -22.65 36.09 56.51
C ILE D 128 -22.65 36.05 58.03
N ASN D 129 -23.83 36.09 58.65
CA ASN D 129 -23.89 36.07 60.11
C ASN D 129 -23.67 34.67 60.64
N TYR D 130 -24.27 33.66 60.00
CA TYR D 130 -24.21 32.32 60.55
C TYR D 130 -22.76 31.84 60.44
N ILE D 131 -22.06 32.18 59.36
CA ILE D 131 -20.66 31.75 59.20
C ILE D 131 -19.67 32.63 59.96
N SER D 132 -20.07 33.81 60.43
CA SER D 132 -19.21 34.58 61.31
C SER D 132 -19.00 33.86 62.65
N LEU D 133 -19.99 33.14 63.15
CA LEU D 133 -19.97 32.75 64.54
C LEU D 133 -19.23 31.43 64.76
N ASN D 134 -19.00 30.65 63.69
CA ASN D 134 -18.45 29.33 63.86
C ASN D 134 -17.04 29.22 63.27
N GLY D 135 -16.38 30.36 63.06
CA GLY D 135 -14.98 30.40 62.67
C GLY D 135 -14.77 30.44 61.15
N ILE D 136 -15.81 30.23 60.35
CA ILE D 136 -15.65 30.07 58.93
C ILE D 136 -15.28 31.39 58.26
N LEU D 137 -16.04 32.47 58.51
CA LEU D 137 -15.84 33.72 57.80
C LEU D 137 -14.43 34.25 58.04
N HIS D 138 -13.96 34.13 59.27
CA HIS D 138 -12.66 34.62 59.68
C HIS D 138 -11.52 33.99 58.88
N ALA D 139 -11.77 32.77 58.38
CA ALA D 139 -10.75 32.00 57.69
C ALA D 139 -10.70 32.33 56.20
N ILE D 140 -11.60 33.19 55.70
CA ILE D 140 -11.65 33.44 54.26
C ILE D 140 -11.12 34.83 53.89
N GLY D 141 -10.17 34.84 52.93
CA GLY D 141 -9.65 36.08 52.37
C GLY D 141 -8.15 36.22 52.60
N ARG D 142 -7.59 37.32 52.11
CA ARG D 142 -6.16 37.55 52.23
C ARG D 142 -5.86 37.93 53.67
N GLY D 143 -4.60 37.62 54.09
CA GLY D 143 -4.07 37.88 55.42
C GLY D 143 -3.95 39.37 55.73
N ASP D 144 -3.79 40.19 54.71
CA ASP D 144 -3.56 41.62 54.89
C ASP D 144 -4.87 42.41 54.85
N GLU D 145 -6.02 41.75 54.87
CA GLU D 145 -7.26 42.47 54.70
C GLU D 145 -8.30 41.86 55.62
N ARG D 146 -9.48 42.46 55.68
CA ARG D 146 -10.57 41.92 56.48
C ARG D 146 -11.28 40.77 55.75
N PRO D 147 -11.92 39.84 56.47
CA PRO D 147 -12.55 38.68 55.86
C PRO D 147 -13.51 39.04 54.74
N VAL D 148 -13.56 38.15 53.73
CA VAL D 148 -14.40 38.40 52.57
C VAL D 148 -15.47 37.31 52.53
N PRO D 149 -16.76 37.71 52.36
CA PRO D 149 -17.83 36.73 52.26
C PRO D 149 -17.70 35.90 51.01
N PRO D 150 -17.73 34.55 51.14
CA PRO D 150 -17.73 33.67 49.99
C PRO D 150 -19.12 33.55 49.39
N LEU D 151 -19.57 34.66 48.83
CA LEU D 151 -20.96 34.89 48.52
C LEU D 151 -21.79 34.36 49.70
N ASN D 152 -22.97 33.83 49.39
CA ASN D 152 -23.84 33.14 50.35
C ASN D 152 -23.82 31.63 50.11
N LEU D 153 -22.65 31.08 49.76
CA LEU D 153 -22.56 29.71 49.27
C LEU D 153 -22.38 28.73 50.41
N VAL D 154 -21.76 29.19 51.49
CA VAL D 154 -21.33 28.28 52.53
C VAL D 154 -22.40 28.11 53.60
N GLY D 155 -23.11 29.18 53.95
CA GLY D 155 -24.16 29.12 54.96
C GLY D 155 -25.52 28.72 54.38
N ASP D 156 -26.03 29.52 53.43
CA ASP D 156 -27.32 29.28 52.81
C ASP D 156 -27.34 27.90 52.14
N PHE D 157 -26.35 27.58 51.29
CA PHE D 157 -26.52 26.45 50.40
C PHE D 157 -25.73 25.29 50.97
N GLY D 158 -24.41 25.40 50.91
CA GLY D 158 -23.56 24.28 51.24
C GLY D 158 -23.86 23.76 52.64
N GLY D 159 -23.93 24.65 53.62
CA GLY D 159 -24.14 24.22 55.00
C GLY D 159 -25.60 24.39 55.42
N GLY D 160 -26.47 24.73 54.47
CA GLY D 160 -27.84 25.09 54.77
C GLY D 160 -28.84 24.17 54.07
N SER D 161 -29.25 24.55 52.86
CA SER D 161 -30.18 23.76 52.07
C SER D 161 -29.68 22.32 51.94
N MET D 162 -28.36 22.13 51.78
CA MET D 162 -27.86 20.83 51.41
C MET D 162 -28.04 19.91 52.60
N PHE D 163 -27.91 20.46 53.81
CA PHE D 163 -28.07 19.64 54.99
C PHE D 163 -29.56 19.38 55.22
N LEU D 164 -30.41 20.35 54.88
CA LEU D 164 -31.84 20.13 54.88
C LEU D 164 -32.18 18.95 53.95
N LEU D 165 -31.58 18.90 52.75
CA LEU D 165 -31.82 17.83 51.79
C LEU D 165 -31.34 16.48 52.33
N VAL D 166 -30.14 16.41 52.85
CA VAL D 166 -29.69 15.17 53.45
C VAL D 166 -30.62 14.68 54.57
N GLY D 167 -31.10 15.62 55.42
CA GLY D 167 -31.95 15.26 56.55
C GLY D 167 -33.30 14.70 56.10
N ILE D 168 -33.91 15.42 55.15
CA ILE D 168 -35.17 15.01 54.56
C ILE D 168 -35.04 13.61 54.01
N LEU D 169 -34.04 13.41 53.14
CA LEU D 169 -33.90 12.13 52.46
C LEU D 169 -33.47 11.03 53.43
N ALA D 170 -32.68 11.34 54.48
CA ALA D 170 -32.32 10.33 55.45
C ALA D 170 -33.52 9.91 56.32
N ALA D 171 -34.38 10.88 56.63
CA ALA D 171 -35.61 10.65 57.37
C ALA D 171 -36.54 9.68 56.62
N LEU D 172 -36.69 9.89 55.29
CA LEU D 172 -37.45 9.06 54.37
C LEU D 172 -36.92 7.63 54.31
N TRP D 173 -35.61 7.49 54.37
CA TRP D 173 -35.00 6.19 54.59
C TRP D 173 -35.57 5.56 55.86
N GLU D 174 -35.44 6.27 56.98
CA GLU D 174 -35.84 5.72 58.25
C GLU D 174 -37.33 5.39 58.23
N ARG D 175 -38.15 6.25 57.62
CA ARG D 175 -39.58 6.08 57.53
C ARG D 175 -39.93 4.75 56.88
N GLN D 176 -39.00 4.19 56.10
CA GLN D 176 -39.28 2.98 55.36
C GLN D 176 -39.42 1.83 56.33
N SER D 177 -38.68 1.84 57.45
CA SER D 177 -38.84 0.74 58.39
C SER D 177 -39.59 1.13 59.70
N SER D 178 -39.92 2.42 59.92
CA SER D 178 -40.62 2.81 61.13
C SER D 178 -42.11 3.08 60.89
N GLY D 179 -42.50 3.37 59.64
CA GLY D 179 -43.84 3.82 59.30
C GLY D 179 -44.09 5.31 59.59
N LYS D 180 -43.13 5.99 60.26
CA LYS D 180 -43.31 7.30 60.85
C LYS D 180 -42.33 8.36 60.29
N GLY D 181 -42.85 9.58 60.15
CA GLY D 181 -42.05 10.78 59.97
C GLY D 181 -41.38 11.27 61.27
N GLN D 182 -40.86 12.51 61.22
CA GLN D 182 -40.14 13.15 62.31
C GLN D 182 -39.69 14.54 61.83
N VAL D 183 -39.08 15.28 62.78
CA VAL D 183 -38.66 16.67 62.55
C VAL D 183 -37.16 16.70 62.25
N VAL D 184 -36.83 17.30 61.12
CA VAL D 184 -35.46 17.65 60.78
C VAL D 184 -35.17 19.09 61.17
N ASP D 185 -34.24 19.29 62.12
CA ASP D 185 -33.74 20.58 62.58
C ASP D 185 -32.41 20.88 61.86
N ALA D 186 -32.47 21.56 60.71
CA ALA D 186 -31.27 22.00 59.99
C ALA D 186 -30.96 23.47 60.28
N ALA D 187 -29.90 23.67 61.03
CA ALA D 187 -29.36 25.00 61.33
C ALA D 187 -28.11 25.27 60.50
N MET D 188 -28.05 26.42 59.81
CA MET D 188 -26.90 26.78 59.00
C MET D 188 -25.61 26.79 59.81
N VAL D 189 -25.68 27.11 61.10
CA VAL D 189 -24.47 27.23 61.91
C VAL D 189 -23.91 25.84 62.20
N ASP D 190 -24.80 24.84 62.23
CA ASP D 190 -24.35 23.46 62.43
C ASP D 190 -23.85 22.91 61.09
N GLY D 191 -24.70 23.03 60.09
CA GLY D 191 -24.43 22.48 58.76
C GLY D 191 -23.09 22.95 58.21
N SER D 192 -22.82 24.27 58.30
CA SER D 192 -21.58 24.82 57.79
C SER D 192 -20.42 24.34 58.63
N SER D 193 -20.62 24.02 59.92
CA SER D 193 -19.54 23.53 60.74
C SER D 193 -19.11 22.11 60.35
N VAL D 194 -20.09 21.27 59.96
CA VAL D 194 -19.79 19.96 59.43
C VAL D 194 -19.16 20.05 58.04
N LEU D 195 -19.61 21.03 57.25
CA LEU D 195 -19.01 21.26 55.95
C LEU D 195 -17.51 21.55 56.09
N ILE D 196 -17.10 22.19 57.18
CA ILE D 196 -15.71 22.58 57.37
C ILE D 196 -15.03 21.65 58.37
N GLN D 197 -15.50 20.40 58.50
CA GLN D 197 -14.93 19.49 59.47
C GLN D 197 -13.43 19.23 59.18
N MET D 198 -13.03 19.22 57.91
CA MET D 198 -11.63 19.07 57.56
C MET D 198 -10.73 20.03 58.33
N MET D 199 -11.10 21.32 58.35
CA MET D 199 -10.28 22.31 59.03
C MET D 199 -10.26 22.07 60.55
N TRP D 200 -11.37 21.65 61.15
CA TRP D 200 -11.37 21.36 62.59
C TRP D 200 -10.41 20.20 62.94
N ALA D 201 -10.40 19.18 62.05
CA ALA D 201 -9.49 18.04 62.12
C ALA D 201 -8.04 18.47 62.00
N MET D 202 -7.72 19.20 60.92
CA MET D 202 -6.36 19.64 60.68
C MET D 202 -5.87 20.55 61.82
N ARG D 203 -6.73 21.41 62.37
CA ARG D 203 -6.35 22.24 63.49
C ARG D 203 -5.91 21.35 64.66
N ALA D 204 -6.61 20.23 64.87
CA ALA D 204 -6.33 19.34 65.99
C ALA D 204 -4.91 18.78 65.86
N THR D 205 -4.45 18.59 64.63
CA THR D 205 -3.18 17.94 64.37
C THR D 205 -2.10 18.97 64.06
N GLY D 206 -2.36 20.28 64.30
CA GLY D 206 -1.40 21.34 64.02
C GLY D 206 -1.18 21.66 62.53
N MET D 207 -2.04 21.20 61.63
CA MET D 207 -1.92 21.40 60.19
C MET D 207 -2.82 22.54 59.69
N TRP D 208 -3.54 23.20 60.59
CA TRP D 208 -4.30 24.37 60.22
C TRP D 208 -4.15 25.39 61.33
N THR D 209 -3.89 26.65 60.99
CA THR D 209 -3.84 27.70 62.00
C THR D 209 -4.93 28.71 61.70
N ASP D 210 -5.15 29.53 62.72
CA ASP D 210 -6.20 30.52 62.74
C ASP D 210 -5.78 31.78 62.02
N THR D 211 -4.52 31.87 61.58
CA THR D 211 -4.11 33.02 60.78
C THR D 211 -4.70 32.91 59.39
N ARG D 212 -5.40 33.95 58.97
CA ARG D 212 -6.01 33.98 57.66
C ARG D 212 -4.92 34.13 56.59
N GLY D 213 -5.07 33.42 55.49
CA GLY D 213 -4.20 33.60 54.35
C GLY D 213 -2.83 32.97 54.58
N ALA D 214 -2.73 32.04 55.52
CA ALA D 214 -1.46 31.43 55.87
C ALA D 214 -1.59 29.91 55.97
N ASN D 215 -2.46 29.29 55.18
CA ASN D 215 -2.62 27.85 55.23
C ASN D 215 -2.59 27.27 53.82
N MET D 216 -2.67 25.94 53.70
CA MET D 216 -2.46 25.32 52.41
C MET D 216 -3.61 25.62 51.45
N LEU D 217 -4.84 25.73 51.98
CA LEU D 217 -6.01 25.84 51.11
C LEU D 217 -6.72 27.20 51.18
N ASP D 218 -6.13 28.24 51.77
CA ASP D 218 -6.82 29.52 51.94
C ASP D 218 -6.20 30.60 51.06
N GLY D 219 -5.23 30.22 50.21
CA GLY D 219 -4.49 31.14 49.38
C GLY D 219 -3.06 31.38 49.84
N GLY D 220 -2.73 31.00 51.08
CA GLY D 220 -1.38 31.07 51.64
C GLY D 220 -0.34 30.26 50.88
N ALA D 221 -0.71 29.15 50.20
CA ALA D 221 0.27 28.33 49.51
C ALA D 221 0.43 28.79 48.06
N PRO D 222 1.66 29.04 47.57
CA PRO D 222 1.85 29.49 46.20
C PRO D 222 1.30 28.55 45.15
N TYR D 223 1.24 27.27 45.49
CA TYR D 223 0.75 26.26 44.57
C TYR D 223 -0.75 25.98 44.75
N TYR D 224 -1.44 26.80 45.55
CA TYR D 224 -2.89 26.68 45.68
C TYR D 224 -3.47 28.08 45.80
N ASP D 225 -3.66 28.72 44.63
CA ASP D 225 -4.08 30.11 44.60
C ASP D 225 -4.35 30.48 43.16
N THR D 226 -4.79 31.72 42.94
CA THR D 226 -4.92 32.27 41.60
C THR D 226 -3.70 33.12 41.28
N TYR D 227 -3.47 33.33 39.98
CA TYR D 227 -2.39 34.17 39.51
C TYR D 227 -2.93 35.03 38.36
N GLU D 228 -2.45 36.26 38.36
CA GLU D 228 -2.82 37.17 37.30
C GLU D 228 -1.91 36.90 36.10
N CYS D 229 -2.51 36.92 34.91
CA CYS D 229 -1.86 36.65 33.65
C CYS D 229 -1.56 37.95 32.92
N ALA D 230 -0.90 37.88 31.75
CA ALA D 230 -0.40 39.05 31.05
C ALA D 230 -1.56 39.94 30.62
N ASP D 231 -2.74 39.34 30.40
CA ASP D 231 -3.90 40.08 29.93
C ASP D 231 -4.74 40.59 31.10
N GLY D 232 -4.35 40.38 32.35
CA GLY D 232 -5.16 40.83 33.47
C GLY D 232 -6.23 39.82 33.89
N ARG D 233 -6.30 38.66 33.22
CA ARG D 233 -7.21 37.61 33.63
C ARG D 233 -6.46 36.58 34.49
N TYR D 234 -7.18 35.59 35.02
CA TYR D 234 -6.56 34.73 36.02
C TYR D 234 -6.59 33.27 35.63
N VAL D 235 -5.62 32.54 36.17
CA VAL D 235 -5.66 31.11 36.24
C VAL D 235 -5.72 30.74 37.71
N ALA D 236 -6.12 29.49 37.93
CA ALA D 236 -6.10 28.86 39.24
C ALA D 236 -5.08 27.72 39.23
N VAL D 237 -4.31 27.65 40.31
CA VAL D 237 -3.34 26.61 40.49
C VAL D 237 -3.74 25.82 41.72
N GLY D 238 -3.74 24.49 41.59
CA GLY D 238 -4.14 23.61 42.66
C GLY D 238 -3.27 22.37 42.75
N ALA D 239 -1.96 22.55 42.49
CA ALA D 239 -0.97 21.48 42.39
C ALA D 239 -0.40 21.13 43.76
N ILE D 240 -1.22 20.45 44.52
CA ILE D 240 -0.82 20.07 45.85
C ILE D 240 0.15 18.89 45.77
N GLU D 241 -0.22 17.87 45.00
CA GLU D 241 0.63 16.67 44.96
C GLU D 241 1.94 16.99 44.23
N PRO D 242 3.08 16.49 44.76
CA PRO D 242 4.38 16.79 44.18
C PRO D 242 4.51 16.54 42.68
N GLN D 243 3.87 15.48 42.18
CA GLN D 243 4.02 15.13 40.78
C GLN D 243 3.24 16.11 39.89
N PHE D 244 2.11 16.61 40.41
CA PHE D 244 1.33 17.58 39.65
C PHE D 244 2.07 18.92 39.67
N TYR D 245 2.62 19.27 40.82
CA TYR D 245 3.44 20.45 40.97
C TYR D 245 4.61 20.43 39.99
N ALA D 246 5.27 19.28 39.81
CA ALA D 246 6.41 19.21 38.91
C ALA D 246 5.97 19.42 37.46
N ALA D 247 4.80 18.86 37.08
CA ALA D 247 4.30 19.03 35.72
C ALA D 247 4.06 20.50 35.50
N MET D 248 3.60 21.17 36.56
CA MET D 248 3.24 22.57 36.45
C MET D 248 4.50 23.39 36.19
N LEU D 249 5.59 23.14 36.95
CA LEU D 249 6.82 23.92 36.77
C LEU D 249 7.36 23.77 35.35
N ALA D 250 7.35 22.53 34.85
CA ALA D 250 7.86 22.25 33.51
C ALA D 250 7.11 23.05 32.46
N GLY D 251 5.77 23.10 32.60
CA GLY D 251 4.89 23.88 31.75
C GLY D 251 5.17 25.38 31.82
N LEU D 252 5.62 25.86 32.99
CA LEU D 252 5.87 27.29 33.16
C LEU D 252 7.26 27.66 32.64
N GLY D 253 8.11 26.66 32.45
CA GLY D 253 9.44 26.93 31.95
C GLY D 253 10.41 27.12 33.10
N LEU D 254 10.04 26.71 34.32
CA LEU D 254 10.85 26.92 35.49
C LEU D 254 11.52 25.61 35.87
N ASP D 255 12.82 25.69 36.11
CA ASP D 255 13.59 24.58 36.59
C ASP D 255 13.42 24.47 38.09
N ALA D 256 13.15 23.25 38.58
CA ALA D 256 13.03 22.98 40.00
C ALA D 256 14.31 23.40 40.74
N ALA D 257 15.47 23.30 40.07
CA ALA D 257 16.75 23.54 40.70
C ALA D 257 16.91 24.99 41.15
N GLU D 258 16.16 25.91 40.55
CA GLU D 258 16.34 27.32 40.83
C GLU D 258 15.25 27.80 41.79
N LEU D 259 14.38 26.88 42.25
CA LEU D 259 13.24 27.27 43.06
C LEU D 259 13.45 26.79 44.49
N PRO D 260 12.85 27.45 45.50
CA PRO D 260 12.79 26.85 46.81
C PRO D 260 11.90 25.59 46.79
N PRO D 261 12.04 24.69 47.77
CA PRO D 261 11.17 23.54 47.86
C PRO D 261 9.69 23.94 47.93
N GLN D 262 8.84 23.13 47.31
CA GLN D 262 7.40 23.40 47.21
C GLN D 262 6.81 23.68 48.58
N ASN D 263 7.31 22.97 49.59
CA ASN D 263 6.69 23.02 50.89
C ASN D 263 7.61 23.60 51.94
N ASP D 264 8.64 24.35 51.54
CA ASP D 264 9.42 25.15 52.49
C ASP D 264 8.71 26.49 52.72
N ARG D 265 7.88 26.55 53.78
CA ARG D 265 6.97 27.67 54.02
C ARG D 265 7.73 28.96 54.25
N ALA D 266 8.91 28.85 54.85
CA ALA D 266 9.72 30.03 55.13
C ALA D 266 10.13 30.69 53.82
N ARG D 267 10.13 29.94 52.72
CA ARG D 267 10.57 30.52 51.45
C ARG D 267 9.42 30.71 50.46
N TRP D 268 8.18 30.60 50.95
CA TRP D 268 7.02 30.81 50.09
C TRP D 268 6.99 32.20 49.47
N PRO D 269 7.46 33.26 50.16
CA PRO D 269 7.59 34.56 49.53
C PRO D 269 8.34 34.55 48.20
N GLU D 270 9.50 33.91 48.21
CA GLU D 270 10.34 33.80 47.03
C GLU D 270 9.65 32.96 45.97
N LEU D 271 9.10 31.82 46.39
CA LEU D 271 8.43 30.93 45.45
C LEU D 271 7.27 31.67 44.80
N ARG D 272 6.51 32.42 45.60
CA ARG D 272 5.37 33.13 45.05
C ARG D 272 5.85 34.15 44.01
N ALA D 273 6.93 34.86 44.32
CA ALA D 273 7.43 35.83 43.34
C ALA D 273 7.84 35.15 42.04
N LEU D 274 8.53 34.00 42.12
CA LEU D 274 8.92 33.28 40.91
C LEU D 274 7.70 32.82 40.11
N LEU D 275 6.72 32.17 40.76
CA LEU D 275 5.50 31.79 40.04
C LEU D 275 4.76 33.00 39.47
N THR D 276 4.71 34.11 40.22
CA THR D 276 3.94 35.29 39.82
C THR D 276 4.47 35.83 38.50
N GLU D 277 5.82 35.94 38.43
CA GLU D 277 6.51 36.44 37.24
C GLU D 277 6.25 35.50 36.08
N ALA D 278 6.27 34.18 36.31
CA ALA D 278 6.09 33.27 35.20
C ALA D 278 4.68 33.38 34.64
N PHE D 279 3.63 33.39 35.49
CA PHE D 279 2.25 33.34 34.98
C PHE D 279 1.94 34.66 34.31
N ALA D 280 2.57 35.74 34.80
CA ALA D 280 2.31 37.06 34.25
C ALA D 280 2.88 37.20 32.84
N SER D 281 3.69 36.24 32.39
CA SER D 281 4.43 36.42 31.15
C SER D 281 3.62 35.95 29.93
N HIS D 282 2.45 35.37 30.15
CA HIS D 282 1.59 34.95 29.06
C HIS D 282 0.16 35.12 29.53
N ASP D 283 -0.76 35.08 28.57
CA ASP D 283 -2.13 35.40 28.86
C ASP D 283 -2.84 34.12 29.32
N ARG D 284 -4.03 34.30 29.89
CA ARG D 284 -4.77 33.20 30.48
C ARG D 284 -5.04 32.08 29.46
N ASP D 285 -5.53 32.44 28.26
CA ASP D 285 -5.93 31.43 27.27
C ASP D 285 -4.69 30.62 26.84
N HIS D 286 -3.51 31.25 26.89
CA HIS D 286 -2.26 30.53 26.64
C HIS D 286 -2.09 29.38 27.63
N TRP D 287 -2.23 29.71 28.93
CA TRP D 287 -2.00 28.72 29.96
C TRP D 287 -3.05 27.63 29.87
N GLY D 288 -4.28 27.97 29.48
CA GLY D 288 -5.36 26.98 29.43
C GLY D 288 -5.05 25.90 28.37
N ALA D 289 -4.47 26.35 27.26
CA ALA D 289 -4.05 25.47 26.17
C ALA D 289 -2.86 24.62 26.60
N VAL D 290 -1.75 25.29 26.94
CA VAL D 290 -0.53 24.65 27.40
C VAL D 290 -0.87 23.53 28.39
N PHE D 291 -1.83 23.74 29.30
CA PHE D 291 -2.05 22.73 30.33
C PHE D 291 -3.26 21.82 30.09
N ALA D 292 -3.98 22.06 28.99
CA ALA D 292 -5.01 21.11 28.55
C ALA D 292 -4.43 19.70 28.57
N ASN D 293 -5.15 18.79 29.22
CA ASN D 293 -4.91 17.35 29.24
C ASN D 293 -3.75 17.02 30.15
N SER D 294 -3.30 18.00 30.95
CA SER D 294 -2.22 17.79 31.89
C SER D 294 -2.77 17.63 33.31
N ASP D 295 -1.92 17.09 34.17
CA ASP D 295 -2.18 16.91 35.57
C ASP D 295 -1.58 18.04 36.40
N ALA D 296 -1.26 19.16 35.76
CA ALA D 296 -0.59 20.29 36.40
C ALA D 296 -1.53 21.06 37.34
N CYS D 297 -2.85 20.87 37.20
CA CYS D 297 -3.85 21.50 38.07
C CYS D 297 -3.83 23.01 37.91
N VAL D 298 -3.83 23.44 36.64
CA VAL D 298 -3.88 24.83 36.22
C VAL D 298 -5.06 24.97 35.28
N THR D 299 -5.97 25.90 35.59
CA THR D 299 -7.22 26.05 34.85
C THR D 299 -7.49 27.54 34.70
N PRO D 300 -8.12 27.95 33.61
CA PRO D 300 -8.51 29.34 33.48
C PRO D 300 -9.67 29.65 34.44
N VAL D 301 -9.64 30.85 35.02
CA VAL D 301 -10.71 31.33 35.87
C VAL D 301 -11.68 32.10 35.00
N LEU D 302 -12.80 31.45 34.70
CA LEU D 302 -13.79 32.03 33.80
C LEU D 302 -14.80 32.88 34.58
N ALA D 303 -15.14 34.02 33.98
CA ALA D 303 -16.28 34.83 34.39
C ALA D 303 -17.58 34.12 33.99
N PHE D 304 -18.65 34.30 34.77
CA PHE D 304 -19.95 33.72 34.46
C PHE D 304 -20.24 33.74 32.96
N GLY D 305 -20.04 34.91 32.33
CA GLY D 305 -20.45 35.15 30.96
C GLY D 305 -19.64 34.39 29.91
N GLU D 306 -18.48 33.82 30.29
CA GLU D 306 -17.66 33.03 29.37
C GLU D 306 -17.91 31.53 29.55
N VAL D 307 -18.62 31.13 30.59
CA VAL D 307 -18.69 29.72 30.94
C VAL D 307 -19.31 28.93 29.78
N HIS D 308 -20.27 29.54 29.05
CA HIS D 308 -21.01 28.84 28.00
C HIS D 308 -20.09 28.39 26.84
N ASN D 309 -18.88 28.98 26.70
CA ASN D 309 -17.99 28.69 25.59
C ASN D 309 -16.94 27.66 25.98
N GLU D 310 -16.96 27.21 27.22
CA GLU D 310 -15.98 26.25 27.67
C GLU D 310 -16.36 24.87 27.15
N PRO D 311 -15.49 24.18 26.39
CA PRO D 311 -15.81 22.86 25.85
C PRO D 311 -16.29 21.83 26.87
N HIS D 312 -15.61 21.70 28.00
CA HIS D 312 -16.02 20.65 28.90
C HIS D 312 -17.42 20.96 29.44
N ILE D 313 -17.78 22.23 29.54
CA ILE D 313 -19.09 22.64 30.02
C ILE D 313 -20.19 22.31 28.98
N ILE D 314 -19.97 22.76 27.71
CA ILE D 314 -20.88 22.49 26.60
C ILE D 314 -21.11 20.98 26.48
N GLU D 315 -20.06 20.18 26.45
CA GLU D 315 -20.22 18.79 26.05
C GLU D 315 -20.99 17.98 27.08
N ARG D 316 -20.83 18.30 28.37
CA ARG D 316 -21.54 17.60 29.41
C ARG D 316 -22.93 18.20 29.72
N ASN D 317 -23.30 19.30 29.06
CA ASN D 317 -24.60 19.91 29.34
C ASN D 317 -24.78 20.15 30.83
N THR D 318 -23.81 20.83 31.44
CA THR D 318 -23.90 21.29 32.81
C THR D 318 -24.98 22.39 32.92
N PHE D 319 -25.17 23.16 31.85
CA PHE D 319 -26.12 24.25 31.77
C PHE D 319 -27.13 24.00 30.64
N TYR D 320 -28.33 24.60 30.76
CA TYR D 320 -29.31 24.71 29.69
C TYR D 320 -29.69 26.17 29.54
N GLU D 321 -30.21 26.54 28.37
CA GLU D 321 -30.62 27.90 28.10
C GLU D 321 -32.07 28.06 28.51
N ALA D 322 -32.41 29.19 29.15
CA ALA D 322 -33.78 29.44 29.54
C ALA D 322 -34.08 30.93 29.42
N ASN D 323 -35.15 31.36 30.08
CA ASN D 323 -35.09 32.57 30.88
C ASN D 323 -34.53 33.66 29.97
N GLY D 324 -33.71 34.55 30.54
CA GLY D 324 -32.77 35.37 29.78
C GLY D 324 -31.52 34.56 29.43
N GLY D 325 -30.87 33.96 30.44
CA GLY D 325 -29.58 33.30 30.25
C GLY D 325 -29.59 31.83 30.67
N TRP D 326 -28.40 31.32 30.90
CA TRP D 326 -28.15 29.93 31.25
C TRP D 326 -28.44 29.71 32.72
N GLN D 327 -28.81 28.47 33.01
CA GLN D 327 -29.14 28.01 34.35
C GLN D 327 -28.53 26.63 34.43
N PRO D 328 -28.08 26.18 35.61
CA PRO D 328 -27.54 24.84 35.75
C PRO D 328 -28.60 23.75 35.71
N MET D 329 -28.21 22.64 35.06
CA MET D 329 -29.00 21.45 34.97
C MET D 329 -28.96 20.81 36.34
N PRO D 330 -29.94 19.96 36.68
CA PRO D 330 -29.96 19.26 37.94
C PRO D 330 -28.66 18.54 38.19
N ALA D 331 -28.35 18.38 39.49
CA ALA D 331 -27.23 17.60 39.94
C ALA D 331 -27.66 16.84 41.20
N PRO D 332 -27.04 15.69 41.54
CA PRO D 332 -26.13 14.97 40.65
C PRO D 332 -26.89 14.30 39.50
N ARG D 333 -26.24 13.32 38.83
CA ARG D 333 -26.81 12.63 37.69
C ARG D 333 -27.06 11.15 38.01
N PHE D 334 -28.16 10.61 37.41
CA PHE D 334 -28.61 9.24 37.66
C PHE D 334 -28.62 8.42 36.36
N SER D 335 -28.05 7.21 36.40
CA SER D 335 -27.92 6.34 35.22
C SER D 335 -29.28 5.94 34.63
N ARG D 336 -30.19 5.43 35.48
CA ARG D 336 -31.51 4.94 35.07
C ARG D 336 -32.61 6.01 35.15
N THR D 337 -32.87 6.57 36.34
CA THR D 337 -33.92 7.58 36.49
C THR D 337 -33.36 8.98 36.34
N ALA D 338 -33.19 9.42 35.10
CA ALA D 338 -32.45 10.63 34.81
C ALA D 338 -33.35 11.84 35.00
N SER D 339 -32.87 12.88 35.70
CA SER D 339 -33.64 14.11 35.86
C SER D 339 -33.92 14.66 34.48
N SER D 340 -34.90 15.53 34.35
CA SER D 340 -35.12 16.18 33.08
C SER D 340 -34.87 17.68 33.22
N GLN D 341 -34.80 18.35 32.09
CA GLN D 341 -34.67 19.78 32.09
C GLN D 341 -35.74 20.36 33.02
N PRO D 342 -35.41 21.37 33.86
CA PRO D 342 -36.39 21.98 34.75
C PRO D 342 -37.49 22.75 34.01
N ARG D 343 -38.70 22.70 34.58
CA ARG D 343 -39.85 23.45 34.10
C ARG D 343 -39.75 24.87 34.64
N PRO D 344 -40.00 25.90 33.82
CA PRO D 344 -39.91 27.27 34.32
C PRO D 344 -40.93 27.57 35.41
N PRO D 345 -40.76 28.65 36.22
CA PRO D 345 -41.73 28.95 37.27
C PRO D 345 -43.14 29.07 36.70
N ALA D 346 -44.09 28.32 37.29
CA ALA D 346 -45.44 28.29 36.74
C ALA D 346 -46.22 29.52 37.22
N ALA D 347 -47.32 29.86 36.52
CA ALA D 347 -48.33 30.77 37.03
C ALA D 347 -49.01 30.17 38.28
N THR D 348 -49.55 31.04 39.13
CA THR D 348 -50.27 30.57 40.32
C THR D 348 -51.36 29.61 39.87
N ILE D 349 -51.63 28.59 40.68
CA ILE D 349 -52.81 27.79 40.46
C ILE D 349 -53.60 27.78 41.76
N ASP D 350 -54.82 27.23 41.65
CA ASP D 350 -55.73 27.12 42.78
C ASP D 350 -55.29 26.02 43.73
N ILE D 351 -55.35 26.30 45.02
CA ILE D 351 -54.95 25.30 46.00
C ILE D 351 -55.95 24.13 45.97
N GLU D 352 -57.18 24.43 45.47
CA GLU D 352 -58.23 23.42 45.32
C GLU D 352 -57.86 22.43 44.22
N ALA D 353 -57.40 22.93 43.07
CA ALA D 353 -56.93 22.10 41.97
C ALA D 353 -55.82 21.15 42.42
N VAL D 354 -54.98 21.57 43.37
CA VAL D 354 -53.90 20.70 43.79
C VAL D 354 -54.46 19.59 44.68
N LEU D 355 -55.49 19.89 45.47
CA LEU D 355 -56.06 18.89 46.37
C LEU D 355 -56.80 17.83 45.56
N THR D 356 -57.42 18.26 44.44
CA THR D 356 -58.10 17.39 43.49
C THR D 356 -57.07 16.40 42.92
N ASP D 357 -56.01 16.99 42.36
CA ASP D 357 -54.91 16.28 41.73
C ASP D 357 -54.28 15.25 42.65
N TRP D 358 -54.15 15.53 43.95
CA TRP D 358 -53.47 14.64 44.88
C TRP D 358 -54.41 13.63 45.54
N ASP D 359 -55.70 13.59 45.12
CA ASP D 359 -56.73 12.76 45.74
C ASP D 359 -56.77 12.95 47.25
N MET E 1 -45.16 12.30 -29.04
CA MET E 1 -43.90 11.93 -28.33
C MET E 1 -42.73 12.01 -29.29
N ALA E 2 -41.65 12.70 -28.90
CA ALA E 2 -40.50 12.91 -29.78
C ALA E 2 -39.50 11.75 -29.73
N GLY E 3 -38.93 11.41 -30.88
CA GLY E 3 -37.74 10.57 -30.91
C GLY E 3 -37.95 9.38 -31.83
N PRO E 4 -36.91 8.60 -32.19
CA PRO E 4 -37.06 7.53 -33.16
C PRO E 4 -37.94 6.35 -32.73
N LEU E 5 -38.25 6.26 -31.43
CA LEU E 5 -39.04 5.14 -30.94
C LEU E 5 -40.49 5.57 -30.69
N SER E 6 -40.88 6.74 -31.21
CA SER E 6 -42.26 7.17 -31.13
C SER E 6 -43.14 6.05 -31.66
N GLY E 7 -44.22 5.75 -30.91
CA GLY E 7 -45.18 4.75 -31.31
C GLY E 7 -44.85 3.34 -30.79
N LEU E 8 -43.61 3.10 -30.36
CA LEU E 8 -43.26 1.86 -29.66
C LEU E 8 -43.87 1.85 -28.24
N ARG E 9 -44.39 0.68 -27.86
CA ARG E 9 -45.15 0.54 -26.62
C ARG E 9 -44.56 -0.57 -25.75
N VAL E 10 -44.36 -0.20 -24.48
CA VAL E 10 -43.53 -0.97 -23.58
C VAL E 10 -44.23 -1.10 -22.24
N VAL E 11 -44.29 -2.35 -21.76
CA VAL E 11 -44.75 -2.63 -20.41
C VAL E 11 -43.53 -3.06 -19.61
N GLU E 12 -43.31 -2.34 -18.51
CA GLU E 12 -42.23 -2.55 -17.57
C GLU E 12 -42.76 -3.04 -16.22
N LEU E 13 -42.35 -4.24 -15.83
CA LEU E 13 -42.66 -4.73 -14.49
C LEU E 13 -41.57 -4.25 -13.52
N ALA E 14 -41.96 -3.36 -12.60
CA ALA E 14 -41.03 -2.66 -11.72
C ALA E 14 -40.04 -3.63 -11.07
N GLY E 15 -38.75 -3.31 -11.28
CA GLY E 15 -37.62 -4.00 -10.65
C GLY E 15 -36.59 -2.97 -10.20
N ILE E 16 -35.33 -3.41 -10.06
CA ILE E 16 -34.23 -2.52 -9.71
C ILE E 16 -33.07 -2.73 -10.68
N GLY E 17 -32.29 -1.65 -10.90
CA GLY E 17 -31.04 -1.70 -11.64
C GLY E 17 -31.27 -1.70 -13.15
N PRO E 18 -30.92 -2.78 -13.88
CA PRO E 18 -30.90 -2.71 -15.33
C PRO E 18 -32.29 -2.54 -15.94
N GLY E 19 -33.30 -3.23 -15.40
CA GLY E 19 -34.64 -3.17 -15.96
C GLY E 19 -35.10 -1.73 -16.14
N PRO E 20 -35.16 -0.96 -15.06
CA PRO E 20 -35.62 0.42 -15.16
C PRO E 20 -34.72 1.35 -15.98
N HIS E 21 -33.45 0.98 -16.18
CA HIS E 21 -32.57 1.84 -16.94
C HIS E 21 -32.86 1.62 -18.42
N ALA E 22 -33.02 0.35 -18.81
CA ALA E 22 -33.45 0.02 -20.16
C ALA E 22 -34.81 0.67 -20.45
N ALA E 23 -35.75 0.58 -19.51
CA ALA E 23 -37.05 1.19 -19.76
C ALA E 23 -36.89 2.71 -19.90
N MET E 24 -35.95 3.27 -19.15
CA MET E 24 -35.75 4.72 -19.15
C MET E 24 -35.27 5.19 -20.52
N ILE E 25 -34.31 4.48 -21.09
CA ILE E 25 -33.75 4.88 -22.36
C ILE E 25 -34.80 4.72 -23.47
N LEU E 26 -35.61 3.63 -23.44
CA LEU E 26 -36.66 3.49 -24.44
C LEU E 26 -37.56 4.73 -24.39
N GLY E 27 -37.97 5.09 -23.18
CA GLY E 27 -38.74 6.32 -22.94
C GLY E 27 -38.01 7.58 -23.41
N ASP E 28 -36.71 7.66 -23.13
CA ASP E 28 -35.89 8.78 -23.56
C ASP E 28 -36.05 8.94 -25.07
N LEU E 29 -36.02 7.83 -25.82
CA LEU E 29 -36.00 7.91 -27.27
C LEU E 29 -37.42 7.92 -27.86
N GLY E 30 -38.43 8.19 -27.01
CA GLY E 30 -39.77 8.51 -27.48
C GLY E 30 -40.80 7.39 -27.28
N ALA E 31 -40.36 6.22 -26.81
CA ALA E 31 -41.23 5.07 -26.61
C ALA E 31 -42.28 5.36 -25.54
N ASP E 32 -43.41 4.63 -25.65
CA ASP E 32 -44.52 4.79 -24.73
C ASP E 32 -44.41 3.72 -23.66
N VAL E 33 -43.99 4.16 -22.46
CA VAL E 33 -43.53 3.21 -21.46
C VAL E 33 -44.49 3.28 -20.28
N VAL E 34 -45.06 2.10 -19.95
CA VAL E 34 -45.97 2.00 -18.84
C VAL E 34 -45.40 1.01 -17.83
N ARG E 35 -45.20 1.52 -16.61
CA ARG E 35 -44.48 0.79 -15.58
C ARG E 35 -45.47 0.36 -14.51
N ILE E 36 -45.57 -0.95 -14.31
CA ILE E 36 -46.49 -1.51 -13.32
C ILE E 36 -45.73 -1.70 -12.00
N ASP E 37 -46.08 -0.92 -10.98
CA ASP E 37 -45.53 -1.14 -9.66
C ASP E 37 -46.56 -1.84 -8.78
N ARG E 38 -46.13 -2.30 -7.59
CA ARG E 38 -47.04 -2.71 -6.54
C ARG E 38 -47.82 -1.52 -5.98
N PRO E 39 -48.98 -1.78 -5.32
CA PRO E 39 -49.58 -0.79 -4.42
C PRO E 39 -48.76 -0.57 -3.14
N SER E 40 -48.15 -1.66 -2.64
CA SER E 40 -47.32 -1.66 -1.44
C SER E 40 -45.96 -0.99 -1.68
N SER E 41 -45.94 0.15 -2.40
CA SER E 41 -44.71 0.75 -2.90
C SER E 41 -44.92 2.17 -3.46
N VAL E 42 -46.17 2.63 -3.62
CA VAL E 42 -46.43 3.94 -4.18
C VAL E 42 -47.60 4.58 -3.38
N SER E 46 -42.50 10.24 -7.22
CA SER E 46 -41.16 9.58 -7.26
C SER E 46 -40.08 10.64 -7.44
N ARG E 47 -39.07 10.62 -6.56
CA ARG E 47 -37.93 11.51 -6.70
C ARG E 47 -36.75 10.78 -7.36
N ASP E 48 -36.95 9.53 -7.79
CA ASP E 48 -35.94 8.81 -8.56
C ASP E 48 -36.06 9.17 -10.05
N ALA E 49 -35.10 9.97 -10.56
CA ALA E 49 -35.16 10.44 -11.94
C ALA E 49 -34.84 9.30 -12.91
N MET E 50 -34.49 8.08 -12.41
CA MET E 50 -34.42 6.97 -13.34
C MET E 50 -35.82 6.61 -13.89
N LEU E 51 -36.89 7.18 -13.28
CA LEU E 51 -38.29 6.90 -13.63
C LEU E 51 -38.92 8.02 -14.46
N ARG E 52 -38.09 8.72 -15.23
CA ARG E 52 -38.56 9.72 -16.16
C ARG E 52 -39.06 9.00 -17.41
N ASN E 53 -39.79 9.75 -18.25
CA ASN E 53 -40.44 9.28 -19.45
C ASN E 53 -41.30 8.02 -19.23
N ARG E 54 -42.12 8.04 -18.17
CA ARG E 54 -42.94 6.90 -17.78
C ARG E 54 -44.38 7.33 -17.44
N ARG E 55 -45.32 6.40 -17.64
CA ARG E 55 -46.53 6.33 -16.84
C ARG E 55 -46.44 5.19 -15.83
N ILE E 56 -46.61 5.54 -14.54
CA ILE E 56 -46.62 4.61 -13.42
C ILE E 56 -48.06 4.15 -13.16
N VAL E 57 -48.29 2.84 -13.07
CA VAL E 57 -49.58 2.29 -12.67
C VAL E 57 -49.35 1.24 -11.61
N THR E 58 -50.30 1.17 -10.66
CA THR E 58 -50.26 0.22 -9.55
C THR E 58 -51.18 -0.95 -9.88
N ALA E 59 -50.78 -2.16 -9.49
CA ALA E 59 -51.60 -3.36 -9.64
C ALA E 59 -50.95 -4.54 -8.92
N ASP E 60 -51.71 -5.15 -8.01
CA ASP E 60 -51.33 -6.35 -7.31
C ASP E 60 -51.46 -7.52 -8.27
N LEU E 61 -50.35 -7.93 -8.89
CA LEU E 61 -50.36 -8.99 -9.90
C LEU E 61 -50.64 -10.35 -9.27
N LYS E 62 -50.62 -10.43 -7.93
CA LYS E 62 -51.00 -11.66 -7.26
C LYS E 62 -52.53 -11.83 -7.26
N SER E 63 -53.30 -10.73 -7.34
CA SER E 63 -54.75 -10.83 -7.38
C SER E 63 -55.25 -11.17 -8.78
N ASP E 64 -56.54 -11.53 -8.89
CA ASP E 64 -57.12 -11.92 -10.16
C ASP E 64 -57.39 -10.72 -11.05
N GLN E 65 -57.84 -9.60 -10.46
CA GLN E 65 -58.07 -8.39 -11.23
C GLN E 65 -56.74 -7.85 -11.77
N GLY E 66 -55.74 -7.74 -10.89
CA GLY E 66 -54.38 -7.32 -11.25
C GLY E 66 -53.81 -8.11 -12.43
N LEU E 67 -53.84 -9.45 -12.39
CA LEU E 67 -53.28 -10.25 -13.47
C LEU E 67 -54.04 -9.96 -14.77
N GLU E 68 -55.34 -9.71 -14.65
CA GLU E 68 -56.18 -9.63 -15.83
C GLU E 68 -55.93 -8.26 -16.48
N LEU E 69 -55.88 -7.19 -15.69
CA LEU E 69 -55.58 -5.87 -16.23
C LEU E 69 -54.20 -5.81 -16.92
N ALA E 70 -53.21 -6.49 -16.35
CA ALA E 70 -51.84 -6.46 -16.84
C ALA E 70 -51.71 -7.28 -18.12
N LEU E 71 -52.46 -8.38 -18.23
CA LEU E 71 -52.46 -9.16 -19.46
C LEU E 71 -53.12 -8.36 -20.58
N LYS E 72 -53.94 -7.36 -20.22
CA LYS E 72 -54.59 -6.55 -21.23
C LYS E 72 -53.61 -5.52 -21.77
N LEU E 73 -52.96 -4.75 -20.88
CA LEU E 73 -51.84 -3.88 -21.25
C LEU E 73 -50.89 -4.62 -22.18
N ILE E 74 -50.46 -5.82 -21.78
CA ILE E 74 -49.45 -6.55 -22.51
C ILE E 74 -49.95 -6.89 -23.92
N ALA E 75 -51.27 -7.08 -24.09
CA ALA E 75 -51.83 -7.46 -25.39
C ALA E 75 -51.76 -6.29 -26.39
N LYS E 76 -51.74 -5.05 -25.87
CA LYS E 76 -51.66 -3.86 -26.69
C LYS E 76 -50.24 -3.28 -26.79
N ALA E 77 -49.20 -4.08 -26.49
CA ALA E 77 -47.84 -3.56 -26.38
C ALA E 77 -46.88 -4.34 -27.28
N ASP E 78 -45.72 -3.74 -27.52
CA ASP E 78 -44.68 -4.34 -28.34
C ASP E 78 -43.71 -5.13 -27.46
N VAL E 79 -43.48 -4.58 -26.26
CA VAL E 79 -42.37 -5.06 -25.46
C VAL E 79 -42.83 -5.15 -24.01
N LEU E 80 -42.42 -6.25 -23.40
CA LEU E 80 -42.47 -6.34 -21.96
C LEU E 80 -41.05 -6.52 -21.42
N ILE E 81 -40.79 -5.80 -20.34
CA ILE E 81 -39.53 -5.90 -19.62
C ILE E 81 -39.85 -6.41 -18.21
N GLU E 82 -39.16 -7.48 -17.81
CA GLU E 82 -39.21 -7.96 -16.44
C GLU E 82 -37.79 -8.27 -15.96
N GLY E 83 -37.54 -8.06 -14.65
CA GLY E 83 -36.23 -8.28 -14.05
C GLY E 83 -36.28 -8.96 -12.68
N TYR E 84 -37.12 -10.00 -12.58
CA TYR E 84 -37.26 -10.82 -11.38
C TYR E 84 -36.44 -12.09 -11.59
N ARG E 85 -36.32 -12.92 -10.51
CA ARG E 85 -35.65 -14.17 -10.72
C ARG E 85 -36.46 -14.96 -11.75
N PRO E 86 -35.81 -15.87 -12.49
CA PRO E 86 -36.55 -16.79 -13.36
C PRO E 86 -37.64 -17.50 -12.59
N GLY E 87 -38.83 -17.62 -13.21
CA GLY E 87 -39.91 -18.42 -12.67
C GLY E 87 -40.98 -17.53 -12.04
N VAL E 88 -40.59 -16.30 -11.72
CA VAL E 88 -41.48 -15.38 -11.05
C VAL E 88 -42.61 -14.95 -11.98
N THR E 89 -42.29 -14.55 -13.21
CA THR E 89 -43.39 -14.12 -14.07
C THR E 89 -44.25 -15.35 -14.34
N GLU E 90 -43.61 -16.51 -14.60
CA GLU E 90 -44.32 -17.73 -14.88
C GLU E 90 -45.34 -17.95 -13.77
N ARG E 91 -44.92 -17.83 -12.51
CA ARG E 91 -45.81 -18.11 -11.39
C ARG E 91 -46.94 -17.11 -11.32
N LEU E 92 -46.70 -15.83 -11.62
CA LEU E 92 -47.76 -14.84 -11.58
C LEU E 92 -48.77 -15.06 -12.72
N GLY E 93 -48.41 -15.90 -13.72
CA GLY E 93 -49.19 -16.11 -14.94
C GLY E 93 -48.91 -15.08 -16.03
N LEU E 94 -47.74 -14.40 -15.94
CA LEU E 94 -47.32 -13.33 -16.83
C LEU E 94 -46.08 -13.79 -17.57
N GLY E 95 -45.88 -15.11 -17.60
CA GLY E 95 -44.74 -15.76 -18.24
C GLY E 95 -44.80 -15.62 -19.76
N PRO E 96 -43.72 -16.01 -20.46
CA PRO E 96 -43.69 -15.78 -21.89
C PRO E 96 -44.90 -16.46 -22.56
N GLU E 97 -45.24 -17.67 -22.09
CA GLU E 97 -46.23 -18.49 -22.76
C GLU E 97 -47.63 -17.92 -22.61
N GLU E 98 -48.00 -17.54 -21.38
CA GLU E 98 -49.24 -16.83 -21.13
C GLU E 98 -49.33 -15.53 -21.94
N CYS E 99 -48.19 -14.89 -22.17
CA CYS E 99 -48.20 -13.58 -22.81
C CYS E 99 -48.44 -13.80 -24.32
N ALA E 100 -47.90 -14.91 -24.84
CA ALA E 100 -47.99 -15.27 -26.24
C ALA E 100 -49.43 -15.59 -26.62
N LYS E 101 -50.21 -16.04 -25.63
CA LYS E 101 -51.62 -16.33 -25.84
C LYS E 101 -52.33 -15.05 -26.22
N VAL E 102 -51.99 -13.94 -25.56
CA VAL E 102 -52.73 -12.71 -25.80
C VAL E 102 -52.00 -11.76 -26.76
N ASN E 103 -50.86 -12.19 -27.35
CA ASN E 103 -50.00 -11.33 -28.16
C ASN E 103 -48.79 -12.12 -28.66
N ASP E 104 -48.92 -12.69 -29.87
CA ASP E 104 -47.83 -13.47 -30.47
C ASP E 104 -46.77 -12.56 -31.10
N ARG E 105 -46.90 -11.23 -30.98
CA ARG E 105 -45.94 -10.32 -31.57
C ARG E 105 -45.08 -9.65 -30.50
N LEU E 106 -45.11 -10.21 -29.28
CA LEU E 106 -44.55 -9.54 -28.13
C LEU E 106 -43.06 -9.89 -28.04
N ILE E 107 -42.25 -8.84 -27.85
CA ILE E 107 -40.86 -9.04 -27.46
C ILE E 107 -40.82 -9.11 -25.94
N TYR E 108 -40.41 -10.28 -25.45
CA TYR E 108 -40.41 -10.57 -24.03
C TYR E 108 -38.98 -10.46 -23.49
N ALA E 109 -38.69 -9.39 -22.77
CA ALA E 109 -37.28 -9.11 -22.43
C ALA E 109 -37.04 -9.42 -20.96
N ARG E 110 -36.18 -10.42 -20.73
CA ARG E 110 -35.88 -10.95 -19.41
C ARG E 110 -34.48 -10.53 -18.97
N MET E 111 -34.46 -9.67 -17.95
CA MET E 111 -33.28 -8.99 -17.43
C MET E 111 -32.85 -9.65 -16.12
N THR E 112 -31.78 -10.43 -16.19
CA THR E 112 -31.27 -11.07 -14.99
C THR E 112 -29.77 -10.86 -14.93
N GLY E 113 -29.16 -11.33 -13.82
CA GLY E 113 -27.72 -11.29 -13.65
C GLY E 113 -27.12 -12.60 -14.08
N TRP E 114 -27.66 -13.72 -13.57
CA TRP E 114 -27.09 -15.03 -13.85
C TRP E 114 -27.68 -15.72 -15.09
N GLY E 115 -28.78 -15.19 -15.62
CA GLY E 115 -29.49 -15.83 -16.71
C GLY E 115 -30.64 -16.72 -16.24
N GLN E 116 -31.24 -17.43 -17.21
CA GLN E 116 -32.52 -18.08 -17.00
C GLN E 116 -32.32 -19.48 -16.42
N THR E 117 -31.15 -20.09 -16.60
CA THR E 117 -30.91 -21.43 -16.07
C THR E 117 -29.48 -21.52 -15.55
N GLY E 118 -29.16 -22.69 -14.97
CA GLY E 118 -27.84 -22.97 -14.44
C GLY E 118 -27.88 -22.87 -12.93
N PRO E 119 -26.82 -23.36 -12.26
CA PRO E 119 -26.78 -23.47 -10.81
C PRO E 119 -27.04 -22.17 -10.05
N ARG E 120 -26.69 -21.02 -10.65
CA ARG E 120 -26.83 -19.74 -9.95
C ARG E 120 -28.12 -19.02 -10.33
N SER E 121 -28.98 -19.64 -11.15
CA SER E 121 -30.12 -18.93 -11.74
C SER E 121 -31.07 -18.40 -10.68
N GLN E 122 -31.02 -18.97 -9.47
CA GLN E 122 -31.92 -18.55 -8.41
C GLN E 122 -31.22 -17.76 -7.30
N GLN E 123 -29.89 -17.63 -7.36
CA GLN E 123 -29.18 -16.84 -6.36
C GLN E 123 -29.41 -15.34 -6.54
N ALA E 124 -29.65 -14.67 -5.42
CA ALA E 124 -29.64 -13.21 -5.40
C ALA E 124 -28.25 -12.67 -5.78
N GLY E 125 -28.22 -11.41 -6.18
CA GLY E 125 -27.00 -10.82 -6.67
C GLY E 125 -27.14 -9.32 -6.92
N HIS E 126 -25.98 -8.67 -6.96
CA HIS E 126 -25.85 -7.32 -7.46
C HIS E 126 -24.66 -7.27 -8.41
N ASP E 127 -24.48 -6.10 -9.03
CA ASP E 127 -23.50 -5.88 -10.08
C ASP E 127 -22.20 -6.56 -9.70
N ILE E 128 -21.73 -6.23 -8.51
CA ILE E 128 -20.39 -6.63 -8.11
C ILE E 128 -20.22 -8.15 -8.15
N ASN E 129 -21.31 -8.87 -7.92
CA ASN E 129 -21.31 -10.33 -7.97
C ASN E 129 -21.19 -10.85 -9.41
N TYR E 130 -21.96 -10.27 -10.32
CA TYR E 130 -22.01 -10.76 -11.71
C TYR E 130 -20.65 -10.56 -12.39
N ILE E 131 -20.00 -9.43 -12.07
CA ILE E 131 -18.68 -9.14 -12.64
C ILE E 131 -17.56 -9.82 -11.87
N SER E 132 -17.84 -10.41 -10.71
CA SER E 132 -16.77 -11.14 -10.04
C SER E 132 -16.51 -12.49 -10.71
N LEU E 133 -17.55 -13.07 -11.30
CA LEU E 133 -17.48 -14.45 -11.72
C LEU E 133 -16.88 -14.61 -13.12
N ASN E 134 -16.80 -13.50 -13.89
CA ASN E 134 -16.43 -13.58 -15.31
C ASN E 134 -15.07 -12.88 -15.55
N GLY E 135 -14.36 -12.54 -14.47
CA GLY E 135 -12.98 -12.06 -14.56
C GLY E 135 -12.84 -10.54 -14.61
N ILE E 136 -13.96 -9.82 -14.74
CA ILE E 136 -13.93 -8.36 -14.88
C ILE E 136 -13.43 -7.71 -13.59
N LEU E 137 -14.12 -7.95 -12.47
CA LEU E 137 -13.79 -7.25 -11.24
C LEU E 137 -12.33 -7.44 -10.89
N HIS E 138 -11.79 -8.63 -11.13
CA HIS E 138 -10.43 -8.94 -10.74
C HIS E 138 -9.45 -8.00 -11.45
N ALA E 139 -9.82 -7.47 -12.62
CA ALA E 139 -8.88 -6.75 -13.47
C ALA E 139 -8.86 -5.24 -13.19
N ILE E 140 -9.69 -4.79 -12.23
CA ILE E 140 -9.93 -3.38 -11.97
C ILE E 140 -9.32 -2.94 -10.63
N GLY E 141 -8.44 -1.92 -10.70
CA GLY E 141 -7.83 -1.31 -9.54
C GLY E 141 -6.30 -1.41 -9.59
N ARG E 142 -5.65 -0.91 -8.56
CA ARG E 142 -4.19 -0.95 -8.48
C ARG E 142 -3.72 -2.35 -8.15
N GLY E 143 -2.49 -2.64 -8.56
CA GLY E 143 -1.90 -3.97 -8.42
C GLY E 143 -1.64 -4.31 -6.95
N ASP E 144 -1.44 -3.29 -6.13
CA ASP E 144 -1.00 -3.57 -4.77
C ASP E 144 -2.20 -3.63 -3.81
N GLU E 145 -3.42 -3.84 -4.33
CA GLU E 145 -4.62 -3.65 -3.53
C GLU E 145 -5.74 -4.56 -4.01
N ARG E 146 -6.78 -4.67 -3.20
CA ARG E 146 -7.88 -5.51 -3.60
C ARG E 146 -8.72 -4.84 -4.70
N PRO E 147 -9.42 -5.62 -5.53
CA PRO E 147 -10.15 -5.06 -6.66
C PRO E 147 -11.15 -4.00 -6.21
N VAL E 148 -11.37 -3.01 -7.07
CA VAL E 148 -12.27 -1.92 -6.74
C VAL E 148 -13.46 -2.00 -7.68
N PRO E 149 -14.70 -1.91 -7.17
CA PRO E 149 -15.87 -1.89 -8.02
C PRO E 149 -15.97 -0.63 -8.84
N PRO E 150 -16.20 -0.77 -10.16
CA PRO E 150 -16.39 0.37 -11.02
C PRO E 150 -17.83 0.84 -10.95
N LEU E 151 -18.19 1.35 -9.77
CA LEU E 151 -19.57 1.50 -9.35
C LEU E 151 -20.35 0.27 -9.84
N ASN E 152 -21.58 0.49 -10.28
CA ASN E 152 -22.37 -0.57 -10.90
C ASN E 152 -22.55 -0.30 -12.39
N LEU E 153 -21.49 0.18 -13.06
CA LEU E 153 -21.59 0.63 -14.44
C LEU E 153 -21.42 -0.54 -15.38
N VAL E 154 -20.60 -1.53 -15.00
CA VAL E 154 -20.24 -2.56 -15.95
C VAL E 154 -21.26 -3.70 -15.95
N GLY E 155 -21.83 -4.08 -14.81
CA GLY E 155 -22.76 -5.20 -14.82
C GLY E 155 -24.20 -4.74 -15.06
N ASP E 156 -24.70 -3.83 -14.21
CA ASP E 156 -26.07 -3.36 -14.34
C ASP E 156 -26.27 -2.69 -15.70
N PHE E 157 -25.41 -1.73 -16.08
CA PHE E 157 -25.76 -0.87 -17.20
C PHE E 157 -25.01 -1.31 -18.46
N GLY E 158 -23.67 -1.20 -18.47
CA GLY E 158 -22.95 -1.49 -19.69
C GLY E 158 -23.19 -2.89 -20.19
N GLY E 159 -23.19 -3.87 -19.27
CA GLY E 159 -23.28 -5.27 -19.68
C GLY E 159 -24.67 -5.85 -19.40
N GLY E 160 -25.58 -4.97 -18.99
CA GLY E 160 -26.88 -5.36 -18.46
C GLY E 160 -28.01 -4.72 -19.26
N SER E 161 -28.46 -3.56 -18.80
CA SER E 161 -29.52 -2.84 -19.49
C SER E 161 -29.19 -2.62 -20.96
N MET E 162 -27.93 -2.28 -21.29
CA MET E 162 -27.60 -1.89 -22.64
C MET E 162 -27.76 -3.10 -23.57
N PHE E 163 -27.45 -4.31 -23.06
CA PHE E 163 -27.63 -5.51 -23.85
C PHE E 163 -29.11 -5.89 -23.94
N LEU E 164 -29.89 -5.57 -22.90
CA LEU E 164 -31.33 -5.77 -22.98
C LEU E 164 -31.85 -4.90 -24.13
N LEU E 165 -31.35 -3.66 -24.22
CA LEU E 165 -31.82 -2.72 -25.23
C LEU E 165 -31.48 -3.27 -26.62
N VAL E 166 -30.25 -3.71 -26.82
CA VAL E 166 -29.85 -4.26 -28.10
C VAL E 166 -30.73 -5.46 -28.46
N GLY E 167 -31.03 -6.27 -27.46
CA GLY E 167 -31.86 -7.46 -27.67
C GLY E 167 -33.27 -7.08 -28.12
N ILE E 168 -33.91 -6.17 -27.39
CA ILE E 168 -35.24 -5.72 -27.73
C ILE E 168 -35.28 -5.15 -29.15
N LEU E 169 -34.31 -4.27 -29.50
CA LEU E 169 -34.39 -3.55 -30.76
C LEU E 169 -33.95 -4.47 -31.89
N ALA E 170 -33.00 -5.39 -31.68
CA ALA E 170 -32.73 -6.41 -32.69
C ALA E 170 -33.93 -7.32 -32.92
N ALA E 171 -34.70 -7.57 -31.86
CA ALA E 171 -35.83 -8.48 -31.99
C ALA E 171 -36.96 -7.82 -32.76
N LEU E 172 -37.20 -6.52 -32.50
CA LEU E 172 -38.18 -5.70 -33.19
C LEU E 172 -37.85 -5.61 -34.69
N TRP E 173 -36.55 -5.63 -35.01
CA TRP E 173 -36.11 -5.64 -36.39
C TRP E 173 -36.51 -6.96 -37.06
N GLU E 174 -36.19 -8.06 -36.39
CA GLU E 174 -36.51 -9.40 -36.84
C GLU E 174 -38.02 -9.56 -37.04
N ARG E 175 -38.80 -9.02 -36.09
CA ARG E 175 -40.23 -9.10 -36.15
C ARG E 175 -40.78 -8.52 -37.46
N GLN E 176 -40.07 -7.53 -38.03
CA GLN E 176 -40.56 -6.78 -39.19
C GLN E 176 -40.69 -7.76 -40.35
N SER E 177 -39.84 -8.78 -40.42
CA SER E 177 -39.89 -9.75 -41.49
C SER E 177 -40.55 -11.07 -41.07
N SER E 178 -40.52 -11.44 -39.78
CA SER E 178 -41.03 -12.74 -39.36
C SER E 178 -42.50 -12.66 -38.95
N GLY E 179 -42.96 -11.46 -38.56
CA GLY E 179 -44.31 -11.27 -38.03
C GLY E 179 -44.46 -11.78 -36.60
N LYS E 180 -43.39 -12.35 -36.01
CA LYS E 180 -43.46 -12.94 -34.68
C LYS E 180 -42.54 -12.23 -33.67
N GLY E 181 -42.92 -12.33 -32.39
CA GLY E 181 -42.07 -11.96 -31.27
C GLY E 181 -41.19 -13.11 -30.82
N GLN E 182 -40.61 -13.00 -29.62
CA GLN E 182 -39.70 -14.01 -29.10
C GLN E 182 -39.18 -13.54 -27.74
N VAL E 183 -38.41 -14.41 -27.06
CA VAL E 183 -37.92 -14.10 -25.72
C VAL E 183 -36.47 -13.65 -25.80
N VAL E 184 -36.19 -12.52 -25.14
CA VAL E 184 -34.81 -12.02 -25.00
C VAL E 184 -34.28 -12.32 -23.59
N ASP E 185 -33.27 -13.20 -23.51
CA ASP E 185 -32.57 -13.54 -22.28
C ASP E 185 -31.26 -12.73 -22.21
N ALA E 186 -31.32 -11.60 -21.47
CA ALA E 186 -30.16 -10.75 -21.20
C ALA E 186 -29.69 -10.96 -19.76
N ALA E 187 -28.59 -11.70 -19.64
CA ALA E 187 -27.90 -11.91 -18.38
C ALA E 187 -26.66 -11.01 -18.29
N MET E 188 -26.54 -10.24 -17.18
CA MET E 188 -25.40 -9.37 -16.90
C MET E 188 -24.07 -10.08 -17.03
N VAL E 189 -24.01 -11.36 -16.65
CA VAL E 189 -22.74 -12.08 -16.72
C VAL E 189 -22.32 -12.33 -18.17
N ASP E 190 -23.29 -12.40 -19.09
CA ASP E 190 -23.04 -12.57 -20.52
C ASP E 190 -22.66 -11.23 -21.14
N GLY E 191 -23.53 -10.25 -20.95
CA GLY E 191 -23.35 -8.95 -21.56
C GLY E 191 -22.01 -8.32 -21.18
N SER E 192 -21.69 -8.35 -19.87
CA SER E 192 -20.47 -7.78 -19.36
C SER E 192 -19.30 -8.51 -19.99
N SER E 193 -19.43 -9.81 -20.29
CA SER E 193 -18.35 -10.55 -20.92
C SER E 193 -18.11 -10.05 -22.38
N VAL E 194 -19.17 -9.68 -23.09
CA VAL E 194 -19.02 -9.22 -24.46
C VAL E 194 -18.45 -7.80 -24.39
N LEU E 195 -18.81 -7.09 -23.34
CA LEU E 195 -18.41 -5.72 -23.18
C LEU E 195 -16.89 -5.70 -23.07
N ILE E 196 -16.30 -6.77 -22.50
CA ILE E 196 -14.86 -6.84 -22.25
C ILE E 196 -14.19 -7.79 -23.25
N GLN E 197 -14.84 -7.98 -24.40
CA GLN E 197 -14.31 -8.86 -25.42
C GLN E 197 -12.89 -8.47 -25.81
N MET E 198 -12.57 -7.18 -25.88
CA MET E 198 -11.21 -6.75 -26.21
C MET E 198 -10.16 -7.40 -25.31
N MET E 199 -10.41 -7.38 -24.00
CA MET E 199 -9.45 -7.97 -23.07
C MET E 199 -9.29 -9.44 -23.39
N TRP E 200 -10.39 -10.16 -23.68
CA TRP E 200 -10.26 -11.58 -23.96
C TRP E 200 -9.46 -11.81 -25.25
N ALA E 201 -9.56 -10.89 -26.20
CA ALA E 201 -8.85 -10.97 -27.46
C ALA E 201 -7.36 -10.68 -27.27
N MET E 202 -7.07 -9.53 -26.64
CA MET E 202 -5.71 -9.18 -26.28
C MET E 202 -5.07 -10.33 -25.49
N ARG E 203 -5.86 -11.01 -24.64
CA ARG E 203 -5.30 -12.02 -23.76
C ARG E 203 -4.80 -13.22 -24.55
N ALA E 204 -5.51 -13.52 -25.64
CA ALA E 204 -5.15 -14.58 -26.56
C ALA E 204 -3.83 -14.27 -27.28
N THR E 205 -3.57 -13.00 -27.63
CA THR E 205 -2.37 -12.64 -28.36
C THR E 205 -1.26 -12.21 -27.40
N GLY E 206 -1.32 -12.65 -26.13
CA GLY E 206 -0.38 -12.26 -25.10
C GLY E 206 -0.26 -10.75 -24.87
N MET E 207 -1.26 -9.96 -25.26
CA MET E 207 -1.19 -8.52 -25.10
C MET E 207 -1.95 -8.04 -23.85
N TRP E 208 -2.48 -8.97 -23.05
CA TRP E 208 -3.14 -8.64 -21.80
C TRP E 208 -2.86 -9.75 -20.80
N THR E 209 -2.46 -9.40 -19.57
CA THR E 209 -2.24 -10.36 -18.50
C THR E 209 -3.28 -10.20 -17.38
N ASP E 210 -3.42 -11.30 -16.63
CA ASP E 210 -4.29 -11.40 -15.48
C ASP E 210 -3.77 -10.63 -14.28
N THR E 211 -2.53 -10.13 -14.36
CA THR E 211 -2.00 -9.27 -13.30
C THR E 211 -2.73 -7.93 -13.30
N ARG E 212 -3.28 -7.58 -12.14
CA ARG E 212 -3.99 -6.32 -11.99
C ARG E 212 -2.98 -5.20 -12.00
N GLY E 213 -3.31 -4.10 -12.69
CA GLY E 213 -2.51 -2.87 -12.70
C GLY E 213 -1.18 -3.01 -13.45
N ALA E 214 -1.10 -3.93 -14.41
CA ALA E 214 0.10 -4.13 -15.19
C ALA E 214 -0.20 -4.22 -16.71
N ASN E 215 -1.26 -3.56 -17.19
CA ASN E 215 -1.60 -3.63 -18.59
C ASN E 215 -1.73 -2.21 -19.15
N MET E 216 -1.94 -2.07 -20.47
CA MET E 216 -1.95 -0.76 -21.08
C MET E 216 -3.12 0.09 -20.58
N LEU E 217 -4.25 -0.55 -20.24
CA LEU E 217 -5.48 0.19 -20.07
C LEU E 217 -6.07 0.08 -18.65
N ASP E 218 -5.31 -0.45 -17.69
CA ASP E 218 -5.84 -0.65 -16.34
C ASP E 218 -5.23 0.29 -15.32
N GLY E 219 -4.41 1.24 -15.80
CA GLY E 219 -3.66 2.13 -14.92
C GLY E 219 -2.19 1.74 -14.89
N GLY E 220 -1.81 0.58 -15.41
CA GLY E 220 -0.41 0.18 -15.41
C GLY E 220 0.52 1.00 -16.32
N ALA E 221 -0.02 1.61 -17.39
CA ALA E 221 0.80 2.39 -18.29
C ALA E 221 0.88 3.82 -17.79
N PRO E 222 2.11 4.39 -17.67
CA PRO E 222 2.27 5.77 -17.25
C PRO E 222 1.56 6.79 -18.13
N TYR E 223 1.34 6.44 -19.40
CA TYR E 223 0.67 7.33 -20.34
C TYR E 223 -0.85 7.07 -20.42
N TYR E 224 -1.39 6.15 -19.60
CA TYR E 224 -2.82 5.88 -19.56
C TYR E 224 -3.21 5.71 -18.08
N ASP E 225 -3.40 6.86 -17.39
CA ASP E 225 -3.62 6.85 -15.96
C ASP E 225 -3.97 8.26 -15.52
N THR E 226 -4.30 8.45 -14.24
CA THR E 226 -4.51 9.77 -13.69
C THR E 226 -3.22 10.19 -12.96
N TYR E 227 -3.09 11.51 -12.77
CA TYR E 227 -1.96 12.11 -12.05
C TYR E 227 -2.50 13.20 -11.14
N GLU E 228 -1.94 13.24 -9.94
CA GLU E 228 -2.32 14.27 -9.01
C GLU E 228 -1.53 15.55 -9.32
N CYS E 229 -2.20 16.69 -9.19
CA CYS E 229 -1.66 18.00 -9.56
C CYS E 229 -1.29 18.80 -8.31
N ALA E 230 -0.71 20.00 -8.51
CA ALA E 230 -0.21 20.81 -7.41
C ALA E 230 -1.32 21.14 -6.41
N ASP E 231 -2.57 21.22 -6.88
CA ASP E 231 -3.67 21.61 -6.00
C ASP E 231 -4.36 20.39 -5.40
N GLY E 232 -3.84 19.19 -5.59
CA GLY E 232 -4.50 17.99 -5.07
C GLY E 232 -5.63 17.49 -5.96
N ARG E 233 -5.96 18.17 -7.07
CA ARG E 233 -6.89 17.67 -8.05
C ARG E 233 -6.15 16.86 -9.11
N TYR E 234 -6.90 16.23 -10.03
CA TYR E 234 -6.31 15.27 -10.94
C TYR E 234 -6.53 15.64 -12.40
N VAL E 235 -5.64 15.10 -13.23
CA VAL E 235 -5.77 15.10 -14.67
C VAL E 235 -5.74 13.64 -15.08
N ALA E 236 -6.29 13.36 -16.25
CA ALA E 236 -6.17 12.06 -16.89
C ALA E 236 -5.33 12.18 -18.15
N VAL E 237 -4.50 11.18 -18.36
CA VAL E 237 -3.63 11.05 -19.50
C VAL E 237 -3.99 9.78 -20.25
N GLY E 238 -4.25 9.92 -21.56
CA GLY E 238 -4.61 8.79 -22.40
C GLY E 238 -3.85 8.78 -23.72
N ALA E 239 -2.56 9.16 -23.65
CA ALA E 239 -1.72 9.40 -24.81
C ALA E 239 -1.10 8.11 -25.26
N ILE E 240 -1.93 7.27 -25.88
CA ILE E 240 -1.48 5.97 -26.30
C ILE E 240 -0.62 6.07 -27.57
N GLU E 241 -1.10 6.85 -28.56
CA GLU E 241 -0.42 6.96 -29.85
C GLU E 241 0.88 7.76 -29.67
N PRO E 242 2.00 7.33 -30.28
CA PRO E 242 3.30 7.97 -30.04
C PRO E 242 3.29 9.48 -30.27
N GLN E 243 2.55 9.95 -31.25
CA GLN E 243 2.57 11.37 -31.62
C GLN E 243 1.88 12.19 -30.54
N PHE E 244 0.79 11.62 -30.01
CA PHE E 244 0.04 12.28 -28.96
C PHE E 244 0.88 12.30 -27.68
N TYR E 245 1.54 11.17 -27.38
CA TYR E 245 2.46 11.06 -26.24
C TYR E 245 3.56 12.14 -26.36
N ALA E 246 4.18 12.26 -27.53
CA ALA E 246 5.20 13.29 -27.75
C ALA E 246 4.69 14.70 -27.45
N ALA E 247 3.44 14.96 -27.88
CA ALA E 247 2.86 16.28 -27.67
C ALA E 247 2.70 16.53 -26.19
N MET E 248 2.40 15.46 -25.47
CA MET E 248 2.22 15.55 -24.03
C MET E 248 3.53 15.88 -23.31
N LEU E 249 4.59 15.15 -23.65
CA LEU E 249 5.91 15.40 -23.05
C LEU E 249 6.29 16.88 -23.22
N ALA E 250 6.17 17.39 -24.45
CA ALA E 250 6.50 18.78 -24.76
C ALA E 250 5.70 19.76 -23.91
N GLY E 251 4.39 19.50 -23.74
CA GLY E 251 3.59 20.41 -22.95
C GLY E 251 4.03 20.37 -21.49
N LEU E 252 4.59 19.24 -21.05
CA LEU E 252 5.06 19.08 -19.67
C LEU E 252 6.46 19.69 -19.51
N GLY E 253 7.06 20.13 -20.61
CA GLY E 253 8.39 20.69 -20.55
C GLY E 253 9.43 19.57 -20.42
N LEU E 254 9.12 18.34 -20.85
CA LEU E 254 10.05 17.23 -20.70
C LEU E 254 10.62 16.93 -22.08
N ASP E 255 11.90 16.63 -22.09
CA ASP E 255 12.62 16.37 -23.31
C ASP E 255 12.66 14.86 -23.47
N ALA E 256 12.02 14.36 -24.52
CA ALA E 256 11.92 12.93 -24.77
C ALA E 256 13.27 12.24 -24.68
N ALA E 257 14.31 12.99 -25.03
CA ALA E 257 15.67 12.48 -25.18
C ALA E 257 16.19 11.95 -23.85
N GLU E 258 15.68 12.51 -22.75
CA GLU E 258 16.11 12.18 -21.42
C GLU E 258 15.21 11.15 -20.73
N LEU E 259 14.15 10.64 -21.39
CA LEU E 259 13.19 9.77 -20.74
C LEU E 259 13.36 8.36 -21.27
N PRO E 260 12.92 7.31 -20.53
CA PRO E 260 12.91 5.98 -21.10
C PRO E 260 11.91 5.90 -22.24
N PRO E 261 11.98 4.93 -23.16
CA PRO E 261 10.98 4.86 -24.23
C PRO E 261 9.56 4.61 -23.71
N GLN E 262 8.55 5.04 -24.48
CA GLN E 262 7.18 5.05 -24.00
C GLN E 262 6.69 3.68 -23.53
N ASN E 263 7.09 2.63 -24.27
CA ASN E 263 6.60 1.27 -24.10
C ASN E 263 7.70 0.31 -23.67
N ASP E 264 8.80 0.82 -23.09
CA ASP E 264 9.71 -0.05 -22.33
C ASP E 264 9.12 -0.25 -20.94
N ARG E 265 8.41 -1.37 -20.76
CA ARG E 265 7.68 -1.60 -19.53
C ARG E 265 8.61 -1.74 -18.33
N ALA E 266 9.82 -2.26 -18.55
CA ALA E 266 10.74 -2.49 -17.46
C ALA E 266 11.00 -1.15 -16.75
N ARG E 267 10.87 -0.04 -17.51
CA ARG E 267 11.25 1.28 -17.03
C ARG E 267 10.03 2.17 -16.81
N TRP E 268 8.84 1.56 -16.84
CA TRP E 268 7.63 2.28 -16.53
C TRP E 268 7.68 2.94 -15.14
N PRO E 269 8.17 2.31 -14.04
CA PRO E 269 8.20 3.02 -12.76
C PRO E 269 9.05 4.30 -12.83
N GLU E 270 10.18 4.23 -13.54
CA GLU E 270 11.05 5.38 -13.76
C GLU E 270 10.30 6.47 -14.57
N LEU E 271 9.68 6.10 -15.69
CA LEU E 271 8.86 7.02 -16.46
C LEU E 271 7.75 7.65 -15.61
N ARG E 272 7.04 6.80 -14.84
CA ARG E 272 5.94 7.28 -14.02
C ARG E 272 6.42 8.35 -13.05
N ALA E 273 7.61 8.12 -12.44
CA ALA E 273 8.13 9.09 -11.48
C ALA E 273 8.38 10.45 -12.15
N LEU E 274 8.89 10.45 -13.40
CA LEU E 274 9.19 11.71 -14.05
C LEU E 274 7.90 12.46 -14.41
N LEU E 275 6.86 11.73 -14.85
CA LEU E 275 5.57 12.34 -15.17
C LEU E 275 4.90 12.85 -13.89
N THR E 276 5.00 12.05 -12.81
CA THR E 276 4.38 12.43 -11.55
C THR E 276 4.91 13.79 -11.11
N GLU E 277 6.24 13.99 -11.15
CA GLU E 277 6.84 15.24 -10.69
C GLU E 277 6.42 16.41 -11.60
N ALA E 278 6.38 16.18 -12.92
CA ALA E 278 5.91 17.22 -13.83
C ALA E 278 4.46 17.62 -13.56
N PHE E 279 3.53 16.66 -13.42
CA PHE E 279 2.15 17.04 -13.25
C PHE E 279 1.96 17.69 -11.88
N ALA E 280 2.81 17.32 -10.91
CA ALA E 280 2.65 17.84 -9.55
C ALA E 280 3.06 19.31 -9.45
N SER E 281 3.74 19.84 -10.48
CA SER E 281 4.32 21.16 -10.41
C SER E 281 3.33 22.25 -10.81
N HIS E 282 2.15 21.91 -11.34
CA HIS E 282 1.11 22.89 -11.57
C HIS E 282 -0.27 22.32 -11.21
N ASP E 283 -1.25 23.22 -11.10
CA ASP E 283 -2.65 22.95 -10.82
C ASP E 283 -3.35 22.23 -11.96
N ARG E 284 -4.52 21.64 -11.66
CA ARG E 284 -5.27 20.91 -12.70
C ARG E 284 -5.69 21.88 -13.81
N ASP E 285 -6.20 23.04 -13.42
CA ASP E 285 -6.74 23.99 -14.38
C ASP E 285 -5.65 24.50 -15.31
N HIS E 286 -4.45 24.73 -14.77
CA HIS E 286 -3.30 25.07 -15.58
C HIS E 286 -3.10 24.04 -16.70
N TRP E 287 -3.12 22.75 -16.36
CA TRP E 287 -2.86 21.73 -17.36
C TRP E 287 -3.98 21.70 -18.39
N GLY E 288 -5.19 22.06 -17.94
CA GLY E 288 -6.39 22.12 -18.75
C GLY E 288 -6.28 23.15 -19.87
N ALA E 289 -5.82 24.36 -19.52
CA ALA E 289 -5.51 25.45 -20.44
C ALA E 289 -4.41 25.07 -21.43
N VAL E 290 -3.25 24.75 -20.88
CA VAL E 290 -2.07 24.40 -21.66
C VAL E 290 -2.38 23.35 -22.71
N PHE E 291 -3.22 22.36 -22.38
CA PHE E 291 -3.49 21.27 -23.31
C PHE E 291 -4.82 21.44 -24.08
N ALA E 292 -5.55 22.53 -23.82
CA ALA E 292 -6.71 22.89 -24.63
C ALA E 292 -6.33 22.98 -26.11
N ASN E 293 -7.13 22.32 -26.93
CA ASN E 293 -6.96 22.25 -28.38
C ASN E 293 -5.79 21.38 -28.78
N SER E 294 -5.19 20.57 -27.88
CA SER E 294 -4.09 19.70 -28.28
C SER E 294 -4.52 18.25 -28.40
N ASP E 295 -3.67 17.48 -29.08
CA ASP E 295 -3.86 16.04 -29.16
C ASP E 295 -3.06 15.30 -28.07
N ALA E 296 -2.72 16.01 -27.00
CA ALA E 296 -1.91 15.43 -25.95
C ALA E 296 -2.69 14.36 -25.13
N CYS E 297 -4.02 14.34 -25.22
CA CYS E 297 -4.88 13.40 -24.51
C CYS E 297 -4.75 13.62 -22.99
N VAL E 298 -4.78 14.87 -22.57
CA VAL E 298 -4.70 15.26 -21.17
C VAL E 298 -5.94 16.07 -20.92
N THR E 299 -6.77 15.63 -19.95
CA THR E 299 -8.01 16.29 -19.60
C THR E 299 -8.12 16.43 -18.08
N PRO E 300 -8.80 17.47 -17.59
CA PRO E 300 -9.04 17.57 -16.17
C PRO E 300 -10.07 16.54 -15.73
N VAL E 301 -9.85 16.00 -14.52
CA VAL E 301 -10.77 15.05 -13.94
C VAL E 301 -11.73 15.85 -13.10
N LEU E 302 -12.96 16.05 -13.62
CA LEU E 302 -13.98 16.85 -12.94
C LEU E 302 -14.86 15.98 -12.05
N ALA E 303 -15.13 16.52 -10.86
CA ALA E 303 -16.15 16.02 -9.95
C ALA E 303 -17.55 16.37 -10.51
N PHE E 304 -18.53 15.52 -10.19
CA PHE E 304 -19.89 15.71 -10.65
C PHE E 304 -20.29 17.19 -10.52
N GLY E 305 -20.09 17.78 -9.34
CA GLY E 305 -20.55 19.13 -9.06
C GLY E 305 -19.93 20.21 -9.95
N GLU E 306 -18.80 19.89 -10.63
CA GLU E 306 -18.09 20.84 -11.47
C GLU E 306 -18.46 20.69 -12.94
N VAL E 307 -19.16 19.61 -13.30
CA VAL E 307 -19.33 19.25 -14.70
C VAL E 307 -20.14 20.33 -15.42
N HIS E 308 -21.11 20.92 -14.71
CA HIS E 308 -22.03 21.91 -15.25
C HIS E 308 -21.28 23.18 -15.68
N ASN E 309 -20.09 23.42 -15.11
CA ASN E 309 -19.29 24.59 -15.48
C ASN E 309 -18.29 24.33 -16.61
N GLU E 310 -18.32 23.19 -17.28
CA GLU E 310 -17.28 22.92 -18.26
C GLU E 310 -17.80 23.31 -19.65
N PRO E 311 -17.11 24.21 -20.39
CA PRO E 311 -17.61 24.70 -21.68
C PRO E 311 -18.09 23.62 -22.64
N HIS E 312 -17.33 22.54 -22.85
CA HIS E 312 -17.76 21.53 -23.82
C HIS E 312 -19.06 20.83 -23.41
N ILE E 313 -19.29 20.71 -22.09
CA ILE E 313 -20.50 20.09 -21.56
C ILE E 313 -21.65 21.06 -21.80
N ILE E 314 -21.40 22.34 -21.53
CA ILE E 314 -22.45 23.34 -21.52
C ILE E 314 -22.99 23.48 -22.93
N GLU E 315 -22.09 23.51 -23.91
CA GLU E 315 -22.42 23.93 -25.26
C GLU E 315 -22.99 22.78 -26.07
N ARG E 316 -22.86 21.54 -25.58
CA ARG E 316 -23.49 20.43 -26.27
C ARG E 316 -24.81 20.02 -25.59
N ASN E 317 -25.21 20.71 -24.52
CA ASN E 317 -26.42 20.36 -23.78
C ASN E 317 -26.43 18.88 -23.41
N THR E 318 -25.32 18.42 -22.83
CA THR E 318 -25.20 17.01 -22.49
C THR E 318 -26.08 16.76 -21.28
N PHE E 319 -26.30 17.82 -20.45
CA PHE E 319 -27.19 17.79 -19.31
C PHE E 319 -28.32 18.81 -19.47
N TYR E 320 -29.40 18.62 -18.69
CA TYR E 320 -30.46 19.61 -18.50
C TYR E 320 -30.72 19.73 -17.00
N GLU E 321 -31.24 20.86 -16.53
CA GLU E 321 -31.58 21.00 -15.13
C GLU E 321 -32.92 20.34 -14.82
N ALA E 322 -33.04 19.73 -13.64
CA ALA E 322 -34.33 19.28 -13.19
C ALA E 322 -34.28 19.18 -11.68
N ASN E 323 -35.24 19.82 -11.01
CA ASN E 323 -35.58 19.42 -9.65
C ASN E 323 -34.31 19.32 -8.81
N GLY E 324 -33.64 20.48 -8.62
CA GLY E 324 -32.44 20.58 -7.80
C GLY E 324 -31.33 19.61 -8.20
N GLY E 325 -31.01 19.55 -9.50
CA GLY E 325 -29.83 18.84 -9.97
C GLY E 325 -29.86 18.55 -11.46
N TRP E 326 -28.69 18.66 -12.08
CA TRP E 326 -28.51 18.26 -13.45
C TRP E 326 -28.74 16.76 -13.64
N GLN E 327 -29.19 16.43 -14.85
CA GLN E 327 -29.46 15.08 -15.28
C GLN E 327 -29.02 15.00 -16.72
N PRO E 328 -28.57 13.83 -17.19
CA PRO E 328 -28.13 13.70 -18.56
C PRO E 328 -29.29 13.66 -19.54
N MET E 329 -29.09 14.35 -20.66
CA MET E 329 -30.03 14.35 -21.75
C MET E 329 -29.91 13.01 -22.44
N PRO E 330 -30.94 12.62 -23.21
CA PRO E 330 -30.93 11.37 -23.94
C PRO E 330 -29.70 11.16 -24.80
N ALA E 331 -29.37 9.89 -25.05
CA ALA E 331 -28.27 9.54 -25.91
C ALA E 331 -28.64 8.27 -26.64
N PRO E 332 -28.17 8.01 -27.87
CA PRO E 332 -27.42 8.99 -28.66
C PRO E 332 -28.38 10.03 -29.24
N ARG E 333 -27.94 10.75 -30.27
CA ARG E 333 -28.74 11.83 -30.82
C ARG E 333 -29.08 11.51 -32.28
N PHE E 334 -30.22 12.06 -32.74
CA PHE E 334 -30.78 11.75 -34.07
C PHE E 334 -30.99 13.05 -34.86
N SER E 335 -30.54 13.05 -36.12
CA SER E 335 -30.66 14.22 -37.01
C SER E 335 -32.12 14.51 -37.32
N ARG E 336 -32.87 13.51 -37.81
CA ARG E 336 -34.25 13.70 -38.24
C ARG E 336 -35.25 13.62 -37.09
N THR E 337 -35.33 12.48 -36.37
CA THR E 337 -36.30 12.31 -35.29
C THR E 337 -35.63 12.52 -33.93
N ALA E 338 -35.46 13.78 -33.53
CA ALA E 338 -34.65 14.10 -32.38
C ALA E 338 -35.40 13.75 -31.09
N SER E 339 -34.68 13.23 -30.10
CA SER E 339 -35.25 13.14 -28.76
C SER E 339 -35.63 14.53 -28.28
N SER E 340 -36.39 14.57 -27.20
CA SER E 340 -36.74 15.81 -26.55
C SER E 340 -36.45 15.66 -25.07
N GLN E 341 -36.68 16.73 -24.32
CA GLN E 341 -36.26 16.74 -22.95
C GLN E 341 -37.09 15.76 -22.11
N PRO E 342 -36.47 14.86 -21.31
CA PRO E 342 -37.22 13.96 -20.44
C PRO E 342 -38.31 14.66 -19.61
N ARG E 343 -39.45 13.96 -19.53
CA ARG E 343 -40.55 14.33 -18.65
C ARG E 343 -40.28 13.74 -17.28
N PRO E 344 -40.47 14.51 -16.18
CA PRO E 344 -40.33 13.99 -14.83
C PRO E 344 -41.26 12.83 -14.49
N PRO E 345 -40.92 11.96 -13.51
CA PRO E 345 -41.85 10.91 -13.11
C PRO E 345 -43.27 11.44 -12.92
N ALA E 346 -44.27 10.71 -13.44
CA ALA E 346 -45.67 11.15 -13.35
C ALA E 346 -46.21 10.81 -11.96
N ALA E 347 -47.42 11.28 -11.63
CA ALA E 347 -48.17 10.73 -10.52
C ALA E 347 -48.90 9.48 -11.03
N THR E 348 -49.04 8.47 -10.16
CA THR E 348 -49.68 7.21 -10.55
C THR E 348 -51.00 7.51 -11.26
N ILE E 349 -50.98 7.53 -12.60
CA ILE E 349 -52.17 7.36 -13.41
C ILE E 349 -52.74 5.98 -13.08
N ASP E 350 -54.00 5.73 -13.46
CA ASP E 350 -54.70 4.49 -13.14
C ASP E 350 -54.83 3.63 -14.41
N ILE E 351 -54.74 2.30 -14.24
CA ILE E 351 -54.40 1.39 -15.33
C ILE E 351 -55.48 1.33 -16.43
N GLU E 352 -56.74 1.61 -16.08
CA GLU E 352 -57.85 1.58 -17.03
C GLU E 352 -57.68 2.70 -18.05
N ALA E 353 -57.16 3.86 -17.58
CA ALA E 353 -56.98 5.06 -18.38
C ALA E 353 -55.97 4.83 -19.52
N VAL E 354 -54.99 3.96 -19.26
CA VAL E 354 -53.99 3.64 -20.25
C VAL E 354 -54.59 2.73 -21.33
N LEU E 355 -55.35 1.71 -20.91
CA LEU E 355 -56.06 0.81 -21.81
C LEU E 355 -56.96 1.61 -22.75
N THR E 356 -57.65 2.62 -22.19
CA THR E 356 -58.41 3.60 -22.96
C THR E 356 -57.51 4.23 -24.02
N ASP E 357 -56.43 4.91 -23.57
CA ASP E 357 -55.52 5.59 -24.49
C ASP E 357 -55.08 4.63 -25.60
N TRP E 358 -54.80 3.37 -25.28
CA TRP E 358 -54.28 2.44 -26.28
C TRP E 358 -55.41 1.78 -27.12
N ASP E 359 -56.47 2.55 -27.43
CA ASP E 359 -57.56 2.22 -28.36
C ASP E 359 -58.80 1.74 -27.60
N MET F 1 -26.86 -17.02 -42.26
CA MET F 1 -26.38 -16.26 -41.06
C MET F 1 -27.43 -16.30 -39.94
N ALA F 2 -27.08 -16.96 -38.81
CA ALA F 2 -27.98 -17.10 -37.68
C ALA F 2 -28.12 -15.79 -36.89
N GLY F 3 -29.31 -15.58 -36.32
CA GLY F 3 -29.51 -14.48 -35.41
C GLY F 3 -30.51 -13.45 -35.91
N PRO F 4 -31.03 -12.61 -35.00
CA PRO F 4 -32.15 -11.72 -35.30
C PRO F 4 -31.90 -10.61 -36.30
N LEU F 5 -30.62 -10.29 -36.54
CA LEU F 5 -30.26 -9.21 -37.44
C LEU F 5 -29.89 -9.77 -38.81
N SER F 6 -30.18 -11.05 -39.04
CA SER F 6 -30.01 -11.69 -40.33
C SER F 6 -30.64 -10.81 -41.40
N GLY F 7 -29.85 -10.56 -42.45
CA GLY F 7 -30.24 -9.75 -43.58
C GLY F 7 -29.90 -8.27 -43.42
N LEU F 8 -29.44 -7.83 -42.25
CA LEU F 8 -28.99 -6.46 -42.11
C LEU F 8 -27.57 -6.37 -42.68
N ARG F 9 -27.33 -5.32 -43.48
CA ARG F 9 -26.06 -5.11 -44.15
C ARG F 9 -25.33 -3.92 -43.57
N VAL F 10 -24.05 -4.12 -43.18
CA VAL F 10 -23.37 -3.05 -42.46
C VAL F 10 -22.04 -2.73 -43.13
N VAL F 11 -21.83 -1.43 -43.31
CA VAL F 11 -20.55 -0.94 -43.79
C VAL F 11 -19.83 -0.19 -42.65
N GLU F 12 -18.65 -0.71 -42.31
CA GLU F 12 -17.86 -0.17 -41.22
C GLU F 12 -16.54 0.40 -41.76
N LEU F 13 -16.37 1.70 -41.61
CA LEU F 13 -15.07 2.31 -41.87
C LEU F 13 -14.11 2.07 -40.70
N ALA F 14 -13.11 1.21 -40.91
CA ALA F 14 -12.15 0.76 -39.92
C ALA F 14 -11.67 1.90 -39.01
N GLY F 15 -11.95 1.69 -37.71
CA GLY F 15 -11.57 2.57 -36.62
C GLY F 15 -10.97 1.75 -35.48
N ILE F 16 -10.98 2.35 -34.29
CA ILE F 16 -10.52 1.68 -33.07
C ILE F 16 -11.56 1.92 -32.00
N GLY F 17 -11.64 0.98 -31.04
CA GLY F 17 -12.45 1.19 -29.87
C GLY F 17 -13.92 0.85 -30.12
N PRO F 18 -14.83 1.83 -29.94
CA PRO F 18 -16.26 1.58 -29.93
C PRO F 18 -16.80 1.13 -31.29
N GLY F 19 -16.34 1.81 -32.34
CA GLY F 19 -16.75 1.49 -33.71
C GLY F 19 -16.64 0.01 -33.99
N PRO F 20 -15.45 -0.60 -33.89
CA PRO F 20 -15.35 -2.03 -34.12
C PRO F 20 -16.12 -2.94 -33.15
N HIS F 21 -16.45 -2.40 -31.97
CA HIS F 21 -17.13 -3.23 -30.98
C HIS F 21 -18.60 -3.30 -31.37
N ALA F 22 -19.21 -2.15 -31.71
CA ALA F 22 -20.58 -2.12 -32.21
C ALA F 22 -20.72 -2.96 -33.48
N ALA F 23 -19.74 -2.88 -34.35
CA ALA F 23 -19.80 -3.69 -35.56
C ALA F 23 -19.71 -5.16 -35.22
N MET F 24 -18.87 -5.50 -34.23
CA MET F 24 -18.74 -6.89 -33.86
C MET F 24 -20.09 -7.43 -33.39
N ILE F 25 -20.80 -6.64 -32.60
CA ILE F 25 -22.02 -7.12 -32.01
C ILE F 25 -23.09 -7.31 -33.10
N LEU F 26 -23.32 -6.30 -33.97
CA LEU F 26 -24.17 -6.45 -35.14
C LEU F 26 -23.87 -7.77 -35.86
N GLY F 27 -22.60 -8.05 -36.14
CA GLY F 27 -22.18 -9.32 -36.72
C GLY F 27 -22.52 -10.55 -35.85
N ASP F 28 -22.18 -10.50 -34.56
CA ASP F 28 -22.57 -11.52 -33.60
C ASP F 28 -24.04 -11.93 -33.75
N LEU F 29 -24.95 -10.94 -33.88
CA LEU F 29 -26.40 -11.13 -33.95
C LEU F 29 -26.95 -11.40 -35.37
N GLY F 30 -26.05 -11.63 -36.36
CA GLY F 30 -26.43 -12.13 -37.67
C GLY F 30 -26.32 -11.15 -38.85
N ALA F 31 -26.10 -9.85 -38.57
CA ALA F 31 -25.76 -8.88 -39.60
C ALA F 31 -24.56 -9.31 -40.44
N ASP F 32 -24.61 -8.83 -41.69
CA ASP F 32 -23.61 -8.99 -42.72
C ASP F 32 -22.74 -7.72 -42.70
N VAL F 33 -21.50 -7.88 -42.20
CA VAL F 33 -20.72 -6.71 -41.83
C VAL F 33 -19.48 -6.69 -42.73
N VAL F 34 -19.30 -5.53 -43.39
CA VAL F 34 -18.16 -5.36 -44.28
C VAL F 34 -17.35 -4.16 -43.80
N ARG F 35 -16.08 -4.48 -43.53
CA ARG F 35 -15.14 -3.55 -42.94
C ARG F 35 -14.15 -3.10 -44.00
N ILE F 36 -14.24 -1.82 -44.35
CA ILE F 36 -13.32 -1.14 -45.26
C ILE F 36 -12.15 -0.59 -44.44
N ASP F 37 -10.97 -1.23 -44.54
CA ASP F 37 -9.74 -0.68 -43.99
C ASP F 37 -8.90 0.10 -45.03
N ARG F 38 -7.79 0.71 -44.59
CA ARG F 38 -6.70 1.13 -45.46
C ARG F 38 -5.90 -0.09 -45.93
N PRO F 39 -5.37 -0.13 -47.18
CA PRO F 39 -4.55 -1.26 -47.61
C PRO F 39 -3.20 -1.37 -46.88
N SER F 40 -2.71 -0.22 -46.41
CA SER F 40 -1.46 -0.11 -45.66
C SER F 40 -1.67 -0.57 -44.22
N SER F 41 -1.98 -1.85 -44.04
CA SER F 41 -2.42 -2.39 -42.75
C SER F 41 -3.48 -3.44 -42.97
N VAL F 42 -3.06 -4.66 -43.37
CA VAL F 42 -3.84 -5.86 -43.12
C VAL F 42 -2.86 -7.01 -42.86
N ASP F 43 -2.05 -7.37 -43.87
CA ASP F 43 -1.09 -8.47 -43.77
C ASP F 43 -1.77 -9.80 -43.43
N GLY F 44 -2.69 -10.24 -44.30
CA GLY F 44 -3.24 -11.58 -44.24
C GLY F 44 -4.48 -11.65 -43.34
N ILE F 45 -4.43 -12.56 -42.36
CA ILE F 45 -5.54 -12.86 -41.46
C ILE F 45 -5.33 -12.10 -40.15
N SER F 46 -6.34 -11.33 -39.70
CA SER F 46 -6.22 -10.52 -38.47
C SER F 46 -6.21 -11.42 -37.24
N ARG F 47 -5.55 -10.94 -36.17
CA ARG F 47 -5.53 -11.64 -34.89
C ARG F 47 -6.12 -10.78 -33.77
N ASP F 48 -6.81 -9.68 -34.12
CA ASP F 48 -7.80 -9.09 -33.23
C ASP F 48 -9.11 -9.85 -33.38
N ALA F 49 -9.50 -10.63 -32.35
CA ALA F 49 -10.74 -11.39 -32.36
C ALA F 49 -11.99 -10.48 -32.26
N MET F 50 -11.82 -9.16 -32.02
CA MET F 50 -12.91 -8.18 -32.14
C MET F 50 -13.38 -7.98 -33.60
N LEU F 51 -12.59 -8.46 -34.58
CA LEU F 51 -12.89 -8.45 -36.00
C LEU F 51 -13.52 -9.77 -36.47
N ARG F 52 -14.13 -10.50 -35.52
CA ARG F 52 -14.94 -11.66 -35.85
C ARG F 52 -16.24 -11.24 -36.53
N ASN F 53 -16.89 -12.20 -37.20
CA ASN F 53 -18.15 -11.96 -37.91
C ASN F 53 -18.03 -10.78 -38.89
N ARG F 54 -16.93 -10.76 -39.64
CA ARG F 54 -16.62 -9.68 -40.56
C ARG F 54 -16.21 -10.27 -41.92
N ARG F 55 -16.47 -9.49 -42.98
CA ARG F 55 -15.65 -9.53 -44.17
C ARG F 55 -14.83 -8.24 -44.23
N ILE F 56 -13.53 -8.39 -44.51
CA ILE F 56 -12.60 -7.27 -44.57
C ILE F 56 -12.24 -6.98 -46.03
N VAL F 57 -12.48 -5.75 -46.49
CA VAL F 57 -11.92 -5.28 -47.75
C VAL F 57 -11.05 -4.04 -47.51
N THR F 58 -10.20 -3.67 -48.49
CA THR F 58 -9.34 -2.49 -48.40
C THR F 58 -9.63 -1.50 -49.53
N ALA F 59 -9.24 -0.23 -49.34
CA ALA F 59 -9.60 0.82 -50.29
C ALA F 59 -9.02 2.18 -49.87
N ASP F 60 -8.27 2.81 -50.79
CA ASP F 60 -7.78 4.14 -50.51
C ASP F 60 -8.88 5.16 -50.83
N LEU F 61 -9.46 5.74 -49.79
CA LEU F 61 -10.63 6.57 -49.90
C LEU F 61 -10.26 7.99 -50.30
N LYS F 62 -8.96 8.26 -50.32
CA LYS F 62 -8.48 9.53 -50.85
C LYS F 62 -8.50 9.48 -52.38
N SER F 63 -8.26 8.29 -52.94
CA SER F 63 -8.25 8.07 -54.38
C SER F 63 -9.67 8.15 -54.96
N ASP F 64 -9.73 8.39 -56.28
CA ASP F 64 -10.99 8.56 -56.99
C ASP F 64 -11.78 7.25 -56.97
N GLN F 65 -11.07 6.13 -57.09
CA GLN F 65 -11.70 4.85 -57.30
C GLN F 65 -12.08 4.19 -55.97
N GLY F 66 -11.22 4.31 -54.96
CA GLY F 66 -11.60 3.86 -53.63
C GLY F 66 -12.90 4.50 -53.20
N LEU F 67 -13.00 5.83 -53.33
CA LEU F 67 -14.22 6.53 -52.96
C LEU F 67 -15.44 5.95 -53.68
N GLU F 68 -15.26 5.63 -54.96
CA GLU F 68 -16.36 5.17 -55.78
C GLU F 68 -16.85 3.80 -55.32
N LEU F 69 -15.96 2.80 -55.19
CA LEU F 69 -16.31 1.49 -54.67
C LEU F 69 -17.01 1.57 -53.29
N ALA F 70 -16.43 2.29 -52.34
CA ALA F 70 -17.07 2.49 -51.05
C ALA F 70 -18.49 3.09 -51.19
N LEU F 71 -18.67 4.05 -52.12
CA LEU F 71 -19.95 4.72 -52.27
C LEU F 71 -20.99 3.75 -52.84
N LYS F 72 -20.53 2.73 -53.59
CA LYS F 72 -21.39 1.71 -54.14
C LYS F 72 -21.83 0.74 -53.05
N LEU F 73 -20.89 0.27 -52.21
CA LEU F 73 -21.24 -0.58 -51.08
C LEU F 73 -22.29 0.11 -50.24
N ILE F 74 -22.07 1.38 -49.96
CA ILE F 74 -22.93 2.12 -49.07
C ILE F 74 -24.34 2.21 -49.66
N ALA F 75 -24.42 2.21 -50.99
CA ALA F 75 -25.70 2.33 -51.68
C ALA F 75 -26.51 1.03 -51.54
N LYS F 76 -25.86 -0.12 -51.35
CA LYS F 76 -26.50 -1.42 -51.21
C LYS F 76 -26.66 -1.84 -49.75
N ALA F 77 -26.37 -0.95 -48.78
CA ALA F 77 -26.26 -1.35 -47.38
C ALA F 77 -27.22 -0.53 -46.53
N ASP F 78 -27.48 -1.01 -45.29
CA ASP F 78 -28.46 -0.39 -44.40
C ASP F 78 -27.81 0.55 -43.40
N VAL F 79 -26.58 0.17 -43.01
CA VAL F 79 -25.91 0.89 -41.94
C VAL F 79 -24.50 1.25 -42.36
N LEU F 80 -24.16 2.51 -42.09
CA LEU F 80 -22.75 2.90 -42.12
C LEU F 80 -22.24 3.25 -40.71
N ILE F 81 -21.08 2.69 -40.36
CA ILE F 81 -20.37 3.07 -39.13
C ILE F 81 -19.03 3.73 -39.46
N GLU F 82 -18.84 4.91 -38.88
CA GLU F 82 -17.55 5.60 -38.89
C GLU F 82 -17.24 6.20 -37.51
N GLY F 83 -15.96 6.13 -37.12
CA GLY F 83 -15.52 6.69 -35.84
C GLY F 83 -14.22 7.51 -35.94
N TYR F 84 -14.18 8.42 -36.92
CA TYR F 84 -13.07 9.33 -37.10
C TYR F 84 -13.54 10.66 -36.57
N ARG F 85 -12.64 11.66 -36.54
CA ARG F 85 -12.98 12.97 -35.99
C ARG F 85 -14.09 13.60 -36.81
N PRO F 86 -14.90 14.50 -36.25
CA PRO F 86 -15.81 15.23 -37.12
C PRO F 86 -15.09 15.93 -38.27
N GLY F 87 -15.74 15.89 -39.44
CA GLY F 87 -15.27 16.60 -40.62
C GLY F 87 -14.47 15.65 -41.51
N VAL F 88 -14.07 14.49 -40.98
CA VAL F 88 -13.21 13.61 -41.75
C VAL F 88 -13.99 13.06 -42.95
N THR F 89 -15.15 12.43 -42.71
CA THR F 89 -15.85 11.69 -43.77
C THR F 89 -16.33 12.69 -44.82
N GLU F 90 -16.83 13.86 -44.39
CA GLU F 90 -17.14 14.95 -45.30
C GLU F 90 -16.02 15.12 -46.33
N ARG F 91 -14.76 15.23 -45.86
CA ARG F 91 -13.60 15.55 -46.68
C ARG F 91 -13.26 14.40 -47.61
N LEU F 92 -13.56 13.17 -47.20
CA LEU F 92 -13.36 12.06 -48.11
C LEU F 92 -14.52 11.96 -49.11
N GLY F 93 -15.55 12.82 -48.91
CA GLY F 93 -16.79 12.81 -49.70
C GLY F 93 -17.71 11.61 -49.40
N LEU F 94 -17.60 11.07 -48.17
CA LEU F 94 -18.50 10.07 -47.61
C LEU F 94 -19.24 10.69 -46.44
N GLY F 95 -19.42 12.02 -46.44
CA GLY F 95 -20.28 12.71 -45.48
C GLY F 95 -21.67 12.07 -45.41
N PRO F 96 -22.54 12.51 -44.47
CA PRO F 96 -23.93 12.10 -44.50
C PRO F 96 -24.61 12.52 -45.80
N GLU F 97 -24.34 13.78 -46.22
CA GLU F 97 -24.97 14.35 -47.39
C GLU F 97 -24.60 13.58 -48.66
N GLU F 98 -23.33 13.24 -48.81
CA GLU F 98 -22.93 12.49 -49.99
C GLU F 98 -23.53 11.10 -49.98
N CYS F 99 -23.73 10.55 -48.78
CA CYS F 99 -24.22 9.20 -48.62
C CYS F 99 -25.74 9.22 -48.88
N ALA F 100 -26.41 10.23 -48.32
CA ALA F 100 -27.85 10.46 -48.53
C ALA F 100 -28.19 10.57 -50.01
N LYS F 101 -27.23 11.00 -50.82
CA LYS F 101 -27.44 11.13 -52.25
C LYS F 101 -27.52 9.75 -52.89
N VAL F 102 -26.78 8.75 -52.41
CA VAL F 102 -26.82 7.45 -53.09
C VAL F 102 -27.70 6.45 -52.33
N ASN F 103 -28.34 6.85 -51.23
CA ASN F 103 -29.03 5.91 -50.35
C ASN F 103 -29.66 6.67 -49.21
N ASP F 104 -30.90 7.10 -49.39
CA ASP F 104 -31.58 7.89 -48.36
C ASP F 104 -32.20 6.99 -47.28
N ARG F 105 -31.94 5.67 -47.34
CA ARG F 105 -32.46 4.76 -46.34
C ARG F 105 -31.37 4.42 -45.31
N LEU F 106 -30.20 5.03 -45.49
CA LEU F 106 -29.01 4.64 -44.78
C LEU F 106 -29.10 5.11 -43.34
N ILE F 107 -28.70 4.21 -42.42
CA ILE F 107 -28.39 4.67 -41.07
C ILE F 107 -26.90 5.01 -40.99
N TYR F 108 -26.65 6.30 -40.76
CA TYR F 108 -25.31 6.88 -40.83
C TYR F 108 -24.81 7.04 -39.39
N ALA F 109 -23.99 6.08 -38.94
CA ALA F 109 -23.71 5.97 -37.50
C ALA F 109 -22.33 6.56 -37.20
N ARG F 110 -22.31 7.67 -36.47
CA ARG F 110 -21.12 8.44 -36.14
C ARG F 110 -20.74 8.30 -34.66
N MET F 111 -19.59 7.65 -34.43
CA MET F 111 -19.07 7.26 -33.12
C MET F 111 -17.91 8.16 -32.72
N THR F 112 -18.14 9.13 -31.85
CA THR F 112 -17.02 9.93 -31.37
C THR F 112 -16.98 9.88 -29.84
N GLY F 113 -15.92 10.47 -29.28
CA GLY F 113 -15.84 10.72 -27.86
C GLY F 113 -16.50 12.04 -27.46
N TRP F 114 -16.12 13.12 -28.15
CA TRP F 114 -16.57 14.44 -27.75
C TRP F 114 -17.84 14.89 -28.49
N GLY F 115 -18.23 14.20 -29.58
CA GLY F 115 -19.35 14.69 -30.37
C GLY F 115 -18.95 15.41 -31.67
N GLN F 116 -19.96 15.97 -32.34
CA GLN F 116 -19.75 16.48 -33.68
C GLN F 116 -19.34 17.94 -33.62
N THR F 117 -19.68 18.64 -32.54
CA THR F 117 -19.35 20.06 -32.42
C THR F 117 -18.89 20.37 -31.00
N GLY F 118 -18.50 21.62 -30.77
CA GLY F 118 -18.10 22.10 -29.45
C GLY F 118 -16.57 22.22 -29.33
N PRO F 119 -16.09 22.88 -28.27
CA PRO F 119 -14.65 23.23 -28.17
C PRO F 119 -13.66 22.07 -28.19
N ARG F 120 -14.07 20.87 -27.75
CA ARG F 120 -13.17 19.74 -27.70
C ARG F 120 -13.36 18.82 -28.88
N SER F 121 -14.20 19.19 -29.86
CA SER F 121 -14.66 18.25 -30.88
C SER F 121 -13.52 17.76 -31.75
N GLN F 122 -12.38 18.47 -31.75
CA GLN F 122 -11.26 18.04 -32.59
C GLN F 122 -10.07 17.51 -31.78
N GLN F 123 -10.14 17.54 -30.45
CA GLN F 123 -9.11 16.90 -29.63
C GLN F 123 -9.10 15.38 -29.77
N ALA F 124 -7.93 14.79 -30.03
CA ALA F 124 -7.76 13.37 -29.82
C ALA F 124 -8.07 12.97 -28.37
N GLY F 125 -8.30 11.68 -28.17
CA GLY F 125 -8.88 11.22 -26.92
C GLY F 125 -8.95 9.71 -26.88
N HIS F 126 -8.94 9.19 -25.63
CA HIS F 126 -9.29 7.82 -25.38
C HIS F 126 -10.32 7.80 -24.23
N ASP F 127 -10.85 6.60 -23.96
CA ASP F 127 -11.87 6.39 -22.95
C ASP F 127 -11.58 7.21 -21.70
N ILE F 128 -10.37 7.08 -21.14
CA ILE F 128 -10.06 7.74 -19.87
C ILE F 128 -10.33 9.24 -19.98
N ASN F 129 -10.11 9.82 -21.17
CA ASN F 129 -10.37 11.25 -21.36
C ASN F 129 -11.87 11.59 -21.32
N TYR F 130 -12.68 10.81 -22.06
CA TYR F 130 -14.10 11.10 -22.20
C TYR F 130 -14.78 10.97 -20.82
N ILE F 131 -14.40 9.96 -20.01
CA ILE F 131 -15.01 9.82 -18.69
C ILE F 131 -14.43 10.75 -17.63
N SER F 132 -13.33 11.45 -17.91
CA SER F 132 -12.77 12.40 -16.96
C SER F 132 -13.63 13.66 -16.91
N LEU F 133 -14.22 14.06 -18.04
CA LEU F 133 -14.91 15.33 -18.15
C LEU F 133 -16.31 15.31 -17.52
N ASN F 134 -16.94 14.16 -17.39
CA ASN F 134 -18.35 14.11 -17.00
C ASN F 134 -18.57 13.52 -15.61
N GLY F 135 -17.51 13.54 -14.78
CA GLY F 135 -17.63 13.19 -13.37
C GLY F 135 -17.42 11.70 -13.09
N ILE F 136 -17.37 10.85 -14.12
CA ILE F 136 -17.33 9.41 -13.90
C ILE F 136 -16.00 8.96 -13.31
N LEU F 137 -14.89 9.33 -13.97
CA LEU F 137 -13.59 8.83 -13.55
C LEU F 137 -13.33 9.23 -12.10
N HIS F 138 -13.68 10.45 -11.75
CA HIS F 138 -13.42 10.98 -10.42
C HIS F 138 -14.09 10.14 -9.34
N ALA F 139 -15.20 9.47 -9.67
CA ALA F 139 -15.96 8.69 -8.70
C ALA F 139 -15.42 7.28 -8.50
N ILE F 140 -14.39 6.88 -9.25
CA ILE F 140 -13.93 5.49 -9.24
C ILE F 140 -12.57 5.32 -8.56
N GLY F 141 -12.52 4.44 -7.56
CA GLY F 141 -11.29 4.11 -6.87
C GLY F 141 -11.43 4.33 -5.36
N ARG F 142 -10.38 3.98 -4.62
CA ARG F 142 -10.38 4.21 -3.18
C ARG F 142 -10.25 5.70 -2.91
N GLY F 143 -10.73 6.15 -1.74
CA GLY F 143 -10.84 7.56 -1.41
C GLY F 143 -9.49 8.20 -1.08
N ASP F 144 -8.53 7.39 -0.70
CA ASP F 144 -7.26 7.92 -0.23
C ASP F 144 -6.25 7.87 -1.38
N GLU F 145 -6.73 7.68 -2.61
CA GLU F 145 -5.87 7.45 -3.75
C GLU F 145 -6.44 8.24 -4.93
N ARG F 146 -5.64 8.36 -5.98
CA ARG F 146 -6.09 8.99 -7.19
C ARG F 146 -7.01 8.05 -7.97
N PRO F 147 -7.92 8.62 -8.77
CA PRO F 147 -8.88 7.84 -9.52
C PRO F 147 -8.23 6.75 -10.34
N VAL F 148 -8.95 5.64 -10.45
CA VAL F 148 -8.43 4.51 -11.19
C VAL F 148 -9.35 4.25 -12.38
N PRO F 149 -8.80 4.06 -13.58
CA PRO F 149 -9.63 3.82 -14.75
C PRO F 149 -10.29 2.44 -14.70
N PRO F 150 -11.61 2.33 -14.93
CA PRO F 150 -12.27 1.04 -15.02
C PRO F 150 -12.03 0.39 -16.37
N LEU F 151 -10.78 0.06 -16.63
CA LEU F 151 -10.34 -0.28 -17.97
C LEU F 151 -10.93 0.73 -18.94
N ASN F 152 -11.25 0.28 -20.15
CA ASN F 152 -11.93 1.13 -21.11
C ASN F 152 -13.38 0.70 -21.22
N LEU F 153 -14.04 0.38 -20.10
CA LEU F 153 -15.32 -0.30 -20.18
C LEU F 153 -16.46 0.70 -20.23
N VAL F 154 -16.25 1.88 -19.67
CA VAL F 154 -17.37 2.76 -19.44
C VAL F 154 -17.53 3.74 -20.60
N GLY F 155 -16.40 4.20 -21.15
CA GLY F 155 -16.44 5.22 -22.18
C GLY F 155 -16.57 4.57 -23.56
N ASP F 156 -15.62 3.72 -23.92
CA ASP F 156 -15.63 3.02 -25.18
C ASP F 156 -16.85 2.11 -25.37
N PHE F 157 -17.18 1.28 -24.36
CA PHE F 157 -18.09 0.16 -24.61
C PHE F 157 -19.45 0.48 -24.02
N GLY F 158 -19.58 0.49 -22.70
CA GLY F 158 -20.84 0.77 -22.06
C GLY F 158 -21.48 2.07 -22.54
N GLY F 159 -20.67 3.13 -22.63
CA GLY F 159 -21.16 4.48 -22.89
C GLY F 159 -20.91 4.90 -24.34
N GLY F 160 -20.44 3.95 -25.15
CA GLY F 160 -19.85 4.22 -26.44
C GLY F 160 -20.51 3.37 -27.53
N SER F 161 -19.92 2.20 -27.78
CA SER F 161 -20.45 1.23 -28.72
C SER F 161 -21.92 0.94 -28.44
N MET F 162 -22.28 0.66 -27.19
CA MET F 162 -23.62 0.16 -26.90
C MET F 162 -24.67 1.22 -27.26
N PHE F 163 -24.35 2.50 -27.06
CA PHE F 163 -25.27 3.58 -27.38
C PHE F 163 -25.32 3.83 -28.89
N LEU F 164 -24.21 3.58 -29.59
CA LEU F 164 -24.23 3.56 -31.04
C LEU F 164 -25.22 2.48 -31.49
N LEU F 165 -25.11 1.27 -30.93
CA LEU F 165 -25.97 0.15 -31.28
C LEU F 165 -27.47 0.45 -31.07
N VAL F 166 -27.81 1.01 -29.91
CA VAL F 166 -29.16 1.43 -29.61
C VAL F 166 -29.62 2.41 -30.67
N GLY F 167 -28.76 3.37 -31.04
CA GLY F 167 -29.17 4.42 -31.96
C GLY F 167 -29.45 3.88 -33.35
N ILE F 168 -28.54 3.01 -33.80
CA ILE F 168 -28.67 2.30 -35.06
C ILE F 168 -29.97 1.52 -35.09
N LEU F 169 -30.18 0.66 -34.09
CA LEU F 169 -31.32 -0.23 -34.07
C LEU F 169 -32.61 0.60 -33.84
N ALA F 170 -32.58 1.64 -33.02
CA ALA F 170 -33.73 2.51 -32.88
C ALA F 170 -34.06 3.24 -34.19
N ALA F 171 -33.03 3.57 -34.96
CA ALA F 171 -33.24 4.27 -36.22
C ALA F 171 -33.81 3.33 -37.29
N LEU F 172 -33.41 2.05 -37.25
CA LEU F 172 -33.97 1.05 -38.12
C LEU F 172 -35.46 0.86 -37.83
N TRP F 173 -35.88 1.03 -36.56
CA TRP F 173 -37.28 0.95 -36.20
C TRP F 173 -38.04 2.13 -36.78
N GLU F 174 -37.47 3.34 -36.62
CA GLU F 174 -38.12 4.53 -37.15
C GLU F 174 -38.23 4.41 -38.67
N ARG F 175 -37.18 3.91 -39.32
CA ARG F 175 -37.15 3.74 -40.78
C ARG F 175 -38.30 2.88 -41.31
N GLN F 176 -38.75 1.88 -40.55
CA GLN F 176 -39.78 0.97 -41.04
C GLN F 176 -41.09 1.73 -41.26
N SER F 177 -41.27 2.91 -40.64
CA SER F 177 -42.46 3.71 -40.89
C SER F 177 -42.17 5.10 -41.47
N SER F 178 -40.91 5.41 -41.88
CA SER F 178 -40.64 6.70 -42.51
C SER F 178 -40.11 6.49 -43.93
N GLY F 179 -39.59 5.30 -44.20
CA GLY F 179 -38.91 5.04 -45.45
C GLY F 179 -37.45 5.52 -45.47
N LYS F 180 -37.08 6.36 -44.49
CA LYS F 180 -35.85 7.15 -44.53
C LYS F 180 -34.85 6.76 -43.44
N GLY F 181 -33.57 6.72 -43.84
CA GLY F 181 -32.43 6.71 -42.93
C GLY F 181 -32.31 8.02 -42.16
N GLN F 182 -31.17 8.18 -41.47
CA GLN F 182 -30.82 9.42 -40.76
C GLN F 182 -29.44 9.23 -40.09
N VAL F 183 -29.03 10.29 -39.36
CA VAL F 183 -27.72 10.36 -38.72
C VAL F 183 -27.89 10.10 -37.22
N VAL F 184 -27.11 9.12 -36.74
CA VAL F 184 -26.94 8.86 -35.31
C VAL F 184 -25.59 9.44 -34.86
N ASP F 185 -25.66 10.43 -33.97
CA ASP F 185 -24.50 11.04 -33.33
C ASP F 185 -24.37 10.47 -31.91
N ALA F 186 -23.52 9.43 -31.76
CA ALA F 186 -23.15 8.85 -30.48
C ALA F 186 -21.81 9.39 -29.98
N ALA F 187 -21.86 10.20 -28.92
CA ALA F 187 -20.66 10.66 -28.25
C ALA F 187 -20.49 9.93 -26.92
N MET F 188 -19.29 9.34 -26.72
CA MET F 188 -18.97 8.65 -25.47
C MET F 188 -19.20 9.52 -24.25
N VAL F 189 -19.06 10.84 -24.36
CA VAL F 189 -19.26 11.69 -23.19
C VAL F 189 -20.75 11.77 -22.85
N ASP F 190 -21.59 11.56 -23.88
CA ASP F 190 -23.04 11.54 -23.69
C ASP F 190 -23.52 10.17 -23.19
N GLY F 191 -23.18 9.13 -23.95
CA GLY F 191 -23.57 7.77 -23.63
C GLY F 191 -23.19 7.41 -22.21
N SER F 192 -21.95 7.73 -21.79
CA SER F 192 -21.45 7.34 -20.47
C SER F 192 -22.19 8.12 -19.40
N SER F 193 -22.63 9.35 -19.72
CA SER F 193 -23.39 10.13 -18.75
C SER F 193 -24.77 9.48 -18.54
N VAL F 194 -25.37 8.97 -19.62
CA VAL F 194 -26.68 8.33 -19.46
C VAL F 194 -26.49 7.00 -18.71
N LEU F 195 -25.38 6.32 -18.99
CA LEU F 195 -25.01 5.09 -18.31
C LEU F 195 -25.01 5.29 -16.80
N ILE F 196 -24.63 6.50 -16.34
CA ILE F 196 -24.49 6.79 -14.93
C ILE F 196 -25.62 7.69 -14.43
N GLN F 197 -26.77 7.64 -15.12
CA GLN F 197 -27.90 8.46 -14.71
C GLN F 197 -28.25 8.17 -13.26
N MET F 198 -28.09 6.90 -12.85
CA MET F 198 -28.45 6.60 -11.47
C MET F 198 -27.76 7.53 -10.47
N MET F 199 -26.43 7.73 -10.66
CA MET F 199 -25.69 8.52 -9.70
C MET F 199 -26.13 9.98 -9.78
N TRP F 200 -26.49 10.48 -10.97
CA TRP F 200 -27.01 11.83 -11.08
C TRP F 200 -28.34 11.96 -10.33
N ALA F 201 -29.20 10.94 -10.43
CA ALA F 201 -30.46 10.91 -9.70
C ALA F 201 -30.21 10.83 -8.19
N MET F 202 -29.34 9.93 -7.74
CA MET F 202 -29.08 9.78 -6.33
C MET F 202 -28.48 11.04 -5.75
N ARG F 203 -27.66 11.75 -6.54
CA ARG F 203 -27.05 13.01 -6.14
C ARG F 203 -28.12 14.06 -5.85
N ALA F 204 -29.11 14.17 -6.75
CA ALA F 204 -30.23 15.10 -6.61
C ALA F 204 -30.97 14.88 -5.28
N THR F 205 -31.08 13.63 -4.82
CA THR F 205 -31.82 13.33 -3.60
C THR F 205 -30.90 13.23 -2.40
N GLY F 206 -29.61 13.59 -2.55
CA GLY F 206 -28.66 13.48 -1.46
C GLY F 206 -28.26 12.04 -1.09
N MET F 207 -28.49 11.05 -1.94
CA MET F 207 -28.03 9.70 -1.60
C MET F 207 -26.74 9.36 -2.36
N TRP F 208 -26.04 10.37 -2.88
CA TRP F 208 -24.73 10.12 -3.47
C TRP F 208 -23.89 11.38 -3.31
N THR F 209 -22.67 11.28 -2.77
CA THR F 209 -21.81 12.45 -2.65
C THR F 209 -20.63 12.35 -3.63
N ASP F 210 -20.00 13.50 -3.84
CA ASP F 210 -18.86 13.60 -4.75
C ASP F 210 -17.58 13.06 -4.14
N THR F 211 -17.56 12.72 -2.85
CA THR F 211 -16.38 12.12 -2.25
C THR F 211 -16.23 10.70 -2.78
N ARG F 212 -15.03 10.39 -3.30
CA ARG F 212 -14.69 9.07 -3.80
C ARG F 212 -14.55 8.09 -2.62
N GLY F 213 -15.04 6.86 -2.79
CA GLY F 213 -14.84 5.82 -1.79
C GLY F 213 -15.71 6.01 -0.55
N ALA F 214 -16.77 6.83 -0.66
CA ALA F 214 -17.68 7.11 0.46
C ALA F 214 -19.15 6.87 0.12
N ASN F 215 -19.50 6.00 -0.83
CA ASN F 215 -20.91 5.85 -1.18
C ASN F 215 -21.27 4.38 -1.15
N MET F 216 -22.55 4.07 -1.42
CA MET F 216 -23.05 2.73 -1.27
C MET F 216 -22.44 1.79 -2.29
N LEU F 217 -22.13 2.27 -3.50
CA LEU F 217 -21.77 1.37 -4.58
C LEU F 217 -20.34 1.58 -5.09
N ASP F 218 -19.54 2.40 -4.42
CA ASP F 218 -18.20 2.73 -4.90
C ASP F 218 -17.11 2.01 -4.11
N GLY F 219 -17.49 1.13 -3.17
CA GLY F 219 -16.53 0.48 -2.29
C GLY F 219 -16.55 1.06 -0.87
N GLY F 220 -17.21 2.19 -0.65
CA GLY F 220 -17.26 2.74 0.69
C GLY F 220 -18.18 1.98 1.67
N ALA F 221 -19.18 1.23 1.19
CA ALA F 221 -20.04 0.45 2.07
C ALA F 221 -19.37 -0.88 2.38
N PRO F 222 -19.22 -1.31 3.65
CA PRO F 222 -18.58 -2.58 3.95
C PRO F 222 -19.26 -3.84 3.39
N TYR F 223 -20.57 -3.71 3.13
CA TYR F 223 -21.33 -4.78 2.53
C TYR F 223 -21.36 -4.71 0.99
N TYR F 224 -20.67 -3.76 0.34
CA TYR F 224 -20.55 -3.74 -1.12
C TYR F 224 -19.09 -3.44 -1.51
N ASP F 225 -18.24 -4.48 -1.53
CA ASP F 225 -16.82 -4.30 -1.73
C ASP F 225 -16.17 -5.67 -1.90
N THR F 226 -14.87 -5.71 -2.24
CA THR F 226 -14.09 -6.93 -2.22
C THR F 226 -13.41 -7.07 -0.86
N TYR F 227 -13.09 -8.32 -0.49
CA TYR F 227 -12.40 -8.63 0.76
C TYR F 227 -11.30 -9.62 0.43
N GLU F 228 -10.12 -9.38 1.00
CA GLU F 228 -9.02 -10.29 0.84
C GLU F 228 -9.16 -11.48 1.79
N CYS F 229 -8.92 -12.68 1.23
CA CYS F 229 -9.03 -13.94 1.94
C CYS F 229 -7.67 -14.37 2.46
N ALA F 230 -7.66 -15.45 3.25
CA ALA F 230 -6.45 -15.96 3.89
C ALA F 230 -5.42 -16.34 2.85
N ASP F 231 -5.84 -16.80 1.65
CA ASP F 231 -4.89 -17.14 0.60
C ASP F 231 -4.49 -15.94 -0.26
N GLY F 232 -4.89 -14.69 0.06
CA GLY F 232 -4.55 -13.55 -0.80
C GLY F 232 -5.43 -13.40 -2.05
N ARG F 233 -6.43 -14.27 -2.24
CA ARG F 233 -7.42 -14.11 -3.31
C ARG F 233 -8.60 -13.37 -2.71
N TYR F 234 -9.67 -13.16 -3.47
CA TYR F 234 -10.66 -12.20 -3.05
C TYR F 234 -12.07 -12.73 -3.26
N VAL F 235 -12.99 -12.25 -2.41
CA VAL F 235 -14.40 -12.46 -2.63
C VAL F 235 -15.02 -11.09 -2.79
N ALA F 236 -16.16 -11.08 -3.48
CA ALA F 236 -16.96 -9.87 -3.59
C ALA F 236 -18.19 -10.04 -2.75
N VAL F 237 -18.56 -8.97 -2.06
CA VAL F 237 -19.75 -8.94 -1.27
C VAL F 237 -20.66 -7.86 -1.81
N GLY F 238 -21.95 -8.21 -2.02
CA GLY F 238 -22.92 -7.28 -2.54
C GLY F 238 -24.25 -7.35 -1.82
N ALA F 239 -24.20 -7.51 -0.49
CA ALA F 239 -25.37 -7.86 0.31
C ALA F 239 -26.06 -6.60 0.77
N ILE F 240 -26.67 -5.93 -0.20
CA ILE F 240 -27.30 -4.64 0.08
C ILE F 240 -28.58 -4.83 0.90
N GLU F 241 -29.41 -5.79 0.48
CA GLU F 241 -30.68 -6.03 1.15
C GLU F 241 -30.45 -6.64 2.54
N PRO F 242 -31.16 -6.17 3.58
CA PRO F 242 -30.92 -6.63 4.94
C PRO F 242 -30.93 -8.15 5.08
N GLN F 243 -31.88 -8.78 4.38
N GLN F 243 -31.91 -8.82 4.44
CA GLN F 243 -32.09 -10.21 4.49
CA GLN F 243 -32.01 -10.28 4.54
C GLN F 243 -30.85 -10.95 3.95
C GLN F 243 -30.75 -10.92 4.01
N PHE F 244 -30.25 -10.42 2.88
CA PHE F 244 -29.07 -11.04 2.27
C PHE F 244 -27.86 -10.76 3.17
N TYR F 245 -27.77 -9.53 3.67
CA TYR F 245 -26.73 -9.17 4.62
C TYR F 245 -26.74 -10.11 5.85
N ALA F 246 -27.93 -10.48 6.34
CA ALA F 246 -28.02 -11.34 7.51
C ALA F 246 -27.49 -12.71 7.15
N ALA F 247 -27.78 -13.17 5.92
CA ALA F 247 -27.30 -14.50 5.50
C ALA F 247 -25.78 -14.50 5.41
N MET F 248 -25.22 -13.37 4.98
CA MET F 248 -23.79 -13.22 4.84
C MET F 248 -23.15 -13.33 6.23
N LEU F 249 -23.65 -12.57 7.21
CA LEU F 249 -23.13 -12.63 8.58
C LEU F 249 -23.12 -14.06 9.13
N ALA F 250 -24.23 -14.79 8.91
CA ALA F 250 -24.38 -16.12 9.44
C ALA F 250 -23.29 -17.03 8.89
N GLY F 251 -23.04 -16.93 7.58
CA GLY F 251 -22.01 -17.73 6.96
C GLY F 251 -20.60 -17.32 7.41
N LEU F 252 -20.42 -16.04 7.79
CA LEU F 252 -19.12 -15.59 8.28
C LEU F 252 -18.91 -16.11 9.69
N GLY F 253 -20.00 -16.39 10.39
CA GLY F 253 -19.85 -16.84 11.76
C GLY F 253 -19.87 -15.67 12.73
N LEU F 254 -20.32 -14.49 12.28
CA LEU F 254 -20.49 -13.33 13.15
C LEU F 254 -21.92 -13.19 13.66
N ASP F 255 -22.03 -12.89 14.95
CA ASP F 255 -23.31 -12.64 15.58
C ASP F 255 -23.68 -11.18 15.31
N ALA F 256 -24.84 -10.95 14.65
CA ALA F 256 -25.31 -9.61 14.35
C ALA F 256 -25.32 -8.71 15.58
N ALA F 257 -25.61 -9.27 16.78
CA ALA F 257 -25.71 -8.47 18.01
C ALA F 257 -24.37 -7.85 18.41
N GLU F 258 -23.25 -8.42 17.94
CA GLU F 258 -21.93 -7.95 18.28
C GLU F 258 -21.48 -6.84 17.34
N LEU F 259 -22.29 -6.48 16.33
CA LEU F 259 -21.81 -5.66 15.22
C LEU F 259 -22.55 -4.33 15.23
N PRO F 260 -21.97 -3.23 14.71
CA PRO F 260 -22.78 -2.06 14.41
C PRO F 260 -23.88 -2.39 13.40
N PRO F 261 -24.95 -1.59 13.34
CA PRO F 261 -25.95 -1.78 12.32
C PRO F 261 -25.40 -1.55 10.91
N GLN F 262 -25.96 -2.30 9.95
CA GLN F 262 -25.48 -2.38 8.60
C GLN F 262 -25.36 -1.01 7.97
N ASN F 263 -26.37 -0.16 8.19
CA ASN F 263 -26.37 1.14 7.57
C ASN F 263 -26.17 2.24 8.59
N ASP F 264 -25.50 1.96 9.71
CA ASP F 264 -24.95 3.05 10.50
C ASP F 264 -23.59 3.47 9.93
N ARG F 265 -23.62 4.50 9.06
CA ARG F 265 -22.45 4.92 8.29
C ARG F 265 -21.35 5.40 9.23
N ALA F 266 -21.73 6.06 10.32
CA ALA F 266 -20.72 6.58 11.25
C ALA F 266 -19.85 5.46 11.80
N ARG F 267 -20.35 4.21 11.83
CA ARG F 267 -19.60 3.10 12.41
C ARG F 267 -19.15 2.08 11.37
N TRP F 268 -19.25 2.45 10.09
CA TRP F 268 -18.68 1.66 9.01
C TRP F 268 -17.19 1.36 9.23
N PRO F 269 -16.36 2.24 9.85
CA PRO F 269 -14.99 1.85 10.15
C PRO F 269 -14.93 0.56 10.97
N GLU F 270 -15.76 0.45 12.01
CA GLU F 270 -15.70 -0.69 12.90
C GLU F 270 -16.26 -1.91 12.16
N LEU F 271 -17.38 -1.69 11.44
CA LEU F 271 -18.00 -2.80 10.72
C LEU F 271 -17.01 -3.37 9.71
N ARG F 272 -16.37 -2.46 8.98
CA ARG F 272 -15.39 -2.87 7.98
C ARG F 272 -14.28 -3.71 8.63
N ALA F 273 -13.81 -3.27 9.80
CA ALA F 273 -12.73 -4.02 10.46
C ALA F 273 -13.20 -5.43 10.84
N LEU F 274 -14.43 -5.55 11.31
CA LEU F 274 -14.96 -6.86 11.68
C LEU F 274 -15.11 -7.78 10.49
N LEU F 275 -15.65 -7.28 9.37
CA LEU F 275 -15.79 -8.16 8.19
C LEU F 275 -14.42 -8.52 7.62
N THR F 276 -13.49 -7.56 7.63
CA THR F 276 -12.15 -7.75 7.07
C THR F 276 -11.48 -8.91 7.79
N GLU F 277 -11.55 -8.91 9.13
CA GLU F 277 -10.92 -9.97 9.91
C GLU F 277 -11.60 -11.32 9.65
N ALA F 278 -12.92 -11.32 9.52
CA ALA F 278 -13.62 -12.57 9.28
C ALA F 278 -13.27 -13.15 7.91
N PHE F 279 -13.38 -12.36 6.83
CA PHE F 279 -13.10 -12.92 5.51
C PHE F 279 -11.64 -13.35 5.44
N ALA F 280 -10.77 -12.65 6.18
CA ALA F 280 -9.34 -12.94 6.09
C ALA F 280 -9.00 -14.27 6.79
N SER F 281 -9.95 -14.87 7.53
CA SER F 281 -9.61 -15.99 8.42
C SER F 281 -9.72 -17.31 7.67
N HIS F 282 -10.17 -17.28 6.42
CA HIS F 282 -10.20 -18.47 5.57
C HIS F 282 -10.00 -18.07 4.11
N ASP F 283 -9.71 -19.09 3.30
CA ASP F 283 -9.36 -18.89 1.90
C ASP F 283 -10.62 -18.75 1.04
N ARG F 284 -10.43 -18.38 -0.21
CA ARG F 284 -11.54 -17.98 -1.07
C ARG F 284 -12.43 -19.19 -1.31
N ASP F 285 -11.80 -20.34 -1.58
CA ASP F 285 -12.53 -21.57 -1.80
C ASP F 285 -13.42 -21.87 -0.60
N HIS F 286 -12.89 -21.66 0.60
CA HIS F 286 -13.70 -21.93 1.77
C HIS F 286 -14.99 -21.14 1.72
N TRP F 287 -14.93 -19.87 1.26
CA TRP F 287 -16.11 -19.02 1.24
C TRP F 287 -17.04 -19.43 0.10
N GLY F 288 -16.46 -19.87 -1.03
CA GLY F 288 -17.25 -20.54 -2.08
C GLY F 288 -18.16 -21.63 -1.50
N ALA F 289 -17.57 -22.57 -0.74
CA ALA F 289 -18.32 -23.66 -0.16
C ALA F 289 -19.36 -23.16 0.85
N VAL F 290 -18.96 -22.29 1.78
CA VAL F 290 -19.91 -21.78 2.73
C VAL F 290 -21.10 -21.14 1.98
N PHE F 291 -20.86 -20.35 0.93
CA PHE F 291 -21.94 -19.49 0.45
C PHE F 291 -22.68 -20.15 -0.71
N ALA F 292 -21.93 -20.77 -1.63
CA ALA F 292 -22.45 -21.88 -2.42
C ALA F 292 -23.72 -21.49 -3.20
N ASN F 293 -24.87 -21.79 -2.58
CA ASN F 293 -26.15 -21.75 -3.26
C ASN F 293 -26.99 -20.66 -2.60
N SER F 294 -26.37 -19.58 -2.07
CA SER F 294 -27.10 -18.76 -1.11
C SER F 294 -27.35 -17.34 -1.60
N ASP F 295 -28.32 -16.70 -0.96
CA ASP F 295 -28.64 -15.32 -1.20
C ASP F 295 -27.74 -14.34 -0.43
N ALA F 296 -26.59 -14.80 0.06
CA ALA F 296 -25.71 -13.94 0.83
C ALA F 296 -24.99 -12.91 -0.06
N CYS F 297 -24.99 -13.09 -1.39
CA CYS F 297 -24.34 -12.16 -2.34
C CYS F 297 -22.83 -12.08 -2.10
N VAL F 298 -22.24 -13.26 -1.97
CA VAL F 298 -20.82 -13.39 -1.81
C VAL F 298 -20.34 -14.34 -2.90
N THR F 299 -19.42 -13.89 -3.75
CA THR F 299 -18.91 -14.68 -4.85
C THR F 299 -17.39 -14.53 -4.88
N PRO F 300 -16.68 -15.56 -5.37
CA PRO F 300 -15.26 -15.46 -5.63
C PRO F 300 -14.92 -14.51 -6.78
N VAL F 301 -13.84 -13.74 -6.61
CA VAL F 301 -13.36 -12.84 -7.64
C VAL F 301 -12.36 -13.61 -8.50
N LEU F 302 -12.84 -14.21 -9.58
CA LEU F 302 -12.03 -15.05 -10.41
C LEU F 302 -11.26 -14.17 -11.39
N ALA F 303 -9.99 -14.56 -11.58
CA ALA F 303 -9.13 -14.05 -12.63
C ALA F 303 -9.58 -14.65 -13.95
N PHE F 304 -9.31 -13.96 -15.08
CA PHE F 304 -9.75 -14.44 -16.39
C PHE F 304 -9.45 -15.93 -16.53
N GLY F 305 -8.22 -16.30 -16.21
CA GLY F 305 -7.71 -17.63 -16.50
C GLY F 305 -8.46 -18.74 -15.78
N GLU F 306 -9.24 -18.40 -14.75
CA GLU F 306 -9.95 -19.40 -13.93
C GLU F 306 -11.43 -19.45 -14.31
N VAL F 307 -11.89 -18.51 -15.12
CA VAL F 307 -13.31 -18.39 -15.42
C VAL F 307 -13.85 -19.66 -16.07
N HIS F 308 -13.06 -20.28 -16.95
CA HIS F 308 -13.49 -21.47 -17.68
C HIS F 308 -13.75 -22.67 -16.76
N ASN F 309 -13.33 -22.63 -15.49
CA ASN F 309 -13.58 -23.74 -14.58
C ASN F 309 -14.77 -23.50 -13.68
N GLU F 310 -15.55 -22.45 -13.93
CA GLU F 310 -16.67 -22.14 -13.05
C GLU F 310 -17.94 -22.80 -13.58
N PRO F 311 -18.59 -23.68 -12.79
CA PRO F 311 -19.75 -24.46 -13.26
C PRO F 311 -20.82 -23.65 -13.97
N HIS F 312 -21.24 -22.51 -13.41
CA HIS F 312 -22.34 -21.74 -13.98
C HIS F 312 -21.95 -21.10 -15.31
N ILE F 313 -20.66 -20.78 -15.47
CA ILE F 313 -20.10 -20.25 -16.71
C ILE F 313 -20.13 -21.34 -17.78
N ILE F 314 -19.52 -22.51 -17.47
CA ILE F 314 -19.51 -23.67 -18.34
C ILE F 314 -20.93 -24.03 -18.80
N GLU F 315 -21.86 -24.23 -17.87
CA GLU F 315 -23.16 -24.77 -18.21
C GLU F 315 -23.99 -23.88 -19.11
N ARG F 316 -23.80 -22.56 -19.06
CA ARG F 316 -24.59 -21.66 -19.90
C ARG F 316 -23.84 -21.32 -21.19
N ASN F 317 -22.66 -21.93 -21.40
CA ASN F 317 -21.84 -21.66 -22.57
C ASN F 317 -21.68 -20.16 -22.81
N THR F 318 -21.29 -19.45 -21.76
CA THR F 318 -21.04 -18.02 -21.85
C THR F 318 -19.85 -17.80 -22.80
N PHE F 319 -18.90 -18.74 -22.82
CA PHE F 319 -17.66 -18.63 -23.58
C PHE F 319 -17.58 -19.78 -24.56
N TYR F 320 -16.90 -19.57 -25.70
CA TYR F 320 -16.51 -20.63 -26.61
C TYR F 320 -14.99 -20.58 -26.79
N GLU F 321 -14.38 -21.68 -27.19
CA GLU F 321 -12.94 -21.69 -27.35
C GLU F 321 -12.59 -21.40 -28.80
N ALA F 322 -12.04 -20.21 -29.06
CA ALA F 322 -11.47 -19.91 -30.36
C ALA F 322 -9.99 -20.26 -30.33
N ASN F 323 -9.44 -20.67 -31.47
CA ASN F 323 -8.04 -20.45 -31.79
C ASN F 323 -7.14 -20.92 -30.64
N GLY F 324 -7.02 -20.11 -29.58
CA GLY F 324 -6.17 -20.41 -28.44
C GLY F 324 -6.46 -19.44 -27.29
N GLY F 325 -7.55 -19.73 -26.55
CA GLY F 325 -8.12 -18.80 -25.60
C GLY F 325 -9.62 -18.66 -25.81
N TRP F 326 -10.33 -18.61 -24.68
CA TRP F 326 -11.77 -18.41 -24.64
C TRP F 326 -12.16 -17.02 -25.18
N GLN F 327 -13.36 -16.94 -25.75
CA GLN F 327 -13.94 -15.69 -26.21
C GLN F 327 -15.39 -15.72 -25.80
N PRO F 328 -16.03 -14.56 -25.54
CA PRO F 328 -17.43 -14.58 -25.15
C PRO F 328 -18.33 -14.88 -26.32
N MET F 329 -19.30 -15.78 -26.10
CA MET F 329 -20.40 -16.01 -27.03
C MET F 329 -21.25 -14.75 -27.09
N PRO F 330 -22.01 -14.56 -28.19
CA PRO F 330 -22.87 -13.40 -28.34
C PRO F 330 -23.81 -13.17 -27.19
N ALA F 331 -24.19 -11.90 -27.00
CA ALA F 331 -25.21 -11.55 -26.03
C ALA F 331 -26.04 -10.39 -26.61
N PRO F 332 -27.34 -10.24 -26.25
CA PRO F 332 -28.06 -11.22 -25.44
C PRO F 332 -28.51 -12.45 -26.24
N ARG F 333 -29.39 -13.27 -25.64
CA ARG F 333 -29.78 -14.53 -26.25
C ARG F 333 -31.22 -14.44 -26.70
N PHE F 334 -31.53 -15.18 -27.78
CA PHE F 334 -32.83 -15.07 -28.43
C PHE F 334 -33.47 -16.45 -28.49
N SER F 335 -34.73 -16.57 -28.06
CA SER F 335 -35.40 -17.89 -28.01
C SER F 335 -35.58 -18.51 -29.40
N ARG F 336 -35.99 -17.70 -30.39
CA ARG F 336 -36.31 -18.19 -31.73
C ARG F 336 -35.12 -18.07 -32.67
N THR F 337 -34.64 -16.86 -32.97
CA THR F 337 -33.55 -16.71 -33.92
C THR F 337 -32.24 -16.60 -33.16
N ALA F 338 -31.72 -17.73 -32.71
CA ALA F 338 -30.55 -17.72 -31.85
C ALA F 338 -29.32 -17.44 -32.71
N SER F 339 -28.40 -16.66 -32.13
CA SER F 339 -27.12 -16.39 -32.73
C SER F 339 -26.36 -17.69 -32.80
N SER F 340 -25.34 -17.74 -33.64
CA SER F 340 -24.44 -18.87 -33.69
C SER F 340 -23.06 -18.44 -33.21
N GLN F 341 -22.17 -19.42 -33.08
CA GLN F 341 -20.81 -19.18 -32.65
C GLN F 341 -20.14 -18.25 -33.65
N PRO F 342 -19.48 -17.14 -33.22
CA PRO F 342 -18.91 -16.19 -34.15
C PRO F 342 -17.95 -16.87 -35.11
N ARG F 343 -17.88 -16.33 -36.34
CA ARG F 343 -16.93 -16.74 -37.36
C ARG F 343 -15.64 -15.96 -37.16
N PRO F 344 -14.47 -16.64 -37.20
CA PRO F 344 -13.18 -15.99 -37.00
C PRO F 344 -12.84 -14.89 -38.00
N PRO F 345 -11.84 -14.04 -37.70
CA PRO F 345 -11.39 -13.06 -38.68
C PRO F 345 -11.01 -13.75 -40.00
N ALA F 346 -11.62 -13.28 -41.09
CA ALA F 346 -11.43 -13.84 -42.42
C ALA F 346 -10.11 -13.33 -43.03
N ALA F 347 -9.64 -13.96 -44.12
CA ALA F 347 -8.64 -13.33 -44.96
C ALA F 347 -9.32 -12.22 -45.77
N THR F 348 -8.53 -11.21 -46.18
CA THR F 348 -9.06 -10.06 -46.89
C THR F 348 -9.70 -10.57 -48.17
N ILE F 349 -10.88 -10.04 -48.48
CA ILE F 349 -11.50 -10.39 -49.74
C ILE F 349 -11.64 -9.10 -50.55
N ASP F 350 -11.73 -9.28 -51.87
CA ASP F 350 -11.74 -8.18 -52.83
C ASP F 350 -13.14 -7.55 -52.84
N ILE F 351 -13.17 -6.21 -52.86
CA ILE F 351 -14.37 -5.43 -52.72
C ILE F 351 -15.36 -5.66 -53.88
N GLU F 352 -14.87 -6.29 -54.96
CA GLU F 352 -15.68 -6.64 -56.12
C GLU F 352 -16.59 -7.81 -55.77
N ALA F 353 -15.99 -8.92 -55.31
CA ALA F 353 -16.72 -10.11 -54.91
C ALA F 353 -17.90 -9.75 -54.00
N VAL F 354 -17.69 -8.75 -53.12
CA VAL F 354 -18.73 -8.27 -52.21
C VAL F 354 -19.84 -7.61 -53.02
N LEU F 355 -19.50 -6.66 -53.91
CA LEU F 355 -20.52 -5.91 -54.64
C LEU F 355 -21.39 -6.85 -55.49
N THR F 356 -20.79 -7.97 -55.96
CA THR F 356 -21.48 -9.03 -56.70
C THR F 356 -22.51 -9.69 -55.78
N ASP F 357 -22.01 -10.42 -54.78
CA ASP F 357 -22.78 -11.03 -53.71
C ASP F 357 -24.01 -10.18 -53.36
N TRP F 358 -23.85 -8.88 -53.09
CA TRP F 358 -24.97 -7.98 -52.90
C TRP F 358 -25.52 -7.59 -54.28
N ASP F 359 -26.26 -8.52 -54.91
CA ASP F 359 -26.93 -8.34 -56.20
C ASP F 359 -25.90 -8.25 -57.33
N MET G 1 -30.22 -23.06 42.45
CA MET G 1 -30.54 -23.80 41.20
C MET G 1 -30.81 -22.81 40.07
N ALA G 2 -30.19 -23.02 38.91
CA ALA G 2 -30.29 -22.10 37.78
C ALA G 2 -31.61 -22.28 37.06
N GLY G 3 -32.14 -21.16 36.55
CA GLY G 3 -33.22 -21.15 35.58
C GLY G 3 -34.44 -20.41 36.10
N PRO G 4 -35.43 -20.16 35.24
CA PRO G 4 -36.54 -19.30 35.62
C PRO G 4 -37.50 -19.92 36.64
N LEU G 5 -37.39 -21.23 36.88
CA LEU G 5 -38.32 -21.89 37.78
C LEU G 5 -37.67 -22.14 39.13
N SER G 6 -36.43 -21.65 39.31
CA SER G 6 -35.75 -21.54 40.59
C SER G 6 -36.75 -21.22 41.70
N GLY G 7 -36.73 -22.04 42.76
CA GLY G 7 -37.65 -21.86 43.87
C GLY G 7 -39.00 -22.54 43.67
N LEU G 8 -39.31 -23.11 42.50
CA LEU G 8 -40.55 -23.87 42.36
C LEU G 8 -40.36 -25.23 43.05
N ARG G 9 -41.38 -25.70 43.75
CA ARG G 9 -41.31 -26.98 44.41
C ARG G 9 -42.39 -27.93 43.91
N VAL G 10 -41.93 -29.13 43.56
CA VAL G 10 -42.70 -30.07 42.76
C VAL G 10 -42.64 -31.43 43.44
N VAL G 11 -43.82 -32.02 43.67
CA VAL G 11 -43.81 -33.40 44.16
C VAL G 11 -44.29 -34.29 43.02
N GLU G 12 -43.48 -35.32 42.72
CA GLU G 12 -43.75 -36.22 41.59
C GLU G 12 -43.97 -37.66 42.08
N LEU G 13 -45.22 -38.12 41.93
CA LEU G 13 -45.54 -39.53 42.14
C LEU G 13 -45.10 -40.38 40.93
N ALA G 14 -44.02 -41.16 41.11
CA ALA G 14 -43.39 -41.92 40.03
C ALA G 14 -44.42 -42.69 39.21
N GLY G 15 -44.38 -42.39 37.89
CA GLY G 15 -45.16 -43.06 36.86
C GLY G 15 -44.25 -43.34 35.66
N ILE G 16 -44.87 -43.49 34.49
CA ILE G 16 -44.13 -43.77 33.27
C ILE G 16 -44.64 -42.80 32.20
N GLY G 17 -43.74 -42.47 31.26
CA GLY G 17 -44.16 -41.69 30.11
C GLY G 17 -44.23 -40.19 30.37
N PRO G 18 -45.41 -39.58 30.24
CA PRO G 18 -45.51 -38.13 30.23
C PRO G 18 -45.26 -37.45 31.57
N GLY G 19 -45.73 -38.04 32.68
CA GLY G 19 -45.52 -37.48 34.00
C GLY G 19 -44.03 -37.23 34.25
N PRO G 20 -43.16 -38.24 34.13
CA PRO G 20 -41.73 -38.05 34.35
C PRO G 20 -41.01 -37.10 33.41
N HIS G 21 -41.58 -36.92 32.20
CA HIS G 21 -40.98 -36.01 31.23
C HIS G 21 -41.32 -34.57 31.62
N ALA G 22 -42.57 -34.32 31.98
CA ALA G 22 -42.94 -33.03 32.56
C ALA G 22 -42.05 -32.65 33.75
N ALA G 23 -41.82 -33.60 34.65
CA ALA G 23 -41.09 -33.30 35.86
C ALA G 23 -39.63 -33.02 35.53
N MET G 24 -39.11 -33.74 34.53
CA MET G 24 -37.78 -33.51 34.02
C MET G 24 -37.64 -32.04 33.58
N ILE G 25 -38.60 -31.55 32.79
CA ILE G 25 -38.48 -30.23 32.19
C ILE G 25 -38.55 -29.16 33.29
N LEU G 26 -39.54 -29.26 34.20
CA LEU G 26 -39.60 -28.41 35.37
C LEU G 26 -38.24 -28.35 36.07
N GLY G 27 -37.68 -29.52 36.42
CA GLY G 27 -36.35 -29.58 37.01
C GLY G 27 -35.26 -29.01 36.10
N ASP G 28 -35.42 -29.20 34.78
CA ASP G 28 -34.48 -28.68 33.80
C ASP G 28 -34.36 -27.16 33.92
N LEU G 29 -35.49 -26.48 34.12
CA LEU G 29 -35.58 -25.04 34.19
C LEU G 29 -35.43 -24.50 35.64
N GLY G 30 -34.99 -25.36 36.58
CA GLY G 30 -34.56 -24.93 37.90
C GLY G 30 -35.54 -25.25 39.06
N ALA G 31 -36.70 -25.85 38.78
CA ALA G 31 -37.60 -26.31 39.83
C ALA G 31 -36.93 -27.37 40.70
N ASP G 32 -37.39 -27.39 41.96
CA ASP G 32 -37.00 -28.34 42.99
C ASP G 32 -38.01 -29.49 43.00
N VAL G 33 -37.52 -30.64 42.49
CA VAL G 33 -38.40 -31.72 42.11
C VAL G 33 -38.06 -32.94 42.97
N VAL G 34 -39.09 -33.36 43.72
CA VAL G 34 -38.95 -34.52 44.60
C VAL G 34 -39.84 -35.63 44.07
N ARG G 35 -39.18 -36.72 43.65
CA ARG G 35 -39.87 -37.85 43.05
C ARG G 35 -40.05 -38.96 44.08
N ILE G 36 -41.31 -39.28 44.40
CA ILE G 36 -41.64 -40.34 45.33
C ILE G 36 -41.90 -41.63 44.55
N ASP G 37 -40.94 -42.58 44.57
CA ASP G 37 -41.14 -43.93 44.06
C ASP G 37 -41.51 -44.90 45.19
N ARG G 38 -42.10 -46.05 44.85
CA ARG G 38 -42.30 -47.16 45.78
C ARG G 38 -40.93 -47.81 46.04
N PRO G 39 -40.64 -48.35 47.26
CA PRO G 39 -39.29 -48.82 47.58
C PRO G 39 -38.87 -50.09 46.81
N SER G 40 -39.86 -50.88 46.40
CA SER G 40 -39.63 -52.06 45.59
C SER G 40 -38.99 -51.67 44.26
N SER G 41 -39.49 -50.60 43.62
CA SER G 41 -38.97 -50.12 42.35
C SER G 41 -37.50 -49.71 42.48
N VAL G 42 -37.22 -48.72 43.34
CA VAL G 42 -35.91 -48.08 43.33
C VAL G 42 -34.87 -49.07 43.86
N ASP G 43 -33.70 -49.08 43.19
CA ASP G 43 -32.70 -50.11 43.37
C ASP G 43 -31.32 -49.59 42.97
N GLY G 44 -30.85 -48.59 43.71
CA GLY G 44 -29.53 -48.00 43.49
C GLY G 44 -29.63 -46.60 42.91
N ILE G 45 -28.77 -46.31 41.93
CA ILE G 45 -28.77 -45.07 41.17
C ILE G 45 -29.41 -45.39 39.81
N SER G 46 -30.40 -44.59 39.40
CA SER G 46 -31.06 -44.77 38.11
C SER G 46 -30.13 -44.34 36.99
N ARG G 47 -30.20 -45.06 35.86
CA ARG G 47 -29.50 -44.68 34.64
C ARG G 47 -30.52 -44.39 33.53
N ASP G 48 -31.79 -44.18 33.92
CA ASP G 48 -32.78 -43.51 33.09
C ASP G 48 -32.53 -42.01 33.17
N ALA G 49 -31.93 -41.47 32.10
CA ALA G 49 -31.60 -40.05 32.04
C ALA G 49 -32.87 -39.18 31.95
N MET G 50 -34.07 -39.78 31.81
CA MET G 50 -35.28 -39.00 32.03
C MET G 50 -35.47 -38.55 33.49
N LEU G 51 -34.73 -39.18 34.43
CA LEU G 51 -34.82 -38.90 35.85
C LEU G 51 -33.74 -37.92 36.31
N ARG G 52 -33.21 -37.10 35.40
CA ARG G 52 -32.27 -36.04 35.75
C ARG G 52 -33.02 -34.91 36.47
N ASN G 53 -32.24 -34.02 37.11
CA ASN G 53 -32.73 -32.87 37.86
C ASN G 53 -33.76 -33.25 38.91
N ARG G 54 -33.42 -34.25 39.73
CA ARG G 54 -34.40 -34.88 40.61
C ARG G 54 -33.78 -35.16 41.99
N ARG G 55 -34.62 -35.20 43.02
CA ARG G 55 -34.31 -36.02 44.18
C ARG G 55 -35.34 -37.15 44.28
N ILE G 56 -34.84 -38.38 44.44
CA ILE G 56 -35.68 -39.57 44.53
C ILE G 56 -35.86 -39.98 46.00
N VAL G 57 -37.11 -40.27 46.36
CA VAL G 57 -37.42 -40.80 47.68
C VAL G 57 -38.41 -41.96 47.58
N THR G 58 -38.25 -42.86 48.56
CA THR G 58 -38.86 -44.18 48.65
C THR G 58 -39.95 -44.14 49.71
N ALA G 59 -41.01 -44.96 49.58
CA ALA G 59 -42.16 -44.79 50.46
C ALA G 59 -43.40 -45.54 49.97
N ASP G 60 -44.03 -46.28 50.90
CA ASP G 60 -45.20 -47.08 50.62
C ASP G 60 -46.46 -46.29 50.95
N LEU G 61 -47.19 -45.82 49.94
CA LEU G 61 -48.32 -44.92 50.16
C LEU G 61 -49.56 -45.70 50.64
N LYS G 62 -49.42 -47.03 50.74
CA LYS G 62 -50.46 -47.86 51.33
C LYS G 62 -50.27 -47.93 52.86
N SER G 63 -49.03 -47.79 53.33
CA SER G 63 -48.74 -47.67 54.75
C SER G 63 -49.30 -46.35 55.33
N ASP G 64 -49.45 -46.30 56.66
CA ASP G 64 -49.95 -45.11 57.34
C ASP G 64 -48.83 -44.07 57.41
N GLN G 65 -47.59 -44.56 57.49
CA GLN G 65 -46.43 -43.70 57.59
C GLN G 65 -46.22 -42.94 56.27
N GLY G 66 -46.07 -43.72 55.19
CA GLY G 66 -45.91 -43.18 53.84
C GLY G 66 -46.97 -42.12 53.52
N LEU G 67 -48.26 -42.43 53.72
CA LEU G 67 -49.33 -41.49 53.43
C LEU G 67 -49.03 -40.17 54.15
N GLU G 68 -48.49 -40.25 55.37
CA GLU G 68 -48.29 -39.07 56.22
C GLU G 68 -47.02 -38.32 55.79
N LEU G 69 -45.89 -39.02 55.59
CA LEU G 69 -44.67 -38.38 55.10
C LEU G 69 -44.90 -37.66 53.74
N ALA G 70 -45.69 -38.30 52.87
CA ALA G 70 -45.96 -37.79 51.53
C ALA G 70 -46.86 -36.56 51.64
N LEU G 71 -47.83 -36.60 52.55
CA LEU G 71 -48.75 -35.48 52.75
C LEU G 71 -48.01 -34.30 53.38
N LYS G 72 -46.82 -34.56 53.92
CA LYS G 72 -45.98 -33.52 54.49
C LYS G 72 -45.21 -32.79 53.39
N LEU G 73 -44.58 -33.54 52.48
CA LEU G 73 -44.01 -32.94 51.29
C LEU G 73 -45.07 -32.10 50.57
N ILE G 74 -46.17 -32.74 50.21
CA ILE G 74 -47.20 -32.08 49.44
C ILE G 74 -47.63 -30.78 50.11
N ALA G 75 -47.42 -30.67 51.44
CA ALA G 75 -47.90 -29.52 52.21
C ALA G 75 -46.99 -28.31 51.96
N LYS G 76 -45.70 -28.57 51.77
CA LYS G 76 -44.70 -27.55 51.51
C LYS G 76 -44.39 -27.36 50.02
N ALA G 77 -45.28 -27.74 49.09
CA ALA G 77 -44.90 -27.73 47.68
C ALA G 77 -45.89 -26.92 46.87
N ASP G 78 -45.53 -26.59 45.62
CA ASP G 78 -46.41 -25.81 44.75
C ASP G 78 -47.25 -26.70 43.85
N VAL G 79 -46.63 -27.82 43.51
CA VAL G 79 -47.12 -28.65 42.43
C VAL G 79 -47.02 -30.13 42.82
N LEU G 80 -48.14 -30.82 42.57
CA LEU G 80 -48.15 -32.28 42.56
C LEU G 80 -48.47 -32.84 41.16
N ILE G 81 -47.63 -33.80 40.79
CA ILE G 81 -47.79 -34.54 39.54
C ILE G 81 -48.03 -36.01 39.86
N GLU G 82 -49.17 -36.52 39.39
CA GLU G 82 -49.41 -37.95 39.35
C GLU G 82 -49.91 -38.38 37.96
N GLY G 83 -49.49 -39.56 37.50
CA GLY G 83 -50.08 -40.14 36.30
C GLY G 83 -50.51 -41.61 36.44
N TYR G 84 -51.44 -41.87 37.37
CA TYR G 84 -52.01 -43.19 37.62
C TYR G 84 -53.43 -43.16 37.08
N ARG G 85 -54.10 -44.32 37.04
CA ARG G 85 -55.46 -44.32 36.53
C ARG G 85 -56.29 -43.36 37.37
N PRO G 86 -57.37 -42.80 36.84
CA PRO G 86 -58.26 -42.01 37.67
C PRO G 86 -58.82 -42.86 38.80
N GLY G 87 -58.80 -42.26 39.99
CA GLY G 87 -59.42 -42.84 41.16
C GLY G 87 -58.34 -43.39 42.05
N VAL G 88 -57.10 -43.46 41.55
CA VAL G 88 -56.05 -44.13 42.32
C VAL G 88 -55.66 -43.27 43.51
N THR G 89 -55.23 -42.02 43.30
CA THR G 89 -54.75 -41.18 44.40
C THR G 89 -55.87 -41.01 45.43
N GLU G 90 -57.12 -40.79 44.99
CA GLU G 90 -58.25 -40.74 45.91
C GLU G 90 -58.21 -41.92 46.90
N ARG G 91 -58.11 -43.18 46.42
CA ARG G 91 -58.03 -44.35 47.29
C ARG G 91 -56.71 -44.40 48.07
N LEU G 92 -55.65 -43.73 47.65
CA LEU G 92 -54.50 -43.69 48.53
C LEU G 92 -54.66 -42.58 49.59
N GLY G 93 -55.74 -41.78 49.44
CA GLY G 93 -55.96 -40.53 50.16
C GLY G 93 -54.92 -39.42 49.88
N LEU G 94 -54.37 -39.38 48.64
CA LEU G 94 -53.61 -38.24 48.12
C LEU G 94 -54.40 -37.60 46.98
N GLY G 95 -55.71 -37.81 46.92
CA GLY G 95 -56.60 -37.13 45.99
C GLY G 95 -56.54 -35.63 46.16
N PRO G 96 -57.07 -34.83 45.20
CA PRO G 96 -57.09 -33.38 45.38
C PRO G 96 -57.74 -32.98 46.71
N GLU G 97 -59.02 -33.36 46.87
CA GLU G 97 -59.68 -33.75 48.13
C GLU G 97 -58.82 -33.49 49.37
N GLU G 98 -57.96 -34.45 49.68
CA GLU G 98 -57.13 -34.50 50.87
C GLU G 98 -55.94 -33.56 50.76
N CYS G 99 -55.51 -33.29 49.53
CA CYS G 99 -54.31 -32.50 49.32
C CYS G 99 -54.66 -31.03 49.63
N ALA G 100 -55.87 -30.61 49.22
CA ALA G 100 -56.37 -29.25 49.42
C ALA G 100 -56.62 -28.97 50.90
N LYS G 101 -56.63 -30.01 51.75
CA LYS G 101 -56.78 -29.84 53.17
C LYS G 101 -55.48 -29.40 53.81
N VAL G 102 -54.33 -29.82 53.29
CA VAL G 102 -53.06 -29.47 53.91
C VAL G 102 -52.31 -28.42 53.08
N ASN G 103 -52.95 -27.93 52.01
CA ASN G 103 -52.32 -27.02 51.08
C ASN G 103 -53.34 -26.62 50.01
N ASP G 104 -54.11 -25.54 50.27
CA ASP G 104 -55.06 -25.07 49.27
C ASP G 104 -54.35 -24.22 48.23
N ARG G 105 -53.00 -24.17 48.28
CA ARG G 105 -52.23 -23.43 47.28
C ARG G 105 -51.77 -24.34 46.14
N LEU G 106 -52.03 -25.64 46.27
CA LEU G 106 -51.37 -26.65 45.47
C LEU G 106 -51.97 -26.72 44.07
N ILE G 107 -51.07 -26.82 43.09
CA ILE G 107 -51.49 -27.20 41.76
C ILE G 107 -51.41 -28.73 41.66
N TYR G 108 -52.58 -29.34 41.51
CA TYR G 108 -52.69 -30.80 41.52
C TYR G 108 -52.81 -31.24 40.06
N ALA G 109 -51.71 -31.79 39.55
CA ALA G 109 -51.61 -31.98 38.10
C ALA G 109 -51.79 -33.46 37.77
N ARG G 110 -52.89 -33.79 37.08
CA ARG G 110 -53.24 -35.18 36.78
C ARG G 110 -52.98 -35.49 35.30
N MET G 111 -52.02 -36.41 35.05
CA MET G 111 -51.55 -36.81 33.73
C MET G 111 -52.13 -38.16 33.33
N THR G 112 -53.12 -38.17 32.45
CA THR G 112 -53.59 -39.45 31.93
C THR G 112 -53.65 -39.45 30.40
N GLY G 113 -54.10 -40.58 29.85
CA GLY G 113 -54.31 -40.75 28.43
C GLY G 113 -55.75 -40.46 28.05
N TRP G 114 -56.67 -41.10 28.78
CA TRP G 114 -58.06 -41.04 28.42
C TRP G 114 -58.76 -39.93 29.21
N GLY G 115 -58.15 -39.44 30.28
CA GLY G 115 -58.83 -38.44 31.09
C GLY G 115 -59.40 -39.02 32.38
N GLN G 116 -60.23 -38.20 33.07
CA GLN G 116 -60.60 -38.47 34.45
C GLN G 116 -61.92 -39.24 34.48
N THR G 117 -62.74 -39.12 33.45
CA THR G 117 -64.00 -39.84 33.37
C THR G 117 -64.24 -40.36 31.96
N GLY G 118 -65.36 -41.09 31.82
CA GLY G 118 -65.83 -41.59 30.53
C GLY G 118 -65.49 -43.07 30.37
N PRO G 119 -66.03 -43.71 29.32
CA PRO G 119 -65.97 -45.17 29.18
C PRO G 119 -64.58 -45.81 29.15
N ARG G 120 -63.56 -45.06 28.68
CA ARG G 120 -62.22 -45.63 28.51
C ARG G 120 -61.32 -45.25 29.67
N SER G 121 -61.87 -44.53 30.65
CA SER G 121 -61.07 -43.91 31.71
C SER G 121 -60.32 -44.93 32.56
N GLN G 122 -60.70 -46.22 32.54
CA GLN G 122 -59.98 -47.19 33.37
C GLN G 122 -59.13 -48.15 32.52
N GLN G 123 -59.24 -48.03 31.19
CA GLN G 123 -58.43 -48.83 30.28
C GLN G 123 -56.94 -48.50 30.37
N ALA G 124 -56.11 -49.50 30.55
CA ALA G 124 -54.69 -49.37 30.30
C ALA G 124 -54.46 -48.88 28.86
N GLY G 125 -53.32 -48.23 28.64
CA GLY G 125 -53.04 -47.72 27.31
C GLY G 125 -51.61 -47.20 27.27
N HIS G 126 -51.11 -47.03 26.03
CA HIS G 126 -49.89 -46.30 25.78
C HIS G 126 -50.15 -45.28 24.65
N ASP G 127 -49.08 -44.58 24.24
CA ASP G 127 -49.15 -43.49 23.26
C ASP G 127 -50.00 -43.91 22.07
N ILE G 128 -49.67 -45.07 21.47
CA ILE G 128 -50.28 -45.51 20.23
C ILE G 128 -51.81 -45.62 20.35
N ASN G 129 -52.28 -46.00 21.53
CA ASN G 129 -53.71 -46.11 21.79
C ASN G 129 -54.40 -44.74 21.81
N TYR G 130 -53.81 -43.79 22.53
CA TYR G 130 -54.41 -42.47 22.72
C TYR G 130 -54.50 -41.75 21.38
N ILE G 131 -53.46 -41.85 20.53
CA ILE G 131 -53.51 -41.19 19.23
C ILE G 131 -54.33 -42.00 18.21
N SER G 132 -54.69 -43.24 18.48
CA SER G 132 -55.49 -43.96 17.50
C SER G 132 -56.94 -43.45 17.50
N LEU G 133 -57.40 -42.97 18.65
CA LEU G 133 -58.80 -42.66 18.84
C LEU G 133 -59.20 -41.29 18.29
N ASN G 134 -58.25 -40.37 18.04
CA ASN G 134 -58.62 -39.00 17.72
C ASN G 134 -58.17 -38.58 16.33
N GLY G 135 -57.93 -39.59 15.47
CA GLY G 135 -57.61 -39.37 14.06
C GLY G 135 -56.11 -39.27 13.79
N ILE G 136 -55.28 -39.09 14.81
CA ILE G 136 -53.88 -38.77 14.53
C ILE G 136 -53.17 -39.93 13.87
N LEU G 137 -53.26 -41.12 14.48
CA LEU G 137 -52.48 -42.27 14.05
C LEU G 137 -52.85 -42.64 12.63
N HIS G 138 -54.13 -42.55 12.31
CA HIS G 138 -54.61 -42.87 10.97
C HIS G 138 -53.95 -41.98 9.90
N ALA G 139 -53.56 -40.75 10.25
CA ALA G 139 -53.03 -39.79 9.29
C ALA G 139 -51.53 -39.96 9.02
N ILE G 140 -50.87 -40.86 9.74
CA ILE G 140 -49.42 -40.96 9.69
C ILE G 140 -48.98 -42.18 8.88
N GLY G 141 -48.09 -41.98 7.90
CA GLY G 141 -47.47 -43.07 7.19
C GLY G 141 -47.78 -42.97 5.69
N ARG G 142 -47.29 -43.94 4.92
CA ARG G 142 -47.55 -43.98 3.48
C ARG G 142 -48.97 -44.45 3.19
N GLY G 143 -49.53 -44.05 2.05
CA GLY G 143 -50.92 -44.31 1.77
C GLY G 143 -51.16 -45.79 1.47
N ASP G 144 -50.13 -46.47 0.97
CA ASP G 144 -50.26 -47.82 0.48
C ASP G 144 -50.07 -48.82 1.64
N GLU G 145 -50.14 -48.36 2.90
CA GLU G 145 -49.61 -49.14 4.00
C GLU G 145 -50.33 -48.80 5.29
N ARG G 146 -50.17 -49.67 6.29
CA ARG G 146 -50.83 -49.43 7.55
C ARG G 146 -50.14 -48.27 8.26
N PRO G 147 -50.90 -47.57 9.13
CA PRO G 147 -50.36 -46.45 9.88
C PRO G 147 -49.12 -46.82 10.67
N VAL G 148 -48.18 -45.88 10.75
CA VAL G 148 -46.94 -46.12 11.46
C VAL G 148 -46.91 -45.19 12.65
N PRO G 149 -46.56 -45.69 13.85
CA PRO G 149 -46.43 -44.82 14.99
C PRO G 149 -45.25 -43.85 14.88
N PRO G 150 -45.50 -42.57 15.14
CA PRO G 150 -44.41 -41.59 15.22
C PRO G 150 -43.73 -41.62 16.59
N LEU G 151 -43.03 -42.73 16.86
CA LEU G 151 -42.55 -43.11 18.17
C LEU G 151 -43.67 -42.83 19.18
N ASN G 152 -43.32 -42.36 20.38
CA ASN G 152 -44.31 -41.92 21.37
C ASN G 152 -44.23 -40.40 21.57
N LEU G 153 -44.00 -39.66 20.47
CA LEU G 153 -43.67 -38.24 20.55
C LEU G 153 -44.95 -37.39 20.62
N VAL G 154 -46.03 -37.89 20.03
CA VAL G 154 -47.20 -37.06 19.79
C VAL G 154 -48.15 -37.19 20.97
N GLY G 155 -48.34 -38.42 21.46
CA GLY G 155 -49.30 -38.69 22.54
C GLY G 155 -48.68 -38.46 23.92
N ASP G 156 -47.57 -39.12 24.23
CA ASP G 156 -46.93 -38.97 25.52
C ASP G 156 -46.38 -37.57 25.72
N PHE G 157 -45.60 -37.05 24.75
CA PHE G 157 -44.81 -35.86 25.03
C PHE G 157 -45.52 -34.63 24.46
N GLY G 158 -45.52 -34.49 23.13
CA GLY G 158 -46.10 -33.33 22.49
C GLY G 158 -47.51 -33.03 22.98
N GLY G 159 -48.34 -34.05 23.12
CA GLY G 159 -49.75 -33.89 23.48
C GLY G 159 -50.03 -34.35 24.93
N GLY G 160 -48.97 -34.62 25.69
CA GLY G 160 -49.08 -35.17 27.03
C GLY G 160 -48.33 -34.33 28.06
N SER G 161 -47.05 -34.59 28.21
CA SER G 161 -46.25 -33.87 29.18
C SER G 161 -46.31 -32.37 28.89
N MET G 162 -46.23 -31.98 27.60
CA MET G 162 -46.11 -30.58 27.26
C MET G 162 -47.36 -29.82 27.69
N PHE G 163 -48.54 -30.41 27.51
CA PHE G 163 -49.77 -29.78 27.98
C PHE G 163 -49.94 -29.85 29.51
N LEU G 164 -49.36 -30.84 30.18
CA LEU G 164 -49.35 -30.84 31.63
C LEU G 164 -48.56 -29.62 32.09
N LEU G 165 -47.39 -29.43 31.49
CA LEU G 165 -46.52 -28.31 31.78
C LEU G 165 -47.27 -26.98 31.58
N VAL G 166 -47.90 -26.82 30.41
CA VAL G 166 -48.64 -25.60 30.13
C VAL G 166 -49.66 -25.38 31.25
N GLY G 167 -50.37 -26.46 31.61
CA GLY G 167 -51.46 -26.37 32.55
C GLY G 167 -50.92 -25.99 33.93
N ILE G 168 -49.81 -26.64 34.32
CA ILE G 168 -49.18 -26.36 35.60
C ILE G 168 -48.77 -24.89 35.62
N LEU G 169 -48.02 -24.48 34.59
CA LEU G 169 -47.47 -23.13 34.56
C LEU G 169 -48.57 -22.09 34.42
N ALA G 170 -49.66 -22.38 33.69
CA ALA G 170 -50.78 -21.45 33.59
C ALA G 170 -51.52 -21.30 34.93
N ALA G 171 -51.58 -22.39 35.68
CA ALA G 171 -52.32 -22.45 36.93
C ALA G 171 -51.55 -21.66 37.97
N LEU G 172 -50.20 -21.75 37.92
CA LEU G 172 -49.33 -20.99 38.81
C LEU G 172 -49.50 -19.50 38.58
N TRP G 173 -49.73 -19.09 37.33
CA TRP G 173 -49.94 -17.70 37.02
C TRP G 173 -51.25 -17.27 37.64
N GLU G 174 -52.25 -18.15 37.56
CA GLU G 174 -53.60 -17.82 38.00
C GLU G 174 -53.56 -17.67 39.52
N ARG G 175 -52.68 -18.45 40.13
CA ARG G 175 -52.53 -18.48 41.56
C ARG G 175 -52.04 -17.14 42.08
N GLN G 176 -51.24 -16.43 41.27
CA GLN G 176 -50.67 -15.14 41.67
C GLN G 176 -51.79 -14.14 42.00
N SER G 177 -52.92 -14.17 41.30
CA SER G 177 -54.10 -13.41 41.69
C SER G 177 -54.84 -14.08 42.85
N SER G 178 -55.45 -15.23 42.55
CA SER G 178 -56.46 -15.88 43.38
C SER G 178 -55.94 -16.25 44.77
N GLY G 179 -54.66 -16.65 44.92
CA GLY G 179 -54.13 -17.21 46.16
C GLY G 179 -54.40 -18.72 46.29
N LYS G 180 -55.23 -19.27 45.38
CA LYS G 180 -55.71 -20.65 45.43
C LYS G 180 -55.13 -21.50 44.27
N GLY G 181 -54.75 -22.75 44.60
CA GLY G 181 -54.42 -23.80 43.66
C GLY G 181 -55.67 -24.28 42.92
N GLN G 182 -55.51 -25.36 42.15
CA GLN G 182 -56.64 -26.04 41.50
C GLN G 182 -56.13 -27.33 40.86
N VAL G 183 -57.05 -28.04 40.19
CA VAL G 183 -56.69 -29.31 39.55
C VAL G 183 -56.56 -29.07 38.05
N VAL G 184 -55.45 -29.59 37.51
CA VAL G 184 -55.20 -29.63 36.07
C VAL G 184 -55.46 -31.05 35.54
N ASP G 185 -56.43 -31.21 34.66
CA ASP G 185 -56.70 -32.50 34.05
C ASP G 185 -56.07 -32.52 32.64
N ALA G 186 -54.88 -33.13 32.54
CA ALA G 186 -54.18 -33.31 31.26
C ALA G 186 -54.38 -34.72 30.72
N ALA G 187 -55.18 -34.84 29.67
CA ALA G 187 -55.40 -36.10 28.99
C ALA G 187 -54.74 -36.07 27.61
N MET G 188 -53.94 -37.11 27.30
CA MET G 188 -53.22 -37.19 26.04
C MET G 188 -54.14 -37.14 24.83
N VAL G 189 -55.35 -37.71 24.93
CA VAL G 189 -56.29 -37.66 23.80
C VAL G 189 -56.76 -36.23 23.52
N ASP G 190 -56.74 -35.38 24.57
CA ASP G 190 -57.09 -33.97 24.43
C ASP G 190 -55.87 -33.18 23.95
N GLY G 191 -54.78 -33.33 24.68
CA GLY G 191 -53.54 -32.62 24.38
C GLY G 191 -53.16 -32.84 22.92
N SER G 192 -53.19 -34.10 22.50
CA SER G 192 -52.78 -34.46 21.17
C SER G 192 -53.75 -33.87 20.15
N SER G 193 -55.05 -33.74 20.48
CA SER G 193 -55.99 -33.14 19.54
C SER G 193 -55.72 -31.65 19.32
N VAL G 194 -55.37 -30.92 20.39
CA VAL G 194 -55.03 -29.51 20.25
C VAL G 194 -53.70 -29.38 19.50
N LEU G 195 -52.78 -30.36 19.67
CA LEU G 195 -51.53 -30.37 18.94
C LEU G 195 -51.75 -30.45 17.43
N ILE G 196 -52.83 -31.10 16.98
CA ILE G 196 -53.10 -31.25 15.56
C ILE G 196 -54.25 -30.35 15.09
N GLN G 197 -54.46 -29.24 15.80
CA GLN G 197 -55.57 -28.35 15.47
C GLN G 197 -55.49 -27.83 14.03
N MET G 198 -54.28 -27.61 13.51
CA MET G 198 -54.14 -27.14 12.15
C MET G 198 -54.87 -28.07 11.19
N MET G 199 -54.74 -29.40 11.37
CA MET G 199 -55.37 -30.31 10.45
C MET G 199 -56.89 -30.21 10.56
N TRP G 200 -57.42 -30.13 11.79
CA TRP G 200 -58.84 -30.00 11.97
C TRP G 200 -59.32 -28.74 11.26
N ALA G 201 -58.52 -27.67 11.35
CA ALA G 201 -58.81 -26.38 10.69
C ALA G 201 -58.83 -26.52 9.16
N MET G 202 -57.76 -27.05 8.60
CA MET G 202 -57.64 -27.25 7.16
C MET G 202 -58.72 -28.19 6.65
N ARG G 203 -59.08 -29.18 7.47
CA ARG G 203 -60.12 -30.12 7.06
C ARG G 203 -61.45 -29.39 6.84
N ALA G 204 -61.72 -28.36 7.65
CA ALA G 204 -62.98 -27.63 7.61
C ALA G 204 -63.15 -26.90 6.28
N THR G 205 -62.02 -26.46 5.70
CA THR G 205 -61.99 -25.65 4.50
C THR G 205 -61.51 -26.48 3.31
N GLY G 206 -61.60 -27.80 3.43
CA GLY G 206 -61.27 -28.70 2.34
C GLY G 206 -59.78 -28.73 1.97
N MET G 207 -58.87 -28.20 2.79
CA MET G 207 -57.45 -28.25 2.46
C MET G 207 -56.76 -29.47 3.10
N TRP G 208 -57.52 -30.40 3.68
CA TRP G 208 -56.89 -31.63 4.16
C TRP G 208 -57.89 -32.77 4.08
N THR G 209 -57.48 -33.94 3.59
CA THR G 209 -58.38 -35.08 3.47
C THR G 209 -57.93 -36.22 4.40
N ASP G 210 -58.89 -37.10 4.69
CA ASP G 210 -58.67 -38.21 5.60
C ASP G 210 -57.84 -39.31 4.96
N THR G 211 -57.52 -39.19 3.67
CA THR G 211 -56.65 -40.14 2.98
C THR G 211 -55.20 -39.96 3.40
N ARG G 212 -54.62 -41.07 3.88
CA ARG G 212 -53.23 -41.09 4.30
C ARG G 212 -52.33 -40.91 3.08
N GLY G 213 -51.33 -40.05 3.23
CA GLY G 213 -50.29 -39.87 2.24
C GLY G 213 -50.70 -39.03 1.04
N ALA G 214 -51.77 -38.24 1.13
CA ALA G 214 -52.21 -37.43 0.01
C ALA G 214 -52.47 -35.99 0.44
N ASN G 215 -51.67 -35.43 1.35
CA ASN G 215 -51.85 -34.07 1.83
C ASN G 215 -50.53 -33.31 1.72
N MET G 216 -50.56 -32.00 1.98
CA MET G 216 -49.34 -31.21 1.79
C MET G 216 -48.23 -31.64 2.76
N LEU G 217 -48.60 -32.09 3.97
CA LEU G 217 -47.64 -32.22 5.06
C LEU G 217 -47.41 -33.66 5.56
N ASP G 218 -47.98 -34.68 4.91
CA ASP G 218 -47.93 -36.08 5.38
C ASP G 218 -47.03 -36.92 4.49
N GLY G 219 -46.44 -36.27 3.48
CA GLY G 219 -45.55 -36.95 2.56
C GLY G 219 -46.20 -37.10 1.19
N GLY G 220 -47.44 -36.65 1.05
CA GLY G 220 -48.13 -36.66 -0.24
C GLY G 220 -47.55 -35.66 -1.25
N ALA G 221 -46.99 -34.51 -0.78
CA ALA G 221 -46.50 -33.49 -1.69
C ALA G 221 -45.03 -33.75 -1.97
N PRO G 222 -44.63 -33.78 -3.25
CA PRO G 222 -43.25 -34.04 -3.64
C PRO G 222 -42.24 -33.06 -3.09
N TYR G 223 -42.70 -31.86 -2.74
CA TYR G 223 -41.79 -30.86 -2.20
C TYR G 223 -41.81 -30.86 -0.67
N TYR G 224 -42.53 -31.81 -0.05
CA TYR G 224 -42.50 -31.97 1.40
C TYR G 224 -42.43 -33.46 1.74
N ASP G 225 -41.22 -34.01 1.68
CA ASP G 225 -41.01 -35.44 1.82
C ASP G 225 -39.51 -35.71 1.89
N THR G 226 -39.14 -36.96 2.22
CA THR G 226 -37.76 -37.41 2.20
C THR G 226 -37.51 -38.05 0.83
N TYR G 227 -36.24 -38.10 0.44
CA TYR G 227 -35.81 -38.66 -0.82
C TYR G 227 -34.54 -39.45 -0.55
N GLU G 228 -34.45 -40.61 -1.23
CA GLU G 228 -33.28 -41.44 -1.11
C GLU G 228 -32.24 -40.99 -2.12
N CYS G 229 -30.99 -41.00 -1.66
CA CYS G 229 -29.84 -40.55 -2.41
C CYS G 229 -29.05 -41.76 -2.94
N ALA G 230 -27.98 -41.52 -3.71
CA ALA G 230 -27.22 -42.56 -4.39
C ALA G 230 -26.62 -43.54 -3.40
N ASP G 231 -26.35 -43.07 -2.17
CA ASP G 231 -25.67 -43.87 -1.17
C ASP G 231 -26.65 -44.58 -0.24
N GLY G 232 -27.96 -44.55 -0.49
CA GLY G 232 -28.92 -45.16 0.42
C GLY G 232 -29.30 -44.26 1.60
N ARG G 233 -28.70 -43.06 1.72
CA ARG G 233 -29.07 -42.16 2.79
C ARG G 233 -30.14 -41.20 2.29
N TYR G 234 -30.63 -40.30 3.16
CA TYR G 234 -31.81 -39.51 2.81
C TYR G 234 -31.59 -38.02 3.08
N VAL G 235 -32.36 -37.23 2.33
CA VAL G 235 -32.45 -35.80 2.51
C VAL G 235 -33.92 -35.54 2.74
N ALA G 236 -34.19 -34.44 3.45
CA ALA G 236 -35.54 -33.96 3.63
C ALA G 236 -35.68 -32.74 2.74
N VAL G 237 -36.79 -32.67 2.04
CA VAL G 237 -37.21 -31.49 1.30
C VAL G 237 -38.46 -30.91 1.94
N GLY G 238 -38.41 -29.60 2.22
CA GLY G 238 -39.56 -28.87 2.75
C GLY G 238 -39.85 -27.53 2.08
N ALA G 239 -39.75 -27.54 0.75
CA ALA G 239 -39.75 -26.32 -0.03
C ALA G 239 -41.16 -25.96 -0.41
N ILE G 240 -41.93 -25.47 0.57
CA ILE G 240 -43.34 -25.22 0.33
C ILE G 240 -43.47 -23.95 -0.50
N GLU G 241 -42.70 -22.94 -0.09
CA GLU G 241 -42.79 -21.63 -0.69
C GLU G 241 -42.19 -21.71 -2.09
N PRO G 242 -42.86 -21.09 -3.07
CA PRO G 242 -42.42 -21.15 -4.45
C PRO G 242 -40.97 -20.71 -4.65
N GLN G 243 -40.59 -19.65 -3.94
N GLN G 243 -40.54 -19.61 -4.02
CA GLN G 243 -39.27 -19.08 -4.08
CA GLN G 243 -39.16 -19.14 -4.17
C GLN G 243 -38.22 -20.07 -3.55
C GLN G 243 -38.22 -20.22 -3.65
N PHE G 244 -38.57 -20.84 -2.52
CA PHE G 244 -37.65 -21.82 -1.93
C PHE G 244 -37.59 -23.03 -2.87
N TYR G 245 -38.76 -23.38 -3.41
CA TYR G 245 -38.84 -24.53 -4.33
C TYR G 245 -37.98 -24.28 -5.57
N ALA G 246 -38.03 -23.05 -6.10
CA ALA G 246 -37.22 -22.71 -7.28
C ALA G 246 -35.76 -22.92 -6.98
N ALA G 247 -35.32 -22.51 -5.78
CA ALA G 247 -33.92 -22.67 -5.40
C ALA G 247 -33.55 -24.15 -5.33
N MET G 248 -34.51 -24.97 -4.91
CA MET G 248 -34.29 -26.40 -4.79
C MET G 248 -34.05 -26.97 -6.19
N LEU G 249 -34.90 -26.64 -7.17
CA LEU G 249 -34.77 -27.12 -8.55
C LEU G 249 -33.42 -26.74 -9.16
N ALA G 250 -32.98 -25.51 -8.89
CA ALA G 250 -31.73 -25.02 -9.44
C ALA G 250 -30.56 -25.85 -8.91
N GLY G 251 -30.60 -26.16 -7.61
CA GLY G 251 -29.51 -26.93 -7.02
C GLY G 251 -29.53 -28.35 -7.57
N LEU G 252 -30.72 -28.86 -7.92
CA LEU G 252 -30.87 -30.21 -8.46
C LEU G 252 -30.45 -30.24 -9.93
N GLY G 253 -30.38 -29.09 -10.56
CA GLY G 253 -30.03 -29.02 -11.97
C GLY G 253 -31.23 -29.32 -12.84
N LEU G 254 -32.44 -29.10 -12.31
CA LEU G 254 -33.64 -29.30 -13.08
C LEU G 254 -34.13 -27.94 -13.58
N ASP G 255 -34.45 -27.94 -14.86
CA ASP G 255 -35.05 -26.81 -15.50
C ASP G 255 -36.54 -26.85 -15.22
N ALA G 256 -37.04 -25.80 -14.55
CA ALA G 256 -38.43 -25.71 -14.14
C ALA G 256 -39.39 -25.76 -15.34
N ALA G 257 -38.90 -25.41 -16.54
CA ALA G 257 -39.74 -25.47 -17.73
C ALA G 257 -40.08 -26.92 -18.10
N GLU G 258 -39.20 -27.87 -17.77
CA GLU G 258 -39.41 -29.28 -18.11
C GLU G 258 -40.32 -29.99 -17.11
N LEU G 259 -40.77 -29.32 -16.02
CA LEU G 259 -41.47 -30.00 -14.94
C LEU G 259 -42.92 -29.55 -14.96
N PRO G 260 -43.84 -30.35 -14.41
CA PRO G 260 -45.15 -29.82 -14.11
C PRO G 260 -45.09 -28.74 -13.04
N PRO G 261 -46.18 -27.97 -12.84
CA PRO G 261 -46.24 -26.98 -11.77
C PRO G 261 -46.21 -27.61 -10.38
N GLN G 262 -45.51 -26.90 -9.50
CA GLN G 262 -45.27 -27.35 -8.14
C GLN G 262 -46.58 -27.83 -7.51
N ASN G 263 -47.69 -27.11 -7.73
CA ASN G 263 -48.92 -27.45 -7.05
C ASN G 263 -50.06 -27.90 -7.98
N ASP G 264 -49.75 -28.39 -9.18
CA ASP G 264 -50.73 -29.17 -9.92
C ASP G 264 -50.76 -30.58 -9.34
N ARG G 265 -51.74 -30.86 -8.47
CA ARG G 265 -51.73 -32.09 -7.69
C ARG G 265 -51.95 -33.28 -8.60
N ALA G 266 -52.65 -33.09 -9.73
CA ALA G 266 -52.88 -34.16 -10.66
C ALA G 266 -51.57 -34.61 -11.30
N ARG G 267 -50.53 -33.80 -11.33
CA ARG G 267 -49.30 -34.26 -11.95
C ARG G 267 -48.21 -34.51 -10.90
N TRP G 268 -48.61 -34.62 -9.64
CA TRP G 268 -47.63 -34.94 -8.62
C TRP G 268 -46.89 -36.26 -8.94
N PRO G 269 -47.55 -37.30 -9.52
CA PRO G 269 -46.87 -38.54 -9.87
C PRO G 269 -45.65 -38.34 -10.74
N GLU G 270 -45.81 -37.53 -11.79
CA GLU G 270 -44.71 -37.22 -12.67
C GLU G 270 -43.63 -36.44 -11.93
N LEU G 271 -44.06 -35.39 -11.22
CA LEU G 271 -43.14 -34.51 -10.51
C LEU G 271 -42.32 -35.34 -9.51
N ARG G 272 -43.00 -36.21 -8.76
CA ARG G 272 -42.30 -37.03 -7.80
C ARG G 272 -41.26 -37.88 -8.52
N ALA G 273 -41.63 -38.44 -9.68
CA ALA G 273 -40.68 -39.27 -10.41
C ALA G 273 -39.44 -38.46 -10.79
N LEU G 274 -39.62 -37.20 -11.19
CA LEU G 274 -38.51 -36.38 -11.63
C LEU G 274 -37.58 -36.04 -10.48
N LEU G 275 -38.18 -35.67 -9.33
CA LEU G 275 -37.35 -35.35 -8.17
C LEU G 275 -36.66 -36.61 -7.65
N THR G 276 -37.38 -37.75 -7.63
CA THR G 276 -36.78 -38.99 -7.13
C THR G 276 -35.48 -39.29 -7.90
N GLU G 277 -35.54 -39.19 -9.24
CA GLU G 277 -34.41 -39.49 -10.08
C GLU G 277 -33.28 -38.48 -9.87
N ALA G 278 -33.64 -37.21 -9.75
CA ALA G 278 -32.61 -36.23 -9.48
C ALA G 278 -31.93 -36.52 -8.14
N PHE G 279 -32.70 -36.73 -7.06
CA PHE G 279 -32.01 -36.85 -5.77
C PHE G 279 -31.22 -38.15 -5.69
N ALA G 280 -31.69 -39.19 -6.41
CA ALA G 280 -31.01 -40.47 -6.41
C ALA G 280 -29.69 -40.41 -7.16
N SER G 281 -29.41 -39.35 -7.92
CA SER G 281 -28.28 -39.35 -8.83
C SER G 281 -26.98 -38.95 -8.12
N HIS G 282 -27.08 -38.35 -6.94
CA HIS G 282 -25.89 -38.14 -6.11
C HIS G 282 -26.17 -38.55 -4.67
N ASP G 283 -25.10 -38.64 -3.87
CA ASP G 283 -25.20 -39.04 -2.47
C ASP G 283 -25.63 -37.86 -1.56
N ARG G 284 -25.98 -38.21 -0.32
CA ARG G 284 -26.49 -37.23 0.64
C ARG G 284 -25.51 -36.09 0.88
N ASP G 285 -24.21 -36.39 1.03
CA ASP G 285 -23.24 -35.33 1.29
C ASP G 285 -23.12 -34.38 0.10
N HIS G 286 -23.26 -34.89 -1.14
CA HIS G 286 -23.31 -34.02 -2.31
C HIS G 286 -24.40 -32.95 -2.17
N TRP G 287 -25.60 -33.36 -1.74
CA TRP G 287 -26.70 -32.42 -1.60
C TRP G 287 -26.46 -31.51 -0.38
N GLY G 288 -25.87 -32.06 0.68
CA GLY G 288 -25.44 -31.26 1.82
C GLY G 288 -24.66 -30.03 1.35
N ALA G 289 -23.72 -30.25 0.42
CA ALA G 289 -22.82 -29.21 -0.03
C ALA G 289 -23.53 -28.30 -1.03
N VAL G 290 -24.26 -28.88 -1.99
CA VAL G 290 -24.97 -28.10 -2.99
C VAL G 290 -25.90 -27.10 -2.28
N PHE G 291 -26.57 -27.49 -1.19
CA PHE G 291 -27.62 -26.66 -0.61
C PHE G 291 -27.13 -25.83 0.57
N ALA G 292 -26.03 -26.22 1.22
CA ALA G 292 -25.17 -25.33 2.00
C ALA G 292 -25.95 -24.30 2.84
N ASN G 293 -25.89 -23.02 2.43
CA ASN G 293 -26.33 -21.90 3.26
C ASN G 293 -27.69 -21.43 2.74
N SER G 294 -28.51 -22.32 2.18
CA SER G 294 -29.52 -21.86 1.23
C SER G 294 -30.96 -22.01 1.71
N ASP G 295 -31.85 -21.22 1.09
CA ASP G 295 -33.29 -21.29 1.31
C ASP G 295 -33.98 -22.44 0.56
N ALA G 296 -33.23 -23.40 0.01
CA ALA G 296 -33.84 -24.51 -0.74
C ALA G 296 -34.66 -25.46 0.13
N CYS G 297 -34.46 -25.44 1.46
CA CYS G 297 -35.20 -26.26 2.42
C CYS G 297 -34.90 -27.74 2.14
N VAL G 298 -33.60 -28.04 1.99
CA VAL G 298 -33.16 -29.40 1.76
C VAL G 298 -32.09 -29.66 2.79
N THR G 299 -32.27 -30.68 3.65
CA THR G 299 -31.37 -30.92 4.77
C THR G 299 -31.05 -32.40 4.81
N PRO G 300 -29.84 -32.80 5.27
CA PRO G 300 -29.54 -34.21 5.46
C PRO G 300 -30.41 -34.80 6.56
N VAL G 301 -30.93 -36.02 6.34
CA VAL G 301 -31.65 -36.74 7.38
C VAL G 301 -30.61 -37.51 8.19
N LEU G 302 -30.24 -36.95 9.33
CA LEU G 302 -29.17 -37.54 10.13
C LEU G 302 -29.72 -38.56 11.12
N ALA G 303 -28.93 -39.62 11.33
CA ALA G 303 -29.20 -40.62 12.35
C ALA G 303 -28.68 -40.09 13.68
N PHE G 304 -29.25 -40.57 14.79
CA PHE G 304 -28.84 -40.06 16.09
C PHE G 304 -27.31 -40.03 16.18
N GLY G 305 -26.67 -41.10 15.74
CA GLY G 305 -25.24 -41.29 15.95
C GLY G 305 -24.36 -40.27 15.24
N GLU G 306 -24.93 -39.54 14.26
CA GLU G 306 -24.22 -38.54 13.48
C GLU G 306 -24.50 -37.10 13.90
N VAL G 307 -25.49 -36.89 14.79
CA VAL G 307 -25.96 -35.56 15.12
C VAL G 307 -24.85 -34.74 15.79
N HIS G 308 -23.99 -35.40 16.55
CA HIS G 308 -22.92 -34.71 17.26
C HIS G 308 -21.88 -34.15 16.29
N ASN G 309 -21.86 -34.55 15.01
CA ASN G 309 -20.90 -34.02 14.05
C ASN G 309 -21.47 -32.89 13.21
N GLU G 310 -22.70 -32.47 13.48
CA GLU G 310 -23.32 -31.44 12.66
C GLU G 310 -22.96 -30.07 13.23
N PRO G 311 -22.29 -29.20 12.42
CA PRO G 311 -21.87 -27.87 12.87
C PRO G 311 -22.90 -27.07 13.66
N HIS G 312 -24.14 -26.95 13.15
CA HIS G 312 -25.14 -26.09 13.79
C HIS G 312 -25.54 -26.63 15.17
N ILE G 313 -25.48 -27.96 15.33
CA ILE G 313 -25.82 -28.63 16.56
C ILE G 313 -24.70 -28.37 17.58
N ILE G 314 -23.44 -28.54 17.15
CA ILE G 314 -22.28 -28.34 18.00
C ILE G 314 -22.26 -26.91 18.50
N GLU G 315 -22.27 -25.95 17.57
CA GLU G 315 -22.10 -24.57 17.95
C GLU G 315 -23.17 -24.06 18.90
N ARG G 316 -24.42 -24.54 18.83
CA ARG G 316 -25.46 -24.02 19.70
C ARG G 316 -25.55 -24.82 21.00
N ASN G 317 -24.69 -25.82 21.20
CA ASN G 317 -24.74 -26.64 22.40
C ASN G 317 -26.14 -27.19 22.63
N THR G 318 -26.75 -27.76 21.58
CA THR G 318 -28.05 -28.36 21.71
C THR G 318 -27.97 -29.59 22.65
N PHE G 319 -26.81 -30.27 22.68
CA PHE G 319 -26.55 -31.47 23.45
C PHE G 319 -25.36 -31.29 24.39
N TYR G 320 -25.27 -32.11 25.46
CA TYR G 320 -24.10 -32.21 26.32
C TYR G 320 -23.77 -33.69 26.51
N GLU G 321 -22.52 -34.02 26.85
CA GLU G 321 -22.10 -35.40 27.01
C GLU G 321 -22.40 -35.89 28.41
N ALA G 322 -22.80 -37.17 28.54
CA ALA G 322 -23.09 -37.76 29.83
C ALA G 322 -23.02 -39.29 29.73
N ASN G 323 -22.13 -39.91 30.52
CA ASN G 323 -22.09 -41.35 30.68
C ASN G 323 -22.16 -42.05 29.33
N GLY G 324 -21.17 -41.81 28.46
CA GLY G 324 -21.14 -42.41 27.13
C GLY G 324 -22.50 -42.29 26.43
N GLY G 325 -22.98 -41.05 26.31
CA GLY G 325 -24.24 -40.78 25.64
C GLY G 325 -24.58 -39.28 25.66
N TRP G 326 -24.77 -38.71 24.46
CA TRP G 326 -25.27 -37.36 24.32
C TRP G 326 -26.69 -37.26 24.86
N GLN G 327 -27.04 -36.07 25.38
CA GLN G 327 -28.39 -35.81 25.88
C GLN G 327 -28.71 -34.39 25.51
N PRO G 328 -30.00 -34.07 25.31
CA PRO G 328 -30.36 -32.71 24.97
C PRO G 328 -30.26 -31.75 26.16
N MET G 329 -29.75 -30.54 25.91
CA MET G 329 -29.78 -29.49 26.90
C MET G 329 -31.20 -28.97 27.08
N PRO G 330 -31.48 -28.37 28.24
CA PRO G 330 -32.79 -27.80 28.48
C PRO G 330 -33.29 -26.89 27.36
N ALA G 331 -34.60 -26.83 27.20
CA ALA G 331 -35.21 -25.96 26.22
C ALA G 331 -36.50 -25.47 26.84
N PRO G 332 -37.02 -24.29 26.46
CA PRO G 332 -36.31 -23.35 25.62
C PRO G 332 -35.22 -22.64 26.39
N ARG G 333 -34.64 -21.57 25.82
CA ARG G 333 -33.55 -20.86 26.46
C ARG G 333 -34.00 -19.47 26.94
N PHE G 334 -33.36 -19.03 28.05
CA PHE G 334 -33.72 -17.78 28.72
C PHE G 334 -32.50 -16.84 28.73
N SER G 335 -32.70 -15.58 28.33
CA SER G 335 -31.59 -14.62 28.26
C SER G 335 -31.03 -14.23 29.63
N ARG G 336 -31.90 -14.00 30.64
CA ARG G 336 -31.44 -13.58 31.96
C ARG G 336 -31.18 -14.77 32.89
N THR G 337 -32.20 -15.59 33.16
CA THR G 337 -32.10 -16.71 34.10
C THR G 337 -31.89 -18.01 33.34
N ALA G 338 -30.66 -18.25 32.87
CA ALA G 338 -30.35 -19.38 32.01
C ALA G 338 -30.31 -20.68 32.80
N SER G 339 -30.82 -21.75 32.17
CA SER G 339 -30.75 -23.08 32.74
C SER G 339 -29.30 -23.54 32.73
N SER G 340 -28.98 -24.44 33.64
CA SER G 340 -27.65 -25.01 33.66
C SER G 340 -27.73 -26.42 33.11
N GLN G 341 -26.56 -27.03 32.97
CA GLN G 341 -26.51 -28.39 32.55
C GLN G 341 -27.23 -29.26 33.57
N PRO G 342 -28.09 -30.20 33.14
CA PRO G 342 -28.78 -31.08 34.06
C PRO G 342 -27.82 -31.87 34.94
N ARG G 343 -28.26 -32.12 36.18
CA ARG G 343 -27.51 -32.94 37.11
C ARG G 343 -27.92 -34.40 36.87
N PRO G 344 -26.95 -35.34 36.88
CA PRO G 344 -27.26 -36.72 36.55
C PRO G 344 -28.21 -37.29 37.58
N PRO G 345 -28.93 -38.40 37.27
CA PRO G 345 -29.90 -38.94 38.21
C PRO G 345 -29.26 -39.18 39.57
N ALA G 346 -29.96 -38.76 40.63
CA ALA G 346 -29.38 -38.75 41.96
C ALA G 346 -29.19 -40.18 42.46
N ALA G 347 -28.30 -40.34 43.45
CA ALA G 347 -28.46 -41.40 44.43
C ALA G 347 -29.70 -41.06 45.26
N THR G 348 -30.18 -42.06 46.00
CA THR G 348 -31.50 -42.03 46.58
C THR G 348 -31.45 -41.53 48.03
N ILE G 349 -32.41 -40.68 48.39
CA ILE G 349 -32.30 -39.81 49.54
C ILE G 349 -33.47 -40.12 50.45
N ASP G 350 -33.32 -39.81 51.74
CA ASP G 350 -34.33 -40.09 52.75
C ASP G 350 -35.34 -38.93 52.80
N ILE G 351 -36.62 -39.29 52.88
CA ILE G 351 -37.74 -38.35 52.78
C ILE G 351 -37.73 -37.34 53.93
N GLU G 352 -37.13 -37.77 55.06
CA GLU G 352 -36.92 -36.93 56.24
C GLU G 352 -36.01 -35.76 55.88
N ALA G 353 -34.84 -36.08 55.30
CA ALA G 353 -33.80 -35.12 54.98
C ALA G 353 -34.35 -34.04 54.03
N VAL G 354 -35.38 -34.39 53.27
CA VAL G 354 -35.96 -33.44 52.32
C VAL G 354 -36.91 -32.51 53.06
N LEU G 355 -37.72 -33.02 54.00
CA LEU G 355 -38.58 -32.15 54.81
C LEU G 355 -37.74 -31.21 55.68
N THR G 356 -36.49 -31.60 56.03
CA THR G 356 -35.51 -30.77 56.71
C THR G 356 -35.17 -29.56 55.86
N ASP G 357 -34.53 -29.84 54.73
CA ASP G 357 -34.06 -28.85 53.77
C ASP G 357 -35.20 -27.90 53.40
N TRP G 358 -36.42 -28.40 53.24
CA TRP G 358 -37.55 -27.56 52.88
C TRP G 358 -38.12 -26.80 54.08
N ASP G 359 -37.74 -27.23 55.30
CA ASP G 359 -37.88 -26.43 56.50
C ASP G 359 -37.77 -27.35 57.72
N MET H 1 -62.82 -12.81 30.37
CA MET H 1 -62.44 -14.00 29.55
C MET H 1 -62.17 -15.17 30.49
N ALA H 2 -62.78 -16.34 30.20
CA ALA H 2 -62.63 -17.53 31.05
C ALA H 2 -61.31 -18.24 30.77
N GLY H 3 -60.71 -18.80 31.82
CA GLY H 3 -59.51 -19.63 31.73
C GLY H 3 -58.49 -19.20 32.78
N PRO H 4 -57.41 -19.94 33.07
CA PRO H 4 -56.46 -19.50 34.09
C PRO H 4 -55.58 -18.31 33.69
N LEU H 5 -55.58 -17.97 32.39
CA LEU H 5 -54.67 -16.96 31.89
C LEU H 5 -55.45 -15.66 31.69
N SER H 6 -56.69 -15.63 32.19
CA SER H 6 -57.44 -14.41 32.31
C SER H 6 -56.55 -13.28 32.83
N GLY H 7 -56.52 -12.19 32.06
CA GLY H 7 -55.77 -11.01 32.46
C GLY H 7 -54.43 -10.89 31.75
N LEU H 8 -53.93 -11.98 31.15
CA LEU H 8 -52.65 -11.97 30.43
C LEU H 8 -52.84 -11.33 29.06
N ARG H 9 -51.92 -10.42 28.75
CA ARG H 9 -51.94 -9.65 27.52
C ARG H 9 -50.77 -10.03 26.63
N VAL H 10 -51.13 -10.37 25.40
CA VAL H 10 -50.18 -11.00 24.47
C VAL H 10 -50.28 -10.28 23.12
N VAL H 11 -49.11 -9.83 22.64
CA VAL H 11 -49.04 -9.29 21.29
C VAL H 11 -48.31 -10.32 20.44
N GLU H 12 -48.98 -10.71 19.36
CA GLU H 12 -48.47 -11.66 18.39
C GLU H 12 -48.14 -10.96 17.08
N LEU H 13 -46.87 -11.02 16.65
CA LEU H 13 -46.54 -10.65 15.28
C LEU H 13 -46.77 -11.81 14.32
N ALA H 14 -47.89 -11.76 13.58
CA ALA H 14 -48.32 -12.80 12.66
C ALA H 14 -47.14 -13.45 11.94
N GLY H 15 -47.09 -14.79 12.08
CA GLY H 15 -46.19 -15.64 11.32
C GLY H 15 -46.89 -16.94 10.92
N ILE H 16 -46.12 -18.02 10.71
CA ILE H 16 -46.73 -19.28 10.32
C ILE H 16 -46.22 -20.39 11.25
N GLY H 17 -47.09 -21.38 11.49
CA GLY H 17 -46.72 -22.60 12.22
C GLY H 17 -46.73 -22.42 13.73
N PRO H 18 -45.57 -22.55 14.44
CA PRO H 18 -45.57 -22.63 15.89
C PRO H 18 -46.09 -21.36 16.57
N GLY H 19 -45.64 -20.20 16.10
CA GLY H 19 -46.07 -18.92 16.66
C GLY H 19 -47.57 -18.80 16.78
N PRO H 20 -48.36 -18.89 15.68
CA PRO H 20 -49.82 -18.86 15.82
C PRO H 20 -50.45 -19.97 16.67
N HIS H 21 -49.78 -21.12 16.78
CA HIS H 21 -50.32 -22.22 17.59
C HIS H 21 -50.18 -21.88 19.08
N ALA H 22 -49.00 -21.40 19.50
CA ALA H 22 -48.80 -20.93 20.85
C ALA H 22 -49.77 -19.79 21.19
N ALA H 23 -49.84 -18.76 20.35
CA ALA H 23 -50.75 -17.67 20.57
C ALA H 23 -52.15 -18.21 20.81
N MET H 24 -52.57 -19.17 19.98
CA MET H 24 -53.90 -19.75 20.02
C MET H 24 -54.17 -20.41 21.38
N ILE H 25 -53.18 -21.11 21.91
CA ILE H 25 -53.35 -21.87 23.12
C ILE H 25 -53.45 -20.85 24.27
N LEU H 26 -52.64 -19.79 24.19
CA LEU H 26 -52.65 -18.77 25.23
C LEU H 26 -54.06 -18.18 25.28
N GLY H 27 -54.60 -17.87 24.12
CA GLY H 27 -55.97 -17.38 23.99
C GLY H 27 -57.02 -18.42 24.35
N ASP H 28 -56.72 -19.71 24.14
CA ASP H 28 -57.64 -20.77 24.50
C ASP H 28 -57.91 -20.76 26.01
N LEU H 29 -56.86 -20.47 26.79
CA LEU H 29 -56.85 -20.47 28.25
C LEU H 29 -57.18 -19.09 28.85
N GLY H 30 -57.66 -18.15 28.02
CA GLY H 30 -58.22 -16.90 28.50
C GLY H 30 -57.32 -15.67 28.28
N ALA H 31 -56.14 -15.83 27.66
CA ALA H 31 -55.26 -14.69 27.42
C ALA H 31 -55.95 -13.70 26.48
N ASP H 32 -55.61 -12.42 26.65
CA ASP H 32 -56.07 -11.39 25.72
C ASP H 32 -55.01 -11.24 24.64
N VAL H 33 -55.36 -11.76 23.44
CA VAL H 33 -54.34 -11.95 22.43
C VAL H 33 -54.64 -11.04 21.25
N VAL H 34 -53.64 -10.22 20.92
CA VAL H 34 -53.79 -9.25 19.87
C VAL H 34 -52.74 -9.56 18.80
N ARG H 35 -53.24 -9.84 17.60
CA ARG H 35 -52.37 -10.30 16.53
C ARG H 35 -52.20 -9.17 15.53
N ILE H 36 -50.94 -8.75 15.33
CA ILE H 36 -50.67 -7.73 14.34
C ILE H 36 -50.39 -8.42 13.01
N ASP H 37 -51.20 -8.14 12.00
CA ASP H 37 -50.91 -8.65 10.66
C ASP H 37 -50.42 -7.51 9.77
N ARG H 38 -49.79 -7.86 8.64
CA ARG H 38 -49.58 -6.90 7.57
C ARG H 38 -50.93 -6.63 6.89
N PRO H 39 -51.14 -5.43 6.30
CA PRO H 39 -52.36 -5.17 5.56
C PRO H 39 -52.36 -5.93 4.23
N SER H 40 -51.15 -6.06 3.65
CA SER H 40 -50.84 -6.93 2.52
C SER H 40 -51.14 -8.40 2.82
N SER H 41 -52.42 -8.69 3.13
CA SER H 41 -52.98 -10.02 3.40
C SER H 41 -54.03 -9.88 4.51
N VAL H 42 -55.20 -9.35 4.11
CA VAL H 42 -56.43 -9.29 4.89
C VAL H 42 -57.49 -8.62 4.00
N GLY H 44 -61.84 -10.19 4.53
CA GLY H 44 -62.94 -10.21 5.53
C GLY H 44 -62.57 -11.01 6.78
N ILE H 45 -63.34 -12.07 7.05
CA ILE H 45 -63.22 -12.83 8.29
C ILE H 45 -62.44 -14.11 7.99
N SER H 46 -61.30 -14.33 8.67
CA SER H 46 -60.46 -15.50 8.47
C SER H 46 -61.22 -16.77 8.89
N ARG H 47 -61.00 -17.85 8.13
CA ARG H 47 -61.54 -19.16 8.50
C ARG H 47 -60.40 -20.14 8.75
N ASP H 48 -59.17 -19.62 8.91
CA ASP H 48 -58.13 -20.41 9.58
C ASP H 48 -58.47 -20.47 11.06
N ALA H 49 -59.02 -21.60 11.51
CA ALA H 49 -59.46 -21.75 12.89
C ALA H 49 -58.27 -21.80 13.86
N MET H 50 -57.01 -21.79 13.35
CA MET H 50 -55.82 -21.59 14.19
C MET H 50 -55.75 -20.14 14.70
N LEU H 51 -56.54 -19.23 14.11
CA LEU H 51 -56.65 -17.84 14.54
C LEU H 51 -57.93 -17.62 15.35
N ARG H 52 -58.36 -18.64 16.10
CA ARG H 52 -59.42 -18.47 17.08
C ARG H 52 -58.83 -17.72 18.28
N ASN H 53 -59.70 -17.18 19.15
CA ASN H 53 -59.34 -16.53 20.40
C ASN H 53 -58.34 -15.37 20.20
N ARG H 54 -58.60 -14.54 19.19
CA ARG H 54 -57.74 -13.40 18.85
C ARG H 54 -58.58 -12.13 18.64
N ARG H 55 -57.94 -10.96 18.78
CA ARG H 55 -58.29 -9.78 17.99
C ARG H 55 -57.20 -9.59 16.95
N ILE H 56 -57.62 -9.43 15.69
CA ILE H 56 -56.74 -9.17 14.56
C ILE H 56 -56.73 -7.67 14.25
N VAL H 57 -55.53 -7.10 14.06
CA VAL H 57 -55.35 -5.71 13.64
C VAL H 57 -54.22 -5.67 12.63
N THR H 58 -54.26 -4.71 11.69
CA THR H 58 -53.20 -4.61 10.69
C THR H 58 -52.35 -3.35 10.93
N ALA H 59 -51.18 -3.32 10.29
CA ALA H 59 -50.21 -2.27 10.56
C ALA H 59 -48.94 -2.56 9.77
N ASP H 60 -48.65 -1.68 8.81
CA ASP H 60 -47.35 -1.70 8.14
C ASP H 60 -46.30 -1.29 9.17
N LEU H 61 -45.46 -2.25 9.60
CA LEU H 61 -44.48 -2.04 10.64
C LEU H 61 -43.25 -1.34 10.08
N LYS H 62 -43.22 -1.15 8.75
CA LYS H 62 -42.17 -0.35 8.14
C LYS H 62 -42.54 1.13 8.11
N SER H 63 -43.85 1.47 8.23
CA SER H 63 -44.33 2.81 8.57
C SER H 63 -43.66 3.37 9.82
N ASP H 64 -43.63 4.70 9.91
CA ASP H 64 -43.38 5.39 11.16
C ASP H 64 -44.58 5.20 12.08
N GLN H 65 -45.77 5.35 11.48
CA GLN H 65 -47.01 5.24 12.22
C GLN H 65 -47.10 3.83 12.81
N GLY H 66 -47.13 2.83 11.92
CA GLY H 66 -47.21 1.42 12.26
C GLY H 66 -46.27 1.02 13.41
N LEU H 67 -45.00 1.40 13.33
CA LEU H 67 -44.03 1.06 14.36
C LEU H 67 -44.46 1.68 15.68
N GLU H 68 -44.94 2.92 15.63
CA GLU H 68 -45.31 3.63 16.84
C GLU H 68 -46.48 2.93 17.53
N LEU H 69 -47.55 2.62 16.78
CA LEU H 69 -48.73 1.94 17.30
C LEU H 69 -48.41 0.56 17.90
N ALA H 70 -47.54 -0.21 17.25
CA ALA H 70 -47.18 -1.52 17.75
C ALA H 70 -46.47 -1.38 19.10
N LEU H 71 -45.51 -0.42 19.17
CA LEU H 71 -44.81 -0.11 20.40
C LEU H 71 -45.76 0.37 21.50
N LYS H 72 -46.87 1.00 21.15
CA LYS H 72 -47.88 1.35 22.14
C LYS H 72 -48.44 0.07 22.74
N LEU H 73 -49.00 -0.81 21.88
CA LEU H 73 -49.51 -2.14 22.25
C LEU H 73 -48.53 -2.89 23.14
N ILE H 74 -47.27 -2.95 22.72
CA ILE H 74 -46.27 -3.75 23.39
C ILE H 74 -45.99 -3.20 24.78
N ALA H 75 -46.23 -1.91 24.99
CA ALA H 75 -45.91 -1.28 26.26
C ALA H 75 -46.96 -1.62 27.30
N LYS H 76 -48.20 -1.89 26.85
CA LYS H 76 -49.29 -2.29 27.73
C LYS H 76 -49.41 -3.82 27.85
N ALA H 77 -48.44 -4.60 27.32
CA ALA H 77 -48.61 -6.06 27.18
C ALA H 77 -47.65 -6.79 28.12
N ASP H 78 -47.89 -8.10 28.31
CA ASP H 78 -47.00 -8.95 29.11
C ASP H 78 -46.06 -9.74 28.25
N VAL H 79 -46.60 -10.19 27.10
CA VAL H 79 -45.89 -11.11 26.23
C VAL H 79 -45.87 -10.60 24.79
N LEU H 80 -44.69 -10.76 24.18
CA LEU H 80 -44.54 -10.58 22.74
C LEU H 80 -44.09 -11.91 22.13
N ILE H 81 -44.76 -12.26 21.02
CA ILE H 81 -44.45 -13.43 20.21
C ILE H 81 -44.13 -12.99 18.79
N GLU H 82 -42.96 -13.45 18.32
CA GLU H 82 -42.55 -13.29 16.94
C GLU H 82 -41.87 -14.58 16.46
N GLY H 83 -42.12 -14.95 15.19
CA GLY H 83 -41.50 -16.10 14.58
C GLY H 83 -40.90 -15.77 13.21
N TYR H 84 -40.22 -14.63 13.09
CA TYR H 84 -39.52 -14.32 11.86
C TYR H 84 -38.08 -14.79 12.02
N ARG H 85 -37.32 -14.67 10.93
CA ARG H 85 -35.89 -14.95 11.02
C ARG H 85 -35.27 -14.00 12.04
N PRO H 86 -34.18 -14.45 12.71
CA PRO H 86 -33.42 -13.56 13.56
C PRO H 86 -32.94 -12.31 12.81
N GLY H 87 -33.08 -11.18 13.51
CA GLY H 87 -32.60 -9.90 13.01
C GLY H 87 -33.77 -9.12 12.43
N VAL H 88 -34.91 -9.78 12.22
CA VAL H 88 -36.00 -9.10 11.54
C VAL H 88 -36.64 -8.06 12.47
N THR H 89 -37.05 -8.47 13.68
CA THR H 89 -37.69 -7.54 14.60
C THR H 89 -36.70 -6.40 14.93
N GLU H 90 -35.41 -6.69 15.07
CA GLU H 90 -34.41 -5.67 15.32
C GLU H 90 -34.46 -4.55 14.26
N ARG H 91 -34.42 -4.92 12.98
CA ARG H 91 -34.49 -3.96 11.89
C ARG H 91 -35.84 -3.28 11.80
N LEU H 92 -36.92 -3.89 12.27
CA LEU H 92 -38.17 -3.16 12.27
C LEU H 92 -38.22 -2.11 13.38
N GLY H 93 -37.29 -2.18 14.34
CA GLY H 93 -37.35 -1.36 15.55
C GLY H 93 -38.19 -1.99 16.68
N LEU H 94 -38.49 -3.30 16.56
CA LEU H 94 -39.35 -4.03 17.48
C LEU H 94 -38.53 -5.11 18.20
N GLY H 95 -37.20 -5.01 18.15
CA GLY H 95 -36.32 -5.97 18.78
C GLY H 95 -36.41 -5.92 20.31
N PRO H 96 -35.79 -6.91 20.99
CA PRO H 96 -35.81 -6.93 22.45
C PRO H 96 -35.43 -5.59 23.07
N GLU H 97 -34.32 -4.99 22.60
CA GLU H 97 -33.80 -3.76 23.21
C GLU H 97 -34.77 -2.60 23.04
N GLU H 98 -35.29 -2.39 21.83
CA GLU H 98 -36.32 -1.37 21.64
C GLU H 98 -37.56 -1.63 22.49
N CYS H 99 -37.85 -2.91 22.78
CA CYS H 99 -39.05 -3.26 23.51
C CYS H 99 -38.84 -3.01 25.00
N ALA H 100 -37.65 -3.36 25.49
CA ALA H 100 -37.24 -3.16 26.86
C ALA H 100 -37.40 -1.70 27.29
N LYS H 101 -37.07 -0.76 26.39
CA LYS H 101 -37.19 0.66 26.67
C LYS H 101 -38.62 1.08 26.96
N VAL H 102 -39.61 0.51 26.27
CA VAL H 102 -40.98 0.90 26.54
C VAL H 102 -41.61 -0.03 27.57
N ASN H 103 -40.90 -1.08 28.08
CA ASN H 103 -41.54 -2.12 28.89
C ASN H 103 -40.48 -3.11 29.35
N ASP H 104 -39.93 -2.89 30.56
CA ASP H 104 -38.90 -3.75 31.13
C ASP H 104 -39.51 -5.04 31.68
N ARG H 105 -40.84 -5.19 31.65
CA ARG H 105 -41.49 -6.38 32.17
C ARG H 105 -41.88 -7.38 31.06
N LEU H 106 -41.47 -7.11 29.82
CA LEU H 106 -41.98 -7.84 28.67
C LEU H 106 -41.36 -9.23 28.65
N ILE H 107 -42.19 -10.25 28.38
CA ILE H 107 -41.63 -11.54 27.97
C ILE H 107 -41.52 -11.49 26.46
N TYR H 108 -40.27 -11.50 25.97
CA TYR H 108 -40.00 -11.42 24.55
C TYR H 108 -39.71 -12.84 24.05
N ALA H 109 -40.66 -13.38 23.28
CA ALA H 109 -40.67 -14.80 22.92
C ALA H 109 -40.41 -14.95 21.42
N ARG H 110 -39.26 -15.56 21.12
CA ARG H 110 -38.76 -15.72 19.77
C ARG H 110 -38.86 -17.19 19.36
N MET H 111 -39.74 -17.44 18.40
CA MET H 111 -39.97 -18.78 17.87
C MET H 111 -39.17 -18.99 16.59
N THR H 112 -38.13 -19.83 16.60
CA THR H 112 -37.51 -20.21 15.34
C THR H 112 -37.34 -21.72 15.25
N GLY H 113 -36.90 -22.18 14.10
CA GLY H 113 -36.50 -23.55 13.94
C GLY H 113 -35.04 -23.77 14.32
N TRP H 114 -34.17 -22.91 13.75
CA TRP H 114 -32.73 -23.13 13.92
C TRP H 114 -32.20 -22.40 15.15
N GLY H 115 -32.95 -21.43 15.67
CA GLY H 115 -32.49 -20.62 16.79
C GLY H 115 -31.88 -19.29 16.34
N GLN H 116 -31.33 -18.57 17.32
CA GLN H 116 -31.04 -17.16 17.17
C GLN H 116 -29.64 -16.95 16.62
N THR H 117 -28.73 -17.91 16.82
CA THR H 117 -27.40 -17.79 16.25
C THR H 117 -27.00 -19.11 15.60
N GLY H 118 -25.83 -19.11 14.96
CA GLY H 118 -25.23 -20.31 14.40
C GLY H 118 -25.35 -20.35 12.87
N PRO H 119 -24.67 -21.29 12.18
CA PRO H 119 -24.59 -21.28 10.72
C PRO H 119 -25.91 -21.33 9.97
N ARG H 120 -26.93 -21.99 10.54
CA ARG H 120 -28.20 -22.16 9.85
C ARG H 120 -29.22 -21.12 10.28
N SER H 121 -28.82 -20.17 11.13
CA SER H 121 -29.78 -19.28 11.77
C SER H 121 -30.56 -18.45 10.77
N GLN H 122 -30.06 -18.31 9.52
CA GLN H 122 -30.76 -17.48 8.54
C GLN H 122 -31.38 -18.32 7.42
N GLN H 123 -31.22 -19.64 7.54
CA GLN H 123 -31.74 -20.58 6.56
C GLN H 123 -33.25 -20.77 6.76
N ALA H 124 -33.99 -20.59 5.67
CA ALA H 124 -35.39 -20.95 5.67
C ALA H 124 -35.54 -22.45 5.98
N GLY H 125 -36.75 -22.83 6.39
CA GLY H 125 -36.99 -24.21 6.72
C GLY H 125 -38.42 -24.43 7.14
N HIS H 126 -38.80 -25.70 7.21
CA HIS H 126 -40.06 -26.12 7.77
C HIS H 126 -39.81 -27.30 8.72
N ASP H 127 -40.90 -27.79 9.32
CA ASP H 127 -40.84 -28.83 10.37
C ASP H 127 -39.88 -29.92 9.97
N ILE H 128 -40.08 -30.46 8.75
CA ILE H 128 -39.34 -31.61 8.29
C ILE H 128 -37.83 -31.35 8.29
N ASN H 129 -37.41 -30.11 8.03
CA ASN H 129 -36.00 -29.78 8.04
C ASN H 129 -35.45 -29.79 9.47
N TYR H 130 -36.17 -29.15 10.40
CA TYR H 130 -35.66 -29.04 11.76
C TYR H 130 -35.53 -30.42 12.40
N ILE H 131 -36.45 -31.34 12.12
CA ILE H 131 -36.40 -32.67 12.72
C ILE H 131 -35.44 -33.58 11.96
N SER H 132 -34.96 -33.18 10.77
CA SER H 132 -34.04 -34.05 10.05
C SER H 132 -32.63 -33.95 10.63
N LEU H 133 -32.33 -32.84 11.29
CA LEU H 133 -30.94 -32.57 11.61
C LEU H 133 -30.58 -33.14 12.98
N ASN H 134 -31.58 -33.56 13.77
CA ASN H 134 -31.31 -33.94 15.15
C ASN H 134 -31.68 -35.39 15.43
N GLY H 135 -31.83 -36.21 14.36
CA GLY H 135 -31.98 -37.64 14.55
C GLY H 135 -33.42 -38.14 14.48
N ILE H 136 -34.39 -37.24 14.59
CA ILE H 136 -35.78 -37.61 14.84
C ILE H 136 -36.40 -38.22 13.58
N LEU H 137 -36.43 -37.46 12.48
CA LEU H 137 -37.03 -37.92 11.24
C LEU H 137 -36.46 -39.26 10.81
N HIS H 138 -35.17 -39.43 11.02
CA HIS H 138 -34.54 -40.67 10.61
C HIS H 138 -35.18 -41.88 11.28
N ALA H 139 -35.71 -41.67 12.47
CA ALA H 139 -36.17 -42.76 13.32
C ALA H 139 -37.61 -43.17 13.04
N ILE H 140 -38.31 -42.42 12.17
CA ILE H 140 -39.74 -42.55 11.96
C ILE H 140 -40.04 -43.22 10.61
N GLY H 141 -40.76 -44.37 10.65
CA GLY H 141 -41.30 -45.07 9.49
C GLY H 141 -40.85 -46.53 9.50
N ARG H 142 -41.22 -47.31 8.47
CA ARG H 142 -40.78 -48.70 8.37
C ARG H 142 -39.31 -48.77 7.93
N GLY H 143 -38.60 -49.84 8.35
CA GLY H 143 -37.17 -49.97 8.13
C GLY H 143 -36.83 -50.21 6.65
N ASP H 144 -37.78 -50.76 5.89
CA ASP H 144 -37.54 -51.05 4.49
C ASP H 144 -37.79 -49.83 3.59
N GLU H 145 -38.34 -48.73 4.12
CA GLU H 145 -38.63 -47.57 3.27
C GLU H 145 -37.94 -46.32 3.82
N ARG H 146 -38.09 -45.22 3.10
CA ARG H 146 -37.47 -43.97 3.51
C ARG H 146 -38.28 -43.33 4.63
N PRO H 147 -37.68 -42.49 5.51
CA PRO H 147 -38.36 -41.95 6.66
C PRO H 147 -39.66 -41.28 6.25
N VAL H 148 -40.65 -41.31 7.13
CA VAL H 148 -41.91 -40.61 6.84
C VAL H 148 -42.10 -39.44 7.82
N PRO H 149 -42.49 -38.25 7.33
CA PRO H 149 -42.74 -37.13 8.23
C PRO H 149 -43.98 -37.35 9.08
N PRO H 150 -43.89 -37.17 10.42
CA PRO H 150 -45.03 -37.30 11.30
C PRO H 150 -45.84 -36.02 11.32
N LEU H 151 -46.37 -35.75 10.13
CA LEU H 151 -46.94 -34.48 9.74
C LEU H 151 -45.95 -33.43 10.20
N ASN H 152 -46.49 -32.32 10.71
CA ASN H 152 -45.66 -31.28 11.29
C ASN H 152 -45.85 -31.24 12.82
N LEU H 153 -46.08 -32.40 13.43
CA LEU H 153 -46.46 -32.44 14.84
C LEU H 153 -45.27 -32.24 15.77
N VAL H 154 -44.06 -32.67 15.35
CA VAL H 154 -42.98 -32.86 16.31
C VAL H 154 -42.12 -31.59 16.36
N GLY H 155 -41.94 -30.95 15.21
CA GLY H 155 -41.10 -29.77 15.15
C GLY H 155 -41.91 -28.52 15.39
N ASP H 156 -42.99 -28.31 14.63
CA ASP H 156 -43.78 -27.10 14.79
C ASP H 156 -44.46 -27.03 16.15
N PHE H 157 -45.13 -28.11 16.58
CA PHE H 157 -46.01 -28.00 17.73
C PHE H 157 -45.32 -28.63 18.94
N GLY H 158 -45.17 -29.96 18.95
CA GLY H 158 -44.64 -30.62 20.13
C GLY H 158 -43.31 -30.05 20.60
N GLY H 159 -42.39 -29.82 19.64
CA GLY H 159 -41.04 -29.34 19.93
C GLY H 159 -40.88 -27.84 19.65
N GLY H 160 -42.00 -27.17 19.38
CA GLY H 160 -41.97 -25.84 18.81
C GLY H 160 -42.80 -24.89 19.65
N SER H 161 -44.08 -24.74 19.27
CA SER H 161 -45.01 -23.93 20.02
C SER H 161 -45.06 -24.35 21.48
N MET H 162 -44.93 -25.65 21.79
CA MET H 162 -45.18 -26.10 23.16
C MET H 162 -44.06 -25.64 24.07
N PHE H 163 -42.83 -25.61 23.53
CA PHE H 163 -41.70 -25.09 24.28
C PHE H 163 -41.71 -23.56 24.34
N LEU H 164 -42.18 -22.88 23.29
CA LEU H 164 -42.45 -21.45 23.39
C LEU H 164 -43.35 -21.21 24.61
N LEU H 165 -44.46 -21.94 24.68
CA LEU H 165 -45.42 -21.75 25.76
C LEU H 165 -44.77 -22.02 27.10
N VAL H 166 -44.04 -23.13 27.24
CA VAL H 166 -43.43 -23.42 28.54
C VAL H 166 -42.53 -22.25 28.93
N GLY H 167 -41.79 -21.72 27.95
CA GLY H 167 -40.82 -20.67 28.19
C GLY H 167 -41.50 -19.35 28.60
N ILE H 168 -42.53 -18.98 27.88
CA ILE H 168 -43.35 -17.84 28.23
C ILE H 168 -43.83 -17.96 29.69
N LEU H 169 -44.42 -19.12 30.03
CA LEU H 169 -45.11 -19.27 31.29
C LEU H 169 -44.08 -19.44 32.40
N ALA H 170 -42.93 -20.10 32.13
CA ALA H 170 -41.89 -20.14 33.14
C ALA H 170 -41.40 -18.71 33.40
N ALA H 171 -41.30 -17.91 32.34
CA ALA H 171 -40.67 -16.60 32.47
C ALA H 171 -41.59 -15.68 33.26
N LEU H 172 -42.91 -15.86 33.11
CA LEU H 172 -43.90 -15.14 33.89
C LEU H 172 -43.76 -15.51 35.35
N TRP H 173 -43.57 -16.81 35.65
CA TRP H 173 -43.34 -17.23 37.03
C TRP H 173 -42.15 -16.46 37.58
N GLU H 174 -41.05 -16.46 36.84
CA GLU H 174 -39.83 -15.84 37.34
C GLU H 174 -40.00 -14.34 37.49
N ARG H 175 -40.86 -13.74 36.66
CA ARG H 175 -41.15 -12.31 36.75
C ARG H 175 -41.78 -11.97 38.10
N GLN H 176 -42.66 -12.83 38.61
CA GLN H 176 -43.46 -12.48 39.77
C GLN H 176 -42.54 -12.23 40.96
N SER H 177 -41.31 -12.74 40.87
CA SER H 177 -40.32 -12.60 41.91
C SER H 177 -39.23 -11.59 41.55
N SER H 178 -38.96 -11.35 40.25
CA SER H 178 -37.88 -10.46 39.85
C SER H 178 -38.38 -9.09 39.37
N GLY H 179 -39.69 -8.91 39.16
CA GLY H 179 -40.25 -7.70 38.55
C GLY H 179 -39.84 -7.48 37.08
N LYS H 180 -38.99 -8.39 36.55
CA LYS H 180 -38.32 -8.22 35.25
C LYS H 180 -38.72 -9.28 34.21
N GLY H 181 -38.89 -8.81 32.96
CA GLY H 181 -39.00 -9.66 31.78
C GLY H 181 -37.66 -10.23 31.31
N GLN H 182 -37.69 -10.99 30.21
CA GLN H 182 -36.46 -11.49 29.59
C GLN H 182 -36.80 -12.04 28.21
N VAL H 183 -35.79 -12.54 27.49
CA VAL H 183 -35.98 -13.12 26.15
C VAL H 183 -36.04 -14.66 26.28
N VAL H 184 -37.10 -15.22 25.68
CA VAL H 184 -37.26 -16.65 25.46
C VAL H 184 -36.90 -16.98 24.01
N ASP H 185 -35.81 -17.76 23.85
CA ASP H 185 -35.30 -18.28 22.58
C ASP H 185 -35.75 -19.75 22.45
N ALA H 186 -36.87 -19.96 21.76
CA ALA H 186 -37.42 -21.29 21.53
C ALA H 186 -37.12 -21.71 20.11
N ALA H 187 -36.24 -22.71 19.99
CA ALA H 187 -35.83 -23.23 18.68
C ALA H 187 -36.34 -24.64 18.48
N MET H 188 -37.04 -24.91 17.35
CA MET H 188 -37.65 -26.21 17.09
C MET H 188 -36.64 -27.34 17.16
N VAL H 189 -35.38 -27.06 16.82
CA VAL H 189 -34.38 -28.12 16.81
C VAL H 189 -34.00 -28.50 18.23
N ASP H 190 -34.20 -27.58 19.19
CA ASP H 190 -33.87 -27.88 20.59
C ASP H 190 -35.07 -28.56 21.25
N GLY H 191 -36.21 -27.88 21.16
CA GLY H 191 -37.46 -28.34 21.71
C GLY H 191 -37.77 -29.79 21.32
N SER H 192 -37.58 -30.11 20.04
CA SER H 192 -37.88 -31.43 19.54
C SER H 192 -36.85 -32.41 20.08
N SER H 193 -35.61 -31.95 20.37
CA SER H 193 -34.62 -32.85 20.96
C SER H 193 -34.99 -33.19 22.40
N VAL H 194 -35.56 -32.23 23.16
CA VAL H 194 -35.98 -32.54 24.52
C VAL H 194 -37.25 -33.40 24.48
N LEU H 195 -38.08 -33.22 23.47
CA LEU H 195 -39.25 -34.05 23.28
C LEU H 195 -38.86 -35.53 23.19
N ILE H 196 -37.71 -35.82 22.54
CA ILE H 196 -37.29 -37.18 22.23
C ILE H 196 -36.20 -37.61 23.20
N GLN H 197 -36.12 -36.92 24.34
CA GLN H 197 -35.07 -37.22 25.31
C GLN H 197 -35.09 -38.71 25.71
N MET H 198 -36.28 -39.33 25.73
CA MET H 198 -36.37 -40.73 26.10
C MET H 198 -35.49 -41.63 25.21
N MET H 199 -35.51 -41.39 23.90
CA MET H 199 -34.66 -42.16 23.00
C MET H 199 -33.18 -41.88 23.25
N TRP H 200 -32.81 -40.62 23.51
CA TRP H 200 -31.40 -40.38 23.77
C TRP H 200 -30.96 -41.17 25.02
N ALA H 201 -31.85 -41.28 26.02
CA ALA H 201 -31.56 -42.00 27.26
C ALA H 201 -31.45 -43.51 26.99
N MET H 202 -32.48 -44.06 26.34
CA MET H 202 -32.49 -45.45 25.94
C MET H 202 -31.27 -45.81 25.08
N ARG H 203 -30.81 -44.86 24.26
CA ARG H 203 -29.72 -45.13 23.36
C ARG H 203 -28.42 -45.37 24.14
N ALA H 204 -28.22 -44.58 25.19
CA ALA H 204 -27.00 -44.62 25.99
C ALA H 204 -26.94 -45.90 26.83
N THR H 205 -28.09 -46.49 27.17
CA THR H 205 -28.16 -47.76 27.90
C THR H 205 -28.27 -48.96 26.93
N GLY H 206 -28.05 -48.79 25.62
CA GLY H 206 -28.23 -49.88 24.67
C GLY H 206 -29.68 -50.37 24.53
N MET H 207 -30.70 -49.61 24.92
CA MET H 207 -32.09 -50.03 24.72
C MET H 207 -32.76 -49.33 23.53
N TRP H 208 -31.99 -48.64 22.68
CA TRP H 208 -32.54 -48.09 21.45
C TRP H 208 -31.44 -48.07 20.42
N THR H 209 -31.76 -48.37 19.15
CA THR H 209 -30.73 -48.30 18.12
C THR H 209 -31.20 -47.46 16.95
N ASP H 210 -30.21 -47.06 16.13
CA ASP H 210 -30.42 -46.11 15.07
C ASP H 210 -31.04 -46.79 13.85
N THR H 211 -31.21 -48.12 13.89
CA THR H 211 -31.93 -48.83 12.86
C THR H 211 -33.41 -48.49 12.95
N ARG H 212 -33.96 -47.93 11.87
CA ARG H 212 -35.38 -47.63 11.77
C ARG H 212 -36.21 -48.92 11.75
N GLY H 213 -37.29 -48.94 12.53
CA GLY H 213 -38.27 -50.03 12.49
C GLY H 213 -37.84 -51.24 13.30
N ALA H 214 -36.88 -51.08 14.22
CA ALA H 214 -36.31 -52.21 14.94
C ALA H 214 -36.27 -51.95 16.45
N ASN H 215 -37.18 -51.15 16.99
CA ASN H 215 -37.14 -50.81 18.39
C ASN H 215 -38.53 -51.00 18.98
N MET H 216 -38.68 -50.84 20.29
CA MET H 216 -39.93 -51.17 20.94
C MET H 216 -41.05 -50.20 20.54
N LEU H 217 -40.72 -48.92 20.26
CA LEU H 217 -41.77 -47.92 20.12
C LEU H 217 -41.85 -47.30 18.73
N ASP H 218 -41.26 -47.89 17.70
CA ASP H 218 -41.19 -47.30 16.36
C ASP H 218 -41.96 -48.12 15.32
N GLY H 219 -42.60 -49.23 15.76
CA GLY H 219 -43.31 -50.15 14.88
C GLY H 219 -42.59 -51.50 14.78
N GLY H 220 -41.36 -51.60 15.26
CA GLY H 220 -40.68 -52.88 15.20
C GLY H 220 -41.26 -53.97 16.10
N ALA H 221 -41.83 -53.61 17.26
CA ALA H 221 -42.31 -54.61 18.19
C ALA H 221 -43.72 -55.02 17.77
N PRO H 222 -43.99 -56.32 17.60
CA PRO H 222 -45.31 -56.80 17.25
C PRO H 222 -46.42 -56.40 18.20
N TYR H 223 -46.08 -56.14 19.47
CA TYR H 223 -47.09 -55.70 20.44
C TYR H 223 -47.22 -54.17 20.57
N TYR H 224 -46.55 -53.41 19.70
CA TYR H 224 -46.61 -51.95 19.67
C TYR H 224 -46.63 -51.50 18.20
N ASP H 225 -47.79 -51.62 17.56
CA ASP H 225 -47.91 -51.38 16.14
C ASP H 225 -49.37 -51.43 15.74
N THR H 226 -49.64 -51.16 14.45
CA THR H 226 -50.99 -51.31 13.93
C THR H 226 -51.08 -52.63 13.17
N TYR H 227 -52.33 -53.12 13.04
CA TYR H 227 -52.67 -54.33 12.32
C TYR H 227 -53.91 -54.07 11.47
N GLU H 228 -53.89 -54.66 10.27
CA GLU H 228 -55.05 -54.55 9.41
C GLU H 228 -56.10 -55.59 9.81
N CYS H 229 -57.38 -55.22 9.73
CA CYS H 229 -58.51 -56.07 10.10
C CYS H 229 -59.25 -56.58 8.87
N ALA H 230 -60.23 -57.47 9.06
CA ALA H 230 -60.92 -58.14 7.96
C ALA H 230 -61.52 -57.12 7.00
N ASP H 231 -61.86 -55.92 7.49
CA ASP H 231 -62.54 -54.91 6.68
C ASP H 231 -61.56 -53.92 6.05
N GLY H 232 -60.24 -54.12 6.23
CA GLY H 232 -59.29 -53.19 5.66
C GLY H 232 -59.04 -51.97 6.55
N ARG H 233 -59.68 -51.91 7.73
CA ARG H 233 -59.44 -50.85 8.70
C ARG H 233 -58.44 -51.36 9.74
N TYR H 234 -58.02 -50.52 10.68
CA TYR H 234 -56.87 -50.86 11.50
C TYR H 234 -57.20 -50.82 12.99
N VAL H 235 -56.47 -51.65 13.75
CA VAL H 235 -56.36 -51.48 15.18
C VAL H 235 -54.94 -51.10 15.53
N ALA H 236 -54.81 -50.48 16.71
CA ALA H 236 -53.54 -50.23 17.36
C ALA H 236 -53.43 -51.10 18.59
N VAL H 237 -52.25 -51.71 18.72
CA VAL H 237 -51.82 -52.54 19.83
C VAL H 237 -50.65 -51.84 20.49
N GLY H 238 -50.73 -51.71 21.82
CA GLY H 238 -49.70 -51.08 22.61
C GLY H 238 -49.45 -51.83 23.92
N ALA H 239 -49.55 -53.16 23.85
CA ALA H 239 -49.49 -54.03 25.02
C ALA H 239 -48.04 -54.35 25.42
N ILE H 240 -47.39 -53.34 26.01
CA ILE H 240 -45.99 -53.43 26.39
C ILE H 240 -45.81 -54.32 27.62
N GLU H 241 -46.60 -54.05 28.65
CA GLU H 241 -46.49 -54.78 29.91
C GLU H 241 -46.96 -56.23 29.72
N PRO H 242 -46.30 -57.22 30.32
CA PRO H 242 -46.68 -58.62 30.13
C PRO H 242 -48.14 -58.96 30.41
N GLN H 243 -48.72 -58.38 31.48
CA GLN H 243 -50.07 -58.69 31.88
CA GLN H 243 -50.07 -58.75 31.86
C GLN H 243 -51.03 -58.21 30.79
N PHE H 244 -50.71 -57.06 30.19
CA PHE H 244 -51.60 -56.49 29.19
C PHE H 244 -51.46 -57.32 27.93
N TYR H 245 -50.23 -57.72 27.62
CA TYR H 245 -49.95 -58.54 26.45
C TYR H 245 -50.71 -59.87 26.56
N ALA H 246 -50.65 -60.49 27.73
CA ALA H 246 -51.37 -61.75 28.01
C ALA H 246 -52.87 -61.60 27.79
N ALA H 247 -53.45 -60.46 28.22
CA ALA H 247 -54.88 -60.24 28.08
C ALA H 247 -55.23 -60.13 26.60
N MET H 248 -54.33 -59.50 25.85
CA MET H 248 -54.51 -59.36 24.42
C MET H 248 -54.54 -60.72 23.70
N LEU H 249 -53.57 -61.60 24.00
CA LEU H 249 -53.49 -62.92 23.36
C LEU H 249 -54.78 -63.70 23.58
N ALA H 250 -55.23 -63.71 24.84
CA ALA H 250 -56.44 -64.44 25.22
C ALA H 250 -57.65 -63.92 24.44
N GLY H 251 -57.72 -62.60 24.21
CA GLY H 251 -58.82 -62.00 23.46
C GLY H 251 -58.76 -62.30 21.97
N LEU H 252 -57.55 -62.60 21.46
CA LEU H 252 -57.36 -62.97 20.06
C LEU H 252 -57.56 -64.48 19.87
N GLY H 253 -57.63 -65.19 20.98
CA GLY H 253 -57.85 -66.62 20.93
C GLY H 253 -56.53 -67.33 20.75
N LEU H 254 -55.43 -66.74 21.23
CA LEU H 254 -54.13 -67.32 21.01
C LEU H 254 -53.58 -67.80 22.33
N ASP H 255 -52.99 -68.97 22.24
CA ASP H 255 -52.52 -69.68 23.39
C ASP H 255 -51.03 -69.39 23.45
N ALA H 256 -50.62 -68.72 24.54
CA ALA H 256 -49.27 -68.25 24.76
C ALA H 256 -48.21 -69.34 24.62
N ALA H 257 -48.54 -70.58 25.03
CA ALA H 257 -47.61 -71.70 24.94
C ALA H 257 -47.26 -72.03 23.49
N GLU H 258 -48.08 -71.62 22.53
CA GLU H 258 -47.85 -71.89 21.11
C GLU H 258 -47.09 -70.76 20.40
N LEU H 259 -46.70 -69.71 21.12
CA LEU H 259 -46.17 -68.49 20.50
C LEU H 259 -44.72 -68.30 20.93
N PRO H 260 -43.89 -67.59 20.15
CA PRO H 260 -42.60 -67.15 20.68
C PRO H 260 -42.75 -66.25 21.90
N PRO H 261 -41.71 -66.09 22.74
CA PRO H 261 -41.78 -65.13 23.82
C PRO H 261 -41.96 -63.69 23.33
N GLN H 262 -42.64 -62.87 24.13
CA GLN H 262 -43.04 -61.52 23.78
C GLN H 262 -41.81 -60.71 23.38
N ASN H 263 -40.68 -60.91 24.07
CA ASN H 263 -39.51 -60.05 23.90
C ASN H 263 -38.31 -60.81 23.33
N ASP H 264 -38.54 -61.92 22.68
CA ASP H 264 -37.53 -62.54 21.83
C ASP H 264 -37.58 -61.92 20.44
N ARG H 265 -36.66 -60.97 20.22
CA ARG H 265 -36.61 -60.14 19.02
C ARG H 265 -36.29 -60.99 17.79
N ALA H 266 -35.51 -62.06 17.98
CA ALA H 266 -35.14 -62.95 16.88
C ALA H 266 -36.39 -63.54 16.22
N ARG H 267 -37.46 -63.73 17.01
CA ARG H 267 -38.67 -64.39 16.52
C ARG H 267 -39.82 -63.42 16.33
N TRP H 268 -39.53 -62.11 16.33
CA TRP H 268 -40.60 -61.15 16.20
C TRP H 268 -41.31 -61.30 14.85
N PRO H 269 -40.62 -61.59 13.73
CA PRO H 269 -41.35 -61.81 12.47
C PRO H 269 -42.39 -62.92 12.59
N GLU H 270 -42.04 -63.97 13.31
CA GLU H 270 -42.95 -65.08 13.53
C GLU H 270 -44.15 -64.69 14.40
N LEU H 271 -43.88 -64.03 15.55
CA LEU H 271 -44.94 -63.46 16.40
C LEU H 271 -45.88 -62.59 15.59
N ARG H 272 -45.29 -61.72 14.76
CA ARG H 272 -46.02 -60.73 14.01
C ARG H 272 -46.94 -61.41 13.02
N ALA H 273 -46.43 -62.47 12.40
CA ALA H 273 -47.24 -63.20 11.43
C ALA H 273 -48.48 -63.80 12.12
N LEU H 274 -48.30 -64.37 13.31
CA LEU H 274 -49.40 -64.98 14.04
C LEU H 274 -50.45 -63.93 14.41
N LEU H 275 -49.99 -62.78 14.94
CA LEU H 275 -50.89 -61.70 15.34
C LEU H 275 -51.59 -61.13 14.10
N THR H 276 -50.87 -61.04 12.97
CA THR H 276 -51.43 -60.53 11.72
C THR H 276 -52.62 -61.37 11.30
N GLU H 277 -52.45 -62.68 11.25
CA GLU H 277 -53.52 -63.60 10.95
C GLU H 277 -54.70 -63.44 11.92
N ALA H 278 -54.44 -63.37 13.23
CA ALA H 278 -55.54 -63.26 14.20
C ALA H 278 -56.35 -61.97 13.95
N PHE H 279 -55.69 -60.80 13.91
CA PHE H 279 -56.44 -59.55 13.74
C PHE H 279 -57.15 -59.47 12.38
N ALA H 280 -56.60 -60.14 11.34
CA ALA H 280 -57.24 -60.12 10.04
C ALA H 280 -58.53 -60.94 10.00
N SER H 281 -58.85 -61.71 11.03
CA SER H 281 -59.98 -62.63 10.94
C SER H 281 -61.28 -61.95 11.35
N HIS H 282 -61.22 -60.80 12.01
CA HIS H 282 -62.41 -60.01 12.27
C HIS H 282 -62.17 -58.56 11.89
N ASP H 283 -63.26 -57.78 11.87
CA ASP H 283 -63.16 -56.39 11.50
C ASP H 283 -62.84 -55.53 12.73
N ARG H 284 -62.52 -54.26 12.45
CA ARG H 284 -61.97 -53.34 13.43
C ARG H 284 -62.93 -53.19 14.59
N ASP H 285 -64.22 -53.00 14.30
CA ASP H 285 -65.23 -52.73 15.32
C ASP H 285 -65.44 -53.97 16.19
N HIS H 286 -65.28 -55.16 15.62
CA HIS H 286 -65.31 -56.36 16.43
C HIS H 286 -64.25 -56.27 17.52
N TRP H 287 -62.98 -55.97 17.16
CA TRP H 287 -61.94 -55.94 18.17
C TRP H 287 -62.15 -54.81 19.16
N GLY H 288 -62.66 -53.68 18.70
CA GLY H 288 -62.85 -52.57 19.61
C GLY H 288 -63.82 -52.98 20.72
N ALA H 289 -64.95 -53.55 20.32
CA ALA H 289 -65.92 -54.12 21.25
C ALA H 289 -65.33 -55.24 22.12
N VAL H 290 -64.73 -56.26 21.50
CA VAL H 290 -64.17 -57.35 22.27
C VAL H 290 -63.23 -56.84 23.37
N PHE H 291 -62.48 -55.76 23.10
CA PHE H 291 -61.46 -55.32 24.04
C PHE H 291 -61.86 -54.05 24.79
N ALA H 292 -63.09 -53.56 24.59
CA ALA H 292 -63.69 -52.55 25.47
C ALA H 292 -63.62 -53.01 26.94
N ASN H 293 -63.12 -52.13 27.81
CA ASN H 293 -63.04 -52.29 29.24
C ASN H 293 -61.91 -53.21 29.66
N SER H 294 -61.00 -53.50 28.72
CA SER H 294 -59.89 -54.39 28.98
C SER H 294 -58.60 -53.60 29.03
N ASP H 295 -57.60 -54.24 29.65
CA ASP H 295 -56.24 -53.77 29.67
C ASP H 295 -55.43 -54.34 28.51
N ALA H 296 -56.06 -54.77 27.41
CA ALA H 296 -55.29 -55.39 26.33
C ALA H 296 -54.51 -54.37 25.49
N CYS H 297 -54.81 -53.07 25.66
CA CYS H 297 -54.17 -51.98 24.92
C CYS H 297 -54.37 -52.18 23.42
N VAL H 298 -55.62 -52.44 23.06
CA VAL H 298 -56.00 -52.56 21.68
C VAL H 298 -57.12 -51.57 21.44
N THR H 299 -56.94 -50.66 20.46
CA THR H 299 -57.96 -49.66 20.20
C THR H 299 -58.19 -49.56 18.69
N PRO H 300 -59.39 -49.16 18.27
CA PRO H 300 -59.62 -48.88 16.85
C PRO H 300 -58.87 -47.62 16.40
N VAL H 301 -58.37 -47.66 15.17
CA VAL H 301 -57.70 -46.51 14.59
C VAL H 301 -58.73 -45.79 13.78
N LEU H 302 -59.19 -44.67 14.32
CA LEU H 302 -60.26 -43.92 13.70
C LEU H 302 -59.65 -42.84 12.81
N ALA H 303 -60.27 -42.66 11.64
CA ALA H 303 -60.01 -41.50 10.82
C ALA H 303 -60.73 -40.26 11.41
N PHE H 304 -60.19 -39.07 11.09
CA PHE H 304 -60.73 -37.80 11.56
C PHE H 304 -62.25 -37.77 11.45
N GLY H 305 -62.74 -38.13 10.26
CA GLY H 305 -64.15 -38.16 9.93
C GLY H 305 -65.01 -39.05 10.83
N GLU H 306 -64.40 -39.97 11.61
CA GLU H 306 -65.16 -40.90 12.42
C GLU H 306 -65.11 -40.54 13.90
N VAL H 307 -64.27 -39.58 14.28
CA VAL H 307 -63.94 -39.39 15.67
C VAL H 307 -65.15 -38.90 16.46
N HIS H 308 -66.02 -38.15 15.77
CA HIS H 308 -67.14 -37.51 16.44
C HIS H 308 -68.18 -38.55 16.86
N ASN H 309 -68.14 -39.77 16.29
CA ASN H 309 -69.06 -40.83 16.67
C ASN H 309 -68.53 -41.74 17.76
N GLU H 310 -67.32 -41.48 18.29
CA GLU H 310 -66.75 -42.33 19.31
C GLU H 310 -67.28 -41.88 20.68
N PRO H 311 -67.92 -42.78 21.46
CA PRO H 311 -68.49 -42.41 22.74
C PRO H 311 -67.51 -41.74 23.70
N HIS H 312 -66.26 -42.20 23.75
CA HIS H 312 -65.35 -41.60 24.73
C HIS H 312 -65.04 -40.14 24.36
N ILE H 313 -65.02 -39.83 23.06
CA ILE H 313 -64.72 -38.48 22.62
C ILE H 313 -65.90 -37.58 22.98
N ILE H 314 -67.10 -38.08 22.62
CA ILE H 314 -68.36 -37.38 22.80
C ILE H 314 -68.60 -37.06 24.27
N GLU H 315 -68.46 -38.07 25.12
CA GLU H 315 -68.83 -37.93 26.51
C GLU H 315 -67.99 -36.84 27.16
N ARG H 316 -66.73 -36.69 26.72
CA ARG H 316 -65.82 -35.77 27.40
C ARG H 316 -65.73 -34.40 26.69
N ASN H 317 -66.47 -34.20 25.59
CA ASN H 317 -66.47 -32.94 24.86
C ASN H 317 -65.04 -32.59 24.47
N THR H 318 -64.30 -33.58 23.96
CA THR H 318 -62.94 -33.31 23.51
C THR H 318 -63.03 -32.28 22.37
N PHE H 319 -64.10 -32.33 21.56
CA PHE H 319 -64.32 -31.44 20.42
C PHE H 319 -65.59 -30.60 20.57
N TYR H 320 -65.72 -29.53 19.76
CA TYR H 320 -66.94 -28.74 19.62
C TYR H 320 -67.14 -28.46 18.13
N GLU H 321 -68.37 -28.12 17.75
CA GLU H 321 -68.72 -27.96 16.35
C GLU H 321 -68.65 -26.48 16.00
N ALA H 322 -67.88 -26.14 14.96
CA ALA H 322 -67.77 -24.76 14.51
C ALA H 322 -67.67 -24.80 12.99
N ASN H 323 -67.42 -23.64 12.35
CA ASN H 323 -67.16 -23.62 10.93
C ASN H 323 -68.27 -24.46 10.28
N GLY H 324 -67.89 -25.25 9.27
CA GLY H 324 -68.51 -26.55 9.00
C GLY H 324 -67.52 -27.65 9.33
N GLY H 325 -67.34 -27.94 10.63
CA GLY H 325 -66.52 -29.05 11.07
C GLY H 325 -66.06 -28.92 12.52
N TRP H 326 -65.76 -30.09 13.11
CA TRP H 326 -65.29 -30.20 14.48
C TRP H 326 -63.89 -29.58 14.65
N GLN H 327 -63.65 -29.19 15.90
CA GLN H 327 -62.42 -28.54 16.33
C GLN H 327 -62.22 -28.93 17.77
N PRO H 328 -60.96 -29.10 18.18
CA PRO H 328 -60.65 -29.51 19.53
C PRO H 328 -60.85 -28.41 20.57
N MET H 329 -61.44 -28.81 21.70
CA MET H 329 -61.63 -27.90 22.82
C MET H 329 -60.28 -27.63 23.43
N PRO H 330 -60.15 -26.53 24.19
CA PRO H 330 -58.91 -26.20 24.85
C PRO H 330 -58.41 -27.34 25.71
N ALA H 331 -57.09 -27.37 25.87
CA ALA H 331 -56.44 -28.33 26.71
C ALA H 331 -55.25 -27.63 27.36
N PRO H 332 -54.82 -28.06 28.55
CA PRO H 332 -55.56 -29.05 29.35
C PRO H 332 -56.76 -28.42 30.07
N ARG H 333 -57.33 -29.13 31.07
CA ARG H 333 -58.59 -28.72 31.69
C ARG H 333 -58.30 -28.24 33.10
N PHE H 334 -59.12 -27.26 33.55
CA PHE H 334 -58.91 -26.64 34.86
C PHE H 334 -60.18 -26.80 35.71
N SER H 335 -60.00 -27.14 37.00
CA SER H 335 -61.12 -27.41 37.91
C SER H 335 -61.87 -26.13 38.29
N ARG H 336 -61.17 -25.05 38.66
CA ARG H 336 -61.80 -23.79 39.03
C ARG H 336 -62.03 -22.84 37.84
N THR H 337 -60.93 -22.44 37.17
CA THR H 337 -60.96 -21.48 36.08
C THR H 337 -60.99 -22.21 34.73
N ALA H 338 -62.16 -22.74 34.38
CA ALA H 338 -62.30 -23.53 33.18
C ALA H 338 -62.24 -22.60 31.99
N SER H 339 -61.59 -23.09 30.93
CA SER H 339 -61.68 -22.45 29.63
C SER H 339 -63.09 -22.59 29.10
N SER H 340 -63.41 -21.79 28.09
CA SER H 340 -64.69 -21.85 27.46
C SER H 340 -64.46 -22.12 25.98
N GLN H 341 -65.57 -22.33 25.29
CA GLN H 341 -65.56 -22.64 23.89
C GLN H 341 -64.81 -21.53 23.18
N PRO H 342 -63.75 -21.82 22.40
CA PRO H 342 -63.04 -20.78 21.67
C PRO H 342 -63.98 -19.86 20.87
N ARG H 343 -63.58 -18.59 20.80
CA ARG H 343 -64.31 -17.58 20.04
C ARG H 343 -63.80 -17.64 18.61
N PRO H 344 -64.68 -17.68 17.61
CA PRO H 344 -64.23 -17.77 16.22
C PRO H 344 -63.33 -16.61 15.80
N PRO H 345 -62.64 -16.69 14.66
CA PRO H 345 -61.92 -15.52 14.16
C PRO H 345 -62.90 -14.45 13.70
N ALA H 346 -62.75 -13.22 14.22
CA ALA H 346 -63.58 -12.08 13.84
C ALA H 346 -62.79 -11.17 12.91
N ALA H 347 -63.41 -10.08 12.45
CA ALA H 347 -62.80 -9.20 11.45
C ALA H 347 -61.81 -8.22 12.09
N THR H 348 -60.82 -7.81 11.28
CA THR H 348 -59.82 -6.81 11.62
C THR H 348 -60.48 -5.68 12.41
N ILE H 349 -60.30 -5.65 13.73
CA ILE H 349 -60.71 -4.50 14.49
C ILE H 349 -59.59 -3.46 14.31
N ASP H 350 -59.72 -2.30 14.97
CA ASP H 350 -58.78 -1.21 14.76
C ASP H 350 -57.85 -1.05 15.95
N ILE H 351 -56.55 -0.89 15.64
CA ILE H 351 -55.47 -0.95 16.61
C ILE H 351 -55.62 0.11 17.71
N GLU H 352 -56.43 1.13 17.38
CA GLU H 352 -56.76 2.20 18.29
C GLU H 352 -57.76 1.75 19.35
N ALA H 353 -58.82 1.05 18.91
CA ALA H 353 -59.85 0.54 19.80
C ALA H 353 -59.22 -0.35 20.87
N VAL H 354 -58.13 -1.04 20.49
CA VAL H 354 -57.46 -1.96 21.38
C VAL H 354 -56.75 -1.16 22.46
N LEU H 355 -56.06 -0.08 22.03
CA LEU H 355 -55.30 0.80 22.92
C LEU H 355 -56.23 1.52 23.89
N THR H 356 -57.36 2.02 23.35
CA THR H 356 -58.43 2.58 24.17
C THR H 356 -58.75 1.54 25.23
N ASP H 357 -59.32 0.41 24.79
CA ASP H 357 -59.77 -0.67 25.66
C ASP H 357 -58.70 -1.06 26.69
N TRP H 358 -57.40 -1.09 26.31
CA TRP H 358 -56.34 -1.49 27.24
C TRP H 358 -55.91 -0.36 28.20
N ASP H 359 -56.55 0.81 28.15
CA ASP H 359 -56.34 1.89 29.12
C ASP H 359 -54.95 2.50 28.95
N MET I 1 62.73 0.80 -30.35
CA MET I 1 62.55 -0.55 -29.73
C MET I 1 62.62 -1.63 -30.81
N ALA I 2 63.49 -2.62 -30.58
CA ALA I 2 63.70 -3.75 -31.49
C ALA I 2 62.57 -4.78 -31.38
N GLY I 3 62.28 -5.44 -32.46
CA GLY I 3 61.38 -6.57 -32.44
C GLY I 3 60.27 -6.29 -33.43
N PRO I 4 59.51 -7.31 -33.87
CA PRO I 4 58.45 -7.09 -34.84
C PRO I 4 57.27 -6.25 -34.36
N LEU I 5 57.16 -5.97 -33.07
CA LEU I 5 56.00 -5.23 -32.57
C LEU I 5 56.41 -3.81 -32.21
N SER I 6 57.59 -3.37 -32.66
CA SER I 6 57.98 -1.96 -32.59
C SER I 6 56.81 -1.07 -33.01
N GLY I 7 56.53 0.00 -32.25
CA GLY I 7 55.42 0.89 -32.59
C GLY I 7 54.04 0.48 -32.04
N LEU I 8 53.80 -0.77 -31.62
CA LEU I 8 52.55 -1.13 -30.96
C LEU I 8 52.51 -0.57 -29.55
N ARG I 9 51.37 0.06 -29.20
CA ARG I 9 51.16 0.68 -27.90
C ARG I 9 50.17 -0.14 -27.09
N VAL I 10 50.61 -0.50 -25.87
CA VAL I 10 49.86 -1.37 -25.01
C VAL I 10 49.64 -0.70 -23.65
N VAL I 11 48.38 -0.70 -23.18
CA VAL I 11 48.12 -0.34 -21.80
C VAL I 11 47.74 -1.59 -20.99
N GLU I 12 48.44 -1.80 -19.87
CA GLU I 12 48.22 -2.94 -18.99
C GLU I 12 47.72 -2.48 -17.61
N LEU I 13 46.48 -2.83 -17.29
CA LEU I 13 45.98 -2.63 -15.93
C LEU I 13 46.53 -3.73 -15.02
N ALA I 14 47.41 -3.34 -14.09
CA ALA I 14 48.20 -4.28 -13.32
C ALA I 14 47.30 -5.31 -12.66
N GLY I 15 47.71 -6.58 -12.78
CA GLY I 15 46.98 -7.74 -12.31
C GLY I 15 47.97 -8.85 -11.98
N ILE I 16 47.52 -10.11 -11.97
CA ILE I 16 48.45 -11.18 -11.63
C ILE I 16 48.23 -12.33 -12.60
N GLY I 17 49.29 -13.11 -12.86
CA GLY I 17 49.22 -14.35 -13.65
C GLY I 17 49.27 -14.10 -15.17
N PRO I 18 48.21 -14.42 -15.89
CA PRO I 18 48.28 -14.37 -17.35
C PRO I 18 48.47 -12.96 -17.91
N GLY I 19 47.81 -11.95 -17.32
CA GLY I 19 47.84 -10.60 -17.85
C GLY I 19 49.26 -10.05 -17.94
N PRO I 20 50.03 -10.06 -16.83
CA PRO I 20 51.41 -9.61 -16.88
C PRO I 20 52.34 -10.44 -17.77
N HIS I 21 52.03 -11.72 -17.96
CA HIS I 21 52.89 -12.59 -18.77
C HIS I 21 52.72 -12.21 -20.23
N ALA I 22 51.47 -12.00 -20.65
CA ALA I 22 51.13 -11.55 -21.99
C ALA I 22 51.78 -10.19 -22.27
N ALA I 23 51.60 -9.27 -21.32
CA ALA I 23 52.11 -7.92 -21.48
C ALA I 23 53.62 -7.99 -21.66
N MET I 24 54.27 -8.88 -20.87
CA MET I 24 55.71 -9.12 -20.93
C MET I 24 56.15 -9.55 -22.34
N ILE I 25 55.42 -10.48 -22.96
CA ILE I 25 55.80 -11.01 -24.25
C ILE I 25 55.63 -9.94 -25.34
N LEU I 26 54.57 -9.12 -25.27
CA LEU I 26 54.44 -7.99 -26.18
C LEU I 26 55.68 -7.10 -26.06
N GLY I 27 56.05 -6.74 -24.82
CA GLY I 27 57.22 -5.94 -24.58
C GLY I 27 58.48 -6.61 -25.13
N ASP I 28 58.57 -7.94 -24.93
CA ASP I 28 59.71 -8.72 -25.34
C ASP I 28 59.94 -8.53 -26.84
N LEU I 29 58.85 -8.52 -27.62
CA LEU I 29 58.89 -8.43 -29.08
C LEU I 29 58.79 -6.98 -29.58
N GLY I 30 58.95 -5.99 -28.67
CA GLY I 30 59.22 -4.61 -29.04
C GLY I 30 58.01 -3.66 -28.88
N ALA I 31 56.87 -4.17 -28.39
CA ALA I 31 55.77 -3.30 -28.04
C ALA I 31 56.16 -2.30 -26.93
N ASP I 32 55.53 -1.11 -27.01
CA ASP I 32 55.65 -0.08 -26.00
C ASP I 32 54.52 -0.28 -24.98
N VAL I 33 54.90 -0.85 -23.81
CA VAL I 33 53.93 -1.37 -22.86
C VAL I 33 53.90 -0.43 -21.66
N VAL I 34 52.73 0.13 -21.35
CA VAL I 34 52.63 1.01 -20.19
C VAL I 34 51.66 0.38 -19.22
N ARG I 35 52.17 0.12 -18.00
CA ARG I 35 51.44 -0.64 -17.00
C ARG I 35 50.97 0.30 -15.90
N ILE I 36 49.66 0.34 -15.70
CA ILE I 36 49.09 1.19 -14.66
C ILE I 36 48.89 0.31 -13.44
N ASP I 37 49.60 0.64 -12.36
CA ASP I 37 49.35 0.06 -11.06
C ASP I 37 48.69 1.07 -10.12
N ARG I 38 48.19 0.59 -8.97
CA ARG I 38 47.80 1.42 -7.82
C ARG I 38 49.03 1.96 -7.08
N PRO I 39 48.99 3.19 -6.50
CA PRO I 39 50.11 3.71 -5.71
C PRO I 39 50.46 2.86 -4.49
N SER I 40 49.42 2.28 -3.85
CA SER I 40 49.60 1.48 -2.64
C SER I 40 50.61 0.37 -2.88
N SER I 41 50.31 -0.54 -3.81
CA SER I 41 51.18 -1.65 -4.13
C SER I 41 52.15 -1.23 -5.23
N VAL I 42 53.13 -0.37 -4.88
CA VAL I 42 54.20 0.11 -5.76
C VAL I 42 55.17 0.92 -4.89
N ASP I 43 56.46 0.55 -4.94
CA ASP I 43 57.35 0.80 -3.82
C ASP I 43 58.81 0.60 -4.24
N GLY I 44 59.39 1.60 -4.93
CA GLY I 44 60.72 1.48 -5.51
C GLY I 44 60.71 0.58 -6.75
N ILE I 45 61.89 0.12 -7.19
CA ILE I 45 62.01 -0.69 -8.42
C ILE I 45 61.56 -2.13 -8.13
N SER I 46 60.90 -2.77 -9.10
CA SER I 46 60.25 -4.05 -8.85
C SER I 46 61.26 -5.19 -8.88
N ARG I 47 61.01 -6.19 -8.01
CA ARG I 47 61.80 -7.42 -7.93
C ARG I 47 61.44 -8.39 -9.06
N ASP I 48 60.25 -8.21 -9.65
CA ASP I 48 59.64 -9.26 -10.45
C ASP I 48 60.10 -9.14 -11.92
N ALA I 49 60.98 -10.07 -12.34
CA ALA I 49 61.51 -10.04 -13.70
C ALA I 49 60.40 -10.30 -14.73
N MET I 50 59.18 -10.70 -14.31
CA MET I 50 58.03 -10.72 -15.22
C MET I 50 57.64 -9.30 -15.67
N LEU I 51 58.11 -8.28 -14.95
CA LEU I 51 57.74 -6.89 -15.22
C LEU I 51 58.83 -6.22 -16.03
N ARG I 52 59.62 -7.00 -16.78
CA ARG I 52 60.61 -6.48 -17.72
C ARG I 52 59.89 -5.87 -18.94
N ASN I 53 60.58 -5.00 -19.70
CA ASN I 53 60.04 -4.40 -20.91
C ASN I 53 58.74 -3.62 -20.67
N ARG I 54 58.72 -2.86 -19.57
CA ARG I 54 57.56 -2.07 -19.20
C ARG I 54 58.01 -0.63 -18.93
N ARG I 55 57.06 0.33 -19.04
CA ARG I 55 57.11 1.51 -18.18
C ARG I 55 55.98 1.41 -17.16
N ILE I 56 56.32 1.71 -15.91
CA ILE I 56 55.37 1.56 -14.81
C ILE I 56 54.88 2.94 -14.43
N VAL I 57 53.56 3.10 -14.46
CA VAL I 57 52.92 4.29 -13.92
C VAL I 57 51.88 3.89 -12.89
N THR I 58 51.51 4.87 -12.06
CA THR I 58 50.66 4.66 -10.91
C THR I 58 49.46 5.60 -10.97
N ALA I 59 48.29 5.12 -10.55
CA ALA I 59 47.09 5.94 -10.61
C ALA I 59 45.97 5.30 -9.80
N ASP I 60 45.21 6.14 -9.11
CA ASP I 60 44.05 5.66 -8.40
C ASP I 60 42.86 5.79 -9.33
N LEU I 61 42.42 4.67 -9.89
CA LEU I 61 41.38 4.65 -10.90
C LEU I 61 40.01 4.96 -10.29
N LYS I 62 39.92 4.96 -8.96
CA LYS I 62 38.69 5.36 -8.29
C LYS I 62 38.58 6.88 -8.24
N SER I 63 39.72 7.60 -8.28
CA SER I 63 39.73 9.05 -8.34
C SER I 63 39.27 9.53 -9.73
N ASP I 64 38.77 10.77 -9.77
CA ASP I 64 38.35 11.42 -11.01
C ASP I 64 39.56 11.66 -11.90
N GLN I 65 40.64 12.16 -11.30
CA GLN I 65 41.84 12.47 -12.03
C GLN I 65 42.53 11.20 -12.54
N GLY I 66 42.51 10.16 -11.70
CA GLY I 66 43.07 8.87 -12.07
C GLY I 66 42.40 8.30 -13.31
N LEU I 67 41.06 8.25 -13.30
CA LEU I 67 40.26 7.73 -14.39
C LEU I 67 40.54 8.50 -15.68
N GLU I 68 40.65 9.83 -15.57
CA GLU I 68 40.77 10.64 -16.77
C GLU I 68 42.17 10.47 -17.37
N LEU I 69 43.23 10.42 -16.54
CA LEU I 69 44.58 10.22 -17.04
C LEU I 69 44.68 8.86 -17.75
N ALA I 70 44.01 7.84 -17.18
CA ALA I 70 43.99 6.52 -17.77
C ALA I 70 43.30 6.56 -19.14
N LEU I 71 42.15 7.25 -19.23
CA LEU I 71 41.40 7.32 -20.47
C LEU I 71 42.19 8.06 -21.56
N LYS I 72 43.09 8.96 -21.15
CA LYS I 72 43.99 9.65 -22.06
C LYS I 72 45.03 8.68 -22.63
N LEU I 73 45.65 7.87 -21.77
CA LEU I 73 46.56 6.83 -22.25
C LEU I 73 45.84 5.95 -23.26
N ILE I 74 44.67 5.48 -22.88
CA ILE I 74 43.97 4.46 -23.65
C ILE I 74 43.62 5.00 -25.02
N ALA I 75 43.36 6.32 -25.08
CA ALA I 75 42.92 6.94 -26.32
C ALA I 75 44.05 6.89 -27.36
N LYS I 76 45.32 6.93 -26.89
CA LYS I 76 46.51 6.95 -27.73
C LYS I 76 47.14 5.57 -27.93
N ALA I 77 46.44 4.48 -27.60
CA ALA I 77 47.02 3.14 -27.52
C ALA I 77 46.34 2.23 -28.52
N ASP I 78 46.96 1.08 -28.79
CA ASP I 78 46.41 0.07 -29.68
C ASP I 78 45.67 -1.00 -28.90
N VAL I 79 46.20 -1.31 -27.71
CA VAL I 79 45.76 -2.47 -26.96
C VAL I 79 45.59 -2.09 -25.49
N LEU I 80 44.46 -2.54 -24.96
CA LEU I 80 44.25 -2.55 -23.52
C LEU I 80 44.12 -3.99 -23.01
N ILE I 81 44.87 -4.26 -21.94
CA ILE I 81 44.86 -5.53 -21.21
C ILE I 81 44.32 -5.32 -19.79
N GLU I 82 43.26 -6.06 -19.45
CA GLU I 82 42.82 -6.14 -18.05
C GLU I 82 42.52 -7.59 -17.66
N GLY I 83 42.79 -7.90 -16.38
CA GLY I 83 42.54 -9.22 -15.81
C GLY I 83 41.84 -9.20 -14.44
N TYR I 84 40.89 -8.29 -14.26
CA TYR I 84 40.07 -8.25 -13.07
C TYR I 84 38.87 -9.12 -13.32
N ARG I 85 38.07 -9.28 -12.27
CA ARG I 85 36.81 -9.98 -12.42
C ARG I 85 35.93 -9.21 -13.42
N PRO I 86 35.02 -9.90 -14.11
CA PRO I 86 34.04 -9.23 -14.93
C PRO I 86 33.24 -8.24 -14.11
N GLY I 87 33.05 -7.06 -14.71
CA GLY I 87 32.29 -5.98 -14.12
C GLY I 87 33.20 -4.93 -13.51
N VAL I 88 34.48 -5.25 -13.28
CA VAL I 88 35.31 -4.31 -12.56
C VAL I 88 35.64 -3.08 -13.39
N THR I 89 36.11 -3.27 -14.63
CA THR I 89 36.43 -2.10 -15.45
C THR I 89 35.13 -1.33 -15.69
N GLU I 90 34.02 -2.02 -15.93
CA GLU I 90 32.75 -1.35 -16.14
C GLU I 90 32.54 -0.32 -15.01
N ARG I 91 32.56 -0.78 -13.74
CA ARG I 91 32.28 0.07 -12.60
C ARG I 91 33.36 1.11 -12.42
N LEU I 92 34.59 0.88 -12.88
CA LEU I 92 35.61 1.92 -12.78
C LEU I 92 35.46 3.01 -13.83
N GLY I 93 34.54 2.83 -14.80
CA GLY I 93 34.47 3.73 -15.94
C GLY I 93 35.50 3.43 -17.04
N LEU I 94 36.16 2.25 -17.02
CA LEU I 94 37.14 1.86 -18.02
C LEU I 94 36.61 0.67 -18.82
N GLY I 95 35.30 0.47 -18.83
CA GLY I 95 34.75 -0.67 -19.52
C GLY I 95 35.02 -0.55 -21.02
N PRO I 96 34.74 -1.60 -21.82
CA PRO I 96 34.97 -1.51 -23.26
C PRO I 96 34.13 -0.39 -23.90
N GLU I 97 32.86 -0.23 -23.50
CA GLU I 97 31.99 0.80 -24.06
C GLU I 97 32.56 2.22 -23.86
N GLU I 98 33.02 2.49 -22.65
CA GLU I 98 33.63 3.77 -22.34
C GLU I 98 34.91 3.97 -23.14
N CYS I 99 35.70 2.90 -23.30
CA CYS I 99 36.96 2.97 -24.02
C CYS I 99 36.65 3.16 -25.50
N ALA I 100 35.61 2.49 -26.01
CA ALA I 100 35.21 2.56 -27.41
C ALA I 100 34.81 3.98 -27.78
N LYS I 101 34.38 4.77 -26.77
CA LYS I 101 34.02 6.15 -26.97
C LYS I 101 35.26 7.04 -27.17
N VAL I 102 36.42 6.71 -26.61
CA VAL I 102 37.59 7.57 -26.80
C VAL I 102 38.56 7.01 -27.85
N ASN I 103 38.29 5.82 -28.42
CA ASN I 103 39.26 5.11 -29.25
C ASN I 103 38.61 3.85 -29.83
N ASP I 104 37.95 3.99 -30.99
CA ASP I 104 37.27 2.86 -31.61
C ASP I 104 38.26 1.96 -32.37
N ARG I 105 39.56 2.26 -32.30
CA ARG I 105 40.58 1.40 -32.90
C ARG I 105 41.12 0.41 -31.86
N LEU I 106 40.69 0.54 -30.60
CA LEU I 106 41.30 -0.16 -29.48
C LEU I 106 41.02 -1.66 -29.53
N ILE I 107 42.06 -2.46 -29.23
CA ILE I 107 41.83 -3.87 -28.93
C ILE I 107 41.66 -4.01 -27.42
N TYR I 108 40.49 -4.49 -27.00
CA TYR I 108 40.19 -4.51 -25.56
C TYR I 108 40.32 -5.96 -25.11
N ALA I 109 41.43 -6.26 -24.43
CA ALA I 109 41.78 -7.67 -24.14
C ALA I 109 41.45 -8.02 -22.68
N ARG I 110 40.48 -8.91 -22.51
CA ARG I 110 39.95 -9.27 -21.20
C ARG I 110 40.42 -10.69 -20.80
N MET I 111 41.25 -10.75 -19.77
CA MET I 111 41.91 -11.95 -19.34
C MET I 111 41.25 -12.46 -18.07
N THR I 112 40.42 -13.51 -18.18
CA THR I 112 39.88 -14.15 -16.99
C THR I 112 40.19 -15.64 -17.00
N GLY I 113 39.78 -16.34 -15.93
CA GLY I 113 39.80 -17.79 -15.89
C GLY I 113 38.47 -18.42 -16.26
N TRP I 114 37.37 -17.85 -15.75
CA TRP I 114 36.06 -18.42 -15.94
C TRP I 114 35.31 -17.80 -17.14
N GLY I 115 35.77 -16.66 -17.63
CA GLY I 115 35.00 -15.96 -18.66
C GLY I 115 34.20 -14.77 -18.10
N GLN I 116 33.44 -14.11 -19.00
CA GLN I 116 32.67 -12.92 -18.70
C GLN I 116 31.28 -13.22 -18.14
N THR I 117 30.78 -14.44 -18.33
CA THR I 117 29.44 -14.79 -17.88
C THR I 117 29.49 -16.19 -17.30
N GLY I 118 28.38 -16.60 -16.70
CA GLY I 118 28.18 -17.98 -16.28
C GLY I 118 28.26 -18.08 -14.76
N PRO I 119 27.87 -19.24 -14.18
CA PRO I 119 27.69 -19.36 -12.74
C PRO I 119 28.93 -19.13 -11.91
N ARG I 120 30.11 -19.45 -12.46
CA ARG I 120 31.35 -19.27 -11.72
C ARG I 120 32.07 -17.98 -12.04
N SER I 121 31.50 -17.11 -12.88
CA SER I 121 32.21 -15.96 -13.43
C SER I 121 32.70 -14.99 -12.39
N GLN I 122 32.08 -14.98 -11.20
CA GLN I 122 32.50 -14.09 -10.13
C GLN I 122 33.35 -14.79 -9.05
N GLN I 123 33.61 -16.09 -9.19
CA GLN I 123 34.45 -16.76 -8.21
C GLN I 123 35.93 -16.44 -8.41
N ALA I 124 36.62 -16.13 -7.31
CA ALA I 124 38.08 -16.12 -7.28
C ALA I 124 38.61 -17.49 -7.67
N GLY I 125 39.84 -17.49 -8.17
CA GLY I 125 40.40 -18.71 -8.70
C GLY I 125 41.87 -18.54 -9.06
N HIS I 126 42.53 -19.70 -9.20
CA HIS I 126 43.87 -19.78 -9.72
C HIS I 126 43.93 -20.91 -10.74
N ASP I 127 45.11 -21.02 -11.37
CA ASP I 127 45.35 -21.97 -12.45
C ASP I 127 44.68 -23.29 -12.12
N ILE I 128 45.02 -23.84 -10.95
CA ILE I 128 44.58 -25.18 -10.59
C ILE I 128 43.06 -25.31 -10.63
N ASN I 129 42.34 -24.21 -10.31
CA ASN I 129 40.88 -24.24 -10.35
C ASN I 129 40.37 -24.33 -11.79
N TYR I 130 40.95 -23.51 -12.69
CA TYR I 130 40.42 -23.42 -14.06
C TYR I 130 40.64 -24.72 -14.79
N ILE I 131 41.80 -25.35 -14.54
CA ILE I 131 42.06 -26.63 -15.18
C ILE I 131 41.37 -27.80 -14.49
N SER I 132 40.80 -27.61 -13.28
CA SER I 132 40.17 -28.76 -12.65
C SER I 132 38.81 -29.03 -13.28
N LEU I 133 38.22 -27.98 -13.86
CA LEU I 133 36.85 -28.04 -14.34
C LEU I 133 36.73 -28.65 -15.74
N ASN I 134 37.80 -28.68 -16.54
CA ASN I 134 37.64 -29.04 -17.94
C ASN I 134 38.38 -30.35 -18.27
N GLY I 135 38.80 -31.09 -17.23
CA GLY I 135 39.30 -32.44 -17.38
C GLY I 135 40.83 -32.54 -17.39
N ILE I 136 41.49 -31.40 -17.49
CA ILE I 136 42.94 -31.37 -17.62
C ILE I 136 43.61 -31.86 -16.34
N LEU I 137 43.30 -31.27 -15.18
CA LEU I 137 44.03 -31.61 -13.98
C LEU I 137 43.89 -33.11 -13.69
N HIS I 138 42.69 -33.66 -13.93
CA HIS I 138 42.38 -35.03 -13.59
C HIS I 138 43.32 -35.97 -14.34
N ALA I 139 43.76 -35.52 -15.51
CA ALA I 139 44.52 -36.35 -16.42
C ALA I 139 46.03 -36.32 -16.14
N ILE I 140 46.48 -35.53 -15.16
CA ILE I 140 47.89 -35.35 -14.90
C ILE I 140 48.30 -36.01 -13.59
N GLY I 141 49.33 -36.87 -13.68
CA GLY I 141 49.94 -37.51 -12.51
C GLY I 141 49.95 -39.04 -12.62
N ARG I 142 50.45 -39.70 -11.57
CA ARG I 142 50.47 -41.15 -11.56
C ARG I 142 49.08 -41.69 -11.26
N GLY I 143 48.79 -42.89 -11.78
CA GLY I 143 47.47 -43.50 -11.71
C GLY I 143 47.09 -43.94 -10.30
N ASP I 144 48.09 -44.22 -9.48
CA ASP I 144 47.88 -44.67 -8.11
C ASP I 144 47.83 -43.50 -7.12
N GLU I 145 47.74 -42.25 -7.59
CA GLU I 145 47.85 -41.08 -6.73
C GLU I 145 46.88 -39.99 -7.17
N ARG I 146 46.77 -38.97 -6.32
CA ARG I 146 45.89 -37.86 -6.63
C ARG I 146 46.50 -36.98 -7.71
N PRO I 147 45.68 -36.27 -8.49
CA PRO I 147 46.18 -35.47 -9.61
C PRO I 147 47.24 -34.49 -9.12
N VAL I 148 48.28 -34.24 -9.92
CA VAL I 148 49.30 -33.27 -9.54
C VAL I 148 49.24 -32.06 -10.48
N PRO I 149 49.34 -30.86 -9.91
CA PRO I 149 49.36 -29.65 -10.71
C PRO I 149 50.63 -29.50 -11.52
N PRO I 150 50.51 -29.30 -12.85
CA PRO I 150 51.66 -29.03 -13.69
C PRO I 150 52.11 -27.59 -13.55
N LEU I 151 52.55 -27.27 -12.33
CA LEU I 151 52.73 -25.90 -11.90
C LEU I 151 51.49 -25.12 -12.32
N ASN I 152 51.70 -23.85 -12.68
CA ASN I 152 50.62 -23.04 -13.24
C ASN I 152 50.85 -22.83 -14.73
N LEU I 153 51.32 -23.86 -15.44
CA LEU I 153 51.80 -23.67 -16.80
C LEU I 153 50.69 -23.78 -17.81
N VAL I 154 49.62 -24.53 -17.50
CA VAL I 154 48.66 -24.91 -18.51
C VAL I 154 47.49 -23.93 -18.51
N GLY I 155 47.12 -23.44 -17.31
CA GLY I 155 45.98 -22.55 -17.16
C GLY I 155 46.36 -21.09 -17.32
N ASP I 156 47.33 -20.61 -16.52
CA ASP I 156 47.83 -19.25 -16.59
C ASP I 156 48.48 -18.93 -17.93
N PHE I 157 49.41 -19.76 -18.40
CA PHE I 157 50.26 -19.36 -19.51
C PHE I 157 49.81 -20.04 -20.80
N GLY I 158 49.99 -21.37 -20.89
CA GLY I 158 49.63 -22.08 -22.10
C GLY I 158 48.22 -21.79 -22.60
N GLY I 159 47.26 -21.81 -21.68
CA GLY I 159 45.85 -21.69 -22.00
C GLY I 159 45.27 -20.35 -21.57
N GLY I 160 46.14 -19.43 -21.16
CA GLY I 160 45.77 -18.13 -20.61
C GLY I 160 46.42 -17.00 -21.41
N SER I 161 47.59 -16.53 -20.94
CA SER I 161 48.29 -15.46 -21.61
C SER I 161 48.44 -15.74 -23.10
N MET I 162 48.80 -16.98 -23.46
CA MET I 162 49.18 -17.21 -24.85
C MET I 162 47.98 -17.01 -25.75
N PHE I 163 46.79 -17.44 -25.33
CA PHE I 163 45.57 -17.19 -26.09
C PHE I 163 45.17 -15.71 -26.09
N LEU I 164 45.42 -15.01 -25.00
CA LEU I 164 45.21 -13.56 -24.95
C LEU I 164 46.05 -12.93 -26.05
N LEU I 165 47.31 -13.40 -26.15
CA LEU I 165 48.25 -12.86 -27.11
C LEU I 165 47.77 -13.15 -28.53
N VAL I 166 47.36 -14.38 -28.77
CA VAL I 166 46.85 -14.73 -30.08
C VAL I 166 45.64 -13.88 -30.42
N GLY I 167 44.77 -13.57 -29.43
CA GLY I 167 43.55 -12.82 -29.73
C GLY I 167 43.88 -11.38 -30.08
N ILE I 168 44.77 -10.80 -29.30
CA ILE I 168 45.23 -9.44 -29.50
C ILE I 168 45.81 -9.31 -30.91
N LEU I 169 46.71 -10.25 -31.29
CA LEU I 169 47.45 -10.10 -32.53
C LEU I 169 46.53 -10.43 -33.71
N ALA I 170 45.62 -11.37 -33.52
CA ALA I 170 44.62 -11.65 -34.53
C ALA I 170 43.72 -10.45 -34.76
N ALA I 171 43.30 -9.79 -33.67
CA ALA I 171 42.39 -8.66 -33.76
C ALA I 171 43.09 -7.47 -34.42
N LEU I 172 44.41 -7.34 -34.22
CA LEU I 172 45.20 -6.33 -34.89
C LEU I 172 45.27 -6.56 -36.40
N TRP I 173 45.36 -7.83 -36.82
CA TRP I 173 45.27 -8.21 -38.23
C TRP I 173 43.94 -7.76 -38.84
N GLU I 174 42.84 -8.07 -38.15
CA GLU I 174 41.51 -7.78 -38.63
C GLU I 174 41.31 -6.27 -38.72
N ARG I 175 41.94 -5.52 -37.79
CA ARG I 175 41.83 -4.06 -37.75
C ARG I 175 42.41 -3.44 -39.02
N GLN I 176 43.32 -4.15 -39.70
CA GLN I 176 43.97 -3.60 -40.88
C GLN I 176 42.90 -3.48 -41.97
N SER I 177 41.95 -4.42 -42.06
CA SER I 177 40.82 -4.37 -42.99
C SER I 177 39.68 -3.45 -42.53
N SER I 178 39.26 -3.55 -41.26
CA SER I 178 38.00 -3.02 -40.80
C SER I 178 38.17 -1.57 -40.36
N GLY I 179 39.40 -1.19 -39.98
CA GLY I 179 39.73 0.08 -39.36
C GLY I 179 39.26 0.16 -37.89
N LYS I 180 38.87 -0.99 -37.31
CA LYS I 180 38.15 -1.01 -36.04
C LYS I 180 38.69 -2.05 -35.07
N GLY I 181 38.77 -1.64 -33.79
CA GLY I 181 39.09 -2.52 -32.67
C GLY I 181 37.94 -3.47 -32.36
N GLN I 182 38.12 -4.26 -31.29
CA GLN I 182 37.01 -5.05 -30.75
C GLN I 182 37.41 -5.57 -29.36
N VAL I 183 36.58 -6.45 -28.81
CA VAL I 183 36.86 -7.03 -27.51
C VAL I 183 37.34 -8.46 -27.68
N VAL I 184 38.45 -8.80 -26.99
CA VAL I 184 38.97 -10.16 -26.91
C VAL I 184 38.70 -10.74 -25.52
N ASP I 185 37.92 -11.82 -25.46
CA ASP I 185 37.54 -12.51 -24.23
C ASP I 185 38.35 -13.80 -24.13
N ALA I 186 39.48 -13.71 -23.42
CA ALA I 186 40.33 -14.86 -23.16
C ALA I 186 40.08 -15.44 -21.75
N ALA I 187 39.43 -16.60 -21.76
CA ALA I 187 39.16 -17.35 -20.54
C ALA I 187 40.09 -18.57 -20.47
N MET I 188 40.79 -18.77 -19.33
CA MET I 188 41.72 -19.88 -19.13
C MET I 188 41.00 -21.21 -19.30
N VAL I 189 39.73 -21.26 -18.90
CA VAL I 189 39.02 -22.52 -19.01
C VAL I 189 38.82 -22.85 -20.50
N ASP I 190 38.79 -21.84 -21.40
CA ASP I 190 38.58 -22.11 -22.81
C ASP I 190 39.91 -22.40 -23.51
N GLY I 191 40.87 -21.50 -23.29
CA GLY I 191 42.18 -21.56 -23.88
C GLY I 191 42.84 -22.90 -23.53
N SER I 192 42.78 -23.27 -22.25
CA SER I 192 43.37 -24.51 -21.81
C SER I 192 42.68 -25.68 -22.48
N SER I 193 41.37 -25.58 -22.80
CA SER I 193 40.72 -26.69 -23.48
C SER I 193 41.20 -26.87 -24.93
N VAL I 194 41.48 -25.77 -25.63
CA VAL I 194 41.98 -25.83 -26.99
C VAL I 194 43.42 -26.35 -26.96
N LEU I 195 44.17 -25.96 -25.92
CA LEU I 195 45.52 -26.43 -25.76
C LEU I 195 45.54 -27.97 -25.69
N ILE I 196 44.49 -28.56 -25.13
CA ILE I 196 44.42 -30.02 -24.99
C ILE I 196 43.48 -30.62 -26.01
N GLN I 197 43.28 -29.93 -27.15
CA GLN I 197 42.36 -30.43 -28.16
C GLN I 197 42.73 -31.84 -28.63
N MET I 198 44.02 -32.17 -28.68
CA MET I 198 44.46 -33.49 -29.16
C MET I 198 43.81 -34.59 -28.33
N MET I 199 43.83 -34.45 -27.00
CA MET I 199 43.21 -35.44 -26.12
C MET I 199 41.71 -35.58 -26.39
N TRP I 200 40.98 -34.48 -26.56
CA TRP I 200 39.56 -34.54 -26.87
C TRP I 200 39.35 -35.31 -28.18
N ALA I 201 40.33 -35.19 -29.10
CA ALA I 201 40.20 -35.86 -30.39
C ALA I 201 40.47 -37.36 -30.24
N MET I 202 41.58 -37.67 -29.55
CA MET I 202 41.95 -39.06 -29.31
C MET I 202 40.86 -39.78 -28.51
N ARG I 203 40.22 -39.09 -27.56
CA ARG I 203 39.13 -39.71 -26.80
C ARG I 203 38.01 -40.17 -27.73
N ALA I 204 37.67 -39.34 -28.73
CA ALA I 204 36.58 -39.67 -29.63
C ALA I 204 36.87 -40.96 -30.43
N THR I 205 38.14 -41.24 -30.72
CA THR I 205 38.53 -42.34 -31.57
C THR I 205 39.06 -43.53 -30.74
N GLY I 206 38.76 -43.56 -29.44
CA GLY I 206 39.15 -44.66 -28.57
C GLY I 206 40.63 -44.64 -28.16
N MET I 207 41.33 -43.55 -28.42
CA MET I 207 42.78 -43.54 -28.38
C MET I 207 43.28 -42.86 -27.10
N TRP I 208 42.34 -42.47 -26.24
CA TRP I 208 42.67 -41.89 -24.96
C TRP I 208 41.57 -42.25 -23.96
N THR I 209 41.93 -42.66 -22.74
CA THR I 209 40.91 -42.90 -21.72
C THR I 209 41.07 -41.93 -20.56
N ASP I 210 39.97 -41.83 -19.81
CA ASP I 210 39.87 -41.01 -18.62
C ASP I 210 40.69 -41.56 -17.45
N THR I 211 41.24 -42.78 -17.58
CA THR I 211 42.09 -43.35 -16.56
C THR I 211 43.45 -42.66 -16.51
N ARG I 212 43.74 -42.09 -15.34
CA ARG I 212 44.96 -41.34 -15.19
C ARG I 212 46.11 -42.33 -15.21
N GLY I 213 47.22 -41.94 -15.85
CA GLY I 213 48.41 -42.76 -15.91
C GLY I 213 48.28 -44.01 -16.79
N ALA I 214 47.37 -44.07 -17.76
CA ALA I 214 47.19 -45.27 -18.56
C ALA I 214 47.13 -44.93 -20.05
N ASN I 215 47.85 -43.90 -20.51
CA ASN I 215 47.74 -43.43 -21.88
C ASN I 215 49.15 -43.24 -22.43
N MET I 216 49.23 -42.96 -23.74
CA MET I 216 50.52 -42.95 -24.40
C MET I 216 51.39 -41.79 -23.92
N LEU I 217 50.77 -40.68 -23.51
CA LEU I 217 51.53 -39.46 -23.26
C LEU I 217 51.42 -38.96 -21.81
N ASP I 218 50.89 -39.77 -20.90
CA ASP I 218 50.67 -39.30 -19.55
C ASP I 218 51.61 -40.00 -18.58
N GLY I 219 52.52 -40.83 -19.09
CA GLY I 219 53.45 -41.57 -18.25
C GLY I 219 53.06 -43.05 -18.20
N GLY I 220 51.89 -43.41 -18.72
CA GLY I 220 51.48 -44.80 -18.75
C GLY I 220 52.28 -45.66 -19.72
N ALA I 221 52.84 -45.07 -20.81
CA ALA I 221 53.60 -45.83 -21.79
C ALA I 221 55.05 -45.92 -21.36
N PRO I 222 55.68 -47.13 -21.32
CA PRO I 222 57.06 -47.25 -20.87
C PRO I 222 58.08 -46.54 -21.74
N TYR I 223 57.72 -46.24 -22.99
CA TYR I 223 58.63 -45.51 -23.87
C TYR I 223 58.38 -44.01 -23.85
N TYR I 224 57.46 -43.54 -22.97
CA TYR I 224 57.16 -42.11 -22.83
C TYR I 224 56.98 -41.77 -21.34
N ASP I 225 58.12 -41.55 -20.66
CA ASP I 225 58.16 -41.43 -19.22
C ASP I 225 59.57 -41.07 -18.79
N THR I 226 59.71 -40.70 -17.49
CA THR I 226 60.99 -40.53 -16.87
C THR I 226 61.44 -41.86 -16.25
N TYR I 227 62.76 -41.99 -16.01
CA TYR I 227 63.33 -43.18 -15.40
C TYR I 227 64.44 -42.72 -14.48
N GLU I 228 64.47 -43.36 -13.29
CA GLU I 228 65.54 -43.12 -12.35
C GLU I 228 66.80 -43.90 -12.78
N CYS I 229 67.94 -43.24 -12.63
CA CYS I 229 69.26 -43.75 -12.96
C CYS I 229 70.02 -44.16 -11.70
N ALA I 230 71.26 -44.61 -11.85
CA ALA I 230 72.00 -45.23 -10.76
C ALA I 230 72.32 -44.19 -9.69
N ASP I 231 72.41 -42.92 -10.08
CA ASP I 231 72.79 -41.84 -9.18
C ASP I 231 71.55 -41.17 -8.55
N GLY I 232 70.35 -41.69 -8.76
CA GLY I 232 69.14 -41.06 -8.24
C GLY I 232 68.65 -39.90 -9.11
N ARG I 233 69.34 -39.56 -10.22
CA ARG I 233 68.86 -38.55 -11.15
C ARG I 233 68.05 -39.20 -12.26
N TYR I 234 67.51 -38.40 -13.19
CA TYR I 234 66.50 -38.93 -14.10
C TYR I 234 66.83 -38.61 -15.55
N VAL I 235 66.39 -39.52 -16.41
CA VAL I 235 66.37 -39.29 -17.85
C VAL I 235 64.90 -39.30 -18.27
N ALA I 236 64.62 -38.64 -19.39
CA ALA I 236 63.34 -38.72 -20.06
C ALA I 236 63.47 -39.52 -21.36
N VAL I 237 62.50 -40.38 -21.59
CA VAL I 237 62.39 -41.24 -22.74
C VAL I 237 61.13 -40.83 -23.44
N GLY I 238 61.26 -40.54 -24.75
CA GLY I 238 60.13 -40.09 -25.56
C GLY I 238 60.10 -40.82 -26.90
N ALA I 239 60.41 -42.12 -26.90
CA ALA I 239 60.69 -42.81 -28.14
C ALA I 239 59.39 -43.41 -28.69
N ILE I 240 58.49 -42.56 -29.17
CA ILE I 240 57.22 -43.05 -29.69
C ILE I 240 57.40 -43.86 -30.97
N GLU I 241 58.20 -43.36 -31.92
CA GLU I 241 58.34 -43.98 -33.22
C GLU I 241 59.19 -45.26 -33.06
N PRO I 242 58.79 -46.35 -33.73
CA PRO I 242 59.50 -47.61 -33.65
C PRO I 242 60.99 -47.55 -33.91
N GLN I 243 61.43 -46.79 -34.92
CA GLN I 243 62.85 -46.70 -35.24
C GLN I 243 63.62 -46.10 -34.06
N PHE I 244 63.02 -45.09 -33.43
CA PHE I 244 63.68 -44.38 -32.36
C PHE I 244 63.70 -45.31 -31.14
N TYR I 245 62.57 -45.96 -30.89
CA TYR I 245 62.45 -46.95 -29.82
C TYR I 245 63.54 -48.02 -29.95
N ALA I 246 63.75 -48.51 -31.18
CA ALA I 246 64.72 -49.58 -31.43
C ALA I 246 66.12 -49.07 -31.11
N ALA I 247 66.38 -47.80 -31.43
CA ALA I 247 67.68 -47.22 -31.16
C ALA I 247 67.93 -47.15 -29.66
N MET I 248 66.85 -46.84 -28.96
CA MET I 248 66.97 -46.70 -27.52
C MET I 248 67.33 -48.05 -26.92
N LEU I 249 66.63 -49.10 -27.36
CA LEU I 249 66.86 -50.44 -26.84
C LEU I 249 68.32 -50.86 -27.00
N ALA I 250 68.85 -50.75 -28.21
CA ALA I 250 70.25 -51.11 -28.47
C ALA I 250 71.18 -50.32 -27.56
N GLY I 251 70.89 -49.02 -27.33
CA GLY I 251 71.74 -48.23 -26.44
C GLY I 251 71.68 -48.70 -24.99
N LEU I 252 70.56 -49.31 -24.60
CA LEU I 252 70.39 -49.82 -23.25
C LEU I 252 71.06 -51.19 -23.10
N GLY I 253 71.39 -51.84 -24.21
CA GLY I 253 71.98 -53.15 -24.15
C GLY I 253 70.89 -54.20 -24.15
N LEU I 254 69.64 -53.83 -24.48
CA LEU I 254 68.54 -54.76 -24.41
C LEU I 254 68.30 -55.31 -25.82
N ASP I 255 68.07 -56.61 -25.86
CA ASP I 255 67.92 -57.29 -27.11
C ASP I 255 66.41 -57.39 -27.32
N ALA I 256 65.95 -56.70 -28.37
CA ALA I 256 64.54 -56.61 -28.73
C ALA I 256 63.85 -57.97 -28.71
N ALA I 257 64.57 -59.07 -29.01
CA ALA I 257 63.92 -60.36 -29.11
C ALA I 257 63.46 -60.86 -27.75
N GLU I 258 64.04 -60.33 -26.67
CA GLU I 258 63.68 -60.76 -25.32
C GLU I 258 62.58 -59.89 -24.69
N LEU I 259 62.20 -58.76 -25.31
CA LEU I 259 61.24 -57.86 -24.70
C LEU I 259 59.90 -58.12 -25.35
N PRO I 260 58.77 -57.76 -24.70
CA PRO I 260 57.50 -57.73 -25.38
C PRO I 260 57.43 -56.63 -26.42
N PRO I 261 56.42 -56.65 -27.33
CA PRO I 261 56.25 -55.59 -28.30
C PRO I 261 56.00 -54.23 -27.64
N GLN I 262 56.52 -53.19 -28.29
CA GLN I 262 56.53 -51.83 -27.78
C GLN I 262 55.12 -51.38 -27.46
N ASN I 263 54.15 -51.75 -28.29
CA ASN I 263 52.78 -51.31 -28.10
C ASN I 263 51.85 -52.45 -27.70
N ASP I 264 52.37 -53.50 -27.09
CA ASP I 264 51.50 -54.49 -26.46
C ASP I 264 51.18 -54.05 -25.03
N ARG I 265 50.10 -53.28 -24.85
CA ARG I 265 49.76 -52.66 -23.58
C ARG I 265 49.61 -53.72 -22.50
N ALA I 266 49.05 -54.89 -22.83
CA ALA I 266 48.87 -55.93 -21.82
C ALA I 266 50.18 -56.30 -21.15
N ARG I 267 51.32 -56.04 -21.79
CA ARG I 267 52.62 -56.44 -21.28
C ARG I 267 53.48 -55.22 -20.96
N TRP I 268 52.85 -54.04 -20.92
CA TRP I 268 53.58 -52.85 -20.51
C TRP I 268 54.21 -53.02 -19.11
N PRO I 269 53.58 -53.69 -18.13
CA PRO I 269 54.22 -53.91 -16.82
C PRO I 269 55.58 -54.59 -16.91
N GLU I 270 55.66 -55.71 -17.67
CA GLU I 270 56.92 -56.41 -17.90
C GLU I 270 57.94 -55.48 -18.59
N LEU I 271 57.50 -54.83 -19.67
CA LEU I 271 58.39 -53.97 -20.44
C LEU I 271 58.95 -52.86 -19.56
N ARG I 272 58.06 -52.28 -18.74
CA ARG I 272 58.44 -51.21 -17.83
C ARG I 272 59.50 -51.74 -16.87
N ALA I 273 59.30 -52.97 -16.40
CA ALA I 273 60.25 -53.52 -15.43
C ALA I 273 61.62 -53.69 -16.08
N LEU I 274 61.66 -54.07 -17.37
CA LEU I 274 62.93 -54.27 -18.06
C LEU I 274 63.69 -52.97 -18.29
N LEU I 275 62.97 -51.94 -18.78
CA LEU I 275 63.54 -50.62 -19.00
C LEU I 275 63.99 -50.01 -17.68
N THR I 276 63.20 -50.20 -16.60
CA THR I 276 63.54 -49.66 -15.29
C THR I 276 64.91 -50.15 -14.85
N GLU I 277 65.08 -51.48 -14.90
CA GLU I 277 66.32 -52.09 -14.50
C GLU I 277 67.49 -51.64 -15.39
N ALA I 278 67.26 -51.54 -16.71
CA ALA I 278 68.31 -51.06 -17.60
C ALA I 278 68.74 -49.64 -17.28
N PHE I 279 67.81 -48.67 -17.21
CA PHE I 279 68.22 -47.31 -16.90
C PHE I 279 68.82 -47.17 -15.50
N ALA I 280 68.42 -48.02 -14.54
CA ALA I 280 68.97 -47.93 -13.18
C ALA I 280 70.44 -48.37 -13.12
N SER I 281 70.94 -49.06 -14.14
CA SER I 281 72.29 -49.64 -14.03
C SER I 281 73.39 -48.61 -14.28
N HIS I 282 73.06 -47.42 -14.81
CA HIS I 282 74.08 -46.40 -14.98
C HIS I 282 73.49 -45.05 -14.62
N ASP I 283 74.39 -44.07 -14.49
CA ASP I 283 74.02 -42.75 -14.00
C ASP I 283 73.48 -41.92 -15.18
N ARG I 284 72.94 -40.73 -14.86
CA ARG I 284 72.24 -39.92 -15.83
C ARG I 284 73.20 -39.39 -16.88
N ASP I 285 74.34 -38.85 -16.44
CA ASP I 285 75.34 -38.31 -17.35
C ASP I 285 75.85 -39.40 -18.32
N HIS I 286 75.94 -40.65 -17.86
CA HIS I 286 76.29 -41.75 -18.74
C HIS I 286 75.32 -41.89 -19.89
N TRP I 287 74.01 -41.85 -19.63
CA TRP I 287 73.02 -42.05 -20.67
C TRP I 287 73.02 -40.84 -21.58
N GLY I 288 73.34 -39.68 -21.02
CA GLY I 288 73.46 -38.47 -21.80
C GLY I 288 74.54 -38.60 -22.88
N ALA I 289 75.70 -39.20 -22.54
CA ALA I 289 76.80 -39.42 -23.49
C ALA I 289 76.43 -40.49 -24.51
N VAL I 290 76.08 -41.67 -24.02
CA VAL I 290 75.62 -42.73 -24.88
C VAL I 290 74.64 -42.23 -25.94
N PHE I 291 73.71 -41.33 -25.57
CA PHE I 291 72.62 -41.03 -26.48
C PHE I 291 72.80 -39.68 -27.19
N ALA I 292 73.93 -39.02 -26.95
CA ALA I 292 74.29 -37.85 -27.72
C ALA I 292 74.29 -38.19 -29.21
N ASN I 293 73.64 -37.32 -29.99
CA ASN I 293 73.49 -37.43 -31.44
C ASN I 293 72.62 -38.60 -31.86
N SER I 294 71.88 -39.23 -30.94
CA SER I 294 70.97 -40.29 -31.37
C SER I 294 69.55 -39.78 -31.59
N ASP I 295 68.79 -40.63 -32.27
CA ASP I 295 67.37 -40.47 -32.41
C ASP I 295 66.62 -41.31 -31.37
N ALA I 296 67.32 -41.77 -30.34
CA ALA I 296 66.71 -42.60 -29.31
C ALA I 296 65.67 -41.84 -28.46
N CYS I 297 65.72 -40.50 -28.46
CA CYS I 297 64.75 -39.69 -27.73
C CYS I 297 64.95 -39.93 -26.22
N VAL I 298 66.21 -39.92 -25.80
CA VAL I 298 66.54 -40.00 -24.40
C VAL I 298 67.32 -38.77 -24.06
N THR I 299 66.92 -38.06 -22.98
CA THR I 299 67.59 -36.84 -22.58
C THR I 299 67.68 -36.79 -21.07
N PRO I 300 68.70 -36.14 -20.52
CA PRO I 300 68.79 -35.94 -19.10
C PRO I 300 67.75 -34.95 -18.63
N VAL I 301 67.22 -35.21 -17.44
CA VAL I 301 66.27 -34.32 -16.82
C VAL I 301 67.09 -33.39 -15.93
N LEU I 302 67.27 -32.17 -16.42
CA LEU I 302 68.10 -31.19 -15.74
C LEU I 302 67.20 -30.38 -14.83
N ALA I 303 67.73 -30.06 -13.65
CA ALA I 303 67.10 -29.12 -12.75
C ALA I 303 67.48 -27.70 -13.14
N PHE I 304 66.65 -26.70 -12.79
CA PHE I 304 66.86 -25.30 -13.18
C PHE I 304 68.32 -24.88 -13.01
N GLY I 305 68.94 -25.22 -11.89
CA GLY I 305 70.29 -24.78 -11.58
C GLY I 305 71.37 -25.38 -12.48
N GLU I 306 71.07 -26.46 -13.22
CA GLU I 306 72.04 -27.10 -14.10
C GLU I 306 71.86 -26.64 -15.57
N VAL I 307 70.76 -25.99 -15.86
CA VAL I 307 70.41 -25.67 -17.25
C VAL I 307 71.51 -24.84 -17.90
N HIS I 308 72.12 -23.94 -17.14
CA HIS I 308 73.13 -23.03 -17.67
C HIS I 308 74.42 -23.78 -18.05
N ASN I 309 74.59 -25.04 -17.63
CA ASN I 309 75.77 -25.80 -18.03
C ASN I 309 75.52 -26.70 -19.24
N GLU I 310 74.33 -26.69 -19.85
CA GLU I 310 74.04 -27.57 -20.97
C GLU I 310 74.42 -26.93 -22.32
N PRO I 311 75.31 -27.56 -23.12
CA PRO I 311 75.81 -26.93 -24.34
C PRO I 311 74.72 -26.41 -25.26
N HIS I 312 73.64 -27.16 -25.46
CA HIS I 312 72.65 -26.71 -26.42
C HIS I 312 71.92 -25.45 -25.94
N ILE I 313 71.81 -25.27 -24.62
CA ILE I 313 71.20 -24.07 -24.05
C ILE I 313 72.15 -22.89 -24.22
N ILE I 314 73.40 -23.07 -23.79
CA ILE I 314 74.43 -22.04 -23.86
C ILE I 314 74.60 -21.57 -25.31
N GLU I 315 74.67 -22.49 -26.24
CA GLU I 315 75.08 -22.12 -27.58
C GLU I 315 73.98 -21.40 -28.35
N ARG I 316 72.70 -21.57 -27.96
CA ARG I 316 71.64 -20.90 -28.69
C ARG I 316 71.16 -19.64 -27.94
N ASN I 317 71.78 -19.33 -26.80
CA ASN I 317 71.40 -18.21 -25.97
C ASN I 317 69.91 -18.22 -25.64
N THR I 318 69.42 -19.38 -25.22
CA THR I 318 68.04 -19.47 -24.77
C THR I 318 67.82 -18.56 -23.55
N PHE I 319 68.88 -18.27 -22.78
CA PHE I 319 68.82 -17.51 -21.56
C PHE I 319 69.79 -16.33 -21.64
N TYR I 320 69.55 -15.32 -20.80
CA TYR I 320 70.50 -14.26 -20.51
C TYR I 320 70.60 -14.16 -18.99
N GLU I 321 71.65 -13.47 -18.54
CA GLU I 321 71.94 -13.22 -17.14
C GLU I 321 71.34 -11.90 -16.71
N ALA I 322 70.57 -11.90 -15.63
CA ALA I 322 70.07 -10.69 -15.02
C ALA I 322 70.29 -10.75 -13.52
N ASN I 323 70.75 -9.64 -12.93
CA ASN I 323 70.47 -9.32 -11.54
C ASN I 323 70.16 -10.59 -10.74
N GLY I 324 71.19 -11.38 -10.39
CA GLY I 324 71.01 -12.51 -9.50
C GLY I 324 71.02 -13.85 -10.24
N GLY I 325 70.09 -14.05 -11.18
CA GLY I 325 70.01 -15.31 -11.92
C GLY I 325 69.69 -15.16 -13.41
N TRP I 326 69.61 -16.32 -14.07
CA TRP I 326 69.28 -16.44 -15.48
C TRP I 326 67.80 -16.22 -15.73
N GLN I 327 67.50 -15.67 -16.90
CA GLN I 327 66.13 -15.48 -17.36
C GLN I 327 66.09 -15.89 -18.82
N PRO I 328 64.93 -16.38 -19.31
CA PRO I 328 64.80 -16.72 -20.71
C PRO I 328 64.73 -15.52 -21.64
N MET I 329 65.50 -15.59 -22.74
CA MET I 329 65.41 -14.63 -23.81
C MET I 329 64.04 -14.76 -24.46
N PRO I 330 63.61 -13.68 -25.16
CA PRO I 330 62.37 -13.68 -25.93
C PRO I 330 62.24 -14.84 -26.92
N ALA I 331 60.99 -15.23 -27.07
CA ALA I 331 60.61 -16.25 -28.00
C ALA I 331 59.31 -15.82 -28.64
N PRO I 332 59.05 -16.23 -29.90
CA PRO I 332 60.05 -16.90 -30.72
C PRO I 332 61.06 -15.91 -31.29
N ARG I 333 61.85 -16.39 -32.27
CA ARG I 333 62.93 -15.63 -32.87
C ARG I 333 62.52 -15.19 -34.29
N PHE I 334 63.09 -14.05 -34.72
CA PHE I 334 62.71 -13.38 -35.97
C PHE I 334 63.99 -13.04 -36.75
N SER I 335 64.04 -13.48 -38.01
CA SER I 335 65.26 -13.40 -38.82
C SER I 335 65.61 -11.95 -39.16
N ARG I 336 64.60 -11.11 -39.46
CA ARG I 336 64.86 -9.72 -39.85
C ARG I 336 64.71 -8.73 -38.70
N THR I 337 63.54 -8.65 -38.03
CA THR I 337 63.39 -7.73 -36.89
C THR I 337 63.54 -8.49 -35.57
N ALA I 338 64.77 -8.62 -35.11
CA ALA I 338 65.04 -9.51 -34.00
C ALA I 338 64.83 -8.76 -32.70
N SER I 339 64.35 -9.49 -31.68
CA SER I 339 64.11 -8.92 -30.38
C SER I 339 65.47 -8.60 -29.79
N SER I 340 65.52 -7.69 -28.83
CA SER I 340 66.72 -7.50 -28.05
C SER I 340 66.54 -8.07 -26.64
N GLN I 341 67.66 -8.10 -25.92
CA GLN I 341 67.68 -8.48 -24.53
C GLN I 341 66.71 -7.59 -23.77
N PRO I 342 65.82 -8.17 -22.94
CA PRO I 342 64.85 -7.40 -22.19
C PRO I 342 65.47 -6.30 -21.34
N ARG I 343 64.74 -5.19 -21.21
CA ARG I 343 65.11 -4.14 -20.29
C ARG I 343 64.57 -4.49 -18.91
N PRO I 344 65.36 -4.29 -17.86
CA PRO I 344 64.91 -4.59 -16.52
C PRO I 344 63.73 -3.73 -16.10
N PRO I 345 63.01 -4.16 -15.05
CA PRO I 345 62.09 -3.26 -14.36
C PRO I 345 62.81 -1.97 -13.99
N ALA I 346 62.19 -0.82 -14.31
CA ALA I 346 62.78 0.50 -14.07
C ALA I 346 61.93 1.26 -13.05
N ALA I 347 62.46 2.38 -12.52
CA ALA I 347 61.71 3.21 -11.59
C ALA I 347 60.35 3.58 -12.16
N THR I 348 59.39 3.83 -11.27
CA THR I 348 58.10 4.40 -11.63
C THR I 348 58.36 5.66 -12.46
N ILE I 349 57.46 5.93 -13.39
CA ILE I 349 57.54 7.10 -14.24
C ILE I 349 56.27 7.89 -13.97
N ASP I 350 56.26 9.15 -14.38
CA ASP I 350 55.10 10.02 -14.28
C ASP I 350 54.14 9.76 -15.44
N ILE I 351 52.85 9.58 -15.15
CA ILE I 351 51.90 9.30 -16.22
C ILE I 351 51.81 10.44 -17.24
N GLU I 352 52.09 11.68 -16.81
CA GLU I 352 52.10 12.85 -17.70
C GLU I 352 53.23 12.77 -18.73
N ALA I 353 54.44 12.39 -18.30
CA ALA I 353 55.58 12.26 -19.21
C ALA I 353 55.32 11.20 -20.29
N VAL I 354 54.51 10.19 -19.98
CA VAL I 354 54.16 9.18 -20.97
C VAL I 354 53.29 9.81 -22.04
N LEU I 355 52.22 10.51 -21.61
CA LEU I 355 51.29 11.19 -22.51
C LEU I 355 52.03 12.16 -23.44
N THR I 356 53.05 12.85 -22.89
CA THR I 356 53.91 13.72 -23.67
C THR I 356 54.50 12.89 -24.80
N ASP I 357 55.26 11.85 -24.40
CA ASP I 357 55.99 10.98 -25.32
C ASP I 357 55.08 10.44 -26.41
N TRP I 358 53.80 10.14 -26.12
CA TRP I 358 52.87 9.61 -27.11
C TRP I 358 52.20 10.72 -27.94
N ASP I 359 52.38 11.99 -27.54
CA ASP I 359 52.04 13.19 -28.32
C ASP I 359 50.53 13.32 -28.51
N MET J 1 34.49 -16.96 -44.55
CA MET J 1 35.01 -17.61 -43.31
C MET J 1 34.90 -16.62 -42.15
N ALA J 2 34.16 -17.02 -41.12
CA ALA J 2 33.97 -16.26 -39.89
C ALA J 2 35.28 -16.17 -39.13
N GLY J 3 35.56 -15.01 -38.53
CA GLY J 3 36.60 -14.88 -37.52
C GLY J 3 37.58 -13.78 -37.89
N PRO J 4 38.39 -13.30 -36.93
CA PRO J 4 39.27 -12.18 -37.18
C PRO J 4 40.37 -12.43 -38.23
N LEU J 5 40.66 -13.71 -38.50
CA LEU J 5 41.75 -14.01 -39.43
C LEU J 5 41.21 -14.31 -40.84
N SER J 6 39.92 -14.04 -41.08
CA SER J 6 39.33 -14.13 -42.42
C SER J 6 40.26 -13.47 -43.42
N GLY J 7 40.61 -14.21 -44.49
CA GLY J 7 41.44 -13.66 -45.56
C GLY J 7 42.91 -14.06 -45.47
N LEU J 8 43.35 -14.65 -44.35
CA LEU J 8 44.74 -15.03 -44.16
C LEU J 8 44.92 -16.37 -44.86
N ARG J 9 46.01 -16.49 -45.61
CA ARG J 9 46.28 -17.72 -46.34
C ARG J 9 47.49 -18.42 -45.75
N VAL J 10 47.25 -19.67 -45.38
CA VAL J 10 48.27 -20.44 -44.72
C VAL J 10 48.53 -21.74 -45.46
N VAL J 11 49.82 -22.04 -45.62
CA VAL J 11 50.22 -23.33 -46.17
C VAL J 11 50.96 -24.10 -45.09
N GLU J 12 50.41 -25.28 -44.81
CA GLU J 12 50.90 -26.18 -43.77
C GLU J 12 51.51 -27.44 -44.41
N LEU J 13 52.83 -27.61 -44.24
CA LEU J 13 53.50 -28.88 -44.55
C LEU J 13 53.30 -29.86 -43.40
N ALA J 14 52.49 -30.87 -43.69
CA ALA J 14 52.01 -31.83 -42.72
C ALA J 14 53.16 -32.39 -41.90
N GLY J 15 52.92 -32.32 -40.59
CA GLY J 15 53.87 -32.75 -39.57
C GLY J 15 53.08 -33.25 -38.35
N ILE J 16 53.74 -33.24 -37.17
CA ILE J 16 53.06 -33.76 -35.99
C ILE J 16 53.25 -32.78 -34.83
N GLY J 17 52.28 -32.76 -33.90
CA GLY J 17 52.44 -32.02 -32.67
C GLY J 17 52.16 -30.53 -32.85
N PRO J 18 53.15 -29.64 -32.67
CA PRO J 18 52.89 -28.21 -32.64
C PRO J 18 52.39 -27.62 -33.97
N GLY J 19 53.07 -27.94 -35.08
CA GLY J 19 52.70 -27.38 -36.37
C GLY J 19 51.20 -27.52 -36.61
N PRO J 20 50.64 -28.74 -36.56
CA PRO J 20 49.21 -28.93 -36.81
C PRO J 20 48.29 -28.23 -35.81
N HIS J 21 48.76 -27.99 -34.59
CA HIS J 21 47.93 -27.30 -33.61
C HIS J 21 47.88 -25.80 -33.92
N ALA J 22 49.02 -25.20 -34.28
CA ALA J 22 49.08 -23.82 -34.73
C ALA J 22 48.20 -23.63 -35.95
N ALA J 23 48.35 -24.53 -36.92
CA ALA J 23 47.55 -24.45 -38.13
C ALA J 23 46.07 -24.54 -37.78
N MET J 24 45.72 -25.41 -36.83
CA MET J 24 44.33 -25.58 -36.46
C MET J 24 43.77 -24.27 -35.88
N ILE J 25 44.56 -23.61 -35.04
CA ILE J 25 44.06 -22.42 -34.39
C ILE J 25 43.90 -21.32 -35.44
N LEU J 26 44.88 -21.14 -36.34
CA LEU J 26 44.73 -20.18 -37.42
C LEU J 26 43.42 -20.45 -38.14
N GLY J 27 43.15 -21.73 -38.45
CA GLY J 27 41.92 -22.13 -39.11
C GLY J 27 40.66 -21.83 -38.30
N ASP J 28 40.75 -22.04 -37.00
CA ASP J 28 39.63 -21.87 -36.08
C ASP J 28 39.09 -20.43 -36.10
N LEU J 29 40.04 -19.50 -36.16
CA LEU J 29 39.83 -18.06 -36.13
C LEU J 29 39.62 -17.49 -37.53
N GLY J 30 39.53 -18.37 -38.54
CA GLY J 30 38.98 -18.02 -39.85
C GLY J 30 40.01 -17.95 -40.99
N ALA J 31 41.25 -18.38 -40.74
CA ALA J 31 42.26 -18.39 -41.79
C ALA J 31 41.94 -19.50 -42.78
N ASP J 32 42.50 -19.31 -43.98
CA ASP J 32 42.35 -20.25 -45.07
C ASP J 32 43.58 -21.15 -45.08
N VAL J 33 43.40 -22.35 -44.52
CA VAL J 33 44.55 -23.18 -44.24
C VAL J 33 44.54 -24.34 -45.24
N VAL J 34 45.68 -24.49 -45.92
CA VAL J 34 45.81 -25.57 -46.88
C VAL J 34 46.98 -26.42 -46.44
N ARG J 35 46.68 -27.69 -46.20
CA ARG J 35 47.70 -28.59 -45.69
C ARG J 35 48.18 -29.51 -46.81
N ILE J 36 49.50 -29.50 -47.07
CA ILE J 36 50.12 -30.42 -48.01
C ILE J 36 50.59 -31.69 -47.30
N ASP J 37 49.93 -32.82 -47.56
CA ASP J 37 50.36 -34.10 -47.04
C ASP J 37 51.17 -34.86 -48.10
N ARG J 38 51.83 -35.94 -47.68
CA ARG J 38 52.44 -36.84 -48.65
C ARG J 38 51.38 -37.84 -49.08
N PRO J 39 51.43 -38.35 -50.33
CA PRO J 39 50.35 -39.20 -50.83
C PRO J 39 50.26 -40.57 -50.15
N SER J 40 51.39 -41.05 -49.59
CA SER J 40 51.45 -42.33 -48.88
C SER J 40 50.60 -42.31 -47.60
N SER J 41 50.29 -41.11 -47.08
CA SER J 41 49.19 -40.97 -46.12
C SER J 41 47.86 -40.80 -46.87
N VAL J 42 46.77 -40.57 -46.12
CA VAL J 42 45.42 -40.41 -46.67
C VAL J 42 45.09 -41.60 -47.60
N SER J 46 39.92 -38.27 -42.75
CA SER J 46 40.65 -38.36 -41.45
C SER J 46 39.69 -38.27 -40.27
N ARG J 47 39.98 -39.01 -39.19
CA ARG J 47 39.26 -38.88 -37.93
C ARG J 47 40.04 -38.03 -36.92
N ASP J 48 41.24 -37.54 -37.27
CA ASP J 48 42.01 -36.67 -36.38
C ASP J 48 41.39 -35.27 -36.36
N ALA J 49 40.64 -34.95 -35.29
CA ALA J 49 40.02 -33.65 -35.18
C ALA J 49 41.04 -32.52 -34.97
N MET J 50 42.35 -32.79 -34.76
CA MET J 50 43.33 -31.70 -34.86
C MET J 50 43.39 -31.14 -36.30
N LEU J 51 42.84 -31.88 -37.28
CA LEU J 51 42.88 -31.48 -38.70
C LEU J 51 41.58 -30.77 -39.12
N ARG J 52 40.82 -30.27 -38.15
CA ARG J 52 39.66 -29.44 -38.47
C ARG J 52 40.11 -28.15 -39.13
N ASN J 53 39.10 -27.50 -39.76
CA ASN J 53 39.24 -26.21 -40.41
C ASN J 53 40.42 -26.21 -41.37
N ARG J 54 40.44 -27.15 -42.30
CA ARG J 54 41.52 -27.29 -43.25
C ARG J 54 41.02 -27.70 -44.63
N ARG J 55 41.81 -27.43 -45.68
CA ARG J 55 41.75 -28.25 -46.89
C ARG J 55 43.04 -29.05 -46.97
N ILE J 56 42.90 -30.35 -47.22
CA ILE J 56 44.01 -31.29 -47.31
C ILE J 56 44.37 -31.53 -48.77
N VAL J 57 45.65 -31.42 -49.12
CA VAL J 57 46.06 -31.81 -50.46
C VAL J 57 47.32 -32.67 -50.34
N THR J 58 47.47 -33.64 -51.27
CA THR J 58 48.61 -34.55 -51.31
C THR J 58 49.55 -34.09 -52.41
N ALA J 59 50.85 -34.30 -52.22
CA ALA J 59 51.80 -33.88 -53.23
C ALA J 59 53.18 -34.38 -52.82
N ASP J 60 53.80 -35.19 -53.69
CA ASP J 60 55.15 -35.64 -53.45
C ASP J 60 56.09 -34.48 -53.78
N LEU J 61 56.83 -34.02 -52.75
CA LEU J 61 57.61 -32.79 -52.81
C LEU J 61 59.02 -33.10 -53.32
N LYS J 62 59.33 -34.39 -53.43
CA LYS J 62 60.63 -34.78 -53.94
C LYS J 62 60.56 -34.88 -55.45
N SER J 63 59.34 -35.01 -56.02
CA SER J 63 59.18 -34.95 -57.46
C SER J 63 59.40 -33.52 -57.95
N ASP J 64 59.60 -33.34 -59.26
CA ASP J 64 59.76 -32.01 -59.84
C ASP J 64 58.41 -31.28 -59.83
N GLN J 65 57.33 -32.02 -60.08
CA GLN J 65 55.99 -31.46 -60.15
C GLN J 65 55.51 -30.98 -58.77
N GLY J 66 55.45 -31.90 -57.80
CA GLY J 66 55.07 -31.56 -56.44
C GLY J 66 55.73 -30.26 -55.97
N LEU J 67 57.06 -30.16 -56.12
CA LEU J 67 57.82 -29.00 -55.66
C LEU J 67 57.31 -27.73 -56.29
N GLU J 68 56.87 -27.81 -57.56
CA GLU J 68 56.50 -26.64 -58.33
C GLU J 68 55.07 -26.26 -57.98
N LEU J 69 54.20 -27.25 -57.75
CA LEU J 69 52.82 -27.01 -57.32
C LEU J 69 52.79 -26.35 -55.93
N ALA J 70 53.71 -26.77 -55.06
CA ALA J 70 53.80 -26.22 -53.72
C ALA J 70 54.37 -24.81 -53.78
N LEU J 71 55.34 -24.58 -54.66
CA LEU J 71 55.91 -23.25 -54.79
C LEU J 71 54.83 -22.32 -55.34
N LYS J 72 53.87 -22.88 -56.07
CA LYS J 72 52.79 -22.07 -56.59
C LYS J 72 51.89 -21.65 -55.44
N LEU J 73 51.47 -22.61 -54.60
CA LEU J 73 50.66 -22.32 -53.42
C LEU J 73 51.35 -21.26 -52.56
N ILE J 74 52.62 -21.45 -52.27
CA ILE J 74 53.31 -20.58 -51.34
C ILE J 74 53.43 -19.15 -51.88
N ALA J 75 53.47 -19.01 -53.21
CA ALA J 75 53.57 -17.72 -53.87
C ALA J 75 52.34 -16.87 -53.55
N LYS J 76 51.16 -17.52 -53.47
CA LYS J 76 49.88 -16.87 -53.26
C LYS J 76 49.41 -16.87 -51.80
N ALA J 77 50.32 -17.10 -50.83
CA ALA J 77 49.92 -17.31 -49.45
C ALA J 77 50.61 -16.31 -48.55
N ASP J 78 50.11 -16.18 -47.31
CA ASP J 78 50.70 -15.26 -46.35
C ASP J 78 51.71 -15.94 -45.44
N VAL J 79 51.42 -17.22 -45.16
CA VAL J 79 52.16 -17.94 -44.15
C VAL J 79 52.51 -19.35 -44.62
N LEU J 80 53.74 -19.73 -44.31
CA LEU J 80 54.15 -21.12 -44.43
C LEU J 80 54.53 -21.68 -43.04
N ILE J 81 53.95 -22.85 -42.72
CA ILE J 81 54.28 -23.63 -41.53
C ILE J 81 55.00 -24.93 -41.94
N GLU J 82 56.21 -25.14 -41.39
CA GLU J 82 56.91 -26.41 -41.52
C GLU J 82 57.47 -26.84 -40.16
N GLY J 83 57.32 -28.14 -39.82
CA GLY J 83 57.89 -28.63 -38.58
C GLY J 83 58.76 -29.88 -38.77
N TYR J 84 59.66 -29.83 -39.76
CA TYR J 84 60.62 -30.89 -40.00
C TYR J 84 61.91 -30.47 -39.33
N ARG J 85 62.90 -31.35 -39.33
CA ARG J 85 64.19 -31.00 -38.76
C ARG J 85 64.80 -29.88 -39.60
N PRO J 86 65.71 -29.07 -39.04
CA PRO J 86 66.44 -28.12 -39.85
C PRO J 86 67.15 -28.80 -41.03
N GLY J 87 67.08 -28.16 -42.22
CA GLY J 87 67.74 -28.67 -43.41
C GLY J 87 66.75 -29.28 -44.38
N VAL J 88 65.60 -29.75 -43.89
CA VAL J 88 64.73 -30.56 -44.71
C VAL J 88 63.95 -29.77 -45.78
N THR J 89 63.56 -28.52 -45.49
CA THR J 89 62.87 -27.75 -46.52
C THR J 89 63.93 -27.26 -47.52
N GLU J 90 65.09 -26.80 -47.05
CA GLU J 90 66.22 -26.49 -47.93
C GLU J 90 66.31 -27.55 -49.02
N ARG J 91 66.44 -28.83 -48.61
CA ARG J 91 66.70 -29.95 -49.50
C ARG J 91 65.51 -30.23 -50.39
N LEU J 92 64.28 -30.04 -49.93
CA LEU J 92 63.17 -30.20 -50.85
C LEU J 92 63.13 -29.08 -51.89
N GLY J 93 63.97 -28.04 -51.72
CA GLY J 93 63.87 -26.84 -52.53
C GLY J 93 62.81 -25.84 -52.05
N LEU J 94 62.29 -26.05 -50.81
CA LEU J 94 61.24 -25.25 -50.20
C LEU J 94 61.80 -24.40 -49.06
N GLY J 95 63.10 -24.16 -49.05
CA GLY J 95 63.70 -23.41 -47.96
C GLY J 95 63.22 -21.96 -47.95
N PRO J 96 63.57 -21.18 -46.88
CA PRO J 96 63.17 -19.77 -46.80
C PRO J 96 63.70 -18.94 -47.97
N GLU J 97 64.98 -19.15 -48.35
CA GLU J 97 65.59 -18.45 -49.48
C GLU J 97 64.86 -18.73 -50.78
N GLU J 98 64.41 -19.97 -50.99
CA GLU J 98 63.69 -20.31 -52.20
C GLU J 98 62.30 -19.72 -52.18
N CYS J 99 61.66 -19.72 -51.00
CA CYS J 99 60.33 -19.14 -50.87
C CYS J 99 60.40 -17.61 -51.02
N ALA J 100 61.46 -16.98 -50.51
CA ALA J 100 61.65 -15.55 -50.64
C ALA J 100 61.64 -15.13 -52.13
N LYS J 101 62.32 -15.91 -52.97
CA LYS J 101 62.33 -15.69 -54.40
C LYS J 101 60.93 -15.61 -55.00
N VAL J 102 59.95 -16.41 -54.57
CA VAL J 102 58.66 -16.32 -55.23
C VAL J 102 57.64 -15.51 -54.43
N ASN J 103 58.07 -14.81 -53.36
CA ASN J 103 57.13 -14.19 -52.44
C ASN J 103 57.86 -13.67 -51.21
N ASP J 104 58.33 -12.43 -51.28
CA ASP J 104 59.06 -11.85 -50.16
C ASP J 104 58.12 -11.31 -49.09
N ARG J 105 56.81 -11.57 -49.23
CA ARG J 105 55.82 -11.16 -48.25
C ARG J 105 55.48 -12.32 -47.30
N LEU J 106 55.98 -13.54 -47.60
CA LEU J 106 55.65 -14.76 -46.87
C LEU J 106 56.16 -14.68 -45.45
N ILE J 107 55.31 -15.16 -44.51
CA ILE J 107 55.81 -15.39 -43.16
C ILE J 107 56.24 -16.85 -43.08
N TYR J 108 57.56 -17.07 -42.89
CA TYR J 108 58.09 -18.42 -42.96
C TYR J 108 58.31 -18.96 -41.54
N ALA J 109 57.42 -19.88 -41.15
CA ALA J 109 57.29 -20.30 -39.75
C ALA J 109 57.84 -21.71 -39.52
N ARG J 110 58.96 -21.77 -38.78
CA ARG J 110 59.70 -23.00 -38.55
C ARG J 110 59.56 -23.47 -37.09
N MET J 111 58.86 -24.60 -36.93
CA MET J 111 58.45 -25.19 -35.67
C MET J 111 59.32 -26.41 -35.33
N THR J 112 60.27 -26.22 -34.41
CA THR J 112 61.11 -27.32 -33.97
C THR J 112 61.09 -27.42 -32.44
N GLY J 113 61.75 -28.46 -31.92
CA GLY J 113 61.99 -28.58 -30.49
C GLY J 113 63.29 -27.91 -30.12
N TRP J 114 64.34 -28.25 -30.86
CA TRP J 114 65.68 -27.88 -30.41
C TRP J 114 66.12 -26.54 -31.01
N GLY J 115 65.40 -26.04 -32.03
CA GLY J 115 65.89 -24.85 -32.71
C GLY J 115 66.58 -25.19 -34.04
N GLN J 116 67.15 -24.16 -34.68
CA GLN J 116 67.60 -24.28 -36.06
C GLN J 116 69.07 -24.67 -36.08
N THR J 117 69.80 -24.38 -35.01
CA THR J 117 71.21 -24.69 -34.96
C THR J 117 71.56 -25.26 -33.61
N GLY J 118 72.79 -25.77 -33.48
CA GLY J 118 73.33 -26.16 -32.18
C GLY J 118 73.39 -27.67 -32.06
N PRO J 119 74.03 -28.19 -30.98
CA PRO J 119 74.40 -29.61 -30.91
C PRO J 119 73.24 -30.61 -31.01
N ARG J 120 72.03 -30.23 -30.57
CA ARG J 120 70.92 -31.15 -30.56
C ARG J 120 69.98 -30.94 -31.74
N SER J 121 70.36 -30.04 -32.68
CA SER J 121 69.48 -29.60 -33.75
C SER J 121 69.03 -30.70 -34.70
N GLN J 122 69.73 -31.85 -34.75
CA GLN J 122 69.34 -32.93 -35.66
C GLN J 122 68.74 -34.15 -34.96
N GLN J 123 68.72 -34.11 -33.63
CA GLN J 123 68.24 -35.19 -32.79
C GLN J 123 66.70 -35.20 -32.77
N ALA J 124 66.13 -36.36 -33.05
CA ALA J 124 64.70 -36.59 -32.89
C ALA J 124 64.31 -36.28 -31.45
N GLY J 125 63.03 -36.00 -31.28
CA GLY J 125 62.57 -35.64 -29.95
C GLY J 125 61.06 -35.55 -29.93
N HIS J 126 60.51 -35.59 -28.71
CA HIS J 126 59.11 -35.29 -28.44
C HIS J 126 59.06 -34.34 -27.25
N ASP J 127 57.83 -33.91 -26.91
CA ASP J 127 57.62 -32.92 -25.84
C ASP J 127 58.48 -33.22 -24.63
N ILE J 128 58.41 -34.46 -24.10
CA ILE J 128 59.08 -34.81 -22.85
C ILE J 128 60.56 -34.52 -22.91
N ASN J 129 61.18 -34.65 -24.09
CA ASN J 129 62.61 -34.38 -24.24
C ASN J 129 62.87 -32.87 -24.18
N TYR J 130 62.07 -32.08 -24.90
CA TYR J 130 62.33 -30.66 -25.00
C TYR J 130 62.24 -30.03 -23.62
N ILE J 131 61.24 -30.41 -22.84
CA ILE J 131 61.08 -29.84 -21.49
C ILE J 131 62.00 -30.50 -20.45
N SER J 132 62.68 -31.61 -20.75
CA SER J 132 63.62 -32.18 -19.80
C SER J 132 64.89 -31.31 -19.68
N LEU J 133 65.23 -30.61 -20.76
CA LEU J 133 66.53 -29.94 -20.86
C LEU J 133 66.53 -28.56 -20.20
N ASN J 134 65.36 -27.93 -20.03
CA ASN J 134 65.31 -26.53 -19.64
C ASN J 134 64.81 -26.35 -18.21
N GLY J 135 64.71 -27.46 -17.46
CA GLY J 135 64.39 -27.40 -16.03
C GLY J 135 62.93 -27.71 -15.71
N ILE J 136 62.09 -27.75 -16.74
CA ILE J 136 60.64 -27.78 -16.54
C ILE J 136 60.22 -29.14 -15.99
N LEU J 137 60.52 -30.23 -16.72
CA LEU J 137 60.08 -31.57 -16.32
C LEU J 137 60.57 -31.87 -14.89
N HIS J 138 61.77 -31.46 -14.54
CA HIS J 138 62.29 -31.80 -13.23
C HIS J 138 61.37 -31.25 -12.14
N ALA J 139 60.70 -30.14 -12.44
CA ALA J 139 59.95 -29.41 -11.43
C ALA J 139 58.53 -29.96 -11.22
N ILE J 140 58.15 -30.98 -11.99
CA ILE J 140 56.78 -31.42 -12.01
C ILE J 140 56.64 -32.79 -11.34
N GLY J 141 55.69 -32.89 -10.38
CA GLY J 141 55.32 -34.14 -9.74
C GLY J 141 55.63 -34.12 -8.24
N ARG J 142 55.29 -35.22 -7.55
CA ARG J 142 55.56 -35.29 -6.12
C ARG J 142 57.06 -35.40 -5.85
N GLY J 143 57.50 -34.92 -4.68
CA GLY J 143 58.91 -34.88 -4.32
C GLY J 143 59.52 -36.26 -4.06
N ASP J 144 58.70 -37.25 -3.73
CA ASP J 144 59.21 -38.56 -3.38
C ASP J 144 59.22 -39.50 -4.60
N GLU J 145 59.09 -38.98 -5.82
CA GLU J 145 58.91 -39.85 -6.97
C GLU J 145 59.53 -39.20 -8.19
N ARG J 146 59.59 -39.95 -9.28
CA ARG J 146 60.22 -39.45 -10.47
C ARG J 146 59.29 -38.45 -11.17
N PRO J 147 59.86 -37.49 -11.93
CA PRO J 147 59.04 -36.45 -12.54
C PRO J 147 57.97 -37.04 -13.44
N VAL J 148 56.82 -36.39 -13.47
CA VAL J 148 55.74 -36.89 -14.32
C VAL J 148 55.51 -35.91 -15.48
N PRO J 149 55.32 -36.42 -16.70
CA PRO J 149 55.03 -35.55 -17.83
C PRO J 149 53.65 -34.91 -17.71
N PRO J 150 53.59 -33.57 -17.88
CA PRO J 150 52.32 -32.87 -17.94
C PRO J 150 51.64 -33.04 -19.27
N LEU J 151 51.27 -34.29 -19.57
CA LEU J 151 50.95 -34.66 -20.94
C LEU J 151 51.99 -34.07 -21.88
N ASN J 152 51.56 -33.65 -23.08
CA ASN J 152 52.42 -32.90 -23.99
C ASN J 152 51.96 -31.46 -24.09
N LEU J 153 51.51 -30.89 -22.97
CA LEU J 153 50.83 -29.60 -23.00
C LEU J 153 51.86 -28.48 -22.99
N VAL J 154 53.03 -28.73 -22.41
CA VAL J 154 53.92 -27.65 -22.09
C VAL J 154 54.93 -27.44 -23.22
N GLY J 155 55.38 -28.51 -23.85
CA GLY J 155 56.39 -28.41 -24.90
C GLY J 155 55.76 -28.19 -26.28
N ASP J 156 54.86 -29.10 -26.67
CA ASP J 156 54.19 -29.06 -27.95
C ASP J 156 53.29 -27.85 -28.07
N PHE J 157 52.43 -27.60 -27.07
CA PHE J 157 51.39 -26.61 -27.29
C PHE J 157 51.78 -25.32 -26.59
N GLY J 158 51.72 -25.31 -25.24
CA GLY J 158 51.95 -24.09 -24.50
C GLY J 158 53.19 -23.33 -24.97
N GLY J 159 54.32 -24.02 -25.11
CA GLY J 159 55.59 -23.38 -25.42
C GLY J 159 56.10 -23.68 -26.84
N GLY J 160 55.22 -24.30 -27.61
CA GLY J 160 55.45 -24.71 -29.01
C GLY J 160 54.50 -23.99 -29.96
N SER J 161 53.34 -24.59 -30.22
CA SER J 161 52.41 -24.05 -31.20
C SER J 161 52.01 -22.61 -30.83
N MET J 162 51.93 -22.27 -29.54
CA MET J 162 51.42 -20.98 -29.13
C MET J 162 52.44 -19.90 -29.46
N PHE J 163 53.74 -20.18 -29.29
CA PHE J 163 54.75 -19.20 -29.63
C PHE J 163 54.93 -19.09 -31.14
N LEU J 164 54.66 -20.17 -31.87
CA LEU J 164 54.65 -20.13 -33.33
C LEU J 164 53.56 -19.15 -33.72
N LEU J 165 52.36 -19.31 -33.15
CA LEU J 165 51.22 -18.45 -33.43
C LEU J 165 51.55 -16.97 -33.15
N VAL J 166 52.13 -16.68 -31.99
CA VAL J 166 52.45 -15.30 -31.62
C VAL J 166 53.45 -14.72 -32.62
N GLY J 167 54.40 -15.58 -33.02
CA GLY J 167 55.45 -15.18 -33.93
C GLY J 167 54.89 -14.85 -35.31
N ILE J 168 54.05 -15.74 -35.80
CA ILE J 168 53.34 -15.55 -37.04
C ILE J 168 52.63 -14.19 -37.00
N LEU J 169 51.81 -13.95 -35.96
CA LEU J 169 50.88 -12.82 -36.01
C LEU J 169 51.67 -11.54 -35.73
N ALA J 170 52.73 -11.65 -34.95
CA ALA J 170 53.61 -10.51 -34.74
C ALA J 170 54.30 -10.10 -36.04
N ALA J 171 54.65 -11.09 -36.87
CA ALA J 171 55.39 -10.88 -38.12
C ALA J 171 54.48 -10.22 -39.15
N LEU J 172 53.21 -10.66 -39.21
CA LEU J 172 52.14 -10.02 -39.98
C LEU J 172 51.90 -8.57 -39.59
N TRP J 173 51.87 -8.24 -38.29
CA TRP J 173 51.80 -6.85 -37.85
C TRP J 173 52.98 -6.08 -38.46
N GLU J 174 54.19 -6.63 -38.33
CA GLU J 174 55.41 -5.95 -38.73
C GLU J 174 55.43 -5.78 -40.25
N ARG J 175 54.92 -6.80 -40.95
CA ARG J 175 54.73 -6.77 -42.40
C ARG J 175 53.93 -5.55 -42.82
N GLN J 176 52.94 -5.12 -42.01
CA GLN J 176 52.04 -4.06 -42.46
C GLN J 176 52.84 -2.79 -42.62
N SER J 177 53.95 -2.61 -41.92
CA SER J 177 54.69 -1.38 -42.09
C SER J 177 55.93 -1.56 -43.00
N SER J 178 56.41 -2.79 -43.21
CA SER J 178 57.67 -3.06 -43.88
C SER J 178 57.45 -3.50 -45.33
N GLY J 179 56.29 -4.08 -45.64
CA GLY J 179 56.03 -4.68 -46.94
C GLY J 179 56.65 -6.06 -47.08
N LYS J 180 57.40 -6.49 -46.05
CA LYS J 180 58.30 -7.64 -46.08
C LYS J 180 57.89 -8.72 -45.07
N GLY J 181 57.85 -9.97 -45.57
CA GLY J 181 57.78 -11.17 -44.73
C GLY J 181 59.07 -11.36 -43.95
N GLN J 182 59.28 -12.54 -43.36
CA GLN J 182 60.49 -12.87 -42.60
C GLN J 182 60.34 -14.28 -42.02
N VAL J 183 61.43 -14.77 -41.41
CA VAL J 183 61.45 -16.13 -40.89
C VAL J 183 61.22 -16.08 -39.37
N VAL J 184 60.23 -16.89 -38.96
CA VAL J 184 59.90 -17.14 -37.55
C VAL J 184 60.47 -18.49 -37.10
N ASP J 185 61.38 -18.46 -36.11
CA ASP J 185 62.04 -19.64 -35.56
C ASP J 185 61.50 -19.93 -34.16
N ALA J 186 60.56 -20.87 -34.08
CA ALA J 186 59.93 -21.25 -32.83
C ALA J 186 60.47 -22.59 -32.39
N ALA J 187 61.28 -22.55 -31.34
CA ALA J 187 61.79 -23.77 -30.71
C ALA J 187 61.13 -23.98 -29.35
N MET J 188 60.56 -25.18 -29.17
CA MET J 188 59.88 -25.59 -27.96
C MET J 188 60.73 -25.39 -26.71
N VAL J 189 62.06 -25.55 -26.80
CA VAL J 189 62.90 -25.37 -25.64
C VAL J 189 62.98 -23.91 -25.24
N ASP J 190 62.76 -23.03 -26.21
CA ASP J 190 62.77 -21.59 -25.97
C ASP J 190 61.40 -21.16 -25.45
N GLY J 191 60.36 -21.47 -26.20
CA GLY J 191 59.01 -21.05 -25.86
C GLY J 191 58.60 -21.54 -24.45
N SER J 192 58.88 -22.81 -24.14
CA SER J 192 58.51 -23.40 -22.86
C SER J 192 59.31 -22.70 -21.76
N SER J 193 60.50 -22.24 -22.10
CA SER J 193 61.29 -21.44 -21.17
C SER J 193 60.63 -20.09 -20.86
N VAL J 194 60.05 -19.44 -21.85
CA VAL J 194 59.39 -18.16 -21.59
C VAL J 194 58.05 -18.43 -20.87
N LEU J 195 57.41 -19.57 -21.19
CA LEU J 195 56.17 -19.97 -20.57
C LEU J 195 56.36 -20.04 -19.06
N ILE J 196 57.57 -20.45 -18.60
CA ILE J 196 57.86 -20.68 -17.20
C ILE J 196 58.71 -19.54 -16.67
N GLN J 197 58.68 -18.38 -17.32
CA GLN J 197 59.49 -17.28 -16.85
C GLN J 197 59.22 -16.95 -15.36
N MET J 198 57.96 -17.07 -14.93
CA MET J 198 57.64 -16.79 -13.52
C MET J 198 58.56 -17.57 -12.58
N MET J 199 58.80 -18.86 -12.89
CA MET J 199 59.62 -19.66 -12.00
C MET J 199 61.06 -19.17 -12.01
N TRP J 200 61.58 -18.77 -13.18
CA TRP J 200 62.93 -18.23 -13.22
C TRP J 200 62.99 -16.93 -12.41
N ALA J 201 61.90 -16.14 -12.44
CA ALA J 201 61.80 -14.92 -11.67
C ALA J 201 61.77 -15.19 -10.16
N MET J 202 60.85 -16.06 -9.74
CA MET J 202 60.79 -16.39 -8.32
C MET J 202 62.11 -17.01 -7.86
N ARG J 203 62.73 -17.84 -8.70
CA ARG J 203 63.97 -18.48 -8.31
C ARG J 203 65.02 -17.42 -7.99
N ALA J 204 65.11 -16.39 -8.83
CA ALA J 204 66.10 -15.34 -8.63
C ALA J 204 65.88 -14.58 -7.32
N THR J 205 64.62 -14.45 -6.84
CA THR J 205 64.37 -13.76 -5.60
C THR J 205 64.20 -14.72 -4.42
N GLY J 206 64.71 -15.95 -4.50
CA GLY J 206 64.65 -16.87 -3.36
C GLY J 206 63.25 -17.44 -3.11
N MET J 207 62.30 -17.29 -4.03
CA MET J 207 60.94 -17.73 -3.75
C MET J 207 60.62 -19.06 -4.43
N TRP J 208 61.60 -19.72 -5.06
CA TRP J 208 61.38 -20.98 -5.76
C TRP J 208 62.65 -21.79 -5.63
N THR J 209 62.54 -23.08 -5.26
CA THR J 209 63.71 -23.95 -5.21
C THR J 209 63.53 -25.12 -6.20
N ASP J 210 64.69 -25.71 -6.48
CA ASP J 210 64.83 -26.81 -7.41
C ASP J 210 64.34 -28.10 -6.78
N THR J 211 64.02 -28.09 -5.48
CA THR J 211 63.48 -29.29 -4.84
C THR J 211 62.04 -29.47 -5.30
N ARG J 212 61.75 -30.61 -5.92
CA ARG J 212 60.43 -30.89 -6.45
C ARG J 212 59.45 -31.08 -5.29
N GLY J 213 58.21 -30.60 -5.44
CA GLY J 213 57.17 -30.83 -4.45
C GLY J 213 57.34 -29.94 -3.20
N ALA J 214 58.13 -28.87 -3.28
CA ALA J 214 58.38 -28.06 -2.11
C ALA J 214 58.23 -26.56 -2.39
N ASN J 215 57.31 -26.19 -3.28
CA ASN J 215 57.14 -24.80 -3.66
C ASN J 215 55.66 -24.42 -3.57
N MET J 216 55.33 -23.13 -3.79
CA MET J 216 53.95 -22.67 -3.67
C MET J 216 53.04 -23.27 -4.74
N LEU J 217 53.57 -23.52 -5.94
CA LEU J 217 52.70 -23.83 -7.06
C LEU J 217 52.88 -25.22 -7.64
N ASP J 218 53.69 -26.08 -7.01
CA ASP J 218 54.01 -27.38 -7.56
C ASP J 218 53.29 -28.50 -6.84
N GLY J 219 52.39 -28.17 -5.91
CA GLY J 219 51.74 -29.19 -5.12
C GLY J 219 52.29 -29.26 -3.70
N GLY J 220 53.44 -28.64 -3.44
CA GLY J 220 54.03 -28.57 -2.11
C GLY J 220 53.22 -27.77 -1.06
N ALA J 221 52.49 -26.73 -1.46
CA ALA J 221 51.71 -25.94 -0.51
C ALA J 221 50.39 -26.66 -0.24
N PRO J 222 49.98 -26.90 1.03
CA PRO J 222 48.70 -27.52 1.34
C PRO J 222 47.46 -26.78 0.81
N TYR J 223 47.60 -25.47 0.57
CA TYR J 223 46.54 -24.64 0.02
C TYR J 223 46.58 -24.53 -1.51
N TYR J 224 47.51 -25.22 -2.19
CA TYR J 224 47.57 -25.24 -3.66
C TYR J 224 47.92 -26.66 -4.10
N ASP J 225 46.89 -27.50 -4.13
CA ASP J 225 47.04 -28.94 -4.35
C ASP J 225 45.65 -29.56 -4.47
N THR J 226 45.59 -30.85 -4.83
CA THR J 226 44.36 -31.61 -4.83
C THR J 226 44.22 -32.41 -3.54
N TYR J 227 42.98 -32.74 -3.23
CA TYR J 227 42.68 -33.56 -2.06
C TYR J 227 41.65 -34.59 -2.49
N GLU J 228 41.82 -35.80 -1.94
CA GLU J 228 40.85 -36.85 -2.15
C GLU J 228 39.73 -36.73 -1.14
N CYS J 229 38.50 -36.98 -1.63
CA CYS J 229 37.26 -36.84 -0.89
C CYS J 229 36.74 -38.23 -0.48
N ALA J 230 35.63 -38.28 0.26
CA ALA J 230 35.13 -39.54 0.84
C ALA J 230 34.79 -40.53 -0.25
N ASP J 231 34.45 -40.02 -1.45
CA ASP J 231 33.99 -40.86 -2.54
C ASP J 231 35.16 -41.34 -3.41
N GLY J 232 36.40 -41.01 -3.07
CA GLY J 232 37.53 -41.32 -3.93
C GLY J 232 37.70 -40.31 -5.09
N ARG J 233 36.81 -39.31 -5.25
CA ARG J 233 37.06 -38.28 -6.27
C ARG J 233 37.86 -37.14 -5.64
N TYR J 234 38.17 -36.09 -6.42
CA TYR J 234 39.07 -35.07 -5.92
C TYR J 234 38.51 -33.66 -6.01
N VAL J 235 39.06 -32.79 -5.16
CA VAL J 235 38.89 -31.36 -5.28
C VAL J 235 40.27 -30.74 -5.49
N ALA J 236 40.23 -29.55 -6.09
CA ALA J 236 41.39 -28.71 -6.17
C ALA J 236 41.21 -27.50 -5.27
N VAL J 237 42.29 -27.17 -4.56
CA VAL J 237 42.37 -26.01 -3.71
C VAL J 237 43.45 -25.12 -4.26
N GLY J 238 43.12 -23.83 -4.41
CA GLY J 238 44.02 -22.86 -5.01
C GLY J 238 44.02 -21.54 -4.28
N ALA J 239 43.78 -21.62 -2.96
CA ALA J 239 43.58 -20.48 -2.08
C ALA J 239 44.91 -19.85 -1.68
N ILE J 240 45.51 -19.10 -2.61
CA ILE J 240 46.79 -18.45 -2.31
C ILE J 240 46.61 -17.24 -1.40
N GLU J 241 45.67 -16.36 -1.74
CA GLU J 241 45.48 -15.13 -1.01
C GLU J 241 44.94 -15.46 0.38
N PRO J 242 45.44 -14.80 1.43
CA PRO J 242 45.01 -15.13 2.79
C PRO J 242 43.50 -15.10 3.02
N GLN J 243 42.78 -14.14 2.40
CA GLN J 243 41.34 -14.02 2.65
C GLN J 243 40.61 -15.24 2.09
N PHE J 244 41.04 -15.70 0.91
CA PHE J 244 40.44 -16.85 0.25
C PHE J 244 40.75 -18.11 1.05
N TYR J 245 41.99 -18.21 1.56
CA TYR J 245 42.41 -19.30 2.42
C TYR J 245 41.57 -19.36 3.71
N ALA J 246 41.38 -18.19 4.36
CA ALA J 246 40.56 -18.10 5.56
C ALA J 246 39.16 -18.61 5.26
N ALA J 247 38.62 -18.29 4.07
CA ALA J 247 37.26 -18.68 3.73
C ALA J 247 37.19 -20.18 3.52
N MET J 248 38.27 -20.73 2.93
CA MET J 248 38.31 -22.16 2.68
C MET J 248 38.34 -22.92 4.02
N LEU J 249 39.14 -22.42 4.97
CA LEU J 249 39.23 -23.04 6.29
C LEU J 249 37.87 -23.10 6.99
N ALA J 250 37.18 -21.96 7.05
CA ALA J 250 35.88 -21.92 7.72
C ALA J 250 34.88 -22.83 7.02
N GLY J 251 34.94 -22.92 5.68
CA GLY J 251 34.06 -23.85 5.01
C GLY J 251 34.34 -25.31 5.38
N LEU J 252 35.59 -25.63 5.71
CA LEU J 252 35.95 -27.00 6.10
C LEU J 252 35.58 -27.23 7.55
N GLY J 253 35.15 -26.18 8.24
CA GLY J 253 34.82 -26.31 9.64
C GLY J 253 36.05 -26.19 10.52
N LEU J 254 37.15 -25.62 10.03
CA LEU J 254 38.40 -25.59 10.76
C LEU J 254 38.60 -24.18 11.30
N ASP J 255 39.07 -24.13 12.55
CA ASP J 255 39.26 -22.87 13.23
C ASP J 255 40.71 -22.47 13.06
N ALA J 256 40.94 -21.38 12.32
CA ALA J 256 42.28 -20.91 11.99
C ALA J 256 43.20 -20.84 13.20
N ALA J 257 42.66 -20.42 14.35
CA ALA J 257 43.46 -20.21 15.53
C ALA J 257 43.98 -21.52 16.12
N GLU J 258 43.53 -22.70 15.64
CA GLU J 258 44.03 -24.01 16.06
C GLU J 258 45.06 -24.56 15.08
N LEU J 259 45.36 -23.85 13.98
CA LEU J 259 46.12 -24.38 12.87
C LEU J 259 47.44 -23.62 12.79
N PRO J 260 48.55 -24.18 12.23
CA PRO J 260 49.73 -23.37 11.98
C PRO J 260 49.50 -22.30 10.92
N PRO J 261 50.37 -21.26 10.84
CA PRO J 261 50.29 -20.26 9.79
C PRO J 261 50.29 -20.84 8.38
N GLN J 262 49.57 -20.15 7.48
CA GLN J 262 49.37 -20.59 6.12
C GLN J 262 50.71 -20.87 5.45
N ASN J 263 51.69 -19.99 5.71
CA ASN J 263 52.95 -20.03 5.01
C ASN J 263 54.09 -20.35 5.97
N ASP J 264 53.80 -21.06 7.07
CA ASP J 264 54.86 -21.68 7.82
C ASP J 264 55.20 -23.04 7.22
N ARG J 265 56.23 -23.06 6.36
CA ARG J 265 56.56 -24.24 5.55
C ARG J 265 56.99 -25.40 6.44
N ALA J 266 57.68 -25.14 7.55
CA ALA J 266 58.07 -26.22 8.46
C ALA J 266 56.84 -26.99 8.98
N ARG J 267 55.65 -26.35 9.01
CA ARG J 267 54.46 -26.99 9.54
C ARG J 267 53.47 -27.39 8.46
N TRP J 268 53.85 -27.25 7.19
CA TRP J 268 52.99 -27.65 6.10
C TRP J 268 52.55 -29.12 6.21
N PRO J 269 53.41 -30.10 6.57
CA PRO J 269 52.91 -31.46 6.75
C PRO J 269 51.73 -31.53 7.72
N GLU J 270 51.84 -30.80 8.84
CA GLU J 270 50.80 -30.80 9.85
C GLU J 270 49.52 -30.19 9.29
N LEU J 271 49.68 -29.07 8.58
CA LEU J 271 48.54 -28.40 7.98
C LEU J 271 47.87 -29.30 6.93
N ARG J 272 48.69 -29.98 6.14
CA ARG J 272 48.16 -30.86 5.12
C ARG J 272 47.35 -31.99 5.74
N ALA J 273 47.87 -32.56 6.83
CA ALA J 273 47.13 -33.64 7.46
C ALA J 273 45.72 -33.15 7.89
N LEU J 274 45.64 -31.96 8.47
CA LEU J 274 44.34 -31.47 8.93
C LEU J 274 43.39 -31.26 7.74
N LEU J 275 43.88 -30.63 6.65
CA LEU J 275 43.07 -30.42 5.46
C LEU J 275 42.69 -31.77 4.86
N THR J 276 43.61 -32.73 4.82
CA THR J 276 43.33 -34.03 4.25
C THR J 276 42.15 -34.68 4.96
N GLU J 277 42.21 -34.70 6.30
CA GLU J 277 41.14 -35.28 7.11
C GLU J 277 39.80 -34.56 6.85
N ALA J 278 39.81 -33.22 6.74
CA ALA J 278 38.57 -32.49 6.52
C ALA J 278 37.99 -32.83 5.15
N PHE J 279 38.79 -32.77 4.07
CA PHE J 279 38.21 -32.99 2.76
C PHE J 279 37.74 -34.44 2.61
N ALA J 280 38.40 -35.37 3.32
CA ALA J 280 38.03 -36.77 3.18
C ALA J 280 36.70 -37.07 3.86
N SER J 281 36.17 -36.13 4.65
CA SER J 281 34.98 -36.43 5.44
C SER J 281 33.70 -36.32 4.61
N HIS J 282 33.75 -35.72 3.43
CA HIS J 282 32.59 -35.67 2.57
C HIS J 282 33.00 -35.87 1.12
N ASP J 283 32.00 -36.14 0.27
CA ASP J 283 32.23 -36.43 -1.15
C ASP J 283 32.51 -35.17 -1.97
N ARG J 284 33.03 -35.34 -3.19
CA ARG J 284 33.44 -34.23 -4.03
C ARG J 284 32.27 -33.27 -4.26
N ASP J 285 31.09 -33.81 -4.56
CA ASP J 285 29.94 -32.98 -4.89
C ASP J 285 29.48 -32.16 -3.68
N HIS J 286 29.63 -32.68 -2.45
CA HIS J 286 29.38 -31.88 -1.26
C HIS J 286 30.26 -30.64 -1.28
N TRP J 287 31.57 -30.79 -1.49
CA TRP J 287 32.43 -29.62 -1.44
C TRP J 287 32.08 -28.63 -2.54
N GLY J 288 31.62 -29.09 -3.70
CA GLY J 288 31.23 -28.16 -4.76
C GLY J 288 30.01 -27.32 -4.39
N ALA J 289 29.04 -27.92 -3.69
CA ALA J 289 27.90 -27.20 -3.19
C ALA J 289 28.30 -26.17 -2.12
N VAL J 290 29.00 -26.65 -1.11
CA VAL J 290 29.48 -25.84 0.00
C VAL J 290 30.24 -24.61 -0.49
N PHE J 291 31.02 -24.75 -1.58
CA PHE J 291 31.87 -23.63 -1.95
C PHE J 291 31.44 -22.92 -3.22
N ALA J 292 30.28 -23.29 -3.80
CA ALA J 292 29.66 -22.49 -4.85
C ALA J 292 29.42 -21.07 -4.34
N ASN J 293 29.74 -20.12 -5.23
CA ASN J 293 29.65 -18.70 -5.02
C ASN J 293 30.69 -18.23 -4.01
N SER J 294 31.68 -19.06 -3.63
CA SER J 294 32.68 -18.59 -2.68
C SER J 294 34.01 -18.26 -3.37
N ASP J 295 34.83 -17.46 -2.66
CA ASP J 295 36.20 -17.15 -3.02
C ASP J 295 37.20 -18.10 -2.36
N ALA J 296 36.74 -19.28 -1.90
CA ALA J 296 37.59 -20.22 -1.21
C ALA J 296 38.57 -20.93 -2.16
N CYS J 297 38.35 -20.82 -3.48
CA CYS J 297 39.20 -21.40 -4.51
C CYS J 297 39.22 -22.92 -4.40
N VAL J 298 38.03 -23.51 -4.33
CA VAL J 298 37.87 -24.94 -4.20
C VAL J 298 36.95 -25.35 -5.33
N THR J 299 37.40 -26.31 -6.15
CA THR J 299 36.67 -26.72 -7.34
C THR J 299 36.77 -28.22 -7.44
N PRO J 300 35.73 -28.87 -7.97
CA PRO J 300 35.76 -30.28 -8.22
C PRO J 300 36.70 -30.57 -9.37
N VAL J 301 37.39 -31.72 -9.28
CA VAL J 301 38.32 -32.10 -10.31
C VAL J 301 37.56 -33.05 -11.22
N LEU J 302 37.15 -32.54 -12.38
CA LEU J 302 36.29 -33.33 -13.24
C LEU J 302 37.14 -34.15 -14.22
N ALA J 303 36.73 -35.41 -14.42
CA ALA J 303 37.24 -36.20 -15.53
C ALA J 303 36.63 -35.69 -16.86
N PHE J 304 37.39 -35.85 -17.95
CA PHE J 304 36.91 -35.47 -19.28
C PHE J 304 35.44 -35.84 -19.45
N GLY J 305 35.08 -37.09 -19.15
CA GLY J 305 33.75 -37.62 -19.44
C GLY J 305 32.65 -36.96 -18.63
N GLU J 306 33.00 -36.20 -17.58
CA GLU J 306 32.00 -35.53 -16.76
C GLU J 306 31.84 -34.07 -17.13
N VAL J 307 32.76 -33.52 -17.95
CA VAL J 307 32.81 -32.08 -18.17
C VAL J 307 31.53 -31.57 -18.86
N HIS J 308 30.94 -32.37 -19.74
CA HIS J 308 29.73 -31.94 -20.44
C HIS J 308 28.53 -31.74 -19.49
N ASN J 309 28.61 -32.19 -18.23
CA ASN J 309 27.51 -32.01 -17.30
C ASN J 309 27.74 -30.88 -16.29
N GLU J 310 28.85 -30.16 -16.41
CA GLU J 310 29.14 -29.06 -15.50
C GLU J 310 28.41 -27.82 -16.01
N PRO J 311 27.52 -27.21 -15.19
CA PRO J 311 26.76 -26.03 -15.63
C PRO J 311 27.57 -24.94 -16.31
N HIS J 312 28.72 -24.55 -15.74
CA HIS J 312 29.47 -23.40 -16.25
C HIS J 312 30.09 -23.70 -17.62
N ILE J 313 30.40 -24.98 -17.86
CA ILE J 313 30.93 -25.39 -19.15
C ILE J 313 29.81 -25.27 -20.18
N ILE J 314 28.65 -25.85 -19.85
CA ILE J 314 27.50 -25.90 -20.72
C ILE J 314 27.11 -24.48 -21.12
N GLU J 315 27.01 -23.61 -20.14
CA GLU J 315 26.30 -22.35 -20.35
C GLU J 315 27.16 -21.37 -21.13
N ARG J 316 28.48 -21.59 -21.20
CA ARG J 316 29.37 -20.80 -22.03
C ARG J 316 29.73 -21.47 -23.36
N ASN J 317 29.15 -22.63 -23.68
CA ASN J 317 29.47 -23.28 -24.94
C ASN J 317 30.97 -23.34 -25.15
N THR J 318 31.70 -23.80 -24.12
CA THR J 318 33.13 -24.03 -24.25
C THR J 318 33.38 -25.17 -25.24
N PHE J 319 32.44 -26.11 -25.35
CA PHE J 319 32.54 -27.32 -26.15
C PHE J 319 31.38 -27.35 -27.15
N TYR J 320 31.60 -28.04 -28.29
CA TYR J 320 30.54 -28.41 -29.22
C TYR J 320 30.66 -29.92 -29.43
N GLU J 321 29.58 -30.53 -29.93
CA GLU J 321 29.57 -31.95 -30.18
C GLU J 321 29.91 -32.18 -31.64
N ALA J 322 30.91 -33.02 -31.90
CA ALA J 322 31.35 -33.32 -33.26
C ALA J 322 31.29 -34.83 -33.46
N ASN J 323 30.53 -35.26 -34.49
CA ASN J 323 30.52 -36.63 -34.98
C ASN J 323 30.40 -37.65 -33.84
N GLY J 324 31.45 -37.80 -33.02
CA GLY J 324 31.45 -38.74 -31.91
C GLY J 324 32.18 -38.17 -30.69
N GLY J 325 31.50 -37.24 -29.98
CA GLY J 325 32.00 -36.70 -28.73
C GLY J 325 32.47 -35.24 -28.83
N TRP J 326 32.72 -34.68 -27.65
CA TRP J 326 32.90 -33.26 -27.51
C TRP J 326 34.27 -32.80 -28.00
N GLN J 327 34.30 -31.54 -28.45
CA GLN J 327 35.52 -30.85 -28.83
C GLN J 327 35.44 -29.41 -28.36
N PRO J 328 36.59 -28.78 -28.05
CA PRO J 328 36.59 -27.39 -27.64
C PRO J 328 36.33 -26.41 -28.79
N MET J 329 35.49 -25.40 -28.51
CA MET J 329 35.23 -24.33 -29.45
C MET J 329 36.46 -23.44 -29.51
N PRO J 330 36.63 -22.69 -30.60
CA PRO J 330 37.79 -21.82 -30.72
C PRO J 330 37.92 -20.87 -29.54
N ALA J 331 39.18 -20.54 -29.25
CA ALA J 331 39.49 -19.59 -28.23
C ALA J 331 40.59 -18.72 -28.79
N PRO J 332 40.77 -17.46 -28.34
CA PRO J 332 39.80 -16.81 -27.46
C PRO J 332 38.57 -16.40 -28.26
N ARG J 333 37.73 -15.53 -27.66
CA ARG J 333 36.48 -15.10 -28.28
C ARG J 333 36.57 -13.62 -28.69
N PHE J 334 35.82 -13.28 -29.77
CA PHE J 334 35.92 -11.96 -30.37
C PHE J 334 34.52 -11.35 -30.39
N SER J 335 34.38 -10.10 -29.96
CA SER J 335 33.06 -9.48 -29.85
C SER J 335 32.43 -9.16 -31.22
N ARG J 336 33.22 -8.74 -32.22
CA ARG J 336 32.64 -8.32 -33.50
C ARG J 336 32.83 -9.38 -34.57
N THR J 337 34.05 -9.90 -34.74
CA THR J 337 34.29 -10.99 -35.68
C THR J 337 34.43 -12.32 -34.95
N ALA J 338 33.30 -12.90 -34.54
CA ALA J 338 33.29 -14.18 -33.85
C ALA J 338 33.73 -15.32 -34.77
N SER J 339 34.42 -16.27 -34.18
CA SER J 339 34.72 -17.51 -34.87
C SER J 339 33.44 -18.32 -34.97
N SER J 340 33.39 -19.22 -35.96
CA SER J 340 32.27 -20.13 -36.03
C SER J 340 32.72 -21.53 -35.61
N GLN J 341 31.74 -22.40 -35.50
CA GLN J 341 31.98 -23.78 -35.16
C GLN J 341 32.89 -24.42 -36.19
N PRO J 342 34.00 -25.07 -35.78
CA PRO J 342 34.95 -25.64 -36.73
C PRO J 342 34.31 -26.58 -37.76
N ARG J 343 34.90 -26.62 -38.96
CA ARG J 343 34.47 -27.53 -40.02
C ARG J 343 35.21 -28.86 -39.82
N PRO J 344 34.52 -30.01 -39.91
CA PRO J 344 35.18 -31.30 -39.73
C PRO J 344 36.33 -31.50 -40.70
N PRO J 345 37.27 -32.42 -40.42
CA PRO J 345 38.32 -32.73 -41.38
C PRO J 345 37.73 -33.08 -42.75
N ALA J 346 38.21 -32.39 -43.80
CA ALA J 346 37.58 -32.44 -45.10
C ALA J 346 38.12 -33.62 -45.94
N ALA J 347 37.37 -34.04 -46.96
CA ALA J 347 37.89 -34.97 -47.96
C ALA J 347 39.05 -34.31 -48.72
N THR J 348 40.06 -35.12 -49.08
CA THR J 348 41.20 -34.61 -49.83
C THR J 348 40.64 -33.88 -51.04
N ILE J 349 41.27 -32.77 -51.41
CA ILE J 349 40.96 -32.13 -52.66
C ILE J 349 42.24 -32.05 -53.48
N ASP J 350 42.15 -31.31 -54.59
CA ASP J 350 43.13 -31.33 -55.66
C ASP J 350 43.96 -30.04 -55.62
N ILE J 351 45.28 -30.14 -55.61
CA ILE J 351 46.07 -28.94 -55.42
C ILE J 351 45.81 -27.93 -56.54
N GLU J 352 45.29 -28.43 -57.68
CA GLU J 352 44.90 -27.57 -58.80
C GLU J 352 43.72 -26.70 -58.40
N ALA J 353 42.63 -27.36 -57.98
CA ALA J 353 41.38 -26.70 -57.63
C ALA J 353 41.63 -25.52 -56.69
N VAL J 354 42.64 -25.64 -55.83
CA VAL J 354 42.94 -24.63 -54.83
C VAL J 354 43.66 -23.45 -55.49
N LEU J 355 44.61 -23.76 -56.37
CA LEU J 355 45.34 -22.73 -57.07
C LEU J 355 44.39 -21.89 -57.93
N THR J 356 43.29 -22.54 -58.38
CA THR J 356 42.20 -21.87 -59.09
C THR J 356 41.49 -20.89 -58.15
N ASP J 357 40.89 -21.44 -57.08
CA ASP J 357 40.08 -20.70 -56.12
C ASP J 357 40.85 -19.50 -55.55
N TRP J 358 42.15 -19.68 -55.29
CA TRP J 358 43.00 -18.60 -54.79
C TRP J 358 43.33 -17.59 -55.88
N ASP J 359 43.20 -17.98 -57.15
CA ASP J 359 43.21 -17.01 -58.23
C ASP J 359 41.85 -16.31 -58.27
N MET K 1 32.07 -14.49 41.93
CA MET K 1 31.19 -14.09 40.79
C MET K 1 32.03 -13.82 39.54
N ALA K 2 31.79 -14.62 38.50
CA ALA K 2 32.53 -14.58 37.24
C ALA K 2 32.28 -13.31 36.43
N GLY K 3 33.34 -12.78 35.80
CA GLY K 3 33.22 -11.77 34.76
C GLY K 3 34.03 -10.52 35.11
N PRO K 4 34.20 -9.56 34.17
CA PRO K 4 35.09 -8.44 34.40
C PRO K 4 34.67 -7.45 35.48
N LEU K 5 33.37 -7.47 35.82
CA LEU K 5 32.84 -6.52 36.78
C LEU K 5 32.71 -7.15 38.16
N SER K 6 33.17 -8.39 38.34
CA SER K 6 33.25 -9.03 39.65
C SER K 6 33.66 -8.02 40.71
N GLY K 7 32.86 -7.93 41.79
CA GLY K 7 33.17 -7.06 42.90
C GLY K 7 32.54 -5.67 42.80
N LEU K 8 31.97 -5.32 41.63
CA LEU K 8 31.25 -4.07 41.51
C LEU K 8 29.87 -4.24 42.15
N ARG K 9 29.48 -3.23 42.93
CA ARG K 9 28.25 -3.31 43.71
C ARG K 9 27.23 -2.31 43.19
N VAL K 10 26.03 -2.83 42.89
CA VAL K 10 25.01 -1.98 42.27
C VAL K 10 23.68 -2.06 43.02
N VAL K 11 23.14 -0.86 43.23
CA VAL K 11 21.78 -0.71 43.75
C VAL K 11 20.89 -0.14 42.65
N GLU K 12 19.88 -0.96 42.28
CA GLU K 12 18.89 -0.65 41.26
C GLU K 12 17.53 -0.33 41.93
N LEU K 13 17.05 0.91 41.79
CA LEU K 13 15.67 1.25 42.16
C LEU K 13 14.74 0.81 41.04
N ALA K 14 14.02 -0.28 41.30
CA ALA K 14 13.15 -0.95 40.34
C ALA K 14 12.36 0.05 39.52
N GLY K 15 12.41 -0.18 38.20
CA GLY K 15 11.69 0.58 37.19
C GLY K 15 11.31 -0.34 36.05
N ILE K 16 11.16 0.26 34.87
CA ILE K 16 10.85 -0.54 33.69
C ILE K 16 11.74 -0.08 32.53
N GLY K 17 12.00 -0.98 31.58
CA GLY K 17 12.65 -0.58 30.35
C GLY K 17 14.15 -0.54 30.52
N PRO K 18 14.79 0.62 30.32
CA PRO K 18 16.24 0.68 30.24
C PRO K 18 16.97 0.36 31.53
N GLY K 19 16.46 0.92 32.65
CA GLY K 19 17.11 0.73 33.93
C GLY K 19 17.37 -0.73 34.17
N PRO K 20 16.32 -1.57 34.15
CA PRO K 20 16.49 -2.98 34.37
C PRO K 20 17.35 -3.71 33.35
N HIS K 21 17.42 -3.16 32.13
CA HIS K 21 18.23 -3.80 31.12
C HIS K 21 19.70 -3.50 31.45
N ALA K 22 20.00 -2.25 31.76
CA ALA K 22 21.34 -1.87 32.14
C ALA K 22 21.75 -2.67 33.37
N ALA K 23 20.90 -2.66 34.39
CA ALA K 23 21.20 -3.42 35.59
C ALA K 23 21.50 -4.87 35.21
N MET K 24 20.66 -5.46 34.35
CA MET K 24 20.83 -6.85 33.94
C MET K 24 22.25 -7.09 33.38
N ILE K 25 22.73 -6.17 32.55
CA ILE K 25 23.99 -6.39 31.85
C ILE K 25 25.15 -6.32 32.85
N LEU K 26 25.09 -5.35 33.79
CA LEU K 26 26.06 -5.25 34.87
C LEU K 26 26.18 -6.60 35.56
N GLY K 27 25.03 -7.15 35.95
CA GLY K 27 25.00 -8.45 36.63
C GLY K 27 25.50 -9.59 35.74
N ASP K 28 25.14 -9.55 34.44
CA ASP K 28 25.65 -10.48 33.45
C ASP K 28 27.17 -10.54 33.50
N LEU K 29 27.81 -9.37 33.57
CA LEU K 29 29.27 -9.28 33.54
C LEU K 29 29.88 -9.42 34.95
N GLY K 30 29.08 -9.80 35.96
CA GLY K 30 29.63 -10.24 37.23
C GLY K 30 29.43 -9.27 38.41
N ALA K 31 28.90 -8.07 38.14
CA ALA K 31 28.51 -7.15 39.19
C ALA K 31 27.50 -7.80 40.14
N ASP K 32 27.53 -7.32 41.38
CA ASP K 32 26.63 -7.74 42.44
C ASP K 32 25.48 -6.73 42.47
N VAL K 33 24.30 -7.16 42.01
CA VAL K 33 23.24 -6.22 41.73
C VAL K 33 22.14 -6.51 42.74
N VAL K 34 21.74 -5.45 43.44
CA VAL K 34 20.69 -5.54 44.44
C VAL K 34 19.60 -4.56 44.00
N ARG K 35 18.43 -5.16 43.77
CA ARG K 35 17.33 -4.39 43.23
C ARG K 35 16.28 -4.18 44.33
N ILE K 36 16.00 -2.91 44.61
CA ILE K 36 15.00 -2.53 45.59
C ILE K 36 13.64 -2.33 44.89
N ASP K 37 12.69 -3.28 45.07
CA ASP K 37 11.32 -3.12 44.63
C ASP K 37 10.37 -2.85 45.82
N ARG K 38 9.20 -2.22 45.55
CA ARG K 38 8.14 -2.07 46.54
C ARG K 38 7.53 -3.43 46.87
N PRO K 39 7.05 -3.67 48.13
CA PRO K 39 6.46 -4.96 48.50
C PRO K 39 5.16 -5.28 47.77
N SER K 40 4.39 -4.23 47.43
CA SER K 40 3.25 -4.29 46.51
C SER K 40 3.54 -5.25 45.35
N SER K 41 4.63 -4.95 44.60
CA SER K 41 5.11 -5.73 43.47
C SER K 41 5.95 -6.92 43.95
N VAL K 42 5.31 -8.09 44.20
CA VAL K 42 5.98 -9.23 44.84
C VAL K 42 6.81 -9.96 43.77
N GLY K 44 5.91 -14.30 44.70
CA GLY K 44 6.66 -15.53 44.37
C GLY K 44 8.01 -15.20 43.73
N ILE K 45 8.59 -16.15 42.98
CA ILE K 45 9.80 -15.90 42.21
C ILE K 45 9.39 -15.28 40.87
N SER K 46 10.08 -14.19 40.44
CA SER K 46 9.80 -13.49 39.20
C SER K 46 10.06 -14.42 38.00
N ARG K 47 9.17 -14.37 37.00
CA ARG K 47 9.39 -15.14 35.77
C ARG K 47 9.72 -14.17 34.63
N ASP K 48 10.14 -12.95 34.98
CA ASP K 48 10.73 -12.03 34.02
C ASP K 48 12.25 -12.23 33.95
N ALA K 49 12.74 -12.90 32.89
CA ALA K 49 14.15 -13.23 32.76
C ALA K 49 15.02 -11.97 32.60
N MET K 50 14.42 -10.76 32.42
CA MET K 50 15.21 -9.54 32.47
C MET K 50 15.75 -9.27 33.90
N LEU K 51 15.25 -10.02 34.90
CA LEU K 51 15.67 -9.87 36.29
C LEU K 51 16.69 -10.93 36.70
N ARG K 52 17.35 -11.57 35.74
CA ARG K 52 18.45 -12.49 36.04
C ARG K 52 19.64 -11.72 36.65
N ASN K 53 20.52 -12.48 37.32
CA ASN K 53 21.74 -11.96 37.93
C ASN K 53 21.42 -10.84 38.92
N ARG K 54 20.42 -11.09 39.79
CA ARG K 54 19.94 -10.10 40.75
C ARG K 54 19.76 -10.71 42.14
N ARG K 55 19.87 -9.85 43.17
CA ARG K 55 19.17 -10.09 44.43
C ARG K 55 18.04 -9.06 44.57
N ILE K 56 16.80 -9.57 44.76
CA ILE K 56 15.65 -8.69 44.94
C ILE K 56 15.43 -8.45 46.43
N VAL K 57 15.30 -7.18 46.82
CA VAL K 57 14.83 -6.83 48.14
C VAL K 57 13.61 -5.92 48.04
N THR K 58 12.61 -6.29 48.83
CA THR K 58 11.42 -5.51 49.08
C THR K 58 11.74 -4.41 50.09
N ALA K 59 11.18 -3.22 49.89
CA ALA K 59 11.32 -2.13 50.83
C ALA K 59 10.47 -0.95 50.39
N ASP K 60 9.41 -0.67 51.16
CA ASP K 60 8.64 0.56 51.02
C ASP K 60 9.53 1.75 51.32
N LEU K 61 9.85 2.55 50.28
CA LEU K 61 10.78 3.66 50.37
C LEU K 61 10.10 4.92 50.88
N LYS K 62 8.78 4.87 51.00
CA LYS K 62 8.02 6.02 51.50
C LYS K 62 8.20 6.11 53.02
N SER K 63 8.39 4.94 53.66
CA SER K 63 8.51 4.83 55.11
C SER K 63 9.87 5.32 55.57
N ASP K 64 10.14 5.10 56.86
CA ASP K 64 11.37 5.58 57.45
C ASP K 64 12.34 4.41 57.62
N GLN K 65 11.84 3.25 58.01
CA GLN K 65 12.65 2.05 57.98
C GLN K 65 13.17 1.80 56.56
N GLY K 66 12.26 1.88 55.57
CA GLY K 66 12.61 1.70 54.17
C GLY K 66 13.69 2.67 53.68
N LEU K 67 13.52 3.98 53.90
CA LEU K 67 14.50 4.95 53.40
C LEU K 67 15.86 4.70 54.05
N GLU K 68 15.87 4.33 55.35
CA GLU K 68 17.12 4.18 56.08
C GLU K 68 17.85 2.92 55.59
N LEU K 69 17.14 1.80 55.58
CA LEU K 69 17.64 0.55 55.00
C LEU K 69 18.22 0.79 53.60
N ALA K 70 17.65 1.71 52.82
CA ALA K 70 18.09 1.91 51.45
C ALA K 70 19.39 2.71 51.45
N LEU K 71 19.37 3.83 52.15
CA LEU K 71 20.50 4.74 52.24
C LEU K 71 21.75 4.02 52.77
N LYS K 72 21.53 2.94 53.50
CA LYS K 72 22.59 2.12 54.06
C LYS K 72 23.14 1.17 53.00
N LEU K 73 22.27 0.61 52.14
CA LEU K 73 22.71 -0.17 50.97
C LEU K 73 23.56 0.69 50.05
N ILE K 74 23.12 1.93 49.84
CA ILE K 74 23.78 2.83 48.91
C ILE K 74 25.16 3.19 49.42
N ALA K 75 25.29 3.27 50.75
CA ALA K 75 26.50 3.74 51.39
C ALA K 75 27.68 2.81 51.05
N LYS K 76 27.38 1.51 50.93
CA LYS K 76 28.32 0.43 50.69
C LYS K 76 28.30 -0.06 49.22
N ALA K 77 28.11 0.86 48.26
CA ALA K 77 27.87 0.44 46.89
C ALA K 77 28.57 1.42 45.95
N ASP K 78 28.81 0.98 44.72
CA ASP K 78 29.53 1.80 43.76
C ASP K 78 28.60 2.59 42.86
N VAL K 79 27.48 1.92 42.52
CA VAL K 79 26.57 2.50 41.53
C VAL K 79 25.13 2.47 42.04
N LEU K 80 24.43 3.57 41.77
CA LEU K 80 22.97 3.61 41.87
C LEU K 80 22.36 3.94 40.50
N ILE K 81 21.38 3.10 40.16
CA ILE K 81 20.55 3.18 38.97
C ILE K 81 19.12 3.52 39.40
N GLU K 82 18.64 4.67 38.92
CA GLU K 82 17.24 5.04 39.05
C GLU K 82 16.72 5.48 37.70
N GLY K 83 15.46 5.09 37.41
CA GLY K 83 14.82 5.53 36.18
C GLY K 83 13.38 5.96 36.39
N TYR K 84 13.22 6.93 37.31
CA TYR K 84 11.93 7.54 37.60
C TYR K 84 11.95 8.92 37.00
N ARG K 85 10.79 9.61 36.99
CA ARG K 85 10.81 10.96 36.47
C ARG K 85 11.74 11.76 37.35
N PRO K 86 12.32 12.86 36.83
CA PRO K 86 13.10 13.76 37.67
C PRO K 86 12.31 14.22 38.90
N GLY K 87 12.95 14.35 40.07
CA GLY K 87 12.29 14.77 41.29
C GLY K 87 11.95 13.58 42.16
N VAL K 88 11.80 12.39 41.58
CA VAL K 88 11.23 11.33 42.39
C VAL K 88 12.19 10.85 43.48
N THR K 89 13.48 10.80 43.14
CA THR K 89 14.43 10.30 44.13
C THR K 89 14.65 11.40 45.16
N GLU K 90 14.80 12.66 44.70
CA GLU K 90 14.93 13.79 45.59
C GLU K 90 13.86 13.69 46.69
N ARG K 91 12.60 13.62 46.28
CA ARG K 91 11.49 13.73 47.21
C ARG K 91 11.46 12.48 48.09
N LEU K 92 12.00 11.36 47.63
CA LEU K 92 12.11 10.21 48.52
C LEU K 92 13.20 10.39 49.61
N GLY K 93 14.09 11.39 49.44
CA GLY K 93 15.30 11.55 50.24
C GLY K 93 16.49 10.78 49.68
N LEU K 94 16.46 10.43 48.37
CA LEU K 94 17.47 9.62 47.71
C LEU K 94 18.06 10.36 46.52
N GLY K 95 17.95 11.69 46.46
CA GLY K 95 18.51 12.48 45.38
C GLY K 95 20.03 12.33 45.34
N PRO K 96 20.72 12.84 44.29
CA PRO K 96 22.17 12.85 44.28
C PRO K 96 22.74 13.20 45.66
N GLU K 97 22.32 14.34 46.22
CA GLU K 97 23.01 14.95 47.36
C GLU K 97 22.83 14.17 48.65
N GLU K 98 21.60 13.74 48.91
CA GLU K 98 21.35 12.80 49.98
C GLU K 98 22.27 11.57 49.86
N CYS K 99 22.47 11.08 48.65
CA CYS K 99 23.35 9.94 48.44
C CYS K 99 24.81 10.37 48.62
N ALA K 100 25.18 11.56 48.14
CA ALA K 100 26.54 12.05 48.22
C ALA K 100 26.99 12.24 49.67
N LYS K 101 26.06 12.51 50.59
CA LYS K 101 26.38 12.61 52.00
C LYS K 101 26.77 11.25 52.57
N VAL K 102 26.16 10.14 52.14
CA VAL K 102 26.55 8.85 52.71
C VAL K 102 27.69 8.22 51.90
N ASN K 103 28.16 8.85 50.80
CA ASN K 103 28.97 8.11 49.83
C ASN K 103 29.42 9.01 48.68
N ASP K 104 30.54 9.74 48.83
CA ASP K 104 30.96 10.69 47.79
C ASP K 104 31.60 9.95 46.60
N ARG K 105 31.65 8.61 46.68
CA ARG K 105 32.26 7.80 45.63
C ARG K 105 31.23 7.25 44.63
N LEU K 106 29.93 7.42 44.94
CA LEU K 106 28.85 6.74 44.24
C LEU K 106 28.70 7.33 42.84
N ILE K 107 28.60 6.41 41.87
CA ILE K 107 28.12 6.77 40.55
C ILE K 107 26.58 6.78 40.61
N TYR K 108 26.01 7.97 40.37
CA TYR K 108 24.57 8.17 40.49
C TYR K 108 23.96 8.23 39.09
N ALA K 109 23.28 7.14 38.70
CA ALA K 109 22.90 6.98 37.29
C ALA K 109 21.40 7.19 37.09
N ARG K 110 21.08 8.23 36.32
CA ARG K 110 19.70 8.67 36.09
C ARG K 110 19.30 8.36 34.65
N MET K 111 18.42 7.36 34.53
CA MET K 111 17.89 6.85 33.26
C MET K 111 16.51 7.43 32.97
N THR K 112 16.45 8.42 32.07
CA THR K 112 15.16 8.95 31.67
C THR K 112 15.03 8.90 30.15
N GLY K 113 13.86 9.34 29.65
CA GLY K 113 13.65 9.50 28.24
C GLY K 113 13.91 10.93 27.77
N TRP K 114 13.35 11.91 28.49
CA TRP K 114 13.39 13.28 28.02
C TRP K 114 14.56 14.05 28.63
N GLY K 115 15.20 13.45 29.65
CA GLY K 115 16.22 14.13 30.43
C GLY K 115 15.68 14.75 31.74
N GLN K 116 16.56 15.50 32.40
CA GLN K 116 16.38 15.88 33.78
C GLN K 116 15.64 17.22 33.85
N THR K 117 15.72 17.99 32.78
CA THR K 117 15.10 19.30 32.73
C THR K 117 14.46 19.50 31.36
N GLY K 118 13.83 20.67 31.18
CA GLY K 118 13.23 21.08 29.92
C GLY K 118 11.73 20.78 29.86
N PRO K 119 11.02 21.31 28.85
CA PRO K 119 9.54 21.30 28.83
C PRO K 119 8.84 19.95 28.86
N ARG K 120 9.56 18.85 28.50
CA ARG K 120 8.91 17.55 28.35
C ARG K 120 9.34 16.63 29.48
N SER K 121 10.09 17.19 30.43
CA SER K 121 10.80 16.41 31.41
C SER K 121 9.86 15.75 32.40
N GLN K 122 8.59 16.18 32.48
CA GLN K 122 7.67 15.48 33.38
C GLN K 122 6.64 14.63 32.63
N GLN K 123 6.66 14.71 31.30
CA GLN K 123 5.81 13.87 30.46
C GLN K 123 6.22 12.40 30.50
N ALA K 124 5.26 11.56 30.85
CA ALA K 124 5.34 10.13 30.60
C ALA K 124 5.60 9.89 29.12
N GLY K 125 6.09 8.68 28.86
CA GLY K 125 6.66 8.37 27.57
C GLY K 125 7.11 6.91 27.53
N HIS K 126 7.17 6.39 26.32
CA HIS K 126 7.81 5.11 26.05
C HIS K 126 8.72 5.29 24.84
N ASP K 127 9.44 4.21 24.51
CA ASP K 127 10.39 4.22 23.41
C ASP K 127 9.85 5.00 22.20
N ILE K 128 8.63 4.66 21.72
CA ILE K 128 8.14 5.18 20.45
C ILE K 128 8.07 6.71 20.50
N ASN K 129 7.85 7.23 21.70
CA ASN K 129 7.74 8.68 21.89
C ASN K 129 9.11 9.37 21.82
N TYR K 130 10.08 8.81 22.53
CA TYR K 130 11.42 9.42 22.56
C TYR K 130 12.04 9.40 21.16
N ILE K 131 11.86 8.31 20.40
CA ILE K 131 12.43 8.29 19.06
C ILE K 131 11.60 9.07 18.02
N SER K 132 10.38 9.48 18.36
CA SER K 132 9.58 10.20 17.39
C SER K 132 10.04 11.65 17.32
N LEU K 133 10.65 12.16 18.41
CA LEU K 133 10.92 13.58 18.50
C LEU K 133 12.26 13.93 17.89
N ASN K 134 13.15 12.94 17.69
CA ASN K 134 14.50 13.24 17.21
C ASN K 134 14.75 12.72 15.78
N GLY K 135 13.68 12.40 15.04
CA GLY K 135 13.76 12.11 13.61
C GLY K 135 13.91 10.61 13.28
N ILE K 136 14.15 9.79 14.29
CA ILE K 136 14.48 8.39 14.09
C ILE K 136 13.26 7.65 13.57
N LEU K 137 12.11 7.81 14.23
CA LEU K 137 10.96 6.98 13.89
C LEU K 137 10.52 7.33 12.48
N HIS K 138 10.55 8.62 12.14
CA HIS K 138 10.10 9.06 10.83
C HIS K 138 10.86 8.32 9.74
N ALA K 139 12.11 7.88 10.02
CA ALA K 139 12.98 7.29 9.02
C ALA K 139 12.79 5.78 8.82
N ILE K 140 11.94 5.16 9.62
CA ILE K 140 11.86 3.71 9.61
C ILE K 140 10.55 3.25 8.99
N GLY K 141 10.64 2.34 7.99
CA GLY K 141 9.47 1.76 7.36
C GLY K 141 9.43 2.09 5.87
N ARG K 142 8.41 1.54 5.18
CA ARG K 142 8.22 1.76 3.75
C ARG K 142 7.74 3.18 3.50
N GLY K 143 8.19 3.75 2.37
CA GLY K 143 7.87 5.11 1.94
C GLY K 143 6.38 5.36 1.84
N ASP K 144 5.63 4.34 1.43
CA ASP K 144 4.21 4.49 1.12
C ASP K 144 3.33 4.14 2.34
N GLU K 145 3.86 4.26 3.55
CA GLU K 145 3.16 3.75 4.72
C GLU K 145 3.59 4.50 5.95
N ARG K 146 2.80 4.40 7.00
CA ARG K 146 3.12 5.13 8.21
C ARG K 146 4.33 4.47 8.87
N PRO K 147 5.19 5.24 9.56
CA PRO K 147 6.41 4.69 10.11
C PRO K 147 6.13 3.52 11.03
N VAL K 148 7.12 2.64 11.14
CA VAL K 148 6.94 1.42 11.90
C VAL K 148 7.94 1.45 13.06
N PRO K 149 7.49 1.11 14.28
CA PRO K 149 8.38 1.11 15.42
C PRO K 149 9.30 -0.10 15.39
N PRO K 150 10.62 0.12 15.51
CA PRO K 150 11.59 -0.95 15.55
C PRO K 150 11.62 -1.60 16.92
N LEU K 151 10.50 -2.20 17.26
CA LEU K 151 10.24 -2.64 18.61
C LEU K 151 10.65 -1.50 19.54
N ASN K 152 11.12 -1.86 20.75
CA ASN K 152 11.60 -0.85 21.68
C ASN K 152 13.12 -0.91 21.74
N LEU K 153 13.77 -1.18 20.60
CA LEU K 153 15.19 -1.50 20.59
C LEU K 153 16.05 -0.26 20.51
N VAL K 154 15.56 0.82 19.90
CA VAL K 154 16.45 1.95 19.64
C VAL K 154 16.43 3.00 20.77
N GLY K 155 15.26 3.21 21.39
CA GLY K 155 15.11 4.22 22.43
C GLY K 155 15.46 3.65 23.81
N ASP K 156 14.82 2.54 24.19
CA ASP K 156 15.02 1.90 25.47
C ASP K 156 16.41 1.30 25.60
N PHE K 157 16.83 0.45 24.66
CA PHE K 157 18.02 -0.34 24.86
C PHE K 157 19.22 0.33 24.19
N GLY K 158 19.21 0.38 22.85
CA GLY K 158 20.30 0.95 22.08
C GLY K 158 20.68 2.36 22.49
N GLY K 159 19.68 3.20 22.64
CA GLY K 159 19.95 4.61 22.90
C GLY K 159 19.69 4.92 24.38
N GLY K 160 19.40 3.89 25.16
CA GLY K 160 18.93 4.04 26.50
C GLY K 160 19.87 3.41 27.51
N SER K 161 19.58 2.17 27.85
CA SER K 161 20.37 1.37 28.75
C SER K 161 21.84 1.36 28.34
N MET K 162 22.13 1.25 27.03
CA MET K 162 23.52 1.06 26.64
C MET K 162 24.29 2.36 26.89
N PHE K 163 23.63 3.51 26.79
CA PHE K 163 24.31 4.75 27.09
C PHE K 163 24.39 4.98 28.59
N LEU K 164 23.45 4.42 29.35
CA LEU K 164 23.57 4.48 30.79
C LEU K 164 24.81 3.69 31.18
N LEU K 165 24.95 2.47 30.61
CA LEU K 165 26.06 1.58 30.89
C LEU K 165 27.40 2.26 30.57
N VAL K 166 27.49 2.91 29.41
CA VAL K 166 28.71 3.57 28.99
C VAL K 166 29.03 4.69 29.98
N GLY K 167 28.01 5.40 30.44
CA GLY K 167 28.22 6.50 31.37
C GLY K 167 28.71 6.01 32.74
N ILE K 168 28.07 4.98 33.27
CA ILE K 168 28.47 4.37 34.52
C ILE K 168 29.94 3.94 34.46
N LEU K 169 30.32 3.26 33.37
CA LEU K 169 31.60 2.57 33.34
C LEU K 169 32.66 3.61 33.03
N ALA K 170 32.31 4.65 32.27
CA ALA K 170 33.22 5.75 32.06
C ALA K 170 33.45 6.51 33.37
N ALA K 171 32.40 6.58 34.19
CA ALA K 171 32.47 7.39 35.39
C ALA K 171 33.31 6.66 36.44
N LEU K 172 33.16 5.33 36.51
CA LEU K 172 34.05 4.45 37.26
C LEU K 172 35.53 4.61 36.85
N TRP K 173 35.81 4.95 35.59
CA TRP K 173 37.17 5.19 35.14
C TRP K 173 37.69 6.52 35.68
N GLU K 174 36.87 7.57 35.51
CA GLU K 174 37.26 8.91 35.92
C GLU K 174 37.56 8.92 37.42
N ARG K 175 36.80 8.08 38.14
CA ARG K 175 36.84 7.93 39.58
C ARG K 175 38.19 7.38 40.06
N GLN K 176 38.79 6.42 39.34
CA GLN K 176 39.98 5.76 39.85
C GLN K 176 41.07 6.83 39.93
N SER K 177 40.89 7.93 39.19
CA SER K 177 41.80 9.05 39.12
C SER K 177 41.41 10.23 40.01
N SER K 178 40.13 10.36 40.44
CA SER K 178 39.67 11.55 41.15
C SER K 178 39.25 11.27 42.61
N GLY K 179 38.99 10.01 42.96
CA GLY K 179 38.44 9.66 44.25
C GLY K 179 36.91 9.78 44.34
N LYS K 180 36.28 10.46 43.36
CA LYS K 180 34.92 10.95 43.52
C LYS K 180 33.96 10.37 42.47
N GLY K 181 32.74 10.00 42.94
CA GLY K 181 31.61 9.70 42.08
C GLY K 181 31.06 10.93 41.36
N GLN K 182 29.84 10.79 40.78
CA GLN K 182 29.19 11.87 40.04
C GLN K 182 27.86 11.34 39.45
N VAL K 183 27.12 12.24 38.78
CA VAL K 183 25.78 11.92 38.30
C VAL K 183 25.87 11.66 36.80
N VAL K 184 25.37 10.49 36.40
CA VAL K 184 25.19 10.21 34.98
C VAL K 184 23.73 10.49 34.58
N ASP K 185 23.56 11.45 33.68
CA ASP K 185 22.28 11.82 33.07
C ASP K 185 22.17 11.19 31.67
N ALA K 186 21.55 9.98 31.62
CA ALA K 186 21.23 9.29 30.38
C ALA K 186 19.78 9.52 29.94
N ALA K 187 19.61 10.31 28.86
CA ALA K 187 18.32 10.55 28.24
C ALA K 187 18.21 9.83 26.90
N MET K 188 17.20 8.96 26.77
CA MET K 188 16.95 8.19 25.56
C MET K 188 16.90 9.09 24.34
N VAL K 189 16.38 10.29 24.49
CA VAL K 189 16.36 11.15 23.32
C VAL K 189 17.78 11.59 22.91
N ASP K 190 18.74 11.57 23.83
CA ASP K 190 20.12 11.92 23.50
C ASP K 190 20.88 10.70 22.96
N GLY K 191 20.83 9.61 23.73
CA GLY K 191 21.45 8.35 23.41
C GLY K 191 21.11 7.92 21.99
N SER K 192 19.82 7.96 21.66
CA SER K 192 19.35 7.45 20.39
C SER K 192 19.83 8.37 19.26
N SER K 193 19.94 9.66 19.53
CA SER K 193 20.50 10.60 18.55
C SER K 193 21.98 10.31 18.23
N VAL K 194 22.77 9.93 19.25
CA VAL K 194 24.18 9.57 19.03
C VAL K 194 24.24 8.23 18.30
N LEU K 195 23.29 7.33 18.62
CA LEU K 195 23.17 6.03 17.98
C LEU K 195 23.03 6.19 16.46
N ILE K 196 22.32 7.23 16.01
CA ILE K 196 22.01 7.47 14.61
C ILE K 196 22.90 8.59 14.10
N GLN K 197 24.09 8.76 14.73
CA GLN K 197 24.98 9.84 14.31
C GLN K 197 25.36 9.68 12.83
N MET K 198 25.47 8.44 12.35
CA MET K 198 25.79 8.19 10.95
C MET K 198 24.82 8.90 10.02
N MET K 199 23.51 8.81 10.32
CA MET K 199 22.52 9.40 9.42
C MET K 199 22.66 10.91 9.41
N TRP K 200 22.97 11.52 10.55
CA TRP K 200 23.12 12.98 10.61
C TRP K 200 24.37 13.42 9.86
N ALA K 201 25.42 12.58 9.88
CA ALA K 201 26.63 12.78 9.08
C ALA K 201 26.32 12.74 7.59
N MET K 202 25.68 11.67 7.15
CA MET K 202 25.33 11.48 5.75
C MET K 202 24.38 12.59 5.28
N ARG K 203 23.48 13.03 6.16
CA ARG K 203 22.53 14.05 5.80
C ARG K 203 23.27 15.34 5.43
N ALA K 204 24.37 15.62 6.15
CA ALA K 204 25.14 16.84 5.96
C ALA K 204 25.80 16.88 4.57
N THR K 205 26.31 15.73 4.13
CA THR K 205 26.96 15.60 2.83
C THR K 205 25.98 15.16 1.75
N GLY K 206 24.69 15.40 1.92
CA GLY K 206 23.72 15.06 0.90
C GLY K 206 23.58 13.56 0.63
N MET K 207 24.03 12.68 1.52
CA MET K 207 24.01 11.24 1.27
C MET K 207 22.84 10.57 2.02
N TRP K 208 21.95 11.37 2.60
CA TRP K 208 20.77 10.83 3.23
C TRP K 208 19.64 11.88 3.18
N THR K 209 18.41 11.46 2.83
CA THR K 209 17.29 12.37 2.70
C THR K 209 16.20 11.94 3.67
N ASP K 210 15.29 12.90 3.93
CA ASP K 210 14.23 12.73 4.91
C ASP K 210 13.09 11.87 4.36
N THR K 211 13.13 11.54 3.08
CA THR K 211 12.11 10.72 2.43
C THR K 211 12.30 9.30 2.91
N ARG K 212 11.25 8.73 3.49
CA ARG K 212 11.32 7.40 4.06
C ARG K 212 11.34 6.40 2.90
N GLY K 213 12.15 5.35 3.02
CA GLY K 213 12.17 4.27 2.04
C GLY K 213 12.96 4.63 0.78
N ALA K 214 13.83 5.64 0.85
CA ALA K 214 14.53 6.10 -0.32
C ALA K 214 16.02 6.26 -0.02
N ASN K 215 16.59 5.47 0.88
CA ASN K 215 18.01 5.62 1.14
C ASN K 215 18.67 4.24 1.05
N MET K 216 19.99 4.24 1.21
CA MET K 216 20.78 3.05 1.02
C MET K 216 20.48 2.02 2.10
N LEU K 217 20.14 2.49 3.31
CA LEU K 217 20.06 1.59 4.46
C LEU K 217 18.66 1.50 5.07
N ASP K 218 17.62 2.12 4.48
CA ASP K 218 16.28 2.08 5.06
C ASP K 218 15.37 1.08 4.36
N GLY K 219 15.93 0.34 3.38
CA GLY K 219 15.15 -0.53 2.53
C GLY K 219 14.90 0.02 1.13
N GLY K 220 15.27 1.26 0.87
CA GLY K 220 15.16 1.82 -0.47
C GLY K 220 16.09 1.11 -1.47
N ALA K 221 17.28 0.68 -1.03
CA ALA K 221 18.22 0.12 -1.97
C ALA K 221 17.89 -1.34 -2.22
N PRO K 222 17.80 -1.78 -3.49
CA PRO K 222 17.46 -3.17 -3.77
C PRO K 222 18.50 -4.17 -3.28
N TYR K 223 19.73 -3.69 -3.10
CA TYR K 223 20.80 -4.51 -2.55
C TYR K 223 20.88 -4.47 -1.01
N TYR K 224 20.01 -3.70 -0.34
CA TYR K 224 19.96 -3.69 1.12
C TYR K 224 18.49 -3.76 1.57
N ASP K 225 17.95 -4.96 1.67
CA ASP K 225 16.52 -5.16 1.85
C ASP K 225 16.24 -6.64 1.97
N THR K 226 15.02 -7.02 2.41
CA THR K 226 14.64 -8.42 2.46
C THR K 226 13.88 -8.78 1.19
N TYR K 227 13.84 -10.07 0.89
CA TYR K 227 13.16 -10.55 -0.29
C TYR K 227 12.38 -11.80 0.07
N GLU K 228 11.20 -11.93 -0.51
CA GLU K 228 10.41 -13.09 -0.24
C GLU K 228 10.83 -14.20 -1.20
N CYS K 229 10.87 -15.43 -0.66
CA CYS K 229 11.27 -16.60 -1.41
C CYS K 229 10.02 -17.38 -1.84
N ALA K 230 10.24 -18.47 -2.60
CA ALA K 230 9.20 -19.34 -3.09
C ALA K 230 8.33 -19.88 -1.97
N ASP K 231 8.90 -20.05 -0.78
CA ASP K 231 8.18 -20.71 0.30
C ASP K 231 7.51 -19.67 1.20
N GLY K 232 7.50 -18.40 0.82
CA GLY K 232 6.86 -17.38 1.63
C GLY K 232 7.74 -16.94 2.82
N ARG K 233 8.94 -17.55 3.00
CA ARG K 233 9.97 -17.08 3.92
C ARG K 233 10.91 -16.08 3.23
N TYR K 234 11.86 -15.51 3.99
CA TYR K 234 12.58 -14.34 3.53
C TYR K 234 14.09 -14.51 3.64
N VAL K 235 14.78 -13.79 2.78
CA VAL K 235 16.22 -13.62 2.89
C VAL K 235 16.49 -12.14 3.03
N ALA K 236 17.67 -11.86 3.57
CA ALA K 236 18.19 -10.51 3.66
C ALA K 236 19.43 -10.42 2.80
N VAL K 237 19.49 -9.28 2.11
CA VAL K 237 20.52 -8.91 1.19
C VAL K 237 21.09 -7.63 1.71
N GLY K 238 22.42 -7.63 1.83
CA GLY K 238 23.16 -6.53 2.43
C GLY K 238 24.41 -6.21 1.61
N ALA K 239 24.34 -6.36 0.28
CA ALA K 239 25.56 -6.36 -0.52
C ALA K 239 25.86 -4.96 -1.02
N ILE K 240 26.40 -4.16 -0.11
CA ILE K 240 26.68 -2.75 -0.39
C ILE K 240 27.90 -2.62 -1.33
N GLU K 241 28.96 -3.36 -1.01
CA GLU K 241 30.22 -3.27 -1.74
C GLU K 241 30.03 -3.86 -3.14
N PRO K 242 30.60 -3.22 -4.19
CA PRO K 242 30.45 -3.72 -5.56
C PRO K 242 30.79 -5.20 -5.74
N GLN K 243 31.86 -5.68 -5.08
CA GLN K 243 32.34 -7.03 -5.30
C GLN K 243 31.33 -8.02 -4.73
N PHE K 244 30.77 -7.67 -3.57
CA PHE K 244 29.83 -8.54 -2.91
C PHE K 244 28.53 -8.54 -3.68
N TYR K 245 28.14 -7.37 -4.16
CA TYR K 245 26.95 -7.22 -5.00
C TYR K 245 27.09 -8.08 -6.26
N ALA K 246 28.27 -8.03 -6.87
CA ALA K 246 28.52 -8.83 -8.08
C ALA K 246 28.44 -10.33 -7.79
N ALA K 247 28.97 -10.79 -6.65
CA ALA K 247 28.88 -12.20 -6.30
C ALA K 247 27.43 -12.61 -6.09
N MET K 248 26.61 -11.70 -5.56
CA MET K 248 25.20 -12.01 -5.30
C MET K 248 24.44 -12.19 -6.63
N LEU K 249 24.61 -11.24 -7.56
CA LEU K 249 23.99 -11.35 -8.88
C LEU K 249 24.28 -12.71 -9.52
N ALA K 250 25.56 -13.13 -9.49
CA ALA K 250 25.95 -14.38 -10.15
C ALA K 250 25.28 -15.56 -9.48
N GLY K 251 25.19 -15.55 -8.15
CA GLY K 251 24.50 -16.64 -7.47
C GLY K 251 23.03 -16.73 -7.86
N LEU K 252 22.42 -15.58 -8.20
CA LEU K 252 21.03 -15.56 -8.62
C LEU K 252 20.91 -15.95 -10.09
N GLY K 253 22.02 -16.15 -10.79
CA GLY K 253 21.91 -16.51 -12.20
C GLY K 253 21.69 -15.28 -13.06
N LEU K 254 22.03 -14.07 -12.58
CA LEU K 254 21.76 -12.84 -13.30
C LEU K 254 23.06 -12.29 -13.84
N ASP K 255 23.00 -11.83 -15.10
CA ASP K 255 24.17 -11.32 -15.78
C ASP K 255 24.18 -9.81 -15.57
N ALA K 256 25.19 -9.31 -14.83
CA ALA K 256 25.26 -7.89 -14.54
C ALA K 256 25.20 -7.05 -15.81
N ALA K 257 25.68 -7.57 -16.94
CA ALA K 257 25.70 -6.83 -18.20
C ALA K 257 24.26 -6.44 -18.61
N GLU K 258 23.27 -7.23 -18.21
CA GLU K 258 21.88 -7.04 -18.59
C GLU K 258 21.10 -6.21 -17.57
N LEU K 259 21.75 -5.72 -16.49
CA LEU K 259 21.04 -5.05 -15.41
C LEU K 259 21.48 -3.59 -15.40
N PRO K 260 20.62 -2.70 -14.87
CA PRO K 260 21.06 -1.34 -14.58
C PRO K 260 22.18 -1.31 -13.57
N PRO K 261 22.95 -0.19 -13.48
CA PRO K 261 23.98 -0.03 -12.46
C PRO K 261 23.40 -0.11 -11.05
N GLN K 262 24.20 -0.70 -10.14
CA GLN K 262 23.87 -0.95 -8.74
C GLN K 262 23.31 0.31 -8.09
N ASN K 263 23.96 1.47 -8.32
CA ASN K 263 23.59 2.70 -7.65
C ASN K 263 22.99 3.74 -8.60
N ASP K 264 22.37 3.32 -9.70
CA ASP K 264 21.53 4.22 -10.47
C ASP K 264 20.12 4.23 -9.87
N ARG K 265 19.84 5.21 -9.00
CA ARG K 265 18.64 5.21 -8.19
C ARG K 265 17.39 5.32 -9.06
N ALA K 266 17.50 6.00 -10.18
CA ALA K 266 16.38 6.14 -11.09
C ALA K 266 15.89 4.77 -11.57
N ARG K 267 16.78 3.77 -11.56
CA ARG K 267 16.42 2.48 -12.11
C ARG K 267 16.29 1.41 -11.02
N TRP K 268 16.25 1.87 -9.78
CA TRP K 268 16.14 0.95 -8.65
C TRP K 268 14.86 0.13 -8.74
N PRO K 269 13.70 0.70 -9.12
CA PRO K 269 12.49 -0.11 -9.26
C PRO K 269 12.69 -1.30 -10.19
N GLU K 270 13.29 -1.02 -11.34
CA GLU K 270 13.54 -2.05 -12.34
C GLU K 270 14.48 -3.13 -11.79
N LEU K 271 15.57 -2.69 -11.16
CA LEU K 271 16.51 -3.61 -10.55
C LEU K 271 15.82 -4.47 -9.50
N ARG K 272 15.04 -3.83 -8.64
CA ARG K 272 14.36 -4.52 -7.57
C ARG K 272 13.44 -5.62 -8.13
N ALA K 273 12.74 -5.30 -9.23
CA ALA K 273 11.82 -6.23 -9.83
C ALA K 273 12.57 -7.47 -10.31
N LEU K 274 13.78 -7.30 -10.87
CA LEU K 274 14.59 -8.42 -11.32
C LEU K 274 15.05 -9.31 -10.17
N LEU K 275 15.49 -8.71 -9.06
CA LEU K 275 15.90 -9.45 -7.86
C LEU K 275 14.69 -10.14 -7.22
N THR K 276 13.56 -9.44 -7.22
CA THR K 276 12.34 -10.00 -6.66
C THR K 276 12.02 -11.33 -7.35
N GLU K 277 12.08 -11.32 -8.69
CA GLU K 277 11.73 -12.50 -9.45
C GLU K 277 12.74 -13.61 -9.21
N ALA K 278 14.02 -13.26 -9.15
CA ALA K 278 15.03 -14.27 -8.93
C ALA K 278 14.87 -14.95 -7.57
N PHE K 279 14.75 -14.15 -6.49
CA PHE K 279 14.64 -14.70 -5.15
C PHE K 279 13.34 -15.49 -5.01
N ALA K 280 12.27 -15.09 -5.73
CA ALA K 280 11.00 -15.79 -5.57
C ALA K 280 11.06 -17.17 -6.23
N SER K 281 12.10 -17.48 -7.02
CA SER K 281 12.08 -18.72 -7.80
C SER K 281 12.56 -19.92 -6.97
N HIS K 282 13.04 -19.70 -5.74
CA HIS K 282 13.49 -20.79 -4.89
C HIS K 282 13.21 -20.40 -3.45
N ASP K 283 13.32 -21.38 -2.54
CA ASP K 283 12.94 -21.19 -1.15
C ASP K 283 14.14 -20.72 -0.34
N ARG K 284 13.87 -20.30 0.90
CA ARG K 284 14.88 -19.64 1.72
C ARG K 284 16.09 -20.55 1.90
N ASP K 285 15.84 -21.82 2.20
CA ASP K 285 16.95 -22.71 2.49
C ASP K 285 17.78 -22.97 1.23
N HIS K 286 17.18 -22.91 0.03
CA HIS K 286 17.98 -22.96 -1.19
C HIS K 286 18.99 -21.82 -1.20
N TRP K 287 18.55 -20.59 -0.91
CA TRP K 287 19.47 -19.46 -0.97
C TRP K 287 20.50 -19.56 0.14
N GLY K 288 20.10 -20.14 1.27
CA GLY K 288 21.03 -20.35 2.37
C GLY K 288 22.20 -21.22 1.94
N ALA K 289 21.90 -22.34 1.30
CA ALA K 289 22.91 -23.25 0.79
C ALA K 289 23.76 -22.62 -0.32
N VAL K 290 23.12 -21.92 -1.26
CA VAL K 290 23.81 -21.39 -2.43
C VAL K 290 24.83 -20.33 -2.00
N PHE K 291 24.52 -19.62 -0.92
CA PHE K 291 25.35 -18.49 -0.57
C PHE K 291 26.18 -18.79 0.66
N ALA K 292 26.12 -20.03 1.15
CA ALA K 292 27.04 -20.45 2.20
C ALA K 292 28.48 -20.25 1.72
N ASN K 293 29.30 -19.80 2.67
CA ASN K 293 30.70 -19.47 2.49
C ASN K 293 30.94 -18.41 1.45
N SER K 294 29.92 -17.63 1.07
CA SER K 294 30.15 -16.54 0.14
C SER K 294 30.13 -15.17 0.80
N ASP K 295 30.64 -14.20 0.04
CA ASP K 295 30.62 -12.79 0.35
C ASP K 295 29.44 -12.06 -0.30
N ALA K 296 28.42 -12.79 -0.73
CA ALA K 296 27.24 -12.19 -1.35
C ALA K 296 26.35 -11.41 -0.38
N CYS K 297 26.52 -11.54 0.93
CA CYS K 297 25.73 -10.84 1.95
C CYS K 297 24.25 -11.21 1.86
N VAL K 298 23.99 -12.52 1.77
CA VAL K 298 22.63 -13.00 1.69
C VAL K 298 22.48 -13.97 2.84
N THR K 299 21.44 -13.79 3.68
CA THR K 299 21.25 -14.65 4.85
C THR K 299 19.78 -14.97 4.98
N PRO K 300 19.44 -16.13 5.56
CA PRO K 300 18.06 -16.43 5.85
C PRO K 300 17.59 -15.56 6.99
N VAL K 301 16.34 -15.10 6.86
CA VAL K 301 15.72 -14.31 7.89
C VAL K 301 15.00 -15.32 8.79
N LEU K 302 15.58 -15.61 9.96
CA LEU K 302 15.04 -16.61 10.85
C LEU K 302 14.10 -15.96 11.88
N ALA K 303 12.98 -16.61 12.10
CA ALA K 303 12.13 -16.31 13.23
C ALA K 303 12.76 -16.87 14.50
N PHE K 304 12.48 -16.19 15.61
CA PHE K 304 12.97 -16.58 16.94
C PHE K 304 12.97 -18.09 17.14
N GLY K 305 11.84 -18.75 16.88
CA GLY K 305 11.68 -20.18 17.14
C GLY K 305 12.60 -21.06 16.29
N GLU K 306 13.17 -20.51 15.22
CA GLU K 306 14.09 -21.26 14.37
C GLU K 306 15.56 -21.05 14.74
N VAL K 307 15.85 -19.99 15.51
CA VAL K 307 17.22 -19.58 15.75
C VAL K 307 18.03 -20.71 16.42
N HIS K 308 17.35 -21.54 17.22
CA HIS K 308 18.00 -22.60 17.98
C HIS K 308 18.51 -23.69 17.04
N ASN K 309 17.95 -23.82 15.82
CA ASN K 309 18.41 -24.82 14.86
C ASN K 309 19.52 -24.32 13.93
N GLU K 310 20.07 -23.12 14.10
CA GLU K 310 21.03 -22.62 13.13
C GLU K 310 22.44 -22.94 13.63
N PRO K 311 23.26 -23.67 12.83
CA PRO K 311 24.62 -24.03 13.23
C PRO K 311 25.42 -22.88 13.83
N HIS K 312 25.44 -21.73 13.14
CA HIS K 312 26.32 -20.68 13.61
C HIS K 312 25.90 -20.18 15.00
N ILE K 313 24.62 -20.29 15.30
CA ILE K 313 24.13 -19.87 16.62
C ILE K 313 24.54 -20.96 17.63
N ILE K 314 24.30 -22.22 17.28
CA ILE K 314 24.50 -23.33 18.19
C ILE K 314 25.96 -23.36 18.62
N GLU K 315 26.85 -23.32 17.62
CA GLU K 315 28.27 -23.59 17.84
C GLU K 315 28.98 -22.46 18.56
N ARG K 316 28.43 -21.24 18.56
CA ARG K 316 29.02 -20.18 19.36
C ARG K 316 28.29 -19.97 20.69
N ASN K 317 27.24 -20.75 20.96
CA ASN K 317 26.56 -20.68 22.26
C ASN K 317 26.11 -19.26 22.52
N THR K 318 25.45 -18.65 21.53
CA THR K 318 24.91 -17.30 21.72
C THR K 318 23.75 -17.38 22.73
N PHE K 319 23.05 -18.53 22.82
CA PHE K 319 21.93 -18.76 23.72
C PHE K 319 22.17 -19.94 24.67
N TYR K 320 21.44 -19.93 25.82
CA TYR K 320 21.31 -21.05 26.75
C TYR K 320 19.83 -21.29 27.03
N GLU K 321 19.47 -22.48 27.51
CA GLU K 321 18.08 -22.79 27.85
C GLU K 321 17.76 -22.45 29.31
N ALA K 322 16.62 -21.78 29.51
CA ALA K 322 16.15 -21.44 30.84
C ALA K 322 14.62 -21.45 30.84
N ASN K 323 14.02 -22.40 31.56
CA ASN K 323 12.59 -22.35 31.83
C ASN K 323 11.82 -22.29 30.51
N GLY K 324 11.72 -23.43 29.83
CA GLY K 324 11.01 -23.57 28.57
C GLY K 324 11.23 -22.36 27.67
N GLY K 325 12.50 -22.11 27.29
CA GLY K 325 12.81 -20.92 26.51
C GLY K 325 14.30 -20.58 26.52
N TRP K 326 14.80 -20.31 25.30
CA TRP K 326 16.16 -19.85 25.12
C TRP K 326 16.29 -18.40 25.55
N GLN K 327 17.52 -18.05 25.91
CA GLN K 327 17.85 -16.72 26.35
C GLN K 327 19.28 -16.48 25.90
N PRO K 328 19.65 -15.22 25.64
CA PRO K 328 21.01 -14.91 25.20
C PRO K 328 22.01 -14.88 26.34
N MET K 329 23.17 -15.47 26.09
CA MET K 329 24.30 -15.40 26.98
C MET K 329 24.80 -13.98 26.99
N PRO K 330 25.52 -13.61 28.06
CA PRO K 330 26.09 -12.28 28.17
C PRO K 330 26.92 -11.92 26.95
N ALA K 331 27.07 -10.62 26.77
CA ALA K 331 27.83 -10.04 25.69
C ALA K 331 28.33 -8.72 26.22
N PRO K 332 29.50 -8.23 25.79
CA PRO K 332 30.38 -8.99 24.91
C PRO K 332 31.11 -10.11 25.64
N ARG K 333 32.08 -10.75 24.96
CA ARG K 333 32.83 -11.88 25.52
C ARG K 333 34.24 -11.45 25.92
N PHE K 334 34.78 -12.13 26.93
CA PHE K 334 36.06 -11.75 27.53
C PHE K 334 36.98 -12.97 27.59
N SER K 335 38.26 -12.79 27.19
CA SER K 335 39.20 -13.91 27.11
C SER K 335 39.64 -14.37 28.50
N ARG K 336 39.98 -13.41 29.39
CA ARG K 336 40.50 -13.75 30.71
C ARG K 336 39.38 -13.88 31.73
N THR K 337 38.57 -12.82 31.93
CA THR K 337 37.50 -12.85 32.94
C THR K 337 36.15 -13.13 32.30
N ALA K 338 35.91 -14.37 31.90
CA ALA K 338 34.70 -14.75 31.19
C ALA K 338 33.48 -14.67 32.11
N SER K 339 32.36 -14.20 31.53
CA SER K 339 31.09 -14.20 32.22
C SER K 339 30.66 -15.64 32.37
N SER K 340 29.74 -15.94 33.28
CA SER K 340 29.15 -17.27 33.30
C SER K 340 27.67 -17.20 32.92
N GLN K 341 27.05 -18.38 32.78
CA GLN K 341 25.63 -18.52 32.53
C GLN K 341 24.85 -17.68 33.56
N PRO K 342 23.89 -16.82 33.16
CA PRO K 342 23.12 -16.07 34.11
C PRO K 342 22.38 -16.93 35.14
N ARG K 343 22.26 -16.35 36.34
CA ARG K 343 21.48 -16.95 37.40
C ARG K 343 20.02 -16.50 37.27
N PRO K 344 19.04 -17.45 37.36
CA PRO K 344 17.64 -17.09 37.32
C PRO K 344 17.26 -16.07 38.38
N PRO K 345 16.27 -15.18 38.15
CA PRO K 345 15.89 -14.20 39.15
C PRO K 345 15.74 -14.82 40.55
N ALA K 346 16.37 -14.17 41.54
CA ALA K 346 16.48 -14.74 42.88
C ALA K 346 15.23 -14.43 43.68
N ALA K 347 14.61 -15.47 44.26
CA ALA K 347 13.62 -15.30 45.31
C ALA K 347 14.01 -14.13 46.22
N THR K 348 13.01 -13.53 46.88
CA THR K 348 13.19 -12.27 47.57
C THR K 348 14.02 -12.48 48.83
N ILE K 349 15.30 -12.11 48.74
CA ILE K 349 16.16 -11.89 49.88
C ILE K 349 15.62 -10.69 50.67
N ASP K 350 16.01 -10.58 51.96
CA ASP K 350 15.67 -9.43 52.77
C ASP K 350 16.94 -8.62 53.09
N ILE K 351 16.74 -7.31 53.23
CA ILE K 351 17.76 -6.31 53.02
C ILE K 351 18.79 -6.30 54.14
N GLU K 352 18.39 -6.84 55.30
CA GLU K 352 19.29 -7.04 56.42
C GLU K 352 20.39 -8.00 56.02
N ALA K 353 20.00 -9.19 55.50
CA ALA K 353 20.92 -10.24 55.08
C ALA K 353 21.93 -9.76 54.02
N VAL K 354 21.58 -8.72 53.24
CA VAL K 354 22.46 -8.15 52.24
C VAL K 354 23.51 -7.27 52.93
N LEU K 355 23.07 -6.33 53.79
CA LEU K 355 23.99 -5.46 54.52
C LEU K 355 24.99 -6.24 55.38
N THR K 356 24.53 -7.36 55.95
CA THR K 356 25.39 -8.35 56.59
C THR K 356 26.51 -8.70 55.60
N ASP K 357 26.11 -9.35 54.49
CA ASP K 357 27.04 -9.91 53.51
C ASP K 357 27.86 -8.83 52.81
N TRP K 358 27.41 -7.56 52.79
CA TRP K 358 28.29 -6.45 52.43
C TRP K 358 28.99 -5.95 53.70
N ASP K 359 29.63 -6.91 54.40
CA ASP K 359 30.05 -6.79 55.80
C ASP K 359 29.09 -5.87 56.56
N MET L 1 41.67 17.74 27.70
CA MET L 1 40.53 17.09 27.02
C MET L 1 39.42 16.82 28.04
N ALA L 2 38.24 17.40 27.80
CA ALA L 2 37.08 17.32 28.69
C ALA L 2 36.39 15.96 28.63
N GLY L 3 35.88 15.49 29.78
CA GLY L 3 34.98 14.35 29.82
C GLY L 3 35.56 13.29 30.71
N PRO L 4 34.79 12.26 31.09
CA PRO L 4 35.25 11.33 32.10
C PRO L 4 36.35 10.38 31.63
N LEU L 5 36.58 10.35 30.31
CA LEU L 5 37.51 9.39 29.74
C LEU L 5 38.83 10.07 29.48
N SER L 6 38.93 11.38 29.76
CA SER L 6 40.19 12.12 29.72
C SER L 6 41.38 11.26 30.16
N GLY L 7 42.44 11.25 29.34
CA GLY L 7 43.64 10.45 29.64
C GLY L 7 43.60 9.01 29.12
N LEU L 8 42.45 8.54 28.63
CA LEU L 8 42.38 7.19 28.07
C LEU L 8 42.97 7.26 26.67
N ARG L 9 43.83 6.29 26.33
CA ARG L 9 44.47 6.25 25.03
C ARG L 9 44.03 5.04 24.21
N VAL L 10 43.62 5.39 22.97
CA VAL L 10 42.90 4.44 22.14
C VAL L 10 43.51 4.46 20.74
N VAL L 11 43.80 3.26 20.27
CA VAL L 11 44.24 3.07 18.89
C VAL L 11 43.13 2.35 18.15
N GLU L 12 42.71 2.99 17.06
CA GLU L 12 41.64 2.49 16.22
C GLU L 12 42.17 2.12 14.83
N LEU L 13 42.11 0.81 14.50
CA LEU L 13 42.40 0.37 13.14
C LEU L 13 41.18 0.60 12.25
N ALA L 14 41.30 1.60 11.34
CA ALA L 14 40.20 2.06 10.51
C ALA L 14 39.42 0.90 9.88
N GLY L 15 38.11 0.87 10.19
CA GLY L 15 37.13 -0.03 9.63
C GLY L 15 35.86 0.72 9.27
N ILE L 16 34.74 -0.01 9.24
CA ILE L 16 33.46 0.63 8.94
C ILE L 16 32.45 0.12 9.95
N GLY L 17 31.47 1.00 10.22
CA GLY L 17 30.30 0.60 10.98
C GLY L 17 30.56 0.75 12.46
N PRO L 18 30.49 -0.32 13.25
CA PRO L 18 30.53 -0.21 14.71
C PRO L 18 31.84 0.32 15.24
N GLY L 19 32.95 -0.15 14.67
CA GLY L 19 34.28 0.20 15.17
C GLY L 19 34.47 1.71 15.22
N PRO L 20 34.23 2.43 14.11
CA PRO L 20 34.30 3.89 14.10
C PRO L 20 33.33 4.56 15.08
N HIS L 21 32.17 3.93 15.28
CA HIS L 21 31.15 4.54 16.12
C HIS L 21 31.60 4.43 17.57
N ALA L 22 32.08 3.24 17.97
CA ALA L 22 32.68 3.02 19.28
C ALA L 22 33.79 4.04 19.52
N ALA L 23 34.72 4.18 18.58
CA ALA L 23 35.84 5.08 18.75
C ALA L 23 35.35 6.52 18.91
N MET L 24 34.29 6.88 18.17
CA MET L 24 33.77 8.25 18.22
C MET L 24 33.26 8.55 19.63
N ILE L 25 32.52 7.60 20.21
CA ILE L 25 31.95 7.81 21.54
C ILE L 25 33.08 7.91 22.57
N LEU L 26 34.09 7.04 22.46
CA LEU L 26 35.25 7.12 23.35
C LEU L 26 35.85 8.52 23.29
N GLY L 27 36.09 9.01 22.07
CA GLY L 27 36.63 10.34 21.90
C GLY L 27 35.68 11.43 22.40
N ASP L 28 34.37 11.24 22.18
CA ASP L 28 33.34 12.21 22.57
C ASP L 28 33.43 12.49 24.07
N LEU L 29 33.68 11.42 24.86
CA LEU L 29 33.79 11.45 26.32
C LEU L 29 35.20 11.76 26.84
N GLY L 30 36.07 12.29 25.97
CA GLY L 30 37.38 12.81 26.36
C GLY L 30 38.60 11.94 26.04
N ALA L 31 38.42 10.67 25.65
CA ALA L 31 39.53 9.81 25.31
C ALA L 31 40.34 10.39 24.15
N ASP L 32 41.63 9.97 24.17
CA ASP L 32 42.63 10.30 23.17
C ASP L 32 42.71 9.17 22.15
N VAL L 33 42.09 9.43 20.99
CA VAL L 33 41.80 8.39 20.02
C VAL L 33 42.68 8.62 18.79
N VAL L 34 43.46 7.60 18.44
CA VAL L 34 44.32 7.71 17.27
C VAL L 34 43.90 6.61 16.29
N ARG L 35 43.51 7.06 15.10
CA ARG L 35 42.94 6.22 14.09
C ARG L 35 44.01 5.98 13.01
N ILE L 36 44.42 4.72 12.88
CA ILE L 36 45.34 4.33 11.84
C ILE L 36 44.54 3.90 10.61
N ASP L 37 44.60 4.74 9.56
CA ASP L 37 44.06 4.37 8.27
C ASP L 37 45.19 3.89 7.36
N ARG L 38 44.78 3.36 6.22
CA ARG L 38 45.65 2.97 5.12
C ARG L 38 45.93 4.24 4.29
N PRO L 39 47.15 4.48 3.77
CA PRO L 39 47.42 5.70 3.01
C PRO L 39 46.54 5.87 1.77
N SER L 40 46.25 4.75 1.06
CA SER L 40 45.31 4.71 -0.06
C SER L 40 44.09 5.57 0.22
N SER L 41 43.34 5.19 1.27
CA SER L 41 41.93 5.56 1.41
C SER L 41 41.75 6.95 2.02
N VAL L 42 42.79 7.52 2.64
CA VAL L 42 42.72 8.88 3.19
C VAL L 42 43.17 9.88 2.13
N ASP L 43 42.35 10.92 1.90
CA ASP L 43 42.39 11.67 0.65
C ASP L 43 42.22 13.19 0.85
N GLY L 44 42.56 13.70 2.04
CA GLY L 44 42.33 15.10 2.41
C GLY L 44 41.75 15.22 3.83
N ILE L 45 40.83 16.17 4.04
CA ILE L 45 40.17 16.38 5.33
C ILE L 45 38.80 15.68 5.29
N SER L 46 38.56 14.66 6.15
CA SER L 46 37.41 13.76 5.97
C SER L 46 36.10 14.43 6.38
N ARG L 47 35.07 14.37 5.51
CA ARG L 47 33.77 14.99 5.79
C ARG L 47 32.79 14.00 6.44
N ASP L 48 33.26 12.81 6.86
CA ASP L 48 32.46 11.93 7.70
C ASP L 48 32.50 12.38 9.15
N ALA L 49 31.41 13.01 9.62
CA ALA L 49 31.38 13.57 10.95
C ALA L 49 31.49 12.46 11.99
N MET L 50 31.38 11.19 11.56
CA MET L 50 31.62 10.09 12.49
C MET L 50 33.09 10.04 12.90
N LEU L 51 33.95 10.79 12.20
CA LEU L 51 35.39 10.79 12.47
C LEU L 51 35.79 12.00 13.29
N ARG L 52 34.86 12.50 14.11
CA ARG L 52 35.14 13.59 15.03
C ARG L 52 35.90 13.01 16.21
N ASN L 53 36.60 13.91 16.92
CA ASN L 53 37.31 13.61 18.17
C ASN L 53 38.40 12.56 17.93
N ARG L 54 39.17 12.75 16.86
CA ARG L 54 40.21 11.82 16.45
C ARG L 54 41.50 12.55 16.11
N ARG L 55 42.61 11.82 16.18
CA ARG L 55 43.76 12.08 15.33
C ARG L 55 43.88 10.94 14.32
N ILE L 56 44.04 11.33 13.05
CA ILE L 56 44.15 10.38 11.95
C ILE L 56 45.61 10.27 11.53
N VAL L 57 46.09 9.03 11.40
CA VAL L 57 47.41 8.77 10.84
C VAL L 57 47.31 7.64 9.80
N THR L 58 48.32 7.56 8.91
CA THR L 58 48.35 6.53 7.87
C THR L 58 49.59 5.66 8.07
N ALA L 59 49.47 4.41 7.64
CA ALA L 59 50.49 3.40 7.82
C ALA L 59 50.12 2.18 6.99
N ASP L 60 51.09 1.71 6.20
CA ASP L 60 50.92 0.47 5.48
C ASP L 60 51.35 -0.68 6.38
N LEU L 61 50.38 -1.37 6.94
CA LEU L 61 50.64 -2.35 7.97
C LEU L 61 51.21 -3.64 7.36
N LYS L 62 51.14 -3.75 6.02
CA LYS L 62 51.83 -4.80 5.29
C LYS L 62 53.34 -4.56 5.24
N SER L 63 53.78 -3.29 5.27
CA SER L 63 55.21 -2.98 5.26
C SER L 63 55.82 -3.22 6.63
N ASP L 64 57.16 -3.29 6.65
CA ASP L 64 57.93 -3.46 7.87
C ASP L 64 57.83 -2.23 8.76
N GLN L 65 57.91 -1.04 8.16
CA GLN L 65 57.93 0.20 8.92
C GLN L 65 56.56 0.45 9.57
N GLY L 66 55.51 0.34 8.77
CA GLY L 66 54.16 0.54 9.24
C GLY L 66 53.85 -0.37 10.43
N LEU L 67 54.18 -1.66 10.31
CA LEU L 67 53.87 -2.60 11.37
C LEU L 67 54.51 -2.14 12.67
N GLU L 68 55.77 -1.70 12.61
CA GLU L 68 56.56 -1.40 13.79
C GLU L 68 56.05 -0.10 14.43
N LEU L 69 55.71 0.92 13.62
CA LEU L 69 55.14 2.18 14.10
C LEU L 69 53.82 1.94 14.84
N ALA L 70 52.96 1.10 14.27
CA ALA L 70 51.66 0.82 14.88
C ALA L 70 51.87 0.08 16.20
N LEU L 71 52.90 -0.78 16.26
CA LEU L 71 53.16 -1.58 17.46
C LEU L 71 53.72 -0.65 18.55
N LYS L 72 54.39 0.42 18.12
CA LYS L 72 54.88 1.41 19.06
C LYS L 72 53.72 2.18 19.69
N LEU L 73 52.76 2.63 18.87
CA LEU L 73 51.53 3.27 19.34
C LEU L 73 50.80 2.37 20.33
N ILE L 74 50.51 1.15 19.90
CA ILE L 74 49.82 0.18 20.73
C ILE L 74 50.50 -0.02 22.10
N ALA L 75 51.84 -0.02 22.16
CA ALA L 75 52.58 -0.16 23.43
C ALA L 75 52.29 1.00 24.37
N LYS L 76 52.10 2.21 23.86
CA LYS L 76 51.73 3.34 24.70
C LYS L 76 50.21 3.52 24.88
N ALA L 77 49.34 2.57 24.45
CA ALA L 77 47.89 2.80 24.47
C ALA L 77 47.21 1.99 25.56
N ASP L 78 45.95 2.33 25.87
CA ASP L 78 45.16 1.51 26.78
C ASP L 78 44.31 0.50 26.01
N VAL L 79 43.88 0.93 24.80
CA VAL L 79 42.86 0.20 24.07
C VAL L 79 43.21 0.15 22.59
N LEU L 80 43.02 -1.05 22.03
CA LEU L 80 43.03 -1.26 20.59
C LEU L 80 41.64 -1.68 20.08
N ILE L 81 41.12 -0.95 19.08
CA ILE L 81 39.90 -1.36 18.36
C ILE L 81 40.27 -1.81 16.94
N GLU L 82 39.83 -3.03 16.59
CA GLU L 82 39.86 -3.47 15.20
C GLU L 82 38.54 -4.13 14.81
N GLY L 83 38.14 -3.97 13.53
CA GLY L 83 36.88 -4.51 13.05
C GLY L 83 37.02 -5.23 11.70
N TYR L 84 38.12 -5.98 11.52
CA TYR L 84 38.35 -6.75 10.32
C TYR L 84 37.85 -8.16 10.59
N ARG L 85 37.89 -8.98 9.54
CA ARG L 85 37.50 -10.36 9.70
C ARG L 85 38.46 -11.02 10.67
N PRO L 86 38.01 -12.05 11.41
CA PRO L 86 38.93 -12.83 12.22
C PRO L 86 40.09 -13.35 11.37
N GLY L 87 41.30 -13.23 11.93
CA GLY L 87 42.52 -13.68 11.28
C GLY L 87 43.32 -12.50 10.75
N VAL L 88 42.65 -11.37 10.50
CA VAL L 88 43.34 -10.34 9.75
C VAL L 88 44.48 -9.75 10.56
N THR L 89 44.20 -9.31 11.80
CA THR L 89 45.25 -8.70 12.62
C THR L 89 46.37 -9.74 12.89
N GLU L 90 46.01 -11.00 13.09
CA GLU L 90 46.99 -12.06 13.25
C GLU L 90 47.97 -12.07 12.07
N ARG L 91 47.44 -12.25 10.85
CA ARG L 91 48.24 -12.26 9.64
C ARG L 91 49.15 -11.04 9.57
N LEU L 92 48.63 -9.86 9.93
CA LEU L 92 49.40 -8.63 9.81
C LEU L 92 50.46 -8.53 10.91
N GLY L 93 50.44 -9.42 11.91
CA GLY L 93 51.34 -9.30 13.06
C GLY L 93 50.90 -8.29 14.13
N LEU L 94 49.60 -7.96 14.16
CA LEU L 94 48.98 -7.11 15.18
C LEU L 94 47.96 -7.88 15.98
N GLY L 95 48.07 -9.21 16.03
CA GLY L 95 47.09 -10.06 16.71
C GLY L 95 47.14 -9.79 18.21
N PRO L 96 46.21 -10.36 19.00
CA PRO L 96 46.27 -10.18 20.44
C PRO L 96 47.60 -10.66 21.02
N GLU L 97 48.15 -11.77 20.50
CA GLU L 97 49.36 -12.33 21.09
C GLU L 97 50.59 -11.45 20.85
N GLU L 98 50.69 -10.85 19.67
CA GLU L 98 51.79 -9.95 19.37
C GLU L 98 51.67 -8.66 20.16
N CYS L 99 50.44 -8.24 20.46
CA CYS L 99 50.21 -7.00 21.18
C CYS L 99 50.55 -7.17 22.66
N ALA L 100 50.19 -8.33 23.20
CA ALA L 100 50.43 -8.68 24.59
C ALA L 100 51.94 -8.75 24.89
N LYS L 101 52.77 -9.01 23.87
CA LYS L 101 54.19 -8.98 24.07
C LYS L 101 54.67 -7.56 24.25
N VAL L 102 53.99 -6.55 23.70
CA VAL L 102 54.53 -5.21 23.86
C VAL L 102 53.77 -4.37 24.91
N ASN L 103 52.67 -4.92 25.48
CA ASN L 103 51.75 -4.17 26.35
C ASN L 103 50.70 -5.10 26.91
N ASP L 104 50.96 -5.67 28.10
CA ASP L 104 50.07 -6.65 28.67
C ASP L 104 48.92 -5.97 29.41
N ARG L 105 48.84 -4.64 29.34
CA ARG L 105 47.76 -3.86 29.92
C ARG L 105 46.64 -3.58 28.89
N LEU L 106 46.93 -3.84 27.60
CA LEU L 106 46.08 -3.46 26.48
C LEU L 106 44.73 -4.15 26.58
N ILE L 107 43.68 -3.35 26.39
CA ILE L 107 42.37 -3.91 26.09
C ILE L 107 42.26 -4.09 24.55
N TYR L 108 42.17 -5.34 24.16
CA TYR L 108 42.21 -5.73 22.76
C TYR L 108 40.77 -5.97 22.32
N ALA L 109 40.18 -4.98 21.64
CA ALA L 109 38.74 -5.04 21.36
C ALA L 109 38.45 -5.37 19.89
N ARG L 110 37.80 -6.52 19.69
CA ARG L 110 37.52 -7.10 18.40
C ARG L 110 36.01 -7.00 18.05
N MET L 111 35.72 -6.11 17.11
CA MET L 111 34.38 -5.82 16.61
C MET L 111 34.06 -6.63 15.35
N THR L 112 33.20 -7.64 15.45
CA THR L 112 32.75 -8.33 14.25
C THR L 112 31.24 -8.50 14.29
N GLY L 113 30.73 -9.12 13.21
CA GLY L 113 29.31 -9.39 13.09
C GLY L 113 29.02 -10.77 13.62
N TRP L 114 29.80 -11.74 13.12
CA TRP L 114 29.52 -13.14 13.32
C TRP L 114 30.31 -13.71 14.50
N GLY L 115 31.37 -13.00 14.90
CA GLY L 115 32.23 -13.50 15.96
C GLY L 115 33.56 -14.02 15.42
N GLN L 116 34.31 -14.65 16.31
CA GLN L 116 35.71 -15.02 16.05
C GLN L 116 35.82 -16.44 15.49
N THR L 117 34.78 -17.24 15.67
CA THR L 117 34.75 -18.65 15.28
C THR L 117 33.35 -18.91 14.76
N GLY L 118 33.16 -20.08 14.16
CA GLY L 118 31.88 -20.56 13.70
C GLY L 118 31.81 -20.57 12.18
N PRO L 119 30.81 -21.29 11.63
CA PRO L 119 30.71 -21.51 10.18
C PRO L 119 30.50 -20.25 9.35
N ARG L 120 30.05 -19.15 9.97
CA ARG L 120 29.85 -17.92 9.20
C ARG L 120 30.93 -16.90 9.51
N SER L 121 31.97 -17.28 10.27
CA SER L 121 32.93 -16.29 10.79
C SER L 121 33.69 -15.56 9.71
N GLN L 122 33.81 -16.13 8.50
CA GLN L 122 34.57 -15.48 7.44
C GLN L 122 33.67 -14.88 6.34
N GLN L 123 32.35 -14.98 6.45
CA GLN L 123 31.49 -14.32 5.47
C GLN L 123 31.41 -12.82 5.70
N ALA L 124 31.52 -12.04 4.62
CA ALA L 124 31.21 -10.62 4.67
C ALA L 124 29.76 -10.45 5.08
N GLY L 125 29.47 -9.26 5.60
CA GLY L 125 28.12 -8.95 5.98
C GLY L 125 27.95 -7.49 6.37
N HIS L 126 26.67 -7.11 6.48
CA HIS L 126 26.29 -5.85 7.11
C HIS L 126 25.21 -6.08 8.16
N ASP L 127 24.86 -4.98 8.84
CA ASP L 127 23.84 -4.96 9.85
C ASP L 127 22.70 -5.92 9.51
N ILE L 128 22.07 -5.72 8.34
CA ILE L 128 20.87 -6.48 7.99
C ILE L 128 21.11 -7.99 8.06
N ASN L 129 22.35 -8.43 7.78
CA ASN L 129 22.67 -9.85 7.81
C ASN L 129 22.73 -10.41 9.23
N TYR L 130 23.38 -9.65 10.11
CA TYR L 130 23.63 -10.11 11.46
C TYR L 130 22.32 -10.20 12.23
N ILE L 131 21.43 -9.21 12.04
CA ILE L 131 20.11 -9.26 12.69
C ILE L 131 19.11 -10.22 12.01
N SER L 132 19.45 -10.76 10.84
CA SER L 132 18.52 -11.67 10.19
C SER L 132 18.61 -13.04 10.84
N LEU L 133 19.74 -13.36 11.44
CA LEU L 133 19.98 -14.74 11.87
C LEU L 133 19.47 -14.98 13.29
N ASN L 134 19.18 -13.90 14.05
CA ASN L 134 18.96 -14.07 15.48
C ASN L 134 17.52 -13.73 15.85
N GLY L 135 16.64 -13.63 14.82
CA GLY L 135 15.23 -13.45 15.05
C GLY L 135 14.77 -12.00 14.97
N ILE L 136 15.71 -11.04 15.00
CA ILE L 136 15.37 -9.63 15.22
C ILE L 136 14.66 -9.06 13.97
N LEU L 137 15.29 -9.21 12.80
CA LEU L 137 14.77 -8.60 11.58
C LEU L 137 13.39 -9.17 11.29
N HIS L 138 13.23 -10.49 11.45
CA HIS L 138 11.94 -11.12 11.22
C HIS L 138 10.83 -10.39 12.01
N ALA L 139 11.18 -9.81 13.16
CA ALA L 139 10.19 -9.29 14.08
C ALA L 139 9.78 -7.85 13.75
N ILE L 140 10.45 -7.24 12.76
CA ILE L 140 10.24 -5.84 12.50
C ILE L 140 9.48 -5.60 11.20
N GLY L 141 8.39 -4.80 11.30
CA GLY L 141 7.57 -4.38 10.16
C GLY L 141 6.12 -4.79 10.35
N ARG L 142 5.29 -4.42 9.38
CA ARG L 142 3.91 -4.84 9.40
C ARG L 142 3.79 -6.33 9.05
N GLY L 143 2.70 -6.96 9.48
CA GLY L 143 2.47 -8.40 9.29
C GLY L 143 2.09 -8.76 7.85
N ASP L 144 1.48 -7.86 7.10
CA ASP L 144 1.07 -8.15 5.72
C ASP L 144 2.23 -7.96 4.73
N GLU L 145 3.43 -7.63 5.21
CA GLU L 145 4.53 -7.20 4.37
C GLU L 145 5.82 -7.89 4.79
N ARG L 146 6.86 -7.76 3.98
CA ARG L 146 8.11 -8.42 4.32
C ARG L 146 8.87 -7.57 5.33
N PRO L 147 9.79 -8.18 6.09
CA PRO L 147 10.46 -7.46 7.16
C PRO L 147 11.16 -6.23 6.63
N VAL L 148 11.23 -5.19 7.45
CA VAL L 148 11.90 -3.98 7.03
C VAL L 148 13.07 -3.69 7.96
N PRO L 149 14.23 -3.28 7.41
CA PRO L 149 15.38 -3.02 8.26
C PRO L 149 15.19 -1.76 9.06
N PRO L 150 15.49 -1.82 10.38
CA PRO L 150 15.46 -0.63 11.21
C PRO L 150 16.74 0.16 11.05
N LEU L 151 16.95 0.68 9.83
CA LEU L 151 18.23 1.24 9.44
C LEU L 151 19.33 0.25 9.84
N ASN L 152 20.51 0.79 10.13
CA ASN L 152 21.57 -0.03 10.71
C ASN L 152 21.73 0.22 12.21
N LEU L 153 20.62 0.42 12.93
CA LEU L 153 20.66 0.87 14.32
C LEU L 153 20.88 -0.30 15.26
N VAL L 154 20.36 -1.48 14.94
CA VAL L 154 20.23 -2.52 15.94
C VAL L 154 21.46 -3.42 15.94
N GLY L 155 21.99 -3.73 14.74
CA GLY L 155 23.18 -4.57 14.62
C GLY L 155 24.50 -3.80 14.79
N ASP L 156 24.73 -2.81 13.94
CA ASP L 156 25.93 -1.99 14.02
C ASP L 156 26.06 -1.28 15.37
N PHE L 157 25.02 -0.57 15.82
CA PHE L 157 25.25 0.44 16.87
C PHE L 157 24.74 -0.10 18.20
N GLY L 158 23.43 -0.28 18.31
CA GLY L 158 22.83 -0.76 19.55
C GLY L 158 23.45 -2.09 19.96
N GLY L 159 23.58 -3.03 19.01
CA GLY L 159 24.00 -4.38 19.33
C GLY L 159 25.49 -4.64 19.04
N GLY L 160 26.21 -3.57 18.69
CA GLY L 160 27.54 -3.68 18.08
C GLY L 160 28.55 -2.76 18.77
N SER L 161 28.62 -1.51 18.32
CA SER L 161 29.51 -0.55 18.91
C SER L 161 29.26 -0.45 20.42
N MET L 162 27.98 -0.49 20.84
CA MET L 162 27.64 -0.18 22.22
C MET L 162 28.14 -1.29 23.15
N PHE L 163 28.06 -2.54 22.70
CA PHE L 163 28.56 -3.67 23.47
C PHE L 163 30.10 -3.71 23.46
N LEU L 164 30.72 -3.26 22.39
CA LEU L 164 32.16 -3.06 22.33
C LEU L 164 32.56 -2.06 23.41
N LEU L 165 31.82 -0.95 23.49
CA LEU L 165 32.10 0.10 24.47
C LEU L 165 31.96 -0.46 25.88
N VAL L 166 30.88 -1.18 26.15
CA VAL L 166 30.65 -1.73 27.47
C VAL L 166 31.77 -2.71 27.82
N GLY L 167 32.17 -3.54 26.87
CA GLY L 167 33.27 -4.48 27.01
C GLY L 167 34.60 -3.79 27.34
N ILE L 168 34.96 -2.78 26.54
CA ILE L 168 36.17 -2.00 26.73
C ILE L 168 36.18 -1.44 28.15
N LEU L 169 35.06 -0.80 28.54
CA LEU L 169 35.02 -0.06 29.79
C LEU L 169 34.98 -1.03 30.96
N ALA L 170 34.34 -2.18 30.80
CA ALA L 170 34.31 -3.19 31.84
C ALA L 170 35.70 -3.83 32.03
N ALA L 171 36.41 -4.06 30.93
CA ALA L 171 37.75 -4.63 31.02
C ALA L 171 38.68 -3.62 31.69
N LEU L 172 38.46 -2.32 31.45
CA LEU L 172 39.27 -1.30 32.09
C LEU L 172 39.01 -1.33 33.60
N TRP L 173 37.77 -1.52 34.02
CA TRP L 173 37.49 -1.59 35.43
C TRP L 173 38.23 -2.78 36.04
N GLU L 174 38.21 -3.91 35.33
CA GLU L 174 38.84 -5.14 35.78
C GLU L 174 40.36 -4.91 35.86
N ARG L 175 40.93 -4.27 34.84
CA ARG L 175 42.35 -4.00 34.83
C ARG L 175 42.77 -3.27 36.09
N GLN L 176 41.85 -2.50 36.67
CA GLN L 176 42.15 -1.65 37.80
C GLN L 176 42.74 -2.46 38.96
N SER L 177 42.21 -3.66 39.20
CA SER L 177 42.71 -4.46 40.28
C SER L 177 43.68 -5.54 39.78
N SER L 178 43.62 -5.97 38.50
CA SER L 178 44.39 -7.12 38.06
C SER L 178 45.75 -6.72 37.48
N GLY L 179 45.93 -5.44 37.11
CA GLY L 179 47.10 -4.95 36.40
C GLY L 179 47.15 -5.38 34.92
N LYS L 180 46.19 -6.24 34.50
CA LYS L 180 46.20 -6.88 33.18
C LYS L 180 45.03 -6.45 32.28
N GLY L 181 45.34 -6.27 30.98
CA GLY L 181 44.37 -6.23 29.91
C GLY L 181 43.81 -7.62 29.58
N GLN L 182 43.11 -7.68 28.43
CA GLN L 182 42.54 -8.91 27.90
C GLN L 182 41.85 -8.62 26.56
N VAL L 183 41.32 -9.67 25.94
CA VAL L 183 40.60 -9.53 24.69
C VAL L 183 39.08 -9.42 24.94
N VAL L 184 38.48 -8.41 24.29
CA VAL L 184 37.02 -8.30 24.19
C VAL L 184 36.52 -8.71 22.80
N ASP L 185 35.70 -9.76 22.78
CA ASP L 185 35.06 -10.28 21.57
C ASP L 185 33.59 -9.82 21.52
N ALA L 186 33.33 -8.72 20.78
CA ALA L 186 32.01 -8.17 20.56
C ALA L 186 31.50 -8.48 19.15
N ALA L 187 30.57 -9.42 19.08
CA ALA L 187 29.88 -9.87 17.86
C ALA L 187 28.48 -9.28 17.80
N MET L 188 28.10 -8.65 16.67
CA MET L 188 26.80 -8.01 16.54
C MET L 188 25.67 -9.02 16.74
N VAL L 189 25.88 -10.27 16.33
CA VAL L 189 24.83 -11.25 16.45
C VAL L 189 24.59 -11.57 17.93
N ASP L 190 25.58 -11.36 18.79
CA ASP L 190 25.40 -11.63 20.22
C ASP L 190 24.82 -10.39 20.92
N GLY L 191 25.50 -9.24 20.79
CA GLY L 191 25.07 -7.98 21.38
C GLY L 191 23.59 -7.65 21.06
N SER L 192 23.21 -7.88 19.80
CA SER L 192 21.89 -7.50 19.34
C SER L 192 20.88 -8.45 19.98
N SER L 193 21.32 -9.69 20.26
CA SER L 193 20.51 -10.66 20.96
C SER L 193 20.24 -10.25 22.43
N VAL L 194 21.21 -9.60 23.07
CA VAL L 194 21.08 -9.16 24.46
C VAL L 194 20.27 -7.86 24.45
N LEU L 195 20.39 -7.15 23.34
CA LEU L 195 19.59 -5.95 23.17
C LEU L 195 18.11 -6.32 23.22
N ILE L 196 17.75 -7.50 22.69
CA ILE L 196 16.35 -7.91 22.55
C ILE L 196 16.00 -8.97 23.60
N GLN L 197 16.74 -8.98 24.72
CA GLN L 197 16.52 -9.99 25.75
C GLN L 197 15.05 -9.98 26.21
N MET L 198 14.44 -8.79 26.24
CA MET L 198 13.07 -8.64 26.73
C MET L 198 12.12 -9.54 25.97
N MET L 199 12.28 -9.54 24.63
CA MET L 199 11.42 -10.34 23.79
C MET L 199 11.66 -11.83 24.05
N TRP L 200 12.94 -12.26 24.18
CA TRP L 200 13.22 -13.65 24.51
C TRP L 200 12.56 -14.01 25.86
N ALA L 201 12.55 -13.04 26.78
CA ALA L 201 11.93 -13.24 28.08
C ALA L 201 10.43 -13.43 27.90
N MET L 202 9.79 -12.49 27.19
CA MET L 202 8.35 -12.51 27.01
C MET L 202 7.93 -13.75 26.19
N ARG L 203 8.78 -14.18 25.27
CA ARG L 203 8.44 -15.35 24.48
C ARG L 203 8.32 -16.57 25.40
N ALA L 204 9.18 -16.61 26.42
CA ALA L 204 9.19 -17.69 27.39
C ALA L 204 7.88 -17.76 28.16
N THR L 205 7.26 -16.61 28.47
CA THR L 205 6.06 -16.62 29.28
C THR L 205 4.81 -16.50 28.42
N GLY L 206 4.89 -16.81 27.11
CA GLY L 206 3.75 -16.64 26.23
C GLY L 206 3.34 -15.18 25.96
N MET L 207 4.14 -14.17 26.30
CA MET L 207 3.74 -12.78 26.11
C MET L 207 4.26 -12.18 24.79
N TRP L 208 4.82 -12.99 23.90
CA TRP L 208 5.38 -12.52 22.64
C TRP L 208 5.38 -13.70 21.66
N THR L 209 4.81 -13.51 20.47
CA THR L 209 4.74 -14.56 19.47
C THR L 209 5.58 -14.17 18.26
N ASP L 210 5.97 -15.17 17.48
CA ASP L 210 6.84 -14.99 16.33
C ASP L 210 6.10 -14.35 15.16
N THR L 211 4.79 -14.14 15.30
CA THR L 211 4.03 -13.45 14.26
C THR L 211 4.41 -11.97 14.25
N ARG L 212 4.78 -11.47 13.07
CA ARG L 212 5.20 -10.08 12.93
C ARG L 212 3.97 -9.19 12.96
N GLY L 213 4.07 -8.04 13.62
CA GLY L 213 3.00 -7.06 13.68
C GLY L 213 1.82 -7.46 14.57
N ALA L 214 2.02 -8.39 15.53
CA ALA L 214 0.93 -8.87 16.36
C ALA L 214 1.30 -8.88 17.83
N ASN L 215 2.11 -7.91 18.28
CA ASN L 215 2.57 -7.91 19.65
C ASN L 215 2.38 -6.51 20.21
N MET L 216 2.64 -6.39 21.52
CA MET L 216 2.39 -5.13 22.20
C MET L 216 3.32 -4.05 21.69
N LEU L 217 4.56 -4.43 21.32
CA LEU L 217 5.54 -3.39 21.02
C LEU L 217 6.00 -3.37 19.55
N ASP L 218 5.37 -4.13 18.65
CA ASP L 218 5.85 -4.14 17.27
C ASP L 218 4.97 -3.36 16.30
N GLY L 219 3.98 -2.63 16.80
CA GLY L 219 3.00 -2.02 15.90
C GLY L 219 1.64 -2.69 15.95
N GLY L 220 1.54 -3.89 16.49
CA GLY L 220 0.26 -4.60 16.52
C GLY L 220 -0.77 -4.03 17.52
N ALA L 221 -0.31 -3.39 18.62
CA ALA L 221 -1.20 -2.82 19.62
C ALA L 221 -1.64 -1.44 19.17
N PRO L 222 -2.96 -1.18 19.13
CA PRO L 222 -3.46 0.13 18.72
C PRO L 222 -2.98 1.30 19.57
N TYR L 223 -2.57 1.01 20.82
CA TYR L 223 -2.08 2.05 21.71
C TYR L 223 -0.55 2.19 21.66
N TYR L 224 0.09 1.38 20.79
CA TYR L 224 1.53 1.47 20.62
C TYR L 224 1.85 1.38 19.13
N ASP L 225 1.73 2.53 18.45
CA ASP L 225 1.91 2.60 17.00
C ASP L 225 1.91 4.05 16.53
N THR L 226 2.19 4.26 15.24
CA THR L 226 2.01 5.56 14.61
C THR L 226 0.63 5.65 14.00
N TYR L 227 0.15 6.89 13.82
CA TYR L 227 -1.16 7.14 13.22
C TYR L 227 -1.03 8.29 12.24
N GLU L 228 -1.71 8.19 11.08
CA GLU L 228 -1.70 9.28 10.12
C GLU L 228 -2.75 10.32 10.53
N CYS L 229 -2.33 11.59 10.47
CA CYS L 229 -3.17 12.72 10.79
C CYS L 229 -3.76 13.33 9.52
N ALA L 230 -4.59 14.36 9.71
CA ALA L 230 -5.36 14.98 8.63
C ALA L 230 -4.46 15.54 7.55
N ASP L 231 -3.27 16.02 7.92
CA ASP L 231 -2.34 16.66 7.00
C ASP L 231 -1.44 15.61 6.32
N GLY L 232 -1.58 14.31 6.63
CA GLY L 232 -0.66 13.31 6.11
C GLY L 232 0.63 13.17 6.92
N ARG L 233 0.82 13.95 7.99
CA ARG L 233 1.94 13.75 8.90
C ARG L 233 1.52 12.76 10.00
N TYR L 234 2.41 12.41 10.95
CA TYR L 234 2.08 11.33 11.86
C TYR L 234 2.29 11.68 13.32
N VAL L 235 1.58 10.96 14.17
CA VAL L 235 1.85 10.95 15.60
C VAL L 235 2.22 9.53 16.01
N ALA L 236 2.97 9.49 17.11
CA ALA L 236 3.35 8.31 17.83
C ALA L 236 2.51 8.26 19.11
N VAL L 237 1.95 7.08 19.35
CA VAL L 237 1.19 6.78 20.52
C VAL L 237 1.91 5.66 21.25
N GLY L 238 2.16 5.86 22.54
CA GLY L 238 2.76 4.85 23.37
C GLY L 238 2.06 4.67 24.70
N ALA L 239 0.73 4.75 24.69
CA ALA L 239 -0.05 4.71 25.91
C ALA L 239 -0.25 3.29 26.41
N ILE L 240 0.83 2.71 26.96
CA ILE L 240 0.77 1.36 27.48
C ILE L 240 -0.05 1.31 28.77
N GLU L 241 0.27 2.21 29.70
CA GLU L 241 -0.33 2.17 31.03
C GLU L 241 -1.76 2.69 30.94
N PRO L 242 -2.71 1.98 31.60
CA PRO L 242 -4.12 2.36 31.59
C PRO L 242 -4.40 3.84 31.82
N GLN L 243 -3.76 4.46 32.85
CA GLN L 243 -3.96 5.86 33.16
CA GLN L 243 -3.95 5.88 33.17
C GLN L 243 -3.56 6.73 31.96
N PHE L 244 -2.50 6.33 31.25
CA PHE L 244 -2.01 7.14 30.14
C PHE L 244 -2.99 7.00 28.97
N TYR L 245 -3.40 5.78 28.70
CA TYR L 245 -4.37 5.48 27.66
C TYR L 245 -5.66 6.27 27.87
N ALA L 246 -6.19 6.27 29.12
CA ALA L 246 -7.42 6.97 29.45
C ALA L 246 -7.29 8.45 29.10
N ALA L 247 -6.13 9.01 29.42
CA ALA L 247 -5.89 10.41 29.13
C ALA L 247 -5.83 10.65 27.63
N MET L 248 -5.30 9.68 26.91
CA MET L 248 -5.20 9.76 25.47
C MET L 248 -6.59 9.86 24.86
N LEU L 249 -7.47 8.93 25.26
CA LEU L 249 -8.85 8.87 24.76
C LEU L 249 -9.61 10.18 25.00
N ALA L 250 -9.44 10.73 26.20
CA ALA L 250 -10.10 11.99 26.53
C ALA L 250 -9.68 13.08 25.56
N GLY L 251 -8.39 13.14 25.18
CA GLY L 251 -7.93 14.23 24.35
C GLY L 251 -8.36 14.04 22.90
N LEU L 252 -8.62 12.77 22.55
CA LEU L 252 -9.11 12.37 21.25
C LEU L 252 -10.61 12.63 21.12
N GLY L 253 -11.29 12.71 22.27
CA GLY L 253 -12.72 12.97 22.28
C GLY L 253 -13.54 11.68 22.22
N LEU L 254 -12.95 10.55 22.62
CA LEU L 254 -13.61 9.27 22.52
C LEU L 254 -14.04 8.85 23.93
N ASP L 255 -15.25 8.33 24.03
CA ASP L 255 -15.76 7.81 25.27
C ASP L 255 -15.30 6.39 25.46
N ALA L 256 -14.64 6.11 26.59
CA ALA L 256 -14.21 4.75 26.90
C ALA L 256 -15.37 3.77 26.78
N ALA L 257 -16.59 4.21 27.14
CA ALA L 257 -17.78 3.38 27.10
C ALA L 257 -18.07 2.81 25.70
N GLU L 258 -17.76 3.55 24.65
CA GLU L 258 -18.08 3.15 23.29
C GLU L 258 -16.95 2.35 22.63
N LEU L 259 -15.90 1.99 23.38
CA LEU L 259 -14.71 1.40 22.77
C LEU L 259 -14.53 0.00 23.35
N PRO L 260 -13.88 -0.95 22.63
CA PRO L 260 -13.46 -2.18 23.27
C PRO L 260 -12.46 -1.90 24.37
N PRO L 261 -12.29 -2.85 25.30
CA PRO L 261 -11.23 -2.72 26.30
C PRO L 261 -9.85 -2.57 25.65
N GLN L 262 -9.00 -1.76 26.27
CA GLN L 262 -7.65 -1.50 25.80
C GLN L 262 -6.91 -2.78 25.37
N ASN L 263 -6.99 -3.85 26.18
CA ASN L 263 -6.22 -5.05 25.94
C ASN L 263 -7.09 -6.27 25.61
N ASP L 264 -8.29 -6.05 25.06
CA ASP L 264 -9.01 -7.14 24.40
C ASP L 264 -8.48 -7.26 22.97
N ARG L 265 -7.45 -8.11 22.79
CA ARG L 265 -6.76 -8.32 21.53
C ARG L 265 -7.74 -8.74 20.45
N ALA L 266 -8.73 -9.56 20.81
CA ALA L 266 -9.67 -10.04 19.81
C ALA L 266 -10.39 -8.87 19.13
N ARG L 267 -10.43 -7.70 19.78
CA ARG L 267 -11.18 -6.56 19.27
C ARG L 267 -10.28 -5.39 18.89
N TRP L 268 -8.97 -5.62 18.87
CA TRP L 268 -8.03 -4.60 18.47
C TRP L 268 -8.38 -4.02 17.09
N PRO L 269 -8.85 -4.83 16.10
CA PRO L 269 -9.23 -4.27 14.81
C PRO L 269 -10.28 -3.17 14.92
N GLU L 270 -11.35 -3.41 15.70
CA GLU L 270 -12.33 -2.36 15.95
C GLU L 270 -11.67 -1.15 16.61
N LEU L 271 -10.88 -1.41 17.65
CA LEU L 271 -10.22 -0.36 18.42
C LEU L 271 -9.34 0.49 17.51
N ARG L 272 -8.55 -0.18 16.66
CA ARG L 272 -7.68 0.51 15.71
C ARG L 272 -8.48 1.39 14.76
N ALA L 273 -9.61 0.89 14.26
CA ALA L 273 -10.44 1.67 13.35
C ALA L 273 -10.90 2.96 14.03
N LEU L 274 -11.24 2.88 15.31
CA LEU L 274 -11.76 4.05 16.02
C LEU L 274 -10.67 5.07 16.26
N LEU L 275 -9.51 4.59 16.72
CA LEU L 275 -8.37 5.46 16.93
C LEU L 275 -7.90 6.05 15.62
N THR L 276 -7.93 5.23 14.56
CA THR L 276 -7.47 5.72 13.27
C THR L 276 -8.29 6.94 12.85
N GLU L 277 -9.62 6.79 12.94
CA GLU L 277 -10.52 7.84 12.51
C GLU L 277 -10.32 9.10 13.37
N ALA L 278 -10.22 8.94 14.70
CA ALA L 278 -10.02 10.12 15.53
C ALA L 278 -8.73 10.87 15.16
N PHE L 279 -7.59 10.14 15.04
CA PHE L 279 -6.32 10.82 14.76
C PHE L 279 -6.33 11.47 13.39
N ALA L 280 -7.04 10.87 12.45
CA ALA L 280 -7.08 11.42 11.10
C ALA L 280 -7.91 12.71 10.99
N SER L 281 -8.60 13.13 12.04
CA SER L 281 -9.54 14.24 11.94
C SER L 281 -8.87 15.57 12.31
N HIS L 282 -7.65 15.58 12.82
CA HIS L 282 -6.92 16.82 12.99
C HIS L 282 -5.49 16.60 12.52
N ASP L 283 -4.75 17.70 12.37
CA ASP L 283 -3.41 17.65 11.83
C ASP L 283 -2.43 17.33 12.97
N ARG L 284 -1.22 16.93 12.58
CA ARG L 284 -0.25 16.49 13.56
C ARG L 284 -0.07 17.59 14.62
N ASP L 285 0.06 18.83 14.16
CA ASP L 285 0.46 19.93 15.06
C ASP L 285 -0.68 20.26 16.03
N HIS L 286 -1.91 19.96 15.66
CA HIS L 286 -3.01 20.06 16.61
C HIS L 286 -2.82 19.03 17.72
N TRP L 287 -2.57 17.76 17.38
CA TRP L 287 -2.39 16.79 18.44
C TRP L 287 -1.22 17.18 19.33
N GLY L 288 -0.16 17.72 18.73
CA GLY L 288 1.03 18.14 19.46
C GLY L 288 0.69 19.13 20.57
N ALA L 289 -0.13 20.14 20.24
CA ALA L 289 -0.52 21.17 21.19
C ALA L 289 -1.47 20.56 22.23
N VAL L 290 -2.54 19.91 21.76
CA VAL L 290 -3.49 19.25 22.64
C VAL L 290 -2.80 18.43 23.73
N PHE L 291 -1.70 17.74 23.39
CA PHE L 291 -1.14 16.79 24.32
C PHE L 291 0.16 17.27 24.96
N ALA L 292 0.64 18.47 24.64
CA ALA L 292 1.70 19.08 25.43
C ALA L 292 1.37 19.02 26.93
N ASN L 293 2.38 18.65 27.72
CA ASN L 293 2.31 18.57 29.17
C ASN L 293 1.43 17.41 29.61
N SER L 294 1.10 16.49 28.69
CA SER L 294 0.20 15.40 29.03
C SER L 294 0.98 14.10 29.23
N ASP L 295 0.43 13.18 30.03
CA ASP L 295 0.90 11.82 30.15
C ASP L 295 0.21 10.85 29.17
N ALA L 296 -0.39 11.39 28.10
CA ALA L 296 -1.13 10.60 27.12
C ALA L 296 -0.19 9.80 26.21
N CYS L 297 1.11 10.11 26.23
CA CYS L 297 2.12 9.43 25.44
C CYS L 297 1.80 9.56 23.96
N VAL L 298 1.49 10.78 23.52
CA VAL L 298 1.23 11.07 22.12
C VAL L 298 2.25 12.12 21.76
N THR L 299 3.06 11.89 20.73
CA THR L 299 4.08 12.85 20.31
C THR L 299 4.06 12.95 18.79
N PRO L 300 4.40 14.12 18.24
CA PRO L 300 4.59 14.25 16.81
C PRO L 300 5.82 13.48 16.32
N VAL L 301 5.66 12.88 15.15
CA VAL L 301 6.75 12.19 14.49
C VAL L 301 7.43 13.21 13.59
N LEU L 302 8.56 13.73 14.08
CA LEU L 302 9.29 14.76 13.38
C LEU L 302 10.25 14.14 12.37
N ALA L 303 10.41 14.79 11.22
CA ALA L 303 11.46 14.47 10.28
C ALA L 303 12.75 15.16 10.74
N PHE L 304 13.90 14.61 10.31
CA PHE L 304 15.21 15.11 10.71
C PHE L 304 15.26 16.64 10.57
N GLY L 305 14.75 17.16 9.45
CA GLY L 305 14.81 18.58 9.15
C GLY L 305 13.97 19.45 10.08
N GLU L 306 12.98 18.88 10.79
CA GLU L 306 12.15 19.67 11.70
C GLU L 306 12.69 19.66 13.14
N VAL L 307 13.58 18.69 13.46
CA VAL L 307 14.04 18.45 14.81
C VAL L 307 14.61 19.72 15.46
N HIS L 308 15.32 20.55 14.68
CA HIS L 308 15.96 21.73 15.22
C HIS L 308 14.94 22.79 15.64
N ASN L 309 13.64 22.58 15.38
CA ASN L 309 12.62 23.54 15.80
C ASN L 309 11.86 23.08 17.03
N GLU L 310 12.20 21.94 17.57
CA GLU L 310 11.37 21.42 18.63
C GLU L 310 11.93 21.97 19.94
N PRO L 311 11.13 22.73 20.73
CA PRO L 311 11.64 23.39 21.91
C PRO L 311 12.50 22.49 22.77
N HIS L 312 11.99 21.30 23.08
CA HIS L 312 12.66 20.44 24.05
C HIS L 312 14.05 20.04 23.54
N ILE L 313 14.25 19.97 22.21
CA ILE L 313 15.53 19.62 21.64
C ILE L 313 16.51 20.80 21.77
N ILE L 314 16.04 22.00 21.40
CA ILE L 314 16.85 23.20 21.48
C ILE L 314 17.33 23.42 22.91
N GLU L 315 16.39 23.35 23.84
CA GLU L 315 16.68 23.78 25.18
C GLU L 315 17.64 22.82 25.86
N ARG L 316 17.65 21.53 25.53
CA ARG L 316 18.56 20.61 26.20
C ARG L 316 19.92 20.54 25.48
N ASN L 317 20.07 21.26 24.35
CA ASN L 317 21.24 21.17 23.48
C ASN L 317 21.57 19.72 23.12
N THR L 318 20.56 19.00 22.64
CA THR L 318 20.79 17.65 22.16
C THR L 318 21.70 17.69 20.92
N PHE L 319 21.56 18.74 20.09
CA PHE L 319 22.37 18.90 18.89
C PHE L 319 23.23 20.17 18.97
N TYR L 320 24.34 20.18 18.21
CA TYR L 320 25.15 21.36 17.96
C TYR L 320 25.26 21.47 16.45
N GLU L 321 25.50 22.70 15.97
CA GLU L 321 25.61 22.96 14.54
C GLU L 321 27.06 22.76 14.12
N ALA L 322 27.28 22.05 13.03
CA ALA L 322 28.60 21.85 12.48
C ALA L 322 28.53 22.02 10.96
N ASN L 323 29.69 21.90 10.31
CA ASN L 323 29.76 21.35 8.96
C ASN L 323 28.58 21.91 8.14
N GLY L 324 27.80 21.01 7.53
CA GLY L 324 26.60 21.39 6.78
C GLY L 324 25.42 21.66 7.71
N GLY L 325 25.17 20.72 8.64
CA GLY L 325 24.05 20.87 9.56
C GLY L 325 24.30 20.24 10.94
N TRP L 326 23.22 19.83 11.57
CA TRP L 326 23.24 19.51 12.99
C TRP L 326 23.87 18.15 13.21
N GLN L 327 24.41 18.00 14.40
CA GLN L 327 25.00 16.76 14.82
C GLN L 327 24.68 16.58 16.29
N PRO L 328 24.56 15.34 16.77
CA PRO L 328 24.29 15.09 18.16
C PRO L 328 25.46 15.43 19.09
N MET L 329 25.15 16.07 20.22
CA MET L 329 26.13 16.27 21.26
C MET L 329 26.40 14.92 21.91
N PRO L 330 27.54 14.77 22.59
CA PRO L 330 27.83 13.54 23.31
C PRO L 330 26.71 13.13 24.23
N ALA L 331 26.61 11.83 24.46
CA ALA L 331 25.71 11.24 25.40
C ALA L 331 26.45 10.07 26.04
N PRO L 332 26.16 9.69 27.30
CA PRO L 332 25.28 10.44 28.18
C PRO L 332 25.95 11.70 28.73
N ARG L 333 25.40 12.28 29.81
CA ARG L 333 25.94 13.51 30.38
C ARG L 333 26.43 13.27 31.81
N PHE L 334 27.44 14.07 32.16
CA PHE L 334 28.15 13.90 33.43
C PHE L 334 28.10 15.21 34.23
N SER L 335 27.74 15.11 35.52
CA SER L 335 27.63 16.29 36.38
C SER L 335 28.96 17.01 36.54
N ARG L 336 30.00 16.31 37.02
CA ARG L 336 31.31 16.90 37.26
C ARG L 336 32.16 17.04 35.99
N THR L 337 32.57 15.90 35.38
CA THR L 337 33.50 15.94 34.25
C THR L 337 32.72 15.85 32.96
N ALA L 338 32.31 17.02 32.46
CA ALA L 338 31.38 17.05 31.36
C ALA L 338 32.14 17.03 30.05
N SER L 339 31.57 16.29 29.08
CA SER L 339 32.10 16.26 27.73
C SER L 339 32.04 17.67 27.20
N SER L 340 32.74 17.93 26.12
CA SER L 340 32.69 19.20 25.42
C SER L 340 32.24 18.96 23.99
N GLN L 341 32.02 20.07 23.28
CA GLN L 341 31.58 20.00 21.90
C GLN L 341 32.63 19.24 21.08
N PRO L 342 32.26 18.28 20.22
CA PRO L 342 33.24 17.53 19.44
C PRO L 342 34.08 18.38 18.50
N ARG L 343 35.35 17.99 18.40
CA ARG L 343 36.28 18.58 17.45
C ARG L 343 36.05 17.92 16.11
N PRO L 344 35.98 18.69 15.00
CA PRO L 344 35.81 18.09 13.68
C PRO L 344 36.99 17.21 13.31
N PRO L 345 36.88 16.41 12.23
CA PRO L 345 38.07 15.75 11.70
C PRO L 345 39.02 16.81 11.13
N ALA L 346 40.32 16.66 11.42
CA ALA L 346 41.34 17.51 10.87
C ALA L 346 42.29 16.67 10.02
N ALA L 347 43.28 17.32 9.37
CA ALA L 347 44.12 16.63 8.40
C ALA L 347 44.95 15.52 9.07
N THR L 348 45.44 14.60 8.22
CA THR L 348 46.38 13.58 8.65
C THR L 348 47.46 14.26 9.47
N ILE L 349 48.07 13.50 10.36
CA ILE L 349 49.28 13.94 11.00
C ILE L 349 50.24 12.76 11.03
N ASP L 350 51.50 13.06 11.33
CA ASP L 350 52.57 12.09 11.27
C ASP L 350 52.52 11.20 12.50
N ILE L 351 52.64 9.88 12.27
CA ILE L 351 52.51 8.90 13.36
C ILE L 351 53.70 9.04 14.32
N GLU L 352 54.81 9.58 13.80
CA GLU L 352 55.97 9.91 14.62
C GLU L 352 55.61 11.06 15.57
N ALA L 353 55.01 12.14 15.04
CA ALA L 353 54.53 13.26 15.86
C ALA L 353 53.64 12.76 17.00
N VAL L 354 52.76 11.79 16.73
CA VAL L 354 51.92 11.28 17.79
C VAL L 354 52.79 10.58 18.81
N LEU L 355 53.73 9.73 18.35
CA LEU L 355 54.62 9.02 19.27
C LEU L 355 55.39 10.00 20.16
N THR L 356 55.81 11.17 19.65
CA THR L 356 56.45 12.20 20.48
C THR L 356 55.51 12.63 21.61
N ASP L 357 54.28 12.99 21.23
CA ASP L 357 53.27 13.42 22.18
C ASP L 357 53.08 12.37 23.29
N TRP L 358 52.91 11.09 22.97
CA TRP L 358 52.81 10.06 24.00
C TRP L 358 54.20 9.74 24.60
N ASP L 359 54.38 9.99 25.92
CA ASP L 359 55.59 9.69 26.68
C ASP L 359 56.86 10.01 25.89
N1A CO8 M . 6.46 4.37 -43.82
C2A CO8 M . 5.68 4.41 -42.74
N3A CO8 M . 5.43 5.43 -41.93
C4A CO8 M . 6.13 6.52 -42.30
C5A CO8 M . 7.01 6.61 -43.35
C6A CO8 M . 7.20 5.46 -44.12
N6A CO8 M . 7.97 5.45 -45.21
N7A CO8 M . 7.56 7.89 -43.42
C8A CO8 M . 6.98 8.54 -42.44
N9A CO8 M . 6.13 7.75 -41.71
C1B CO8 M . 5.20 8.17 -40.66
C2B CO8 M . 5.77 8.25 -39.25
O2B CO8 M . 5.69 6.93 -38.76
C3B CO8 M . 4.78 9.23 -38.63
O3B CO8 M . 3.55 8.59 -38.33
P3B CO8 M . 3.03 8.15 -36.88
O7A CO8 M . 1.68 7.60 -37.18
O8A CO8 M . 4.10 7.14 -36.51
O9A CO8 M . 2.99 9.33 -35.92
C4B CO8 M . 4.49 10.21 -39.79
O4B CO8 M . 4.76 9.48 -41.01
C5B CO8 M . 5.22 11.53 -39.76
O5B CO8 M . 5.17 12.05 -38.40
P1A CO8 M . 4.96 13.62 -38.14
O1A CO8 M . 6.23 14.32 -38.47
O2A CO8 M . 4.57 13.73 -36.71
O3A CO8 M . 3.90 13.84 -39.32
P2A CO8 M . 2.48 14.63 -39.25
O4A CO8 M . 1.95 14.62 -37.85
O5A CO8 M . 1.90 14.34 -40.58
O6A CO8 M . 3.02 16.14 -39.36
CBP CO8 M . 4.40 17.88 -40.16
CCP CO8 M . 3.46 16.73 -40.60
CDP CO8 M . 3.67 18.85 -39.21
CEP CO8 M . 4.79 18.58 -41.48
CAP CO8 M . 5.67 17.39 -39.43
OAP CO8 M . 6.24 16.46 -40.34
C9P CO8 M . 6.62 18.53 -39.05
O9P CO8 M . 6.33 19.36 -38.17
N8P CO8 M . 7.78 18.55 -39.71
C7P CO8 M . 8.86 19.45 -39.36
C6P CO8 M . 8.67 20.85 -39.91
C5P CO8 M . 8.00 20.85 -41.26
O5P CO8 M . 8.32 20.09 -42.19
N4P CO8 M . 6.99 21.70 -41.37
C3P CO8 M . 6.19 21.69 -42.58
C2P CO8 M . 6.98 22.10 -43.78
S1P CO8 M . 7.25 23.90 -43.85
C1' CO8 M . 6.04 24.54 -45.25
O1' CO8 M . 5.61 25.71 -45.51
C2' CO8 M . 5.57 23.42 -46.18
C3' CO8 M . 4.74 23.94 -47.37
C4' CO8 M . 4.29 22.84 -48.33
C5' CO8 M . 2.80 22.48 -48.40
C6' CO8 M . 2.37 21.60 -49.58
C7' CO8 M . 1.02 21.84 -50.28
C8' CO8 M . 1.07 22.46 -51.67
N1A CO8 N . 41.36 49.37 -52.32
C2A CO8 N . 41.19 50.08 -53.44
N3A CO8 N . 40.23 49.98 -54.36
C4A CO8 N . 39.37 48.99 -54.04
C5A CO8 N . 39.43 48.17 -52.92
C6A CO8 N . 40.48 48.37 -52.03
N6A CO8 N . 40.62 47.67 -50.90
N7A CO8 N . 38.37 47.27 -52.92
C8A CO8 N . 37.71 47.55 -54.02
N9A CO8 N . 38.26 48.58 -54.74
C1B CO8 N . 37.73 49.21 -55.94
C2B CO8 N . 37.67 48.30 -57.14
O2B CO8 N . 39.00 48.29 -57.60
C3B CO8 N . 36.65 49.05 -57.98
O3B CO8 N . 37.22 50.19 -58.60
P3B CO8 N . 37.02 50.59 -60.16
O7A CO8 N . 36.45 51.99 -60.22
O8A CO8 N . 38.41 50.47 -60.73
O9A CO8 N . 36.24 49.60 -60.99
C4B CO8 N . 35.67 49.59 -56.92
O4B CO8 N . 36.39 49.55 -55.68
C5B CO8 N . 34.38 48.82 -56.75
O5B CO8 N . 33.85 48.44 -58.04
P1A CO8 N . 32.25 48.21 -58.17
O1A CO8 N . 31.93 48.50 -59.58
O2A CO8 N . 31.91 46.84 -57.71
O3A CO8 N . 31.69 49.28 -57.17
P2A CO8 N . 30.55 50.37 -57.47
O4A CO8 N . 30.65 51.12 -56.21
O5A CO8 N . 30.65 50.82 -58.87
O6A CO8 N . 29.18 49.53 -57.53
CBP CO8 N . 27.73 47.81 -56.65
CCP CO8 N . 28.53 49.09 -56.32
CDP CO8 N . 26.63 48.27 -57.62
CEP CO8 N . 27.09 47.21 -55.40
CAP CO8 N . 28.63 46.75 -57.34
OAP CO8 N . 29.68 46.37 -56.45
C9P CO8 N . 27.83 45.52 -57.75
O9P CO8 N . 27.00 45.54 -58.65
N8P CO8 N . 28.12 44.42 -57.08
C7P CO8 N . 27.55 43.12 -57.45
C6P CO8 N . 26.12 42.95 -56.95
C5P CO8 N . 25.92 43.57 -55.60
O5P CO8 N . 26.72 43.41 -54.67
N4P CO8 N . 24.85 44.35 -55.43
C3P CO8 N . 24.83 44.98 -54.17
C2P CO8 N . 23.48 45.05 -53.67
S1P CO8 N . 22.81 43.62 -52.76
C1' CO8 N . 21.79 44.69 -51.44
O1' CO8 N . 20.52 44.87 -51.33
C2' CO8 N . 22.70 45.41 -50.44
C3' CO8 N . 21.94 46.44 -49.54
C4' CO8 N . 22.76 47.64 -49.02
C5' CO8 N . 22.62 47.99 -47.54
C6' CO8 N . 23.23 49.29 -47.00
C7' CO8 N . 22.80 49.77 -45.58
C8' CO8 N . 23.84 50.04 -44.49
N1A CO8 O . -5.23 -1.16 46.63
C2A CO8 O . -4.53 -1.09 45.49
N3A CO8 O . -4.58 -0.19 44.51
C4A CO8 O . -5.50 0.75 44.79
C5A CO8 O . -6.30 0.81 45.91
C6A CO8 O . -6.17 -0.21 46.87
N6A CO8 O . -6.84 -0.25 48.02
N7A CO8 O . -7.12 1.92 45.86
C8A CO8 O . -6.81 2.50 44.73
N9A CO8 O . -5.85 1.82 44.01
C1B CO8 O . -5.21 2.25 42.78
C2B CO8 O . -5.99 2.11 41.48
O2B CO8 O . -5.48 1.07 40.68
C3B CO8 O . -5.69 3.41 40.70
O3B CO8 O . -4.96 3.32 39.47
P3B CO8 O . -3.46 2.99 38.95
O7A CO8 O . -3.02 3.97 37.87
O8A CO8 O . -3.87 1.68 38.36
O9A CO8 O . -2.46 2.87 40.12
C4B CO8 O . -5.02 4.34 41.71
O4B CO8 O . -4.95 3.64 42.95
C5B CO8 O . -5.75 5.65 41.89
O5B CO8 O . -6.08 6.18 40.58
P1A CO8 O . -6.30 7.78 40.40
O1A CO8 O . -7.67 8.08 40.91
O2A CO8 O . -6.24 8.16 38.96
O3A CO8 O . -5.23 8.43 41.38
P2A CO8 O . -4.18 9.60 41.01
O4A CO8 O . -3.95 9.52 39.53
O5A CO8 O . -3.36 9.52 42.23
O6A CO8 O . -5.10 10.91 41.05
CBP CO8 O . -6.74 12.38 41.93
CCP CO8 O . -5.48 11.55 42.28
CDP CO8 O . -7.24 13.01 43.23
CEP CO8 O . -6.32 13.51 40.98
CAP CO8 O . -7.85 11.45 41.33
OAP CO8 O . -8.16 10.44 42.31
C9P CO8 O . -9.07 12.25 40.86
O9P CO8 O . -9.03 13.10 39.93
N8P CO8 O . -10.17 12.02 41.55
C7P CO8 O . -11.45 12.67 41.28
C6P CO8 O . -11.55 14.12 41.80
C5P CO8 O . -10.89 14.32 43.13
O5P CO8 O . -10.98 13.48 44.06
N4P CO8 O . -10.11 15.39 43.23
C3P CO8 O . -9.32 15.63 44.39
C2P CO8 O . -10.18 15.89 45.59
S1P CO8 O . -10.87 17.57 45.69
C1' CO8 O . -9.65 18.58 46.81
O1' CO8 O . -9.44 19.83 46.88
C2' CO8 O . -8.85 17.64 47.71
C3' CO8 O . -7.94 18.33 48.74
C4' CO8 O . -7.42 17.33 49.78
C5' CO8 O . -5.90 17.15 49.96
C6' CO8 O . -5.41 16.66 51.33
C7' CO8 O . -4.31 17.48 52.04
C8' CO8 O . -4.05 17.22 53.52
N1A CO8 P . -49.82 34.09 54.97
C2A CO8 P . -49.73 35.00 55.95
N3A CO8 P . -48.70 35.28 56.72
C4A CO8 P . -47.63 34.49 56.45
C5A CO8 P . -47.59 33.50 55.49
C6A CO8 P . -48.76 33.28 54.74
N6A CO8 P . -48.82 32.38 53.77
N7A CO8 P . -46.36 32.88 55.47
C8A CO8 P . -45.69 33.52 56.40
N9A CO8 P . -46.40 34.50 57.04
C1B CO8 P . -45.93 35.42 58.06
C2B CO8 P . -45.84 34.93 59.49
O2B CO8 P . -47.12 34.94 60.06
C3B CO8 P . -44.92 35.99 60.07
O3B CO8 P . -45.57 37.24 60.19
P3B CO8 P . -46.12 37.73 61.65
O7A CO8 P . -44.97 37.86 62.63
O8A CO8 P . -47.06 36.63 62.05
O9A CO8 P . -46.70 39.05 61.34
C4B CO8 P . -43.88 36.11 58.94
O4B CO8 P . -44.59 35.78 57.74
C5B CO8 P . -42.69 35.21 59.11
O5B CO8 P . -42.19 35.37 60.44
P1A CO8 P . -40.62 35.65 60.62
O1A CO8 P . -40.47 36.19 61.98
O2A CO8 P . -39.88 34.36 60.44
O3A CO8 P . -40.34 36.69 59.44
P2A CO8 P . -39.50 38.05 59.49
O4A CO8 P . -39.71 38.73 58.20
O5A CO8 P . -39.72 38.60 60.86
O6A CO8 P . -38.00 37.54 59.55
CBP CO8 P . -36.16 36.25 58.63
CCP CO8 P . -37.37 37.11 58.29
CDP CO8 P . -35.47 35.86 57.31
CEP CO8 P . -35.17 37.07 59.45
CAP CO8 P . -36.61 35.00 59.46
OAP CO8 P . -37.70 34.39 58.79
C9P CO8 P . -35.49 34.01 59.76
O9P CO8 P . -34.65 34.28 60.58
N8P CO8 P . -35.55 32.83 59.14
C7P CO8 P . -34.55 31.77 59.32
C6P CO8 P . -33.18 32.11 58.71
C5P CO8 P . -33.26 32.66 57.30
O5P CO8 P . -34.08 32.19 56.49
N4P CO8 P . -32.44 33.69 56.98
C3P CO8 P . -32.13 33.99 55.57
C2P CO8 P . -30.78 33.33 55.02
S1P CO8 P . -30.69 34.10 53.36
C1' CO8 P . -29.40 35.03 52.45
O1' CO8 P . -28.22 35.17 52.78
C2' CO8 P . -29.91 35.58 51.12
C3' CO8 P . -31.11 36.54 51.26
C4' CO8 P . -32.07 36.61 50.06
C5' CO8 P . -32.27 37.97 49.40
C6' CO8 P . -33.25 38.04 48.22
C7' CO8 P . -32.79 38.80 46.98
C8' CO8 P . -32.99 40.30 47.01
N1A CO8 Q . -47.77 -7.47 -7.29
C2A CO8 Q . -47.46 -8.56 -6.56
N3A CO8 Q . -46.30 -9.18 -6.42
C4A CO8 Q . -45.34 -8.57 -7.14
C5A CO8 Q . -45.49 -7.44 -7.94
C6A CO8 Q . -46.78 -6.88 -8.02
N6A CO8 Q . -47.09 -5.78 -8.72
N7A CO8 Q . -44.28 -7.09 -8.53
C8A CO8 Q . -43.44 -7.99 -8.07
N9A CO8 Q . -44.02 -8.92 -7.24
C1B CO8 Q . -43.46 -10.02 -6.47
C2B CO8 Q . -43.30 -11.33 -7.23
O2B CO8 Q . -44.57 -11.93 -7.19
C3B CO8 Q . -42.26 -12.01 -6.36
O3B CO8 Q . -42.90 -12.52 -5.22
P3B CO8 Q . -42.70 -14.00 -4.60
O7A CO8 Q . -42.52 -13.80 -3.12
O8A CO8 Q . -44.00 -14.66 -4.95
O9A CO8 Q . -41.57 -14.77 -5.27
C4B CO8 Q . -41.36 -10.85 -5.93
O4B CO8 Q . -42.17 -9.66 -6.02
C5B CO8 Q . -40.11 -10.67 -6.74
O5B CO8 Q . -39.41 -11.92 -6.70
P1A CO8 Q . -37.80 -11.94 -6.75
O1A CO8 Q . -37.34 -11.49 -8.09
O2A CO8 Q . -37.30 -13.28 -6.35
O3A CO8 Q . -37.55 -10.82 -5.63
P2A CO8 Q . -36.51 -10.86 -4.36
O4A CO8 Q . -36.85 -9.62 -3.64
O5A CO8 Q . -36.50 -12.26 -3.86
O6A CO8 Q . -35.06 -10.78 -5.05
CBP CO8 Q . -33.43 -9.86 -6.51
CCP CO8 Q . -34.50 -9.52 -5.47
CDP CO8 Q . -32.34 -10.75 -5.88
CEP CO8 Q . -32.86 -8.51 -6.99
CAP CO8 Q . -34.08 -10.60 -7.71
OAP CO8 Q . -35.17 -9.83 -8.23
C9P CO8 Q . -33.05 -10.90 -8.78
O9P CO8 Q . -32.12 -11.69 -8.57
N8P CO8 Q . -33.24 -10.27 -9.95
C7P CO8 Q . -32.40 -10.48 -11.14
C6P CO8 Q . -31.03 -9.80 -11.03
C5P CO8 Q . -31.13 -8.40 -10.47
O5P CO8 Q . -32.04 -7.65 -10.82
N4P CO8 Q . -30.24 -8.03 -9.54
C3P CO8 Q . -30.36 -6.79 -8.80
C2P CO8 Q . -30.05 -5.61 -9.65
S1P CO8 Q . -28.28 -5.34 -10.01
C1' CO8 Q . -27.72 -3.89 -8.81
O1' CO8 Q . -26.55 -3.51 -8.47
C2' CO8 Q . -28.90 -3.11 -8.22
C3' CO8 Q . -28.51 -1.78 -7.53
C4' CO8 Q . -29.16 -1.57 -6.15
C5' CO8 Q . -30.18 -0.44 -5.99
C6' CO8 Q . -30.95 -0.40 -4.66
C7' CO8 Q . -31.32 -1.77 -4.04
C8' CO8 Q . -32.42 -1.87 -3.00
N1A CO8 R . -7.85 5.09 -46.92
C2A CO8 R . -7.29 6.30 -46.82
N3A CO8 R . -7.36 7.19 -45.83
C4A CO8 R . -8.12 6.73 -44.83
C5A CO8 R . -8.79 5.52 -44.79
C6A CO8 R . -8.65 4.67 -45.91
N6A CO8 R . -9.16 3.44 -46.00
N7A CO8 R . -9.48 5.38 -43.61
C8A CO8 R . -9.23 6.50 -42.96
N9A CO8 R . -8.44 7.37 -43.65
C1B CO8 R . -7.83 8.60 -43.15
C2B CO8 R . -8.56 9.93 -43.16
O2B CO8 R . -8.35 10.58 -44.39
C3B CO8 R . -7.78 10.68 -42.06
O3B CO8 R . -6.56 11.15 -42.56
P3B CO8 R . -6.22 12.68 -42.94
O7A CO8 R . -6.52 13.63 -41.82
O8A CO8 R . -4.73 12.60 -43.24
O9A CO8 R . -7.04 13.01 -44.18
C4B CO8 R . -7.42 9.59 -41.05
O4B CO8 R . -7.54 8.35 -41.77
C5B CO8 R . -8.24 9.56 -39.79
O5B CO8 R . -8.48 10.94 -39.35
P1A CO8 R . -8.53 11.29 -37.78
O1A CO8 R . -8.38 12.76 -37.71
O2A CO8 R . -9.81 10.82 -37.20
O3A CO8 R . -7.35 10.28 -37.36
P2A CO8 R . -6.15 10.50 -36.29
O4A CO8 R . -5.83 11.96 -36.29
O5A CO8 R . -5.28 9.30 -36.42
O6A CO8 R . -6.89 10.40 -34.87
CBP CO8 R . -8.36 9.39 -33.28
CCP CO8 R . -7.25 9.11 -34.30
CDP CO8 R . -8.71 8.08 -32.57
CEP CO8 R . -7.90 10.43 -32.24
CAP CO8 R . -9.62 9.92 -34.00
OAP CO8 R . -9.89 8.91 -34.97
C9P CO8 R . -10.80 10.23 -33.06
O9P CO8 R . -10.74 11.16 -32.21
N8P CO8 R . -11.88 9.45 -33.24
C7P CO8 R . -13.07 9.52 -32.41
C6P CO8 R . -12.80 9.00 -31.00
C5P CO8 R . -12.06 7.69 -30.93
O5P CO8 R . -12.22 6.81 -31.77
N4P CO8 R . -11.21 7.52 -29.90
C3P CO8 R . -10.73 6.19 -29.51
C2P CO8 R . -11.49 5.57 -28.27
S1P CO8 R . -10.47 4.09 -27.99
C1' CO8 R . -9.63 3.48 -26.46
O1' CO8 R . -9.75 3.98 -25.31
C2' CO8 R . -8.81 2.22 -26.68
C3' CO8 R . -7.66 2.37 -27.72
C4' CO8 R . -7.33 1.07 -28.46
C5' CO8 R . -5.91 0.94 -29.02
C6' CO8 R . -5.35 -0.48 -29.18
C7' CO8 R . -5.72 -1.24 -30.46
C8' CO8 R . -5.15 -0.71 -31.76
N1A CO8 S . -46.37 -47.27 47.20
C2A CO8 S . -47.35 -48.17 47.11
N3A CO8 S . -48.21 -48.39 46.11
C4A CO8 S . -47.99 -47.53 45.11
C5A CO8 S . -47.03 -46.53 45.06
C6A CO8 S . -46.18 -46.40 46.17
N6A CO8 S . -45.18 -45.52 46.25
N7A CO8 S . -47.10 -45.84 43.87
C8A CO8 S . -48.09 -46.42 43.24
N9A CO8 S . -48.67 -47.43 43.94
C1B CO8 S . -49.70 -48.35 43.47
C2B CO8 S . -51.15 -47.90 43.57
O2B CO8 S . -51.67 -48.27 44.83
C3B CO8 S . -51.76 -48.79 42.52
O3B CO8 S . -51.78 -50.11 42.99
P3B CO8 S . -53.15 -50.86 43.38
O7A CO8 S . -53.70 -50.06 44.54
O8A CO8 S . -52.54 -52.21 43.63
O9A CO8 S . -54.17 -50.89 42.28
C4B CO8 S . -50.71 -48.82 41.41
O4B CO8 S . -49.49 -48.47 42.07
C5B CO8 S . -50.94 -47.94 40.22
O5B CO8 S . -52.29 -48.16 39.79
P1A CO8 S . -52.66 -48.05 38.24
O1A CO8 S . -52.55 -46.63 37.82
O2A CO8 S . -54.02 -48.62 38.01
O3A CO8 S . -51.43 -48.93 37.77
P2A CO8 S . -51.42 -50.14 36.70
O4A CO8 S . -52.74 -50.84 36.67
O5A CO8 S . -50.02 -50.64 36.71
O6A CO8 S . -51.59 -49.39 35.27
CBP CO8 S . -51.01 -47.76 33.61
CCP CO8 S . -50.44 -48.75 34.64
CDP CO8 S . -49.81 -47.16 32.87
CEP CO8 S . -51.89 -48.51 32.62
CAP CO8 S . -51.83 -46.64 34.30
OAP CO8 S . -50.93 -45.98 35.20
C9P CO8 S . -52.64 -45.73 33.35
O9P CO8 S . -53.36 -46.15 32.43
N8P CO8 S . -52.68 -44.43 33.56
C7P CO8 S . -51.61 -43.51 33.36
C6P CO8 S . -51.71 -43.06 31.90
C5P CO8 S . -50.40 -43.56 31.41
O5P CO8 S . -49.38 -43.38 32.13
N4P CO8 S . -50.40 -44.36 30.35
C3P CO8 S . -49.23 -45.06 29.91
C2P CO8 S . -47.97 -44.30 30.21
S1P CO8 S . -46.50 -44.54 29.15
C1' CO8 S . -47.26 -44.00 27.70
O1' CO8 S . -48.26 -43.26 28.00
C2' CO8 S . -46.80 -44.52 26.31
C3' CO8 S . -45.29 -44.83 26.08
C4' CO8 S . -44.70 -46.04 26.81
C5' CO8 S . -43.39 -45.84 27.57
C6' CO8 S . -42.77 -47.06 28.28
C7' CO8 S . -41.35 -47.52 27.89
C8' CO8 S . -40.91 -48.97 28.12
N1A CO8 T . -45.65 -5.08 8.06
C2A CO8 T . -44.55 -4.99 7.30
N3A CO8 T . -43.60 -5.88 7.10
C4A CO8 T . -43.82 -6.99 7.83
C5A CO8 T . -44.89 -7.22 8.68
C6A CO8 T . -45.84 -6.19 8.80
N6A CO8 T . -46.94 -6.27 9.54
N7A CO8 T . -44.79 -8.48 9.26
C8A CO8 T . -43.69 -8.98 8.76
N9A CO8 T . -43.04 -8.12 7.90
C1B CO8 T . -41.86 -8.38 7.08
C2B CO8 T . -40.48 -8.23 7.70
O2B CO8 T . -40.02 -6.90 7.62
C3B CO8 T . -39.67 -9.07 6.71
O3B CO8 T . -39.45 -8.40 5.49
P3B CO8 T . -37.93 -8.14 5.04
O7A CO8 T . -37.94 -8.00 3.55
O8A CO8 T . -37.03 -9.25 5.57
O9A CO8 T . -37.62 -6.86 5.76
C4B CO8 T . -40.59 -10.23 6.41
O4B CO8 T . -41.93 -9.74 6.63
C5B CO8 T . -40.31 -11.46 7.22
O5B CO8 T . -38.89 -11.79 7.08
P1A CO8 T . -38.44 -13.33 7.13
O1A CO8 T . -37.02 -13.47 6.73
O2A CO8 T . -38.85 -13.85 8.47
O3A CO8 T . -39.53 -13.92 6.11
P2A CO8 T . -39.44 -14.86 4.77
O4A CO8 T . -40.77 -14.67 4.17
O5A CO8 T . -38.03 -14.72 4.31
O6A CO8 T . -39.88 -16.23 5.50
CBP CO8 T . -39.33 -18.17 6.90
CCP CO8 T . -39.07 -17.37 5.61
CDP CO8 T . -40.76 -18.64 7.25
CEP CO8 T . -38.50 -19.40 6.57
CAP CO8 T . -38.77 -17.37 8.10
OAP CO8 T . -39.74 -16.43 8.53
C9P CO8 T . -38.36 -18.30 9.24
O9P CO8 T . -37.47 -19.13 9.06
N8P CO8 T . -39.03 -18.16 10.39
C7P CO8 T . -38.72 -18.95 11.58
C6P CO8 T . -38.98 -20.44 11.38
C5P CO8 T . -40.36 -20.67 10.85
O5P CO8 T . -41.36 -19.99 11.22
N4P CO8 T . -40.47 -21.61 9.91
C3P CO8 T . -41.76 -21.87 9.32
C2P CO8 T . -42.70 -22.57 10.29
S1P CO8 T . -42.44 -24.37 10.36
C1' CO8 T . -43.76 -25.27 9.19
O1' CO8 T . -43.88 -26.50 8.84
C2' CO8 T . -44.81 -24.28 8.67
C3' CO8 T . -45.86 -24.90 7.71
C4' CO8 T . -47.12 -24.06 7.50
C5' CO8 T . -47.54 -23.68 6.07
C6' CO8 T . -49.00 -23.24 5.83
C7' CO8 T . -49.65 -23.53 4.46
C8' CO8 T . -51.17 -23.66 4.40
N1A CO8 U . 43.51 2.06 -8.52
C2A CO8 U . 42.53 1.78 -7.64
N3A CO8 U . 41.84 0.66 -7.47
C4A CO8 U . 42.25 -0.29 -8.35
C5A CO8 U . 43.23 -0.14 -9.32
C6A CO8 U . 43.88 1.10 -9.40
N6A CO8 U . 44.88 1.36 -10.24
N7A CO8 U . 43.38 -1.31 -10.05
C8A CO8 U . 42.49 -2.11 -9.52
N9A CO8 U . 41.78 -1.56 -8.48
C1B CO8 U . 40.80 -2.23 -7.65
C2B CO8 U . 39.37 -2.33 -8.21
O2B CO8 U . 38.57 -1.19 -7.96
C3B CO8 U . 38.90 -3.53 -7.39
O3B CO8 U . 38.68 -3.13 -6.04
P3B CO8 U . 37.16 -2.96 -5.50
O7A CO8 U . 37.42 -2.51 -4.06
O8A CO8 U . 36.33 -4.19 -5.68
O9A CO8 U . 36.60 -1.95 -6.47
C4B CO8 U . 40.11 -4.44 -7.36
O4B CO8 U . 41.24 -3.56 -7.53
C5B CO8 U . 40.15 -5.58 -8.36
O5B CO8 U . 38.90 -6.31 -8.26
P1A CO8 U . 38.88 -7.91 -8.30
O1A CO8 U . 37.48 -8.28 -7.93
O2A CO8 U . 39.30 -8.38 -9.65
O3A CO8 U . 40.07 -8.20 -7.27
P2A CO8 U . 40.08 -9.26 -6.04
O4A CO8 U . 41.36 -8.86 -5.41
O5A CO8 U . 38.73 -9.38 -5.43
O6A CO8 U . 40.19 -10.59 -6.87
CBP CO8 U . 41.32 -12.15 -8.38
CCP CO8 U . 41.52 -11.07 -7.28
CDP CO8 U . 42.69 -12.58 -8.95
CEP CO8 U . 40.57 -13.34 -7.82
CAP CO8 U . 40.42 -11.57 -9.52
OAP CO8 U . 41.06 -10.39 -9.97
C9P CO8 U . 40.19 -12.51 -10.68
O9P CO8 U . 39.45 -13.52 -10.55
N8P CO8 U . 40.77 -12.15 -11.82
C7P CO8 U . 40.62 -12.89 -13.05
C6P CO8 U . 41.23 -14.29 -12.96
C5P CO8 U . 42.62 -14.26 -12.38
O5P CO8 U . 43.43 -13.37 -12.68
N4P CO8 U . 42.93 -15.20 -11.49
C3P CO8 U . 44.21 -15.14 -10.80
C2P CO8 U . 45.39 -15.39 -11.71
S1P CO8 U . 45.54 -17.11 -12.30
C1' CO8 U . 47.03 -17.81 -11.20
O1' CO8 U . 47.35 -19.02 -10.91
C2' CO8 U . 47.89 -16.71 -10.61
C3' CO8 U . 49.04 -17.25 -9.73
C4' CO8 U . 49.86 -16.14 -9.06
C5' CO8 U . 49.58 -15.81 -7.59
C6' CO8 U . 49.81 -14.37 -7.10
C7' CO8 U . 49.61 -14.00 -5.61
C8' CO8 U . 48.27 -13.46 -5.11
N1A CO8 V . 56.43 -35.73 -49.92
C2A CO8 V . 57.64 -36.29 -49.89
N3A CO8 V . 58.55 -36.25 -48.94
C4A CO8 V . 58.14 -35.51 -47.89
C5A CO8 V . 56.94 -34.85 -47.79
C6A CO8 V . 56.05 -34.95 -48.88
N6A CO8 V . 54.83 -34.41 -48.93
N7A CO8 V . 56.86 -34.19 -46.57
C8A CO8 V . 57.99 -34.47 -45.97
N9A CO8 V . 58.84 -35.25 -46.73
C1B CO8 V . 60.08 -35.87 -46.36
C2B CO8 V . 61.36 -35.03 -46.33
O2B CO8 V . 62.21 -35.39 -47.40
C3B CO8 V . 62.07 -35.46 -45.05
O3B CO8 V . 63.42 -36.02 -45.14
P3B CO8 V . 64.08 -37.31 -45.86
O7A CO8 V . 65.35 -37.72 -45.10
O8A CO8 V . 64.53 -36.68 -47.15
O9A CO8 V . 62.95 -38.29 -46.04
C4B CO8 V . 61.09 -36.39 -44.32
O4B CO8 V . 59.86 -36.37 -45.04
C5B CO8 V . 60.83 -35.94 -42.91
O5B CO8 V . 62.03 -35.35 -42.37
P1A CO8 V . 62.29 -35.40 -40.77
O1A CO8 V . 61.56 -34.22 -40.24
O2A CO8 V . 63.75 -35.43 -40.51
O3A CO8 V . 61.37 -36.61 -40.37
P2A CO8 V . 61.69 -37.89 -39.48
O4A CO8 V . 63.16 -38.14 -39.58
O5A CO8 V . 60.46 -38.71 -39.59
O6A CO8 V . 61.58 -37.21 -38.02
CBP CO8 V . 60.70 -35.83 -36.28
CCP CO8 V . 60.34 -36.93 -37.33
CDP CO8 V . 61.80 -36.28 -35.32
CEP CO8 V . 59.45 -35.55 -35.46
CAP CO8 V . 61.16 -34.52 -37.01
OAP CO8 V . 60.10 -34.25 -37.95
C9P CO8 V . 61.47 -33.40 -36.02
O9P CO8 V . 62.34 -33.53 -35.17
N8P CO8 V . 60.72 -32.29 -36.11
C7P CO8 V . 60.85 -31.18 -35.18
C6P CO8 V . 60.39 -31.55 -33.75
C5P CO8 V . 59.07 -32.26 -33.71
O5P CO8 V . 58.17 -31.95 -34.49
N4P CO8 V . 58.89 -33.23 -32.80
C3P CO8 V . 57.55 -33.75 -32.49
C2P CO8 V . 56.88 -33.08 -31.23
S1P CO8 V . 55.36 -34.03 -30.87
C1' CO8 V . 54.81 -35.07 -29.43
O1' CO8 V . 55.29 -34.87 -28.31
C2' CO8 V . 53.72 -36.13 -29.63
C3' CO8 V . 53.30 -36.46 -31.11
C4' CO8 V . 53.01 -37.93 -31.47
C5' CO8 V . 51.63 -38.28 -32.05
C6' CO8 V . 51.07 -39.68 -31.76
C7' CO8 V . 49.53 -39.91 -31.79
C8' CO8 V . 48.95 -40.68 -32.96
N1A CO8 W . 8.40 2.05 47.68
C2A CO8 W . 7.59 3.12 47.65
N3A CO8 W . 7.40 4.01 46.68
C4A CO8 W . 8.19 3.74 45.63
C5A CO8 W . 9.11 2.71 45.53
C6A CO8 W . 9.24 1.83 46.63
N6A CO8 W . 10.02 0.76 46.66
N7A CO8 W . 9.74 2.74 44.29
C8A CO8 W . 9.20 3.77 43.69
N9A CO8 W . 8.27 4.43 44.44
C1B CO8 W . 7.40 5.53 44.03
C2B CO8 W . 8.05 6.89 43.89
O2B CO8 W . 8.24 7.32 45.22
C3B CO8 W . 7.00 7.58 43.03
O3B CO8 W . 5.80 7.97 43.67
P3B CO8 W . 5.17 9.46 43.52
O7A CO8 W . 5.92 10.32 42.49
O8A CO8 W . 5.52 10.20 44.79
O9A CO8 W . 3.74 9.08 43.34
C4B CO8 W . 6.62 6.48 42.05
O4B CO8 W . 6.92 5.23 42.73
C5B CO8 W . 7.32 6.53 40.70
O5B CO8 W . 7.06 7.82 40.10
P1A CO8 W . 7.15 7.97 38.49
O1A CO8 W . 6.77 9.35 38.16
O2A CO8 W . 8.53 7.64 38.02
O3A CO8 W . 6.15 6.80 38.10
P2A CO8 W . 4.84 6.77 37.15
O4A CO8 W . 4.35 8.17 37.23
O5A CO8 W . 4.22 5.44 37.32
O6A CO8 W . 5.46 6.85 35.67
CBP CO8 W . 6.93 6.37 33.85
CCP CO8 W . 5.96 5.73 34.90
CDP CO8 W . 7.62 5.22 33.13
CEP CO8 W . 6.19 7.24 32.82
CAP CO8 W . 8.02 7.20 34.62
OAP CO8 W . 8.57 6.33 35.61
C9P CO8 W . 9.08 7.78 33.68
O9P CO8 W . 8.81 8.74 32.92
N8P CO8 W . 10.27 7.21 33.76
C7P CO8 W . 11.42 7.66 32.99
C6P CO8 W . 11.40 7.23 31.53
C5P CO8 W . 10.93 5.80 31.40
O5P CO8 W . 11.29 4.92 32.21
N4P CO8 W . 10.05 5.55 30.43
C3P CO8 W . 9.40 4.28 30.34
C2P CO8 W . 10.34 3.19 29.95
S1P CO8 W . 10.76 3.16 28.19
C1' CO8 W . 9.63 1.77 27.39
O1' CO8 W . 9.36 1.52 26.16
C2' CO8 W . 9.04 0.83 28.44
C3' CO8 W . 8.22 -0.33 27.83
C4' CO8 W . 8.19 -1.58 28.70
C5' CO8 W . 6.92 -1.87 29.52
C6' CO8 W . 6.08 -3.09 29.13
C7' CO8 W . 6.06 -4.30 30.08
C8' CO8 W . 5.30 -5.52 29.57
N1A CO8 X . 47.48 -1.07 5.54
C2A CO8 X . 47.38 -2.07 4.67
N3A CO8 X . 46.41 -2.99 4.55
C4A CO8 X . 45.44 -2.81 5.48
C5A CO8 X . 45.41 -1.81 6.45
C6A CO8 X . 46.48 -0.91 6.47
N6A CO8 X . 46.55 0.09 7.35
N7A CO8 X . 44.29 -1.95 7.25
C8A CO8 X . 43.67 -3.00 6.75
N9A CO8 X . 44.32 -3.56 5.68
C1B CO8 X . 43.90 -4.65 4.86
C2B CO8 X . 44.18 -6.05 5.39
O2B CO8 X . 45.49 -6.44 5.01
C3B CO8 X . 43.12 -6.85 4.65
O3B CO8 X . 43.43 -7.07 3.27
P3B CO8 X . 44.11 -8.38 2.59
O7A CO8 X . 45.33 -8.56 3.45
O8A CO8 X . 43.15 -9.59 2.77
O9A CO8 X . 44.38 -7.88 1.17
C4B CO8 X . 41.94 -5.87 4.64
O4B CO8 X . 42.48 -4.54 4.75
C5B CO8 X . 40.94 -6.13 5.72
O5B CO8 X . 40.55 -7.54 5.59
P1A CO8 X . 39.00 -7.93 5.56
O1A CO8 X . 38.47 -7.72 6.93
O2A CO8 X . 39.01 -9.36 5.13
O3A CO8 X . 38.45 -6.85 4.51
P2A CO8 X . 37.43 -7.04 3.26
O4A CO8 X . 37.33 -5.68 2.66
O5A CO8 X . 37.53 -8.38 2.59
O6A CO8 X . 36.12 -7.31 4.17
CBP CO8 X . 34.31 -6.53 5.61
CCP CO8 X . 35.26 -6.16 4.47
CDP CO8 X . 33.63 -5.27 6.13
CEP CO8 X . 33.26 -7.51 5.09
CAP CO8 X . 35.08 -7.22 6.78
OAP CO8 X . 36.08 -6.30 7.20
C9P CO8 X . 34.22 -7.67 7.97
O9P CO8 X . 33.47 -8.63 7.88
N8P CO8 X . 34.38 -7.00 9.10
C7P CO8 X . 33.67 -7.36 10.33
C6P CO8 X . 32.16 -7.06 10.25
C5P CO8 X . 31.87 -5.67 9.71
O5P CO8 X . 32.58 -4.68 9.99
N4P CO8 X . 30.89 -5.58 8.80
C3P CO8 X . 30.67 -4.35 8.08
C2P CO8 X . 30.16 -3.26 8.99
S1P CO8 X . 28.51 -3.59 9.68
C1' CO8 X . 27.43 -2.34 8.58
O1' CO8 X . 26.16 -2.25 8.39
C2' CO8 X . 28.27 -1.29 7.85
C3' CO8 X . 27.38 -0.28 7.13
C4' CO8 X . 28.15 0.98 6.69
C5' CO8 X . 28.54 1.10 5.21
C6' CO8 X . 28.86 2.51 4.72
C7' CO8 X . 27.99 3.14 3.61
C8' CO8 X . 28.38 4.58 3.19
#